data_2IX6
#
_entry.id   2IX6
#
_cell.length_a   198.600
_cell.length_b   198.600
_cell.length_c   150.400
_cell.angle_alpha   90.00
_cell.angle_beta   90.00
_cell.angle_gamma   120.00
#
_symmetry.space_group_name_H-M   'P 32 2 1'
#
loop_
_entity.id
_entity.type
_entity.pdbx_description
1 polymer 'ACYL-COENZYME A OXIDASE 4, PEROXISOMAL'
2 non-polymer 'FLAVIN-ADENINE DINUCLEOTIDE'
#
_entity_poly.entity_id   1
_entity_poly.type   'polypeptide(L)'
_entity_poly.pdbx_seq_one_letter_code
;MAVLSSADRASNEKKVKSSYFDLPPMEMSVAFPQATPASTFPPCTSDYYHFNDLLTPEEQAIRKKVRECMEKEVAPIMTE
YWEKAEFPFHITPKLGAMGVAGGSIKGYGCPGLSITANAIATAEIARVDASCSTFILVHSSLGMLTIALCGSEAQKEKYL
PSLAQLNTVACWALTEPDNGSDASGLGTTATKVEGGWKINGQKRWIGNSTFADLLIIFARNTTTNQINGFIVKKDAPGLK
ATKIPNKIGLRMVQNGDILLQNVFVPDEDRLPGVNSFQDTSKVLAVSRVMVAWQPIGISMGIYDMCHRYLKERKQFGAPL
AAFQLNQQKLVQMLGNVQAMFLMGWRLCKLYETGQMTPGQASLGKAWISSKARETASLGRELLGGNGILADFLVAKAFCD
LEPIYTYEGTYDINTLVTGREVTGIASFKPATRSRLDDDGKLEHHHHHH
;
_entity_poly.pdbx_strand_id   A,B,C,D,E,F
#
loop_
_chem_comp.id
_chem_comp.type
_chem_comp.name
_chem_comp.formula
FAD non-polymer 'FLAVIN-ADENINE DINUCLEOTIDE' 'C27 H33 N9 O15 P2'
#
# COMPACT_ATOMS: atom_id res chain seq x y z
N LYS A 17 -6.59 2.97 44.42
CA LYS A 17 -7.23 2.74 45.75
C LYS A 17 -6.70 3.69 46.82
N SER A 18 -7.49 3.83 47.89
CA SER A 18 -7.13 4.65 49.06
C SER A 18 -7.99 4.25 50.26
N SER A 19 -7.55 4.65 51.46
CA SER A 19 -8.31 4.40 52.69
C SER A 19 -9.64 5.17 52.72
N TYR A 20 -9.73 6.20 51.88
CA TYR A 20 -10.93 7.02 51.79
C TYR A 20 -11.64 6.95 50.43
N PHE A 21 -11.14 6.07 49.56
CA PHE A 21 -11.69 5.94 48.21
C PHE A 21 -13.09 5.29 48.17
N ASP A 22 -13.32 4.34 49.08
CA ASP A 22 -14.58 3.60 49.14
C ASP A 22 -15.68 4.32 49.92
N LEU A 23 -15.28 5.26 50.78
CA LEU A 23 -16.20 6.00 51.65
C LEU A 23 -17.32 6.72 50.88
N PRO A 24 -18.56 6.69 51.41
CA PRO A 24 -19.73 7.31 50.77
C PRO A 24 -19.57 8.82 50.59
N PRO A 25 -20.17 9.38 49.52
CA PRO A 25 -20.13 10.82 49.21
C PRO A 25 -20.50 11.70 50.39
N MET A 26 -19.91 12.89 50.44
CA MET A 26 -20.17 13.84 51.50
C MET A 26 -21.58 14.40 51.40
N GLU A 27 -22.27 14.47 52.54
CA GLU A 27 -23.61 15.02 52.62
C GLU A 27 -23.61 16.48 52.18
N MET A 28 -24.65 16.89 51.45
CA MET A 28 -24.76 18.25 50.92
C MET A 28 -24.80 19.33 52.01
N SER A 29 -25.19 18.94 53.22
CA SER A 29 -25.22 19.83 54.37
C SER A 29 -23.81 20.25 54.81
N VAL A 30 -22.85 19.35 54.63
CA VAL A 30 -21.46 19.58 55.01
C VAL A 30 -20.61 20.02 53.81
N ALA A 31 -20.86 19.41 52.66
CA ALA A 31 -20.07 19.65 51.44
C ALA A 31 -20.24 21.04 50.86
N PHE A 32 -21.45 21.57 50.93
CA PHE A 32 -21.76 22.91 50.42
C PHE A 32 -22.94 23.52 51.20
N PRO A 33 -22.64 24.15 52.35
CA PRO A 33 -23.67 24.67 53.25
C PRO A 33 -24.36 25.92 52.75
N GLN A 34 -23.65 26.72 51.94
CA GLN A 34 -24.13 28.04 51.51
C GLN A 34 -25.43 28.00 50.71
N ALA A 35 -25.67 26.91 49.99
CA ALA A 35 -26.85 26.80 49.13
C ALA A 35 -27.71 25.58 49.44
N THR A 36 -29.01 25.71 49.16
CA THR A 36 -29.97 24.64 49.37
C THR A 36 -30.17 23.87 48.06
N PRO A 37 -29.99 22.53 48.10
CA PRO A 37 -30.18 21.66 46.93
C PRO A 37 -31.64 21.58 46.45
N ALA A 38 -31.86 20.86 45.36
CA ALA A 38 -33.19 20.68 44.79
C ALA A 38 -34.06 19.74 45.60
N SER A 39 -33.44 18.97 46.50
CA SER A 39 -34.14 18.07 47.42
C SER A 39 -35.33 18.77 48.10
N THR A 40 -35.07 19.94 48.66
CA THR A 40 -36.11 20.85 49.10
C THR A 40 -36.32 21.86 47.97
N PHE A 41 -37.37 21.65 47.18
CA PHE A 41 -37.56 22.38 45.93
C PHE A 41 -37.87 23.87 46.13
N PRO A 42 -37.26 24.74 45.30
CA PRO A 42 -37.43 26.20 45.32
C PRO A 42 -38.88 26.68 45.21
N PRO A 43 -39.19 27.84 45.80
CA PRO A 43 -40.49 28.49 45.64
C PRO A 43 -40.68 29.07 44.23
N CYS A 44 -41.93 29.30 43.86
CA CYS A 44 -42.29 29.73 42.50
C CYS A 44 -42.09 31.24 42.30
N THR A 45 -40.86 31.60 41.91
CA THR A 45 -40.49 33.01 41.66
C THR A 45 -40.39 33.31 40.17
N SER A 46 -40.68 32.31 39.34
CA SER A 46 -40.62 32.44 37.88
C SER A 46 -41.91 33.02 37.32
N ASP A 47 -42.99 32.91 38.09
CA ASP A 47 -44.28 33.47 37.72
C ASP A 47 -44.30 34.97 37.98
N TYR A 48 -43.67 35.72 37.07
CA TYR A 48 -43.44 37.15 37.27
C TYR A 48 -44.55 38.00 36.67
N TYR A 49 -45.22 37.46 35.65
CA TYR A 49 -46.32 38.15 34.99
C TYR A 49 -47.67 37.69 35.51
N HIS A 50 -47.66 37.09 36.71
CA HIS A 50 -48.87 36.63 37.42
C HIS A 50 -49.84 35.85 36.52
N PHE A 51 -49.47 34.60 36.22
CA PHE A 51 -50.15 33.81 35.20
C PHE A 51 -51.48 33.21 35.60
N ASN A 52 -51.80 33.24 36.89
CA ASN A 52 -53.08 32.73 37.37
C ASN A 52 -54.28 33.49 36.79
N ASP A 53 -54.03 34.67 36.23
CA ASP A 53 -55.06 35.46 35.56
C ASP A 53 -55.47 34.82 34.24
N LEU A 54 -54.56 34.09 33.62
CA LEU A 54 -54.81 33.45 32.33
C LEU A 54 -55.42 32.07 32.49
N LEU A 55 -55.50 31.60 33.74
CA LEU A 55 -56.03 30.28 34.04
C LEU A 55 -57.42 30.36 34.70
N THR A 56 -58.22 29.31 34.51
CA THR A 56 -59.53 29.21 35.15
C THR A 56 -59.38 28.73 36.60
N PRO A 57 -60.39 28.98 37.46
CA PRO A 57 -60.34 28.50 38.85
C PRO A 57 -59.98 27.03 38.96
N GLU A 58 -60.55 26.20 38.08
CA GLU A 58 -60.28 24.76 38.07
C GLU A 58 -58.87 24.44 37.59
N GLU A 59 -58.41 25.15 36.57
CA GLU A 59 -57.04 25.02 36.04
C GLU A 59 -56.01 25.37 37.10
N GLN A 60 -56.28 26.42 37.86
CA GLN A 60 -55.43 26.86 38.97
C GLN A 60 -55.28 25.77 40.02
N ALA A 61 -56.38 25.09 40.32
CA ALA A 61 -56.41 24.02 41.31
C ALA A 61 -55.60 22.80 40.88
N ILE A 62 -55.64 22.48 39.59
CA ILE A 62 -54.86 21.37 39.03
C ILE A 62 -53.38 21.73 39.05
N ARG A 63 -53.08 22.97 38.67
CA ARG A 63 -51.71 23.47 38.69
C ARG A 63 -51.09 23.30 40.08
N LYS A 64 -51.79 23.79 41.11
CA LYS A 64 -51.34 23.72 42.49
C LYS A 64 -51.17 22.28 42.98
N LYS A 65 -52.16 21.44 42.66
CA LYS A 65 -52.18 20.04 43.09
C LYS A 65 -50.96 19.26 42.60
N VAL A 66 -50.68 19.39 41.30
CA VAL A 66 -49.56 18.69 40.69
C VAL A 66 -48.24 19.20 41.26
N ARG A 67 -48.08 20.52 41.31
CA ARG A 67 -46.87 21.15 41.83
C ARG A 67 -46.50 20.62 43.22
N GLU A 68 -47.49 20.57 44.12
CA GLU A 68 -47.29 20.07 45.47
C GLU A 68 -46.96 18.57 45.49
N CYS A 69 -47.70 17.79 44.70
CA CYS A 69 -47.52 16.34 44.65
C CYS A 69 -46.22 15.94 43.93
N MET A 70 -45.53 16.94 43.37
CA MET A 70 -44.23 16.72 42.71
C MET A 70 -43.09 17.11 43.63
N GLU A 71 -43.25 18.24 44.33
CA GLU A 71 -42.25 18.74 45.27
C GLU A 71 -42.13 17.86 46.51
N LYS A 72 -43.17 17.06 46.76
CA LYS A 72 -43.24 16.16 47.91
C LYS A 72 -42.70 14.77 47.59
N GLU A 73 -43.19 14.18 46.50
CA GLU A 73 -42.96 12.76 46.22
C GLU A 73 -41.85 12.46 45.23
N VAL A 74 -41.58 13.40 44.32
CA VAL A 74 -40.57 13.21 43.29
C VAL A 74 -39.28 13.96 43.61
N ALA A 75 -39.41 15.22 44.01
CA ALA A 75 -38.27 16.13 44.26
C ALA A 75 -37.13 15.55 45.10
N PRO A 76 -37.43 14.84 46.21
CA PRO A 76 -36.33 14.24 46.97
C PRO A 76 -35.60 13.11 46.24
N ILE A 77 -36.36 12.17 45.68
CA ILE A 77 -35.79 10.95 45.08
C ILE A 77 -35.24 11.11 43.66
N MET A 78 -35.67 12.15 42.95
CA MET A 78 -35.31 12.35 41.54
C MET A 78 -33.80 12.40 41.27
N THR A 79 -33.07 13.05 42.17
CA THR A 79 -31.62 13.21 42.04
C THR A 79 -30.92 11.85 41.95
N GLU A 80 -31.31 10.94 42.84
CA GLU A 80 -30.73 9.59 42.92
C GLU A 80 -31.04 8.75 41.67
N TYR A 81 -32.32 8.70 41.29
CA TYR A 81 -32.78 7.85 40.18
C TYR A 81 -32.35 8.34 38.80
N TRP A 82 -32.00 9.61 38.70
CA TRP A 82 -31.53 10.18 37.44
C TRP A 82 -30.11 9.70 37.14
N GLU A 83 -29.26 9.74 38.16
CA GLU A 83 -27.87 9.30 38.06
C GLU A 83 -27.79 7.81 37.66
N LYS A 84 -28.61 7.00 38.31
CA LYS A 84 -28.65 5.55 38.06
C LYS A 84 -29.34 5.20 36.74
N ALA A 85 -29.99 6.20 36.14
CA ALA A 85 -30.80 6.03 34.92
C ALA A 85 -31.90 4.96 35.08
N GLU A 86 -32.36 4.80 36.32
CA GLU A 86 -33.43 3.86 36.65
C GLU A 86 -34.76 4.58 36.86
N PHE A 87 -35.85 3.92 36.46
CA PHE A 87 -37.20 4.47 36.64
C PHE A 87 -37.70 4.23 38.07
N PRO A 88 -38.28 5.26 38.70
CA PRO A 88 -38.82 5.13 40.04
C PRO A 88 -40.25 4.56 40.02
N PHE A 89 -40.35 3.23 39.94
CA PHE A 89 -41.63 2.55 39.79
C PHE A 89 -42.59 2.78 40.95
N HIS A 90 -42.04 2.95 42.15
CA HIS A 90 -42.87 3.15 43.35
C HIS A 90 -43.53 4.53 43.41
N ILE A 91 -43.25 5.35 42.40
CA ILE A 91 -43.87 6.67 42.27
C ILE A 91 -45.10 6.64 41.36
N THR A 92 -45.16 5.62 40.50
CA THR A 92 -46.26 5.45 39.55
C THR A 92 -47.66 5.69 40.15
N PRO A 93 -48.04 4.95 41.23
CA PRO A 93 -49.38 5.15 41.79
C PRO A 93 -49.63 6.57 42.31
N LYS A 94 -48.57 7.24 42.75
CA LYS A 94 -48.67 8.62 43.25
C LYS A 94 -48.99 9.58 42.10
N LEU A 95 -48.48 9.27 40.91
CA LEU A 95 -48.74 10.07 39.71
C LEU A 95 -50.17 9.85 39.21
N GLY A 96 -50.64 8.61 39.28
CA GLY A 96 -52.01 8.26 38.91
C GLY A 96 -53.02 8.78 39.92
N ALA A 97 -52.50 9.21 41.08
CA ALA A 97 -53.33 9.81 42.12
C ALA A 97 -53.56 11.31 41.88
N MET A 98 -52.69 11.91 41.08
CA MET A 98 -52.81 13.33 40.72
C MET A 98 -54.00 13.56 39.80
N GLY A 99 -54.33 12.54 39.01
CA GLY A 99 -55.44 12.61 38.05
C GLY A 99 -55.06 13.41 36.82
N VAL A 100 -53.96 13.00 36.18
CA VAL A 100 -53.42 13.71 35.02
C VAL A 100 -53.38 12.79 33.80
N ALA A 101 -53.15 11.51 34.03
CA ALA A 101 -53.13 10.51 32.95
C ALA A 101 -54.49 10.41 32.29
N GLY A 102 -54.50 10.49 30.96
CA GLY A 102 -55.75 10.59 30.21
C GLY A 102 -55.96 12.03 29.78
N GLY A 103 -55.95 12.92 30.77
CA GLY A 103 -55.99 14.36 30.55
C GLY A 103 -57.10 14.86 29.65
N SER A 104 -56.81 14.95 28.35
CA SER A 104 -57.74 15.49 27.37
C SER A 104 -58.92 14.56 27.08
N ILE A 105 -58.72 13.26 27.29
CA ILE A 105 -59.75 12.25 27.01
C ILE A 105 -60.97 12.42 27.91
N LYS A 106 -62.14 12.51 27.29
CA LYS A 106 -63.40 12.64 28.00
C LYS A 106 -64.07 11.28 28.16
N GLY A 107 -64.49 10.98 29.39
CA GLY A 107 -65.10 9.68 29.71
C GLY A 107 -64.05 8.58 29.82
N TYR A 108 -64.52 7.33 29.81
CA TYR A 108 -63.66 6.15 29.89
C TYR A 108 -62.72 6.15 31.09
N GLY A 109 -63.20 6.65 32.23
CA GLY A 109 -62.44 6.69 33.48
C GLY A 109 -61.29 7.68 33.48
N CYS A 110 -61.32 8.63 32.54
CA CYS A 110 -60.29 9.67 32.45
C CYS A 110 -60.78 10.98 33.07
N PRO A 111 -59.85 11.83 33.56
CA PRO A 111 -60.18 13.09 34.24
C PRO A 111 -61.00 14.08 33.40
N GLY A 112 -60.77 14.10 32.09
CA GLY A 112 -61.52 14.96 31.18
C GLY A 112 -61.20 16.43 31.35
N LEU A 113 -59.91 16.75 31.23
CA LEU A 113 -59.43 18.11 31.42
C LEU A 113 -59.43 18.89 30.12
N SER A 114 -59.39 20.22 30.24
CA SER A 114 -59.24 21.10 29.09
C SER A 114 -57.79 21.05 28.62
N ILE A 115 -57.57 21.39 27.35
CA ILE A 115 -56.23 21.41 26.75
C ILE A 115 -55.27 22.35 27.49
N THR A 116 -55.80 23.47 27.98
CA THR A 116 -55.04 24.42 28.78
C THR A 116 -54.66 23.80 30.13
N ALA A 117 -55.60 23.07 30.73
CA ALA A 117 -55.38 22.40 32.01
C ALA A 117 -54.38 21.25 31.89
N ASN A 118 -54.53 20.44 30.84
CA ASN A 118 -53.64 19.31 30.61
C ASN A 118 -52.22 19.79 30.25
N ALA A 119 -52.14 21.00 29.70
CA ALA A 119 -50.85 21.60 29.35
C ALA A 119 -50.14 22.17 30.57
N ILE A 120 -50.89 22.90 31.41
CA ILE A 120 -50.35 23.47 32.64
C ILE A 120 -49.97 22.36 33.63
N ALA A 121 -50.62 21.20 33.49
CA ALA A 121 -50.29 20.02 34.27
C ALA A 121 -48.93 19.47 33.90
N THR A 122 -48.70 19.32 32.59
CA THR A 122 -47.41 18.87 32.07
C THR A 122 -46.28 19.79 32.53
N ALA A 123 -46.53 21.09 32.48
CA ALA A 123 -45.58 22.11 32.90
C ALA A 123 -45.12 21.90 34.34
N GLU A 124 -46.08 21.82 35.27
CA GLU A 124 -45.76 21.71 36.68
C GLU A 124 -45.14 20.36 37.07
N ILE A 125 -45.11 19.42 36.13
CA ILE A 125 -44.36 18.17 36.29
C ILE A 125 -42.94 18.37 35.78
N ALA A 126 -42.82 18.81 34.53
CA ALA A 126 -41.53 19.06 33.89
C ALA A 126 -40.70 20.09 34.65
N ARG A 127 -41.40 20.95 35.39
CA ARG A 127 -40.78 21.93 36.27
C ARG A 127 -39.89 21.26 37.32
N VAL A 128 -40.43 20.23 37.98
CA VAL A 128 -39.70 19.48 38.99
C VAL A 128 -38.82 18.42 38.34
N ASP A 129 -39.38 17.66 37.41
CA ASP A 129 -38.61 16.66 36.66
C ASP A 129 -39.16 16.44 35.27
N ALA A 130 -38.28 16.61 34.28
CA ALA A 130 -38.63 16.39 32.88
C ALA A 130 -38.79 14.92 32.55
N SER A 131 -38.02 14.07 33.23
CA SER A 131 -38.07 12.63 33.02
C SER A 131 -39.48 12.10 33.27
N CYS A 132 -40.01 12.36 34.48
CA CYS A 132 -41.36 11.92 34.84
C CYS A 132 -42.43 12.60 33.99
N SER A 133 -42.10 13.74 33.39
CA SER A 133 -43.01 14.46 32.50
C SER A 133 -43.16 13.74 31.16
N THR A 134 -42.04 13.29 30.59
CA THR A 134 -42.04 12.55 29.33
C THR A 134 -42.71 11.20 29.50
N PHE A 135 -42.44 10.53 30.62
CA PHE A 135 -43.09 9.26 30.95
C PHE A 135 -44.59 9.34 30.79
N ILE A 136 -45.19 10.33 31.46
CA ILE A 136 -46.64 10.52 31.41
C ILE A 136 -47.12 10.98 30.04
N LEU A 137 -46.42 11.95 29.44
CA LEU A 137 -46.79 12.49 28.14
C LEU A 137 -46.87 11.41 27.06
N VAL A 138 -45.84 10.56 26.98
CA VAL A 138 -45.82 9.47 26.01
C VAL A 138 -46.94 8.48 26.29
N HIS A 139 -47.21 8.23 27.57
CA HIS A 139 -48.29 7.35 28.01
C HIS A 139 -49.68 7.94 27.74
N SER A 140 -49.86 9.21 28.10
CA SER A 140 -51.18 9.84 28.08
C SER A 140 -51.51 10.55 26.76
N SER A 141 -50.63 11.46 26.35
CA SER A 141 -50.90 12.29 25.17
C SER A 141 -50.62 11.58 23.84
N LEU A 142 -49.79 10.55 23.88
CA LEU A 142 -49.48 9.76 22.68
C LEU A 142 -50.13 8.38 22.71
N GLY A 143 -49.94 7.66 23.80
CA GLY A 143 -50.51 6.33 23.96
C GLY A 143 -52.02 6.37 24.07
N MET A 144 -52.50 6.75 25.24
CA MET A 144 -53.92 6.80 25.55
C MET A 144 -54.78 7.53 24.51
N LEU A 145 -54.30 8.69 24.06
CA LEU A 145 -55.04 9.53 23.13
C LEU A 145 -55.24 8.87 21.76
N THR A 146 -54.22 8.16 21.30
CA THR A 146 -54.30 7.42 20.03
C THR A 146 -55.44 6.41 20.07
N ILE A 147 -55.59 5.72 21.19
CA ILE A 147 -56.72 4.81 21.41
C ILE A 147 -58.04 5.58 21.48
N ALA A 148 -58.01 6.74 22.14
CA ALA A 148 -59.21 7.54 22.35
C ALA A 148 -59.78 8.15 21.07
N LEU A 149 -58.91 8.40 20.09
CA LEU A 149 -59.33 9.04 18.84
C LEU A 149 -59.42 8.08 17.66
N CYS A 150 -58.50 7.11 17.62
CA CYS A 150 -58.42 6.18 16.50
C CYS A 150 -58.89 4.77 16.84
N GLY A 151 -59.03 4.48 18.12
CA GLY A 151 -59.52 3.16 18.55
C GLY A 151 -61.01 3.03 18.38
N SER A 152 -61.51 1.79 18.54
CA SER A 152 -62.93 1.52 18.49
C SER A 152 -63.54 1.69 19.88
N GLU A 153 -64.87 1.86 19.93
CA GLU A 153 -65.59 1.99 21.20
C GLU A 153 -65.33 0.81 22.14
N ALA A 154 -65.10 -0.37 21.56
CA ALA A 154 -64.80 -1.58 22.32
C ALA A 154 -63.41 -1.52 22.96
N GLN A 155 -62.48 -0.87 22.26
CA GLN A 155 -61.11 -0.73 22.75
C GLN A 155 -61.00 0.35 23.82
N LYS A 156 -61.66 1.48 23.59
CA LYS A 156 -61.67 2.60 24.53
C LYS A 156 -62.19 2.19 25.91
N GLU A 157 -63.31 1.46 25.92
CA GLU A 157 -63.94 0.99 27.15
C GLU A 157 -63.14 -0.13 27.83
N LYS A 158 -62.24 -0.76 27.07
CA LYS A 158 -61.47 -1.89 27.58
C LYS A 158 -60.16 -1.49 28.23
N TYR A 159 -59.38 -0.64 27.55
CA TYR A 159 -58.03 -0.30 28.00
C TYR A 159 -57.95 1.01 28.80
N LEU A 160 -58.50 2.09 28.26
CA LEU A 160 -58.37 3.43 28.84
C LEU A 160 -58.56 3.54 30.36
N PRO A 161 -59.64 2.96 30.94
CA PRO A 161 -59.86 3.05 32.39
C PRO A 161 -58.64 2.67 33.23
N SER A 162 -57.99 1.56 32.86
CA SER A 162 -56.82 1.07 33.59
C SER A 162 -55.57 1.90 33.30
N LEU A 163 -55.51 2.47 32.09
CA LEU A 163 -54.37 3.30 31.68
C LEU A 163 -54.39 4.65 32.37
N ALA A 164 -55.58 5.19 32.61
CA ALA A 164 -55.75 6.48 33.29
C ALA A 164 -55.37 6.40 34.76
N GLN A 165 -55.56 5.23 35.36
CA GLN A 165 -55.22 5.00 36.77
C GLN A 165 -53.77 4.57 36.97
N LEU A 166 -53.07 4.38 35.85
CA LEU A 166 -51.66 3.95 35.84
C LEU A 166 -51.42 2.56 36.43
N ASN A 167 -52.42 1.69 36.32
CA ASN A 167 -52.25 0.28 36.63
C ASN A 167 -51.59 -0.43 35.45
N THR A 168 -51.83 0.12 34.26
CA THR A 168 -51.20 -0.36 33.04
C THR A 168 -50.53 0.82 32.32
N VAL A 169 -49.36 0.57 31.74
CA VAL A 169 -48.58 1.61 31.08
C VAL A 169 -48.49 1.36 29.57
N ALA A 170 -48.76 2.41 28.79
CA ALA A 170 -48.71 2.31 27.32
C ALA A 170 -47.56 3.12 26.73
N CYS A 171 -47.14 2.72 25.53
CA CYS A 171 -46.05 3.40 24.83
C CYS A 171 -46.38 3.58 23.35
N TRP A 172 -45.74 4.57 22.74
CA TRP A 172 -46.03 4.94 21.36
C TRP A 172 -44.83 4.61 20.49
N ALA A 173 -45.05 3.83 19.44
CA ALA A 173 -43.95 3.32 18.62
C ALA A 173 -44.08 3.65 17.13
N LEU A 174 -43.62 4.85 16.76
CA LEU A 174 -43.65 5.29 15.37
C LEU A 174 -42.26 5.27 14.74
N THR A 175 -41.28 5.75 15.50
CA THR A 175 -39.90 5.92 15.01
C THR A 175 -39.16 4.61 14.80
N GLU A 176 -38.28 4.60 13.80
CA GLU A 176 -37.44 3.46 13.49
C GLU A 176 -35.99 3.94 13.34
N PRO A 177 -35.02 3.00 13.41
CA PRO A 177 -33.63 3.38 13.16
C PRO A 177 -33.43 3.97 11.77
N ASP A 178 -34.01 3.33 10.76
CA ASP A 178 -33.92 3.78 9.37
C ASP A 178 -34.75 5.03 9.10
N ASN A 179 -35.92 5.12 9.72
CA ASN A 179 -36.85 6.23 9.52
C ASN A 179 -37.18 6.98 10.80
N GLY A 180 -36.71 8.22 10.88
CA GLY A 180 -36.96 9.05 12.05
C GLY A 180 -37.80 10.28 11.74
N SER A 181 -37.17 11.30 11.18
CA SER A 181 -37.86 12.52 10.77
C SER A 181 -38.75 12.26 9.56
N ASP A 182 -38.28 11.38 8.67
CA ASP A 182 -39.10 10.88 7.58
C ASP A 182 -39.95 9.71 8.10
N ALA A 183 -40.86 10.02 9.01
CA ALA A 183 -41.65 9.01 9.72
C ALA A 183 -42.67 8.33 8.81
N SER A 184 -43.19 9.08 7.84
CA SER A 184 -44.23 8.58 6.92
C SER A 184 -43.73 7.51 5.95
N GLY A 185 -42.41 7.33 5.88
CA GLY A 185 -41.82 6.31 5.03
C GLY A 185 -41.23 5.13 5.80
N LEU A 186 -41.85 4.78 6.92
CA LEU A 186 -41.38 3.70 7.80
C LEU A 186 -41.42 2.33 7.13
N GLY A 187 -40.66 1.38 7.68
CA GLY A 187 -40.47 0.07 7.06
C GLY A 187 -40.91 -1.16 7.83
N THR A 188 -41.63 -0.95 8.93
CA THR A 188 -42.20 -2.07 9.70
C THR A 188 -43.47 -2.57 8.99
N THR A 189 -43.45 -3.84 8.59
CA THR A 189 -44.54 -4.41 7.80
C THR A 189 -45.63 -5.05 8.66
N ALA A 190 -46.86 -4.93 8.18
CA ALA A 190 -48.02 -5.52 8.84
C ALA A 190 -48.75 -6.46 7.88
N THR A 191 -48.22 -7.66 7.74
CA THR A 191 -48.78 -8.65 6.81
C THR A 191 -50.06 -9.29 7.35
N LYS A 192 -51.10 -9.29 6.52
CA LYS A 192 -52.40 -9.81 6.92
C LYS A 192 -52.40 -11.34 6.92
N VAL A 193 -52.80 -11.90 8.05
CA VAL A 193 -52.95 -13.36 8.19
C VAL A 193 -54.39 -13.66 8.62
N GLU A 194 -54.76 -14.94 8.70
CA GLU A 194 -56.10 -15.33 9.13
C GLU A 194 -56.33 -14.99 10.59
N GLY A 195 -57.34 -14.14 10.83
CA GLY A 195 -57.72 -13.74 12.18
C GLY A 195 -56.99 -12.55 12.76
N GLY A 196 -55.96 -12.08 12.06
CA GLY A 196 -55.19 -10.93 12.52
C GLY A 196 -54.04 -10.51 11.62
N TRP A 197 -52.94 -10.10 12.24
CA TRP A 197 -51.78 -9.56 11.54
C TRP A 197 -50.48 -10.16 12.06
N LYS A 198 -49.44 -10.11 11.23
CA LYS A 198 -48.09 -10.48 11.64
C LYS A 198 -47.17 -9.27 11.45
N ILE A 199 -46.82 -8.64 12.57
CA ILE A 199 -45.98 -7.44 12.55
C ILE A 199 -44.50 -7.82 12.49
N ASN A 200 -43.81 -7.32 11.48
CA ASN A 200 -42.38 -7.56 11.30
C ASN A 200 -41.63 -6.26 11.08
N GLY A 201 -40.59 -6.04 11.88
CA GLY A 201 -39.77 -4.83 11.75
C GLY A 201 -39.04 -4.44 13.02
N GLN A 202 -38.45 -3.25 13.01
CA GLN A 202 -37.67 -2.76 14.15
C GLN A 202 -38.08 -1.33 14.53
N LYS A 203 -37.98 -1.04 15.83
CA LYS A 203 -38.31 0.28 16.35
C LYS A 203 -37.19 0.77 17.25
N ARG A 204 -37.04 2.09 17.35
CA ARG A 204 -35.99 2.70 18.18
C ARG A 204 -36.49 3.96 18.89
N TRP A 205 -36.10 4.10 20.17
CA TRP A 205 -36.34 5.30 20.99
C TRP A 205 -37.63 5.31 21.80
N ILE A 206 -38.40 4.23 21.75
CA ILE A 206 -39.72 4.20 22.38
C ILE A 206 -39.65 4.20 23.91
N GLY A 207 -40.18 5.27 24.50
CA GLY A 207 -40.21 5.43 25.95
C GLY A 207 -41.21 4.52 26.59
N ASN A 208 -40.83 3.93 27.73
CA ASN A 208 -41.66 2.99 28.49
C ASN A 208 -41.73 1.58 27.93
N SER A 209 -41.29 1.42 26.67
CA SER A 209 -41.40 0.17 25.93
C SER A 209 -40.90 -1.07 26.69
N THR A 210 -39.83 -0.90 27.47
CA THR A 210 -39.22 -2.01 28.20
C THR A 210 -40.09 -2.58 29.32
N PHE A 211 -41.10 -1.81 29.75
CA PHE A 211 -42.02 -2.26 30.81
C PHE A 211 -43.50 -2.00 30.52
N ALA A 212 -43.79 -1.46 29.33
CA ALA A 212 -45.15 -1.11 28.94
C ALA A 212 -46.01 -2.33 28.70
N ASP A 213 -47.26 -2.25 29.17
CA ASP A 213 -48.24 -3.33 28.98
C ASP A 213 -48.83 -3.26 27.58
N LEU A 214 -49.07 -2.05 27.11
CA LEU A 214 -49.60 -1.81 25.77
C LEU A 214 -48.56 -1.11 24.91
N LEU A 215 -48.33 -1.66 23.72
CA LEU A 215 -47.37 -1.08 22.78
C LEU A 215 -48.09 -0.69 21.49
N ILE A 216 -48.43 0.59 21.37
CA ILE A 216 -49.08 1.09 20.16
C ILE A 216 -48.04 1.22 19.05
N ILE A 217 -47.88 0.15 18.30
CA ILE A 217 -46.89 0.06 17.25
C ILE A 217 -47.50 0.39 15.90
N PHE A 218 -46.87 1.33 15.20
CA PHE A 218 -47.27 1.71 13.85
C PHE A 218 -46.51 0.88 12.81
N ALA A 219 -47.27 0.28 11.90
CA ALA A 219 -46.69 -0.58 10.87
C ALA A 219 -47.35 -0.35 9.53
N ARG A 220 -46.71 -0.86 8.48
CA ARG A 220 -47.19 -0.68 7.11
C ARG A 220 -48.08 -1.84 6.67
N ASN A 221 -49.36 -1.55 6.51
CA ASN A 221 -50.33 -2.50 6.00
C ASN A 221 -49.94 -2.92 4.58
N THR A 222 -49.36 -4.11 4.46
CA THR A 222 -48.80 -4.61 3.19
C THR A 222 -49.81 -4.71 2.05
N THR A 223 -51.11 -4.78 2.39
CA THR A 223 -52.16 -4.87 1.40
C THR A 223 -52.48 -3.51 0.79
N THR A 224 -52.58 -2.48 1.64
CA THR A 224 -52.92 -1.13 1.19
C THR A 224 -51.70 -0.24 0.96
N ASN A 225 -50.54 -0.71 1.43
CA ASN A 225 -49.28 0.03 1.43
C ASN A 225 -49.36 1.33 2.23
N GLN A 226 -50.23 1.32 3.24
CA GLN A 226 -50.44 2.48 4.11
C GLN A 226 -50.08 2.16 5.56
N ILE A 227 -50.09 3.19 6.40
CA ILE A 227 -49.68 3.05 7.80
C ILE A 227 -50.91 2.76 8.67
N ASN A 228 -50.83 1.70 9.46
CA ASN A 228 -51.92 1.34 10.39
C ASN A 228 -51.45 1.25 11.84
N GLY A 229 -52.38 1.43 12.77
CA GLY A 229 -52.09 1.36 14.19
C GLY A 229 -52.44 0.03 14.81
N PHE A 230 -51.55 -0.49 15.64
CA PHE A 230 -51.72 -1.80 16.27
C PHE A 230 -51.43 -1.76 17.76
N ILE A 231 -52.32 -2.33 18.56
CA ILE A 231 -52.09 -2.45 20.00
C ILE A 231 -51.42 -3.79 20.29
N VAL A 232 -50.11 -3.74 20.55
CA VAL A 232 -49.33 -4.93 20.83
C VAL A 232 -49.18 -5.10 22.35
N LYS A 233 -49.58 -6.27 22.83
CA LYS A 233 -49.53 -6.58 24.27
C LYS A 233 -48.10 -6.86 24.73
N LYS A 234 -47.87 -6.73 26.04
CA LYS A 234 -46.58 -7.00 26.65
C LYS A 234 -46.22 -8.49 26.54
N ASP A 235 -44.92 -8.78 26.49
CA ASP A 235 -44.39 -10.15 26.49
C ASP A 235 -44.78 -10.99 25.27
N ALA A 236 -45.57 -10.41 24.36
CA ALA A 236 -46.06 -11.12 23.18
C ALA A 236 -44.94 -11.84 22.44
N PRO A 237 -45.15 -13.14 22.11
CA PRO A 237 -44.12 -13.94 21.45
C PRO A 237 -43.58 -13.26 20.18
N GLY A 238 -42.26 -13.15 20.11
CA GLY A 238 -41.59 -12.49 18.99
C GLY A 238 -41.20 -11.05 19.26
N LEU A 239 -41.68 -10.52 20.38
CA LEU A 239 -41.40 -9.13 20.78
C LEU A 239 -40.24 -9.08 21.77
N LYS A 240 -39.30 -8.18 21.51
CA LYS A 240 -38.13 -7.99 22.37
C LYS A 240 -37.73 -6.52 22.43
N ALA A 241 -37.98 -5.88 23.57
CA ALA A 241 -37.62 -4.48 23.77
C ALA A 241 -36.48 -4.32 24.77
N THR A 242 -35.34 -3.86 24.28
CA THR A 242 -34.12 -3.71 25.09
C THR A 242 -33.82 -2.24 25.37
N LYS A 243 -33.35 -1.98 26.58
CA LYS A 243 -33.07 -0.62 27.05
C LYS A 243 -31.96 0.07 26.25
N ILE A 244 -32.20 1.33 25.88
CA ILE A 244 -31.18 2.18 25.27
C ILE A 244 -30.39 2.90 26.38
N PRO A 245 -29.07 2.64 26.46
CA PRO A 245 -28.23 3.19 27.51
C PRO A 245 -27.49 4.46 27.10
N ASN A 246 -26.82 5.08 28.07
CA ASN A 246 -25.87 6.18 27.83
C ASN A 246 -26.49 7.51 27.38
N LYS A 247 -27.74 7.74 27.77
CA LYS A 247 -28.40 9.02 27.50
C LYS A 247 -27.90 10.09 28.46
N ILE A 248 -27.74 11.31 27.95
CA ILE A 248 -27.34 12.42 28.81
C ILE A 248 -28.54 13.16 29.38
N GLY A 249 -29.71 12.96 28.77
CA GLY A 249 -30.96 13.59 29.22
C GLY A 249 -32.10 12.58 29.35
N LEU A 250 -33.15 12.99 30.06
CA LEU A 250 -34.31 12.14 30.34
C LEU A 250 -33.88 10.72 30.69
N ARG A 251 -33.01 10.61 31.69
CA ARG A 251 -32.35 9.36 32.03
C ARG A 251 -33.26 8.34 32.70
N MET A 252 -34.27 8.83 33.42
CA MET A 252 -35.23 7.95 34.09
C MET A 252 -36.22 7.33 33.11
N VAL A 253 -36.50 8.05 32.02
CA VAL A 253 -37.37 7.55 30.95
C VAL A 253 -36.74 6.33 30.30
N GLN A 254 -37.39 5.19 30.43
CA GLN A 254 -36.86 3.95 29.87
C GLN A 254 -37.14 3.85 28.36
N ASN A 255 -36.20 4.39 27.57
CA ASN A 255 -36.29 4.33 26.12
C ASN A 255 -35.64 3.05 25.62
N GLY A 256 -36.24 2.42 24.61
CA GLY A 256 -35.78 1.11 24.14
C GLY A 256 -35.85 0.83 22.66
N ASP A 257 -35.05 -0.14 22.22
CA ASP A 257 -35.10 -0.66 20.87
C ASP A 257 -36.06 -1.84 20.84
N ILE A 258 -37.05 -1.77 19.96
CA ILE A 258 -38.05 -2.83 19.86
C ILE A 258 -37.78 -3.73 18.64
N LEU A 259 -37.74 -5.04 18.88
CA LEU A 259 -37.67 -6.02 17.80
C LEU A 259 -39.00 -6.73 17.63
N LEU A 260 -39.37 -6.97 16.38
CA LEU A 260 -40.64 -7.61 16.05
C LEU A 260 -40.47 -8.71 15.00
N GLN A 261 -40.62 -9.95 15.43
CA GLN A 261 -40.53 -11.12 14.54
C GLN A 261 -41.83 -11.91 14.60
N ASN A 262 -42.60 -11.85 13.51
CA ASN A 262 -43.90 -12.52 13.41
C ASN A 262 -44.79 -12.34 14.64
N VAL A 263 -44.85 -11.10 15.14
CA VAL A 263 -45.65 -10.78 16.31
C VAL A 263 -47.12 -10.70 15.91
N PHE A 264 -47.91 -11.62 16.43
CA PHE A 264 -49.33 -11.70 16.10
C PHE A 264 -50.14 -10.62 16.80
N VAL A 265 -50.99 -9.95 16.04
CA VAL A 265 -51.96 -9.00 16.58
C VAL A 265 -53.34 -9.37 16.00
N PRO A 266 -54.27 -9.80 16.87
CA PRO A 266 -55.61 -10.18 16.43
C PRO A 266 -56.39 -9.00 15.84
N ASP A 267 -57.31 -9.30 14.93
CA ASP A 267 -58.11 -8.28 14.24
C ASP A 267 -58.79 -7.28 15.18
N GLU A 268 -59.07 -7.73 16.40
CA GLU A 268 -59.73 -6.89 17.40
C GLU A 268 -58.82 -5.83 17.99
N ASP A 269 -57.50 -6.06 17.90
CA ASP A 269 -56.51 -5.16 18.49
C ASP A 269 -55.86 -4.20 17.49
N ARG A 270 -56.39 -4.18 16.27
CA ARG A 270 -55.97 -3.18 15.27
C ARG A 270 -56.81 -1.92 15.42
N LEU A 271 -56.14 -0.77 15.44
CA LEU A 271 -56.82 0.51 15.53
C LEU A 271 -57.54 0.82 14.22
N PRO A 272 -58.88 0.89 14.25
CA PRO A 272 -59.70 1.08 13.05
C PRO A 272 -59.63 2.50 12.49
N GLY A 273 -59.17 3.45 13.30
CA GLY A 273 -59.07 4.85 12.90
C GLY A 273 -57.86 5.14 12.03
N VAL A 274 -56.76 4.46 12.31
CA VAL A 274 -55.53 4.65 11.54
C VAL A 274 -55.56 3.85 10.24
N ASN A 275 -55.87 4.52 9.14
CA ASN A 275 -55.91 3.87 7.83
C ASN A 275 -54.82 4.40 6.91
N SER A 276 -54.45 5.67 7.08
CA SER A 276 -53.17 6.17 6.62
C SER A 276 -52.50 7.04 7.67
N PHE A 277 -51.31 7.54 7.37
CA PHE A 277 -50.55 8.37 8.31
C PHE A 277 -51.20 9.73 8.58
N GLN A 278 -52.06 10.18 7.66
CA GLN A 278 -52.81 11.44 7.81
C GLN A 278 -53.75 11.42 9.02
N ASP A 279 -54.23 10.22 9.38
CA ASP A 279 -55.09 10.04 10.54
C ASP A 279 -54.36 10.26 11.85
N THR A 280 -53.06 9.95 11.86
CA THR A 280 -52.20 10.20 13.02
C THR A 280 -52.05 11.69 13.27
N SER A 281 -52.06 12.48 12.19
CA SER A 281 -51.90 13.94 12.28
C SER A 281 -53.12 14.65 12.83
N LYS A 282 -53.78 14.02 13.81
CA LYS A 282 -54.85 14.63 14.60
C LYS A 282 -54.54 14.40 16.08
N VAL A 283 -53.85 13.28 16.33
CA VAL A 283 -53.31 12.96 17.65
C VAL A 283 -52.08 13.82 17.90
N LEU A 284 -51.21 13.92 16.90
CA LEU A 284 -49.99 14.73 16.97
C LEU A 284 -50.30 16.20 17.25
N ALA A 285 -51.46 16.65 16.78
CA ALA A 285 -51.92 18.03 16.99
C ALA A 285 -52.02 18.38 18.47
N VAL A 286 -52.36 17.40 19.30
CA VAL A 286 -52.42 17.57 20.76
C VAL A 286 -51.04 17.30 21.34
N SER A 287 -50.39 16.25 20.84
CA SER A 287 -49.08 15.83 21.31
C SER A 287 -48.02 16.91 21.14
N ARG A 288 -48.07 17.63 20.02
CA ARG A 288 -47.11 18.71 19.73
C ARG A 288 -47.34 19.91 20.65
N VAL A 289 -48.60 20.19 20.95
CA VAL A 289 -48.96 21.25 21.90
C VAL A 289 -48.46 20.91 23.30
N MET A 290 -48.60 19.65 23.68
CA MET A 290 -48.25 19.21 25.03
C MET A 290 -46.74 19.16 25.25
N VAL A 291 -46.00 18.68 24.25
CA VAL A 291 -44.54 18.68 24.29
C VAL A 291 -44.02 20.11 24.35
N ALA A 292 -44.68 21.01 23.63
CA ALA A 292 -44.33 22.44 23.64
C ALA A 292 -44.37 23.03 25.05
N TRP A 293 -45.16 22.43 25.93
CA TRP A 293 -45.30 22.92 27.30
C TRP A 293 -44.23 22.39 28.26
N GLN A 294 -43.47 21.39 27.82
CA GLN A 294 -42.38 20.84 28.64
C GLN A 294 -41.27 21.87 28.92
N PRO A 295 -40.74 22.52 27.87
CA PRO A 295 -39.74 23.55 28.12
C PRO A 295 -40.27 24.69 28.99
N ILE A 296 -41.52 25.09 28.78
CA ILE A 296 -42.17 26.11 29.60
C ILE A 296 -42.07 25.75 31.08
N GLY A 297 -42.37 24.49 31.39
CA GLY A 297 -42.25 23.98 32.75
C GLY A 297 -40.81 23.94 33.23
N ILE A 298 -39.97 23.23 32.48
CA ILE A 298 -38.55 23.06 32.82
C ILE A 298 -37.90 24.40 33.11
N SER A 299 -38.07 25.36 32.20
CA SER A 299 -37.45 26.68 32.31
C SER A 299 -37.88 27.43 33.56
N MET A 300 -39.15 27.28 33.95
CA MET A 300 -39.66 27.86 35.19
C MET A 300 -38.88 27.32 36.39
N GLY A 301 -38.72 26.00 36.44
CA GLY A 301 -37.92 25.34 37.47
C GLY A 301 -36.49 25.83 37.48
N ILE A 302 -35.86 25.85 36.30
CA ILE A 302 -34.49 26.34 36.16
C ILE A 302 -34.35 27.74 36.73
N TYR A 303 -35.34 28.60 36.50
CA TYR A 303 -35.34 29.94 37.07
C TYR A 303 -35.48 29.90 38.58
N ASP A 304 -36.55 29.24 39.05
CA ASP A 304 -36.82 29.15 40.48
C ASP A 304 -35.59 28.73 41.28
N MET A 305 -34.83 27.79 40.74
CA MET A 305 -33.59 27.33 41.35
C MET A 305 -32.51 28.40 41.32
N CYS A 306 -32.32 29.02 40.17
CA CYS A 306 -31.33 30.09 40.00
C CYS A 306 -31.59 31.28 40.92
N HIS A 307 -32.85 31.70 40.99
CA HIS A 307 -33.25 32.84 41.82
C HIS A 307 -32.85 32.66 43.27
N ARG A 308 -33.08 31.46 43.80
CA ARG A 308 -32.69 31.12 45.16
C ARG A 308 -31.18 31.01 45.28
N TYR A 309 -30.56 30.26 44.38
CA TYR A 309 -29.12 30.01 44.44
C TYR A 309 -28.30 31.30 44.42
N LEU A 310 -28.64 32.21 43.51
CA LEU A 310 -27.93 33.50 43.40
C LEU A 310 -28.13 34.38 44.63
N LYS A 311 -29.17 34.08 45.40
CA LYS A 311 -29.49 34.82 46.62
C LYS A 311 -28.90 34.15 47.86
N GLU A 312 -28.62 32.86 47.76
CA GLU A 312 -28.04 32.10 48.87
C GLU A 312 -26.52 32.06 48.83
N ARG A 313 -25.98 31.79 47.64
CA ARG A 313 -24.53 31.68 47.45
C ARG A 313 -23.90 33.06 47.52
N LYS A 314 -22.91 33.20 48.40
CA LYS A 314 -22.21 34.46 48.58
C LYS A 314 -20.77 34.36 48.08
N GLN A 315 -20.33 35.39 47.37
CA GLN A 315 -18.97 35.46 46.85
C GLN A 315 -18.54 36.91 46.77
N PHE A 316 -17.28 37.18 47.13
CA PHE A 316 -16.74 38.54 47.21
C PHE A 316 -17.47 39.38 48.27
N GLY A 317 -18.05 38.71 49.26
CA GLY A 317 -18.77 39.38 50.35
C GLY A 317 -20.13 39.93 49.98
N ALA A 318 -20.82 39.23 49.08
CA ALA A 318 -22.16 39.61 48.62
C ALA A 318 -22.84 38.44 47.93
N PRO A 319 -24.18 38.37 47.99
CA PRO A 319 -24.90 37.34 47.24
C PRO A 319 -24.65 37.51 45.73
N LEU A 320 -24.58 36.40 45.01
CA LEU A 320 -24.32 36.43 43.57
C LEU A 320 -25.30 37.34 42.82
N ALA A 321 -26.53 37.41 43.34
CA ALA A 321 -27.60 38.20 42.74
C ALA A 321 -27.37 39.71 42.82
N ALA A 322 -26.25 40.12 43.43
CA ALA A 322 -25.93 41.53 43.57
C ALA A 322 -25.05 42.05 42.43
N PHE A 323 -24.47 41.13 41.67
CA PHE A 323 -23.53 41.49 40.62
C PHE A 323 -24.23 41.71 39.28
N GLN A 324 -23.85 42.79 38.61
CA GLN A 324 -24.47 43.20 37.35
C GLN A 324 -24.58 42.06 36.33
N LEU A 325 -23.46 41.38 36.07
CA LEU A 325 -23.43 40.28 35.11
C LEU A 325 -24.44 39.19 35.43
N ASN A 326 -24.56 38.84 36.71
CA ASN A 326 -25.49 37.81 37.15
C ASN A 326 -26.94 38.24 37.05
N GLN A 327 -27.22 39.52 37.28
CA GLN A 327 -28.57 40.04 37.19
C GLN A 327 -29.08 40.01 35.75
N GLN A 328 -28.24 40.49 34.83
CA GLN A 328 -28.58 40.50 33.40
C GLN A 328 -28.87 39.10 32.88
N LYS A 329 -28.12 38.13 33.38
CA LYS A 329 -28.34 36.73 33.04
C LYS A 329 -29.67 36.25 33.59
N LEU A 330 -29.97 36.63 34.84
CA LEU A 330 -31.19 36.20 35.51
C LEU A 330 -32.44 36.79 34.87
N VAL A 331 -32.40 38.07 34.53
CA VAL A 331 -33.57 38.75 33.94
C VAL A 331 -33.83 38.33 32.49
N GLN A 332 -32.76 37.94 31.78
CA GLN A 332 -32.89 37.38 30.44
C GLN A 332 -33.64 36.06 30.51
N MET A 333 -33.37 35.30 31.57
CA MET A 333 -34.08 34.06 31.84
C MET A 333 -35.54 34.34 32.19
N LEU A 334 -35.75 35.29 33.10
CA LEU A 334 -37.08 35.68 33.53
C LEU A 334 -37.91 36.19 32.35
N GLY A 335 -37.28 36.96 31.47
CA GLY A 335 -37.93 37.45 30.26
C GLY A 335 -38.28 36.34 29.29
N ASN A 336 -37.31 35.45 29.05
CA ASN A 336 -37.53 34.28 28.20
C ASN A 336 -38.67 33.40 28.71
N VAL A 337 -38.79 33.28 30.02
CA VAL A 337 -39.83 32.46 30.64
C VAL A 337 -41.23 33.04 30.43
N GLN A 338 -41.41 34.32 30.76
CA GLN A 338 -42.72 34.98 30.62
C GLN A 338 -43.28 34.84 29.20
N ALA A 339 -42.42 35.04 28.21
CA ALA A 339 -42.79 34.91 26.82
C ALA A 339 -43.13 33.47 26.45
N MET A 340 -42.28 32.52 26.87
CA MET A 340 -42.51 31.10 26.64
C MET A 340 -43.87 30.63 27.14
N PHE A 341 -44.27 31.11 28.31
CA PHE A 341 -45.56 30.76 28.88
C PHE A 341 -46.70 31.31 28.04
N LEU A 342 -46.68 32.62 27.81
CA LEU A 342 -47.73 33.26 27.02
C LEU A 342 -47.88 32.60 25.66
N MET A 343 -46.75 32.18 25.10
CA MET A 343 -46.71 31.51 23.80
C MET A 343 -47.47 30.19 23.85
N GLY A 344 -47.16 29.36 24.84
CA GLY A 344 -47.83 28.09 25.03
C GLY A 344 -49.30 28.25 25.42
N TRP A 345 -49.57 29.27 26.22
CA TRP A 345 -50.93 29.58 26.63
C TRP A 345 -51.81 29.93 25.44
N ARG A 346 -51.29 30.80 24.57
CA ARG A 346 -51.99 31.20 23.36
C ARG A 346 -52.24 30.01 22.46
N LEU A 347 -51.24 29.14 22.35
CA LEU A 347 -51.32 27.92 21.55
C LEU A 347 -52.50 27.05 21.98
N CYS A 348 -52.69 26.90 23.29
CA CYS A 348 -53.82 26.17 23.84
C CYS A 348 -55.14 26.81 23.44
N LYS A 349 -55.22 28.13 23.62
CA LYS A 349 -56.43 28.89 23.30
C LYS A 349 -56.73 28.90 21.81
N LEU A 350 -55.75 28.49 21.01
CA LEU A 350 -55.96 28.30 19.58
C LEU A 350 -56.56 26.93 19.30
N TYR A 351 -56.08 25.92 20.02
CA TYR A 351 -56.60 24.56 19.89
C TYR A 351 -58.01 24.49 20.45
N GLU A 352 -58.24 25.25 21.52
CA GLU A 352 -59.52 25.27 22.22
C GLU A 352 -60.61 25.88 21.35
N THR A 353 -60.26 26.97 20.66
CA THR A 353 -61.17 27.64 19.72
C THR A 353 -61.30 26.87 18.39
N GLY A 354 -60.47 25.84 18.23
CA GLY A 354 -60.53 24.95 17.09
C GLY A 354 -60.00 25.51 15.79
N GLN A 355 -59.23 26.60 15.89
CA GLN A 355 -58.66 27.25 14.71
C GLN A 355 -57.14 27.05 14.59
N MET A 356 -56.59 26.11 15.36
CA MET A 356 -55.15 25.84 15.35
C MET A 356 -54.77 24.95 14.16
N THR A 357 -53.67 25.31 13.52
CA THR A 357 -53.17 24.60 12.35
C THR A 357 -51.77 24.05 12.63
N PRO A 358 -51.42 22.90 12.03
CA PRO A 358 -50.11 22.27 12.19
C PRO A 358 -48.94 23.24 12.26
N GLY A 359 -48.97 24.29 11.44
CA GLY A 359 -47.90 25.29 11.39
C GLY A 359 -47.77 26.12 12.64
N GLN A 360 -48.91 26.49 13.22
CA GLN A 360 -48.95 27.24 14.47
C GLN A 360 -48.38 26.43 15.63
N ALA A 361 -48.79 25.16 15.70
CA ALA A 361 -48.30 24.24 16.71
C ALA A 361 -46.81 23.94 16.53
N SER A 362 -46.38 23.83 15.27
CA SER A 362 -44.98 23.58 14.94
C SER A 362 -44.10 24.78 15.26
N LEU A 363 -44.65 25.99 15.11
CA LEU A 363 -43.97 27.21 15.52
C LEU A 363 -43.86 27.25 17.04
N GLY A 364 -44.94 26.86 17.71
CA GLY A 364 -44.98 26.84 19.17
C GLY A 364 -43.85 26.02 19.77
N LYS A 365 -43.84 24.73 19.47
CA LYS A 365 -42.79 23.83 19.97
C LYS A 365 -41.39 24.33 19.61
N ALA A 366 -41.17 24.66 18.35
CA ALA A 366 -39.86 25.08 17.87
C ALA A 366 -39.35 26.28 18.65
N TRP A 367 -40.13 27.37 18.65
CA TRP A 367 -39.71 28.61 19.30
C TRP A 367 -39.47 28.43 20.79
N ILE A 368 -40.44 27.82 21.47
CA ILE A 368 -40.36 27.61 22.93
C ILE A 368 -39.14 26.76 23.30
N SER A 369 -38.96 25.63 22.61
CA SER A 369 -37.81 24.77 22.86
C SER A 369 -36.48 25.49 22.63
N SER A 370 -36.45 26.38 21.65
CA SER A 370 -35.26 27.16 21.34
C SER A 370 -34.88 28.13 22.47
N LYS A 371 -35.88 28.84 23.01
CA LYS A 371 -35.63 29.80 24.08
C LYS A 371 -35.38 29.08 25.40
N ALA A 372 -35.96 27.89 25.54
CA ALA A 372 -35.71 27.04 26.70
C ALA A 372 -34.23 26.63 26.77
N ARG A 373 -33.64 26.34 25.62
CA ARG A 373 -32.21 26.03 25.54
C ARG A 373 -31.38 27.22 26.01
N GLU A 374 -31.71 28.40 25.51
CA GLU A 374 -31.02 29.63 25.90
C GLU A 374 -31.13 29.85 27.39
N THR A 375 -32.35 29.71 27.91
CA THR A 375 -32.63 29.88 29.34
C THR A 375 -31.87 28.86 30.18
N ALA A 376 -31.84 27.61 29.72
CA ALA A 376 -31.12 26.53 30.42
C ALA A 376 -29.61 26.76 30.40
N SER A 377 -29.10 27.23 29.27
CA SER A 377 -27.68 27.49 29.10
C SER A 377 -27.19 28.58 30.06
N LEU A 378 -27.98 29.63 30.21
CA LEU A 378 -27.67 30.72 31.15
C LEU A 378 -27.75 30.23 32.58
N GLY A 379 -28.83 29.53 32.90
CA GLY A 379 -29.04 28.97 34.23
C GLY A 379 -27.92 28.05 34.68
N ARG A 380 -27.42 27.24 33.75
CA ARG A 380 -26.37 26.28 34.03
C ARG A 380 -25.06 26.97 34.41
N GLU A 381 -24.72 28.04 33.72
CA GLU A 381 -23.50 28.78 33.99
C GLU A 381 -23.59 29.68 35.23
N LEU A 382 -24.83 30.02 35.61
CA LEU A 382 -25.07 30.87 36.78
C LEU A 382 -24.70 30.19 38.09
N LEU A 383 -24.85 28.88 38.16
CA LEU A 383 -24.52 28.13 39.36
C LEU A 383 -23.04 27.73 39.42
N GLY A 384 -22.32 27.99 38.33
CA GLY A 384 -20.88 27.71 38.26
C GLY A 384 -20.57 26.25 38.39
N GLY A 385 -19.85 25.90 39.46
CA GLY A 385 -19.48 24.51 39.73
C GLY A 385 -20.69 23.62 39.90
N ASN A 386 -21.53 23.95 40.88
CA ASN A 386 -22.76 23.21 41.16
C ASN A 386 -23.76 23.26 40.00
N GLY A 387 -23.39 23.99 38.95
CA GLY A 387 -24.17 24.04 37.73
C GLY A 387 -24.08 22.77 36.91
N ILE A 388 -23.14 21.90 37.26
CA ILE A 388 -23.00 20.60 36.60
C ILE A 388 -23.51 19.46 37.48
N LEU A 389 -24.07 19.81 38.64
CA LEU A 389 -24.61 18.82 39.57
C LEU A 389 -26.12 18.65 39.47
N ALA A 390 -26.55 17.41 39.32
CA ALA A 390 -27.97 17.05 39.27
C ALA A 390 -28.65 17.28 40.62
N ASP A 391 -27.83 17.37 41.67
CA ASP A 391 -28.30 17.75 43.00
C ASP A 391 -28.98 19.10 42.99
N PHE A 392 -28.57 19.96 42.07
CA PHE A 392 -29.06 21.33 42.01
C PHE A 392 -30.00 21.59 40.85
N LEU A 393 -30.63 20.52 40.35
CA LEU A 393 -31.68 20.60 39.32
C LEU A 393 -31.23 21.12 37.95
N VAL A 394 -30.67 22.33 37.93
CA VAL A 394 -30.33 23.04 36.70
C VAL A 394 -29.56 22.15 35.71
N ALA A 395 -28.50 21.50 36.21
CA ALA A 395 -27.68 20.59 35.39
C ALA A 395 -28.49 19.47 34.78
N LYS A 396 -29.31 18.82 35.60
CA LYS A 396 -30.18 17.74 35.17
C LYS A 396 -31.16 18.24 34.12
N ALA A 397 -31.80 19.38 34.40
CA ALA A 397 -32.77 19.98 33.48
C ALA A 397 -32.13 20.48 32.20
N PHE A 398 -30.89 20.96 32.31
CA PHE A 398 -30.09 21.38 31.15
C PHE A 398 -29.90 20.22 30.19
N CYS A 399 -29.54 19.07 30.75
CA CYS A 399 -29.40 17.83 29.99
C CYS A 399 -30.76 17.31 29.53
N ASP A 400 -31.73 17.32 30.44
CA ASP A 400 -33.08 16.81 30.18
C ASP A 400 -33.76 17.51 29.01
N LEU A 401 -33.37 18.75 28.75
CA LEU A 401 -34.01 19.57 27.72
C LEU A 401 -33.54 19.21 26.31
N GLU A 402 -32.29 18.77 26.20
CA GLU A 402 -31.68 18.48 24.90
C GLU A 402 -32.45 17.51 24.01
N PRO A 403 -32.91 16.36 24.55
CA PRO A 403 -33.74 15.50 23.72
C PRO A 403 -35.06 16.17 23.32
N ILE A 404 -35.64 16.94 24.23
CA ILE A 404 -36.92 17.62 24.00
C ILE A 404 -36.86 18.59 22.82
N TYR A 405 -35.70 19.25 22.68
CA TYR A 405 -35.41 20.09 21.53
C TYR A 405 -35.51 19.29 20.23
N THR A 406 -35.18 18.00 20.31
CA THR A 406 -35.13 17.12 19.14
C THR A 406 -36.39 16.28 18.95
N TYR A 407 -36.84 15.59 20.00
CA TYR A 407 -37.97 14.66 19.86
C TYR A 407 -39.31 15.38 19.75
N GLU A 408 -40.30 14.67 19.16
CA GLU A 408 -41.60 15.24 18.78
C GLU A 408 -41.41 16.30 17.69
N GLY A 409 -40.56 15.98 16.73
CA GLY A 409 -40.22 16.90 15.65
C GLY A 409 -39.05 17.78 16.03
N THR A 410 -37.91 17.53 15.38
CA THR A 410 -36.72 18.33 15.58
C THR A 410 -36.96 19.78 15.15
N TYR A 411 -36.28 20.71 15.84
CA TYR A 411 -36.39 22.15 15.58
C TYR A 411 -36.44 22.47 14.09
N ASP A 412 -35.48 21.91 13.33
CA ASP A 412 -35.38 22.15 11.90
C ASP A 412 -36.61 21.66 11.13
N ILE A 413 -37.12 20.49 11.49
CA ILE A 413 -38.34 19.96 10.86
C ILE A 413 -39.55 20.85 11.16
N ASN A 414 -39.74 21.22 12.41
CA ASN A 414 -40.84 22.09 12.81
C ASN A 414 -40.81 23.44 12.13
N THR A 415 -39.64 24.08 12.12
CA THR A 415 -39.46 25.38 11.46
C THR A 415 -39.74 25.27 9.98
N LEU A 416 -39.54 24.08 9.41
CA LEU A 416 -39.86 23.83 8.01
C LEU A 416 -41.36 23.53 7.78
N VAL A 417 -42.02 22.98 8.79
CA VAL A 417 -43.48 22.76 8.75
C VAL A 417 -44.20 24.10 8.75
N THR A 418 -43.80 24.97 9.68
CA THR A 418 -44.30 26.34 9.74
C THR A 418 -43.88 27.10 8.48
N GLY A 419 -42.71 26.77 7.94
CA GLY A 419 -42.22 27.34 6.69
C GLY A 419 -43.14 27.02 5.53
N ARG A 420 -43.43 25.73 5.36
CA ARG A 420 -44.28 25.25 4.28
C ARG A 420 -45.68 25.89 4.31
N GLU A 421 -46.25 26.00 5.51
CA GLU A 421 -47.61 26.51 5.67
C GLU A 421 -47.72 27.99 5.32
N VAL A 422 -46.76 28.79 5.77
CA VAL A 422 -46.79 30.24 5.56
C VAL A 422 -46.42 30.65 4.14
N THR A 423 -45.33 30.10 3.62
CA THR A 423 -44.85 30.43 2.28
C THR A 423 -45.72 29.80 1.19
N GLY A 424 -46.18 28.58 1.44
CA GLY A 424 -46.96 27.82 0.47
C GLY A 424 -46.09 26.86 -0.33
N ILE A 425 -44.78 26.92 -0.09
CA ILE A 425 -43.82 26.09 -0.80
C ILE A 425 -43.15 25.10 0.16
N ALA A 426 -43.15 23.83 -0.20
CA ALA A 426 -42.55 22.77 0.61
C ALA A 426 -41.06 22.65 0.34
N SER A 427 -40.27 22.71 1.41
CA SER A 427 -38.81 22.59 1.30
C SER A 427 -38.23 21.57 2.28
N PHE A 428 -38.77 20.35 2.24
CA PHE A 428 -38.32 19.26 3.10
C PHE A 428 -37.34 18.37 2.35
N LYS A 429 -37.77 17.86 1.20
CA LYS A 429 -36.95 16.92 0.43
C LYS A 429 -35.68 17.58 -0.07
N PRO A 430 -34.71 16.75 -0.46
CA PRO A 430 -33.49 17.25 -1.10
C PRO A 430 -33.72 17.58 -2.57
N ALA A 431 -32.65 17.90 -3.29
CA ALA A 431 -32.72 18.10 -4.74
C ALA A 431 -32.70 16.77 -5.48
N THR A 432 -31.52 16.36 -5.94
CA THR A 432 -31.37 15.09 -6.68
C THR A 432 -32.26 14.89 -7.93
N ARG A 433 -33.49 14.96 -7.91
N LYS B 17 -21.65 -34.87 -2.29
CA LYS B 17 -22.77 -34.93 -3.29
C LYS B 17 -23.78 -33.80 -3.11
N SER B 18 -24.55 -33.53 -4.17
CA SER B 18 -25.60 -32.53 -4.18
C SER B 18 -26.58 -32.79 -5.34
N SER B 19 -27.76 -32.17 -5.26
CA SER B 19 -28.75 -32.27 -6.34
C SER B 19 -28.27 -31.58 -7.62
N TYR B 20 -27.29 -30.69 -7.49
CA TYR B 20 -26.72 -29.96 -8.61
C TYR B 20 -25.25 -30.29 -8.89
N PHE B 21 -24.70 -31.25 -8.16
CA PHE B 21 -23.29 -31.63 -8.29
C PHE B 21 -22.98 -32.34 -9.61
N ASP B 22 -23.92 -33.15 -10.09
CA ASP B 22 -23.74 -33.94 -11.31
C ASP B 22 -24.05 -33.16 -12.59
N LEU B 23 -24.81 -32.08 -12.47
CA LEU B 23 -25.24 -31.26 -13.62
C LEU B 23 -24.08 -30.72 -14.45
N PRO B 24 -24.23 -30.74 -15.81
CA PRO B 24 -23.19 -30.29 -16.74
C PRO B 24 -22.81 -28.81 -16.53
N PRO B 25 -21.54 -28.47 -16.80
CA PRO B 25 -21.02 -27.11 -16.68
C PRO B 25 -21.89 -26.07 -17.38
N MET B 26 -21.91 -24.85 -16.84
CA MET B 26 -22.68 -23.75 -17.39
C MET B 26 -22.09 -23.29 -18.72
N GLU B 27 -22.95 -23.10 -19.71
CA GLU B 27 -22.55 -22.60 -21.03
C GLU B 27 -21.89 -21.22 -20.89
N MET B 28 -20.84 -21.00 -21.68
CA MET B 28 -20.09 -19.73 -21.64
C MET B 28 -20.92 -18.50 -22.00
N SER B 29 -22.02 -18.72 -22.72
CA SER B 29 -22.97 -17.67 -23.09
C SER B 29 -23.71 -17.12 -21.87
N VAL B 30 -23.96 -17.99 -20.90
CA VAL B 30 -24.69 -17.61 -19.68
C VAL B 30 -23.73 -17.32 -18.52
N ALA B 31 -22.66 -18.12 -18.42
CA ALA B 31 -21.70 -18.04 -17.32
C ALA B 31 -20.87 -16.76 -17.32
N PHE B 32 -20.50 -16.28 -18.51
CA PHE B 32 -19.71 -15.06 -18.65
C PHE B 32 -20.02 -14.41 -20.01
N PRO B 33 -21.08 -13.59 -20.06
CA PRO B 33 -21.55 -12.99 -21.31
C PRO B 33 -20.67 -11.85 -21.82
N GLN B 34 -19.99 -11.16 -20.91
CA GLN B 34 -19.21 -9.96 -21.26
C GLN B 34 -18.09 -10.19 -22.27
N ALA B 35 -17.53 -11.40 -22.28
CA ALA B 35 -16.39 -11.71 -23.15
C ALA B 35 -16.65 -12.91 -24.07
N THR B 36 -16.00 -12.89 -25.23
CA THR B 36 -16.09 -13.96 -26.22
C THR B 36 -14.92 -14.93 -26.01
N PRO B 37 -15.22 -16.23 -25.85
CA PRO B 37 -14.22 -17.28 -25.68
C PRO B 37 -13.36 -17.52 -26.93
N ALA B 38 -12.39 -18.42 -26.82
CA ALA B 38 -11.49 -18.75 -27.93
C ALA B 38 -12.17 -19.60 -29.00
N SER B 39 -13.33 -20.16 -28.66
CA SER B 39 -14.13 -20.96 -29.60
C SER B 39 -14.32 -20.23 -30.94
N THR B 40 -14.74 -18.96 -30.86
CA THR B 40 -14.70 -18.06 -31.99
C THR B 40 -13.41 -17.25 -31.85
N PHE B 41 -12.39 -17.64 -32.63
CA PHE B 41 -11.04 -17.11 -32.47
C PHE B 41 -10.90 -15.64 -32.83
N PRO B 42 -10.15 -14.87 -32.00
CA PRO B 42 -9.89 -13.44 -32.18
C PRO B 42 -9.28 -13.05 -33.52
N PRO B 43 -9.57 -11.83 -34.00
CA PRO B 43 -8.92 -11.27 -35.20
C PRO B 43 -7.45 -10.94 -34.98
N CYS B 44 -6.69 -10.84 -36.08
CA CYS B 44 -5.25 -10.64 -36.02
C CYS B 44 -4.86 -9.18 -35.77
N THR B 45 -4.79 -8.82 -34.49
CA THR B 45 -4.42 -7.45 -34.08
C THR B 45 -2.99 -7.37 -33.54
N SER B 46 -2.30 -8.51 -33.56
CA SER B 46 -0.92 -8.61 -33.09
C SER B 46 0.07 -8.20 -34.17
N ASP B 47 -0.37 -8.23 -35.43
CA ASP B 47 0.44 -7.82 -36.56
C ASP B 47 0.45 -6.29 -36.65
N TYR B 48 1.24 -5.66 -35.79
CA TYR B 48 1.23 -4.21 -35.65
C TYR B 48 2.26 -3.52 -36.54
N TYR B 49 3.33 -4.24 -36.87
CA TYR B 49 4.37 -3.71 -37.74
C TYR B 49 4.19 -4.17 -39.19
N HIS B 50 2.97 -4.58 -39.52
CA HIS B 50 2.56 -4.98 -40.88
C HIS B 50 3.56 -5.94 -41.54
N PHE B 51 3.53 -7.19 -41.09
CA PHE B 51 4.57 -8.17 -41.44
C PHE B 51 4.47 -8.77 -42.83
N ASN B 52 3.34 -8.57 -43.51
CA ASN B 52 3.18 -9.05 -44.88
C ASN B 52 4.19 -8.47 -45.88
N ASP B 53 4.83 -7.37 -45.47
CA ASP B 53 5.89 -6.75 -46.26
C ASP B 53 7.16 -7.60 -46.27
N LEU B 54 7.37 -8.36 -45.21
CA LEU B 54 8.55 -9.21 -45.07
C LEU B 54 8.34 -10.58 -45.71
N LEU B 55 7.12 -10.85 -46.14
CA LEU B 55 6.76 -12.15 -46.73
C LEU B 55 6.54 -12.03 -48.24
N THR B 56 6.78 -13.15 -48.94
CA THR B 56 6.53 -13.21 -50.38
C THR B 56 5.04 -13.46 -50.65
N PRO B 57 4.57 -13.13 -51.87
CA PRO B 57 3.16 -13.38 -52.24
C PRO B 57 2.70 -14.80 -51.92
N GLU B 58 3.56 -15.77 -52.19
CA GLU B 58 3.25 -17.18 -51.93
C GLU B 58 3.25 -17.51 -50.43
N GLU B 59 4.21 -16.93 -49.70
CA GLU B 59 4.30 -17.08 -48.25
C GLU B 59 3.05 -16.52 -47.56
N GLN B 60 2.59 -15.37 -48.05
CA GLN B 60 1.37 -14.71 -47.56
C GLN B 60 0.16 -15.62 -47.71
N ALA B 61 0.07 -16.29 -48.86
CA ALA B 61 -1.03 -17.20 -49.17
C ALA B 61 -1.05 -18.43 -48.25
N ILE B 62 0.13 -18.95 -47.92
CA ILE B 62 0.25 -20.09 -47.00
C ILE B 62 -0.14 -19.66 -45.60
N ARG B 63 0.35 -18.48 -45.20
CA ARG B 63 0.01 -17.91 -43.89
C ARG B 63 -1.50 -17.83 -43.71
N LYS B 64 -2.18 -17.22 -44.68
CA LYS B 64 -3.65 -17.05 -44.65
C LYS B 64 -4.39 -18.39 -44.63
N LYS B 65 -3.94 -19.32 -45.47
CA LYS B 65 -4.58 -20.63 -45.62
C LYS B 65 -4.58 -21.41 -44.31
N VAL B 66 -3.42 -21.48 -43.66
CA VAL B 66 -3.27 -22.21 -42.40
C VAL B 66 -4.11 -21.55 -41.30
N ARG B 67 -3.98 -20.23 -41.16
CA ARG B 67 -4.72 -19.45 -40.17
C ARG B 67 -6.22 -19.75 -40.22
N GLU B 68 -6.79 -19.70 -41.43
CA GLU B 68 -8.22 -19.98 -41.62
C GLU B 68 -8.58 -21.43 -41.32
N CYS B 69 -7.75 -22.36 -41.78
CA CYS B 69 -7.99 -23.79 -41.59
C CYS B 69 -7.73 -24.24 -40.14
N MET B 70 -7.24 -23.31 -39.32
CA MET B 70 -7.03 -23.55 -37.89
C MET B 70 -8.15 -22.95 -37.05
N GLU B 71 -8.59 -21.74 -37.43
CA GLU B 71 -9.68 -21.05 -36.74
C GLU B 71 -11.03 -21.73 -36.99
N LYS B 72 -11.10 -22.54 -38.05
CA LYS B 72 -12.31 -23.24 -38.44
C LYS B 72 -12.39 -24.64 -37.82
N GLU B 73 -11.32 -25.41 -37.97
CA GLU B 73 -11.36 -26.84 -37.66
C GLU B 73 -10.80 -27.23 -36.31
N VAL B 74 -9.86 -26.44 -35.80
CA VAL B 74 -9.21 -26.74 -34.52
C VAL B 74 -9.74 -25.87 -33.38
N ALA B 75 -9.86 -24.57 -33.63
CA ALA B 75 -10.27 -23.58 -32.62
C ALA B 75 -11.50 -23.96 -31.76
N PRO B 76 -12.59 -24.50 -32.39
CA PRO B 76 -13.71 -24.91 -31.55
C PRO B 76 -13.41 -26.11 -30.63
N ILE B 77 -12.83 -27.17 -31.19
CA ILE B 77 -12.63 -28.42 -30.46
C ILE B 77 -11.42 -28.47 -29.53
N MET B 78 -10.46 -27.57 -29.73
CA MET B 78 -9.19 -27.58 -28.98
C MET B 78 -9.36 -27.50 -27.46
N THR B 79 -10.31 -26.67 -27.02
CA THR B 79 -10.57 -26.46 -25.60
C THR B 79 -10.92 -27.78 -24.89
N GLU B 80 -11.79 -28.56 -25.52
CA GLU B 80 -12.25 -29.84 -24.99
C GLU B 80 -11.13 -30.88 -24.92
N TYR B 81 -10.42 -31.06 -26.03
CA TYR B 81 -9.37 -32.09 -26.15
C TYR B 81 -8.12 -31.81 -25.33
N TRP B 82 -7.90 -30.55 -24.98
CA TRP B 82 -6.76 -30.16 -24.17
C TRP B 82 -6.96 -30.59 -22.72
N GLU B 83 -8.17 -30.36 -22.19
CA GLU B 83 -8.53 -30.75 -20.84
C GLU B 83 -8.43 -32.26 -20.64
N LYS B 84 -8.95 -33.02 -21.60
CA LYS B 84 -8.93 -34.48 -21.56
C LYS B 84 -7.54 -35.07 -21.83
N ALA B 85 -6.62 -34.21 -22.29
CA ALA B 85 -5.27 -34.62 -22.71
C ALA B 85 -5.28 -35.68 -23.81
N GLU B 86 -6.33 -35.67 -24.63
CA GLU B 86 -6.51 -36.61 -25.73
C GLU B 86 -6.20 -35.94 -27.06
N PHE B 87 -5.63 -36.71 -27.98
CA PHE B 87 -5.32 -36.23 -29.33
C PHE B 87 -6.57 -36.26 -30.22
N PRO B 88 -6.83 -35.17 -30.97
CA PRO B 88 -7.97 -35.12 -31.89
C PRO B 88 -7.64 -35.76 -33.23
N PHE B 89 -7.75 -37.08 -33.30
CA PHE B 89 -7.36 -37.85 -34.48
C PHE B 89 -8.14 -37.50 -35.73
N HIS B 90 -9.40 -37.11 -35.57
CA HIS B 90 -10.26 -36.76 -36.71
C HIS B 90 -9.90 -35.43 -37.36
N ILE B 91 -8.89 -34.77 -36.81
CA ILE B 91 -8.37 -33.51 -37.36
C ILE B 91 -7.17 -33.76 -38.27
N THR B 92 -6.50 -34.89 -38.08
CA THR B 92 -5.31 -35.27 -38.86
C THR B 92 -5.45 -35.01 -40.38
N PRO B 93 -6.47 -35.59 -41.04
CA PRO B 93 -6.58 -35.38 -42.49
C PRO B 93 -6.77 -33.91 -42.89
N LYS B 94 -7.38 -33.12 -42.00
CA LYS B 94 -7.59 -31.69 -42.24
C LYS B 94 -6.27 -30.93 -42.21
N LEU B 95 -5.33 -31.41 -41.39
CA LEU B 95 -4.00 -30.82 -41.31
C LEU B 95 -3.14 -31.18 -42.52
N GLY B 96 -3.28 -32.42 -42.98
CA GLY B 96 -2.60 -32.89 -44.18
C GLY B 96 -3.18 -32.27 -45.45
N ALA B 97 -4.35 -31.64 -45.31
CA ALA B 97 -5.01 -30.93 -46.40
C ALA B 97 -4.48 -29.50 -46.55
N MET B 98 -3.86 -28.99 -45.49
CA MET B 98 -3.26 -27.66 -45.51
C MET B 98 -2.00 -27.64 -46.38
N GLY B 99 -1.33 -28.79 -46.46
CA GLY B 99 -0.10 -28.92 -47.23
C GLY B 99 1.08 -28.30 -46.51
N VAL B 100 1.29 -28.74 -45.28
CA VAL B 100 2.36 -28.20 -44.42
C VAL B 100 3.35 -29.28 -44.03
N ALA B 101 2.87 -30.51 -43.85
CA ALA B 101 3.71 -31.66 -43.53
C ALA B 101 4.70 -31.95 -44.64
N GLY B 102 5.97 -32.08 -44.27
CA GLY B 102 7.06 -32.16 -45.23
C GLY B 102 7.77 -30.81 -45.31
N GLY B 103 6.98 -29.78 -45.61
CA GLY B 103 7.43 -28.39 -45.59
C GLY B 103 8.68 -28.09 -46.39
N SER B 104 9.83 -28.20 -45.73
CA SER B 104 11.12 -27.87 -46.35
C SER B 104 11.57 -28.89 -47.38
N ILE B 105 11.09 -30.13 -47.25
CA ILE B 105 11.49 -31.22 -48.15
C ILE B 105 11.02 -30.97 -49.58
N LYS B 106 11.96 -31.04 -50.52
CA LYS B 106 11.66 -30.87 -51.94
C LYS B 106 11.48 -32.22 -52.61
N GLY B 107 10.39 -32.35 -53.37
CA GLY B 107 10.05 -33.61 -54.04
C GLY B 107 9.46 -34.62 -53.07
N TYR B 108 9.41 -35.88 -53.50
CA TYR B 108 8.89 -37.00 -52.69
C TYR B 108 7.48 -36.75 -52.15
N GLY B 109 6.63 -36.11 -52.96
CA GLY B 109 5.24 -35.84 -52.58
C GLY B 109 5.08 -34.80 -51.48
N CYS B 110 6.12 -34.00 -51.25
CA CYS B 110 6.09 -32.94 -50.23
C CYS B 110 5.87 -31.57 -50.89
N PRO B 111 5.27 -30.62 -50.14
CA PRO B 111 4.94 -29.29 -50.66
C PRO B 111 6.13 -28.50 -51.22
N GLY B 112 7.30 -28.66 -50.62
CA GLY B 112 8.52 -27.99 -51.08
C GLY B 112 8.50 -26.50 -50.83
N LEU B 113 8.31 -26.13 -49.56
CA LEU B 113 8.20 -24.73 -49.16
C LEU B 113 9.56 -24.15 -48.78
N SER B 114 9.65 -22.83 -48.79
CA SER B 114 10.84 -22.13 -48.31
C SER B 114 10.86 -22.18 -46.78
N ILE B 115 12.06 -22.06 -46.21
CA ILE B 115 12.25 -22.05 -44.75
C ILE B 115 11.43 -20.95 -44.05
N THR B 116 11.30 -19.80 -44.72
CA THR B 116 10.48 -18.69 -44.22
C THR B 116 8.99 -19.07 -44.26
N ALA B 117 8.58 -19.74 -45.32
CA ALA B 117 7.20 -20.20 -45.47
C ALA B 117 6.83 -21.30 -44.48
N ASN B 118 7.73 -22.27 -44.31
CA ASN B 118 7.51 -23.37 -43.38
C ASN B 118 7.53 -22.90 -41.93
N ALA B 119 8.21 -21.78 -41.68
CA ALA B 119 8.27 -21.16 -40.36
C ALA B 119 7.01 -20.37 -40.04
N ILE B 120 6.56 -19.56 -40.99
CA ILE B 120 5.32 -18.78 -40.83
C ILE B 120 4.10 -19.70 -40.76
N ALA B 121 4.24 -20.91 -41.34
CA ALA B 121 3.20 -21.94 -41.25
C ALA B 121 3.08 -22.46 -39.83
N THR B 122 4.22 -22.79 -39.23
CA THR B 122 4.28 -23.26 -37.84
C THR B 122 3.67 -22.22 -36.91
N ALA B 123 4.01 -20.95 -37.14
CA ALA B 123 3.50 -19.84 -36.35
C ALA B 123 1.97 -19.79 -36.32
N GLU B 124 1.36 -19.78 -37.50
CA GLU B 124 -0.09 -19.65 -37.62
C GLU B 124 -0.85 -20.89 -37.12
N ILE B 125 -0.12 -21.97 -36.83
CA ILE B 125 -0.70 -23.13 -36.15
C ILE B 125 -0.59 -22.93 -34.64
N ALA B 126 0.64 -22.70 -34.17
CA ALA B 126 0.91 -22.48 -32.75
C ALA B 126 0.13 -21.30 -32.18
N ARG B 127 -0.23 -20.37 -33.06
CA ARG B 127 -1.08 -19.23 -32.73
C ARG B 127 -2.43 -19.69 -32.18
N VAL B 128 -3.07 -20.63 -32.88
CA VAL B 128 -4.37 -21.17 -32.48
C VAL B 128 -4.17 -22.27 -31.45
N ASP B 129 -3.27 -23.20 -31.71
CA ASP B 129 -2.94 -24.25 -30.76
C ASP B 129 -1.48 -24.71 -30.86
N ALA B 130 -0.78 -24.66 -29.74
CA ALA B 130 0.60 -25.11 -29.66
C ALA B 130 0.71 -26.63 -29.73
N SER B 131 -0.29 -27.32 -29.18
CA SER B 131 -0.31 -28.78 -29.16
C SER B 131 -0.24 -29.35 -30.58
N CYS B 132 -1.17 -28.93 -31.43
CA CYS B 132 -1.20 -29.36 -32.82
C CYS B 132 0.02 -28.88 -33.61
N SER B 133 0.67 -27.83 -33.12
CA SER B 133 1.90 -27.32 -33.74
C SER B 133 3.09 -28.24 -33.50
N THR B 134 3.22 -28.71 -32.25
CA THR B 134 4.30 -29.63 -31.87
C THR B 134 4.10 -30.98 -32.57
N PHE B 135 2.86 -31.45 -32.63
CA PHE B 135 2.52 -32.69 -33.33
C PHE B 135 3.11 -32.71 -34.73
N ILE B 136 2.82 -31.67 -35.50
CA ILE B 136 3.30 -31.56 -36.88
C ILE B 136 4.82 -31.34 -36.93
N LEU B 137 5.34 -30.45 -36.10
CA LEU B 137 6.77 -30.14 -36.08
C LEU B 137 7.64 -31.36 -35.84
N VAL B 138 7.27 -32.17 -34.83
CA VAL B 138 7.99 -33.40 -34.51
C VAL B 138 7.89 -34.39 -35.67
N HIS B 139 6.72 -34.45 -36.29
CA HIS B 139 6.48 -35.31 -37.45
C HIS B 139 7.23 -34.85 -38.69
N SER B 140 7.14 -33.55 -38.99
CA SER B 140 7.64 -32.98 -40.25
C SER B 140 9.10 -32.52 -40.18
N SER B 141 9.39 -31.63 -39.23
CA SER B 141 10.72 -31.01 -39.15
C SER B 141 11.77 -31.90 -38.49
N LEU B 142 11.32 -32.87 -37.70
CA LEU B 142 12.24 -33.81 -37.05
C LEU B 142 12.17 -35.20 -37.67
N GLY B 143 10.96 -35.74 -37.81
CA GLY B 143 10.77 -37.07 -38.40
C GLY B 143 11.09 -37.08 -39.87
N MET B 144 10.19 -36.54 -40.67
CA MET B 144 10.32 -36.53 -42.13
C MET B 144 11.66 -36.01 -42.64
N LEU B 145 12.13 -34.91 -42.07
CA LEU B 145 13.37 -34.26 -42.51
C LEU B 145 14.60 -35.14 -42.30
N THR B 146 14.64 -35.87 -41.18
CA THR B 146 15.73 -36.79 -40.88
C THR B 146 15.86 -37.83 -41.99
N ILE B 147 14.73 -38.35 -42.45
CA ILE B 147 14.69 -39.27 -43.59
C ILE B 147 15.14 -38.57 -44.88
N ALA B 148 14.69 -37.33 -45.05
CA ALA B 148 14.97 -36.56 -46.26
C ALA B 148 16.44 -36.18 -46.44
N LEU B 149 17.16 -36.05 -45.34
CA LEU B 149 18.56 -35.63 -45.37
C LEU B 149 19.54 -36.78 -45.10
N CYS B 150 19.17 -37.69 -44.21
CA CYS B 150 20.05 -38.78 -43.79
C CYS B 150 19.62 -40.14 -44.35
N GLY B 151 18.39 -40.23 -44.85
CA GLY B 151 17.91 -41.48 -45.43
C GLY B 151 18.48 -41.72 -46.83
N SER B 152 18.27 -42.93 -47.32
CA SER B 152 18.67 -43.30 -48.67
C SER B 152 17.56 -42.95 -49.66
N GLU B 153 17.93 -42.84 -50.94
CA GLU B 153 16.96 -42.55 -52.00
C GLU B 153 15.81 -43.56 -52.02
N ALA B 154 16.10 -44.81 -51.63
CA ALA B 154 15.09 -45.86 -51.56
C ALA B 154 14.11 -45.63 -50.42
N GLN B 155 14.61 -45.04 -49.32
CA GLN B 155 13.77 -44.76 -48.15
C GLN B 155 12.90 -43.53 -48.36
N LYS B 156 13.49 -42.49 -48.95
CA LYS B 156 12.79 -41.23 -49.22
C LYS B 156 11.58 -41.46 -50.12
N GLU B 157 11.77 -42.23 -51.19
CA GLU B 157 10.71 -42.53 -52.15
C GLU B 157 9.65 -43.47 -51.58
N LYS B 158 10.00 -44.16 -50.49
CA LYS B 158 9.12 -45.17 -49.89
C LYS B 158 8.19 -44.60 -48.83
N TYR B 159 8.75 -43.83 -47.90
CA TYR B 159 8.00 -43.36 -46.74
C TYR B 159 7.42 -41.95 -46.90
N LEU B 160 8.29 -40.99 -47.27
CA LEU B 160 7.93 -39.57 -47.33
C LEU B 160 6.55 -39.23 -47.95
N PRO B 161 6.23 -39.77 -49.14
CA PRO B 161 4.94 -39.46 -49.77
C PRO B 161 3.73 -39.65 -48.85
N SER B 162 3.72 -40.75 -48.11
CA SER B 162 2.61 -41.07 -47.20
C SER B 162 2.66 -40.23 -45.93
N LEU B 163 3.87 -39.86 -45.51
CA LEU B 163 4.08 -39.05 -44.32
C LEU B 163 3.66 -37.60 -44.54
N ALA B 164 3.84 -37.10 -45.76
CA ALA B 164 3.47 -35.73 -46.12
C ALA B 164 1.96 -35.55 -46.18
N GLN B 165 1.26 -36.62 -46.53
CA GLN B 165 -0.20 -36.61 -46.62
C GLN B 165 -0.87 -36.94 -45.28
N LEU B 166 -0.06 -37.25 -44.28
CA LEU B 166 -0.51 -37.60 -42.93
C LEU B 166 -1.37 -38.88 -42.87
N ASN B 167 -1.13 -39.80 -43.80
CA ASN B 167 -1.70 -41.14 -43.73
C ASN B 167 -0.89 -41.99 -42.75
N THR B 168 0.39 -41.65 -42.63
CA THR B 168 1.30 -42.27 -41.67
C THR B 168 1.97 -41.19 -40.82
N VAL B 169 2.15 -41.47 -39.54
CA VAL B 169 2.71 -40.51 -38.59
C VAL B 169 4.07 -40.97 -38.07
N ALA B 170 5.05 -40.08 -38.10
CA ALA B 170 6.40 -40.40 -37.63
C ALA B 170 6.76 -39.64 -36.37
N CYS B 171 7.71 -40.20 -35.61
CA CYS B 171 8.18 -39.59 -34.37
C CYS B 171 9.70 -39.65 -34.24
N TRP B 172 10.25 -38.74 -33.47
CA TRP B 172 11.70 -38.59 -33.33
C TRP B 172 12.12 -38.98 -31.93
N ALA B 173 13.05 -39.93 -31.83
CA ALA B 173 13.43 -40.52 -30.55
C ALA B 173 14.93 -40.42 -30.24
N LEU B 174 15.35 -39.28 -29.71
CA LEU B 174 16.74 -39.07 -29.33
C LEU B 174 16.93 -39.10 -27.82
N THR B 175 16.00 -38.48 -27.09
CA THR B 175 16.10 -38.29 -25.65
C THR B 175 15.87 -39.60 -24.87
N GLU B 176 16.57 -39.71 -23.74
CA GLU B 176 16.45 -40.84 -22.84
C GLU B 176 16.24 -40.33 -21.41
N PRO B 177 15.76 -41.18 -20.49
CA PRO B 177 15.64 -40.76 -19.09
C PRO B 177 17.00 -40.40 -18.50
N ASP B 178 18.01 -41.22 -18.78
CA ASP B 178 19.37 -40.98 -18.28
C ASP B 178 20.06 -39.83 -19.00
N ASN B 179 19.82 -39.71 -20.30
CA ASN B 179 20.48 -38.69 -21.13
C ASN B 179 19.49 -37.77 -21.84
N GLY B 180 19.47 -36.51 -21.43
CA GLY B 180 18.57 -35.52 -22.00
C GLY B 180 19.31 -34.40 -22.72
N SER B 181 19.82 -33.45 -21.95
CA SER B 181 20.61 -32.35 -22.49
C SER B 181 21.95 -32.84 -23.00
N ASP B 182 22.52 -33.81 -22.30
CA ASP B 182 23.71 -34.52 -22.76
C ASP B 182 23.27 -35.64 -23.70
N ALA B 183 22.73 -35.24 -24.85
CA ALA B 183 22.12 -36.17 -25.80
C ALA B 183 23.15 -37.04 -26.51
N SER B 184 24.34 -36.48 -26.73
CA SER B 184 25.42 -37.16 -27.46
C SER B 184 26.01 -38.36 -26.69
N GLY B 185 25.67 -38.48 -25.41
CA GLY B 185 26.15 -39.58 -24.58
C GLY B 185 25.06 -40.58 -24.23
N LEU B 186 24.12 -40.80 -25.17
CA LEU B 186 22.98 -41.70 -24.96
C LEU B 186 23.40 -43.16 -24.79
N GLY B 187 22.51 -43.97 -24.22
CA GLY B 187 22.83 -45.34 -23.85
C GLY B 187 22.02 -46.46 -24.49
N THR B 188 21.22 -46.13 -25.51
CA THR B 188 20.48 -47.13 -26.25
C THR B 188 21.41 -47.80 -27.26
N THR B 189 21.58 -49.12 -27.12
CA THR B 189 22.55 -49.86 -27.93
C THR B 189 21.95 -50.41 -29.21
N ALA B 190 22.77 -50.44 -30.27
CA ALA B 190 22.38 -50.98 -31.56
C ALA B 190 23.35 -52.08 -31.97
N THR B 191 23.13 -53.27 -31.42
CA THR B 191 23.99 -54.43 -31.67
C THR B 191 23.73 -55.04 -33.05
N LYS B 192 24.82 -55.21 -33.81
CA LYS B 192 24.73 -55.74 -35.18
C LYS B 192 24.48 -57.25 -35.17
N VAL B 193 23.43 -57.64 -35.88
CA VAL B 193 23.10 -59.06 -36.06
C VAL B 193 23.06 -59.36 -37.56
N GLU B 194 22.88 -60.63 -37.93
CA GLU B 194 22.80 -61.03 -39.33
C GLU B 194 21.53 -60.47 -39.99
N GLY B 195 21.73 -59.64 -41.01
CA GLY B 195 20.63 -59.07 -41.78
C GLY B 195 20.08 -57.76 -41.26
N GLY B 196 20.53 -57.35 -40.07
CA GLY B 196 20.05 -56.11 -39.46
C GLY B 196 20.65 -55.78 -38.11
N TRP B 197 19.81 -55.22 -37.24
CA TRP B 197 20.25 -54.74 -35.92
C TRP B 197 19.28 -55.18 -34.82
N LYS B 198 19.78 -55.21 -33.59
CA LYS B 198 18.95 -55.44 -32.41
C LYS B 198 19.04 -54.23 -31.49
N ILE B 199 17.98 -53.41 -31.48
CA ILE B 199 17.96 -52.19 -30.68
C ILE B 199 17.53 -52.49 -29.24
N ASN B 200 18.37 -52.12 -28.29
CA ASN B 200 18.10 -52.31 -26.87
C ASN B 200 18.30 -51.02 -26.10
N GLY B 201 17.30 -50.61 -25.32
CA GLY B 201 17.38 -49.40 -24.51
C GLY B 201 16.03 -48.78 -24.19
N GLN B 202 16.07 -47.58 -23.62
CA GLN B 202 14.86 -46.88 -23.21
C GLN B 202 14.85 -45.44 -23.72
N LYS B 203 13.65 -44.95 -24.02
CA LYS B 203 13.45 -43.57 -24.48
C LYS B 203 12.36 -42.89 -23.67
N ARG B 204 12.44 -41.56 -23.56
CA ARG B 204 11.45 -40.78 -22.81
C ARG B 204 11.14 -39.46 -23.50
N TRP B 205 9.86 -39.09 -23.50
CA TRP B 205 9.35 -37.79 -23.97
C TRP B 205 8.95 -37.72 -25.44
N ILE B 206 9.04 -38.84 -26.15
CA ILE B 206 8.81 -38.85 -27.60
C ILE B 206 7.34 -38.59 -27.96
N GLY B 207 7.12 -37.48 -28.66
CA GLY B 207 5.78 -37.10 -29.10
C GLY B 207 5.31 -37.95 -30.26
N ASN B 208 4.03 -38.33 -30.22
CA ASN B 208 3.39 -39.18 -31.24
C ASN B 208 3.72 -40.67 -31.13
N SER B 209 4.76 -40.99 -30.35
CA SER B 209 5.27 -42.35 -30.22
C SER B 209 4.22 -43.43 -29.96
N THR B 210 3.20 -43.08 -29.16
CA THR B 210 2.16 -44.04 -28.78
C THR B 210 1.26 -44.46 -29.94
N PHE B 211 1.28 -43.70 -31.03
CA PHE B 211 0.46 -44.02 -32.22
C PHE B 211 1.20 -43.87 -33.54
N ALA B 212 2.49 -43.54 -33.48
CA ALA B 212 3.31 -43.34 -34.68
C ALA B 212 3.57 -44.63 -35.43
N ASP B 213 3.49 -44.55 -36.76
CA ASP B 213 3.78 -45.68 -37.64
C ASP B 213 5.29 -45.88 -37.80
N LEU B 214 6.01 -44.76 -37.90
CA LEU B 214 7.46 -44.77 -38.02
C LEU B 214 8.08 -44.15 -36.76
N LEU B 215 9.06 -44.85 -36.20
CA LEU B 215 9.76 -44.39 -35.02
C LEU B 215 11.24 -44.23 -35.31
N ILE B 216 11.66 -43.01 -35.63
CA ILE B 216 13.08 -42.75 -35.90
C ILE B 216 13.85 -42.73 -34.59
N ILE B 217 14.34 -43.91 -34.22
CA ILE B 217 15.03 -44.10 -32.95
C ILE B 217 16.54 -44.01 -33.15
N PHE B 218 17.18 -43.17 -32.34
CA PHE B 218 18.62 -43.02 -32.33
C PHE B 218 19.24 -43.96 -31.31
N ALA B 219 20.22 -44.74 -31.76
CA ALA B 219 20.88 -45.72 -30.91
C ALA B 219 22.39 -45.74 -31.15
N ARG B 220 23.11 -46.37 -30.23
CA ARG B 220 24.57 -46.42 -30.29
C ARG B 220 25.04 -47.69 -31.00
N ASN B 221 25.60 -47.50 -32.19
CA ASN B 221 26.22 -48.55 -32.97
C ASN B 221 27.37 -49.17 -32.18
N THR B 222 27.12 -50.33 -31.58
CA THR B 222 28.07 -50.98 -30.68
C THR B 222 29.43 -51.32 -31.31
N THR B 223 29.46 -51.41 -32.64
CA THR B 223 30.69 -51.71 -33.36
C THR B 223 31.58 -50.47 -33.50
N THR B 224 30.98 -49.34 -33.86
CA THR B 224 31.73 -48.09 -34.06
C THR B 224 31.73 -47.20 -32.82
N ASN B 225 30.89 -47.53 -31.85
CA ASN B 225 30.65 -46.71 -30.64
C ASN B 225 30.11 -45.31 -30.96
N GLN B 226 29.42 -45.21 -32.09
CA GLN B 226 28.85 -43.94 -32.56
C GLN B 226 27.32 -44.01 -32.63
N ILE B 227 26.69 -42.87 -32.86
CA ILE B 227 25.24 -42.78 -32.89
C ILE B 227 24.72 -42.98 -34.31
N ASN B 228 23.78 -43.91 -34.47
CA ASN B 228 23.15 -44.18 -35.76
C ASN B 228 21.63 -44.02 -35.74
N GLY B 229 21.06 -43.75 -36.92
CA GLY B 229 19.61 -43.57 -37.05
C GLY B 229 18.91 -44.81 -37.57
N PHE B 230 17.79 -45.15 -36.95
CA PHE B 230 17.03 -46.34 -37.30
C PHE B 230 15.55 -46.05 -37.44
N ILE B 231 14.96 -46.54 -38.52
CA ILE B 231 13.51 -46.43 -38.73
C ILE B 231 12.83 -47.67 -38.15
N VAL B 232 12.21 -47.50 -36.99
CA VAL B 232 11.52 -48.59 -36.30
C VAL B 232 10.02 -48.52 -36.61
N LYS B 233 9.48 -49.61 -37.12
CA LYS B 233 8.06 -49.69 -37.49
C LYS B 233 7.17 -49.83 -36.25
N LYS B 234 5.89 -49.47 -36.41
CA LYS B 234 4.90 -49.58 -35.35
C LYS B 234 4.66 -51.05 -34.98
N ASP B 235 4.28 -51.27 -33.72
CA ASP B 235 3.91 -52.60 -33.19
C ASP B 235 5.04 -53.64 -33.21
N ALA B 236 6.21 -53.26 -33.70
CA ALA B 236 7.36 -54.15 -33.83
C ALA B 236 7.61 -54.93 -32.53
N PRO B 237 7.77 -56.26 -32.64
CA PRO B 237 7.98 -57.11 -31.45
C PRO B 237 9.12 -56.61 -30.57
N GLY B 238 8.84 -56.44 -29.28
CA GLY B 238 9.82 -55.93 -28.32
C GLY B 238 9.68 -54.44 -28.04
N LEU B 239 8.85 -53.77 -28.83
CA LEU B 239 8.62 -52.33 -28.68
C LEU B 239 7.36 -52.06 -27.86
N LYS B 240 7.48 -51.15 -26.89
CA LYS B 240 6.37 -50.78 -26.01
C LYS B 240 6.44 -49.30 -25.66
N ALA B 241 5.53 -48.51 -26.23
CA ALA B 241 5.48 -47.07 -25.96
C ALA B 241 4.23 -46.71 -25.15
N THR B 242 4.45 -46.26 -23.91
CA THR B 242 3.35 -45.94 -22.99
C THR B 242 3.24 -44.43 -22.79
N LYS B 243 2.00 -43.94 -22.70
CA LYS B 243 1.71 -42.52 -22.57
C LYS B 243 2.26 -41.90 -21.29
N ILE B 244 2.89 -40.73 -21.41
CA ILE B 244 3.31 -39.93 -20.26
C ILE B 244 2.15 -39.02 -19.84
N PRO B 245 1.65 -39.19 -18.60
CA PRO B 245 0.51 -38.43 -18.10
C PRO B 245 0.90 -37.21 -17.27
N ASN B 246 -0.10 -36.41 -16.91
CA ASN B 246 0.03 -35.32 -15.94
C ASN B 246 0.86 -34.10 -16.40
N LYS B 247 0.89 -33.88 -17.71
CA LYS B 247 1.56 -32.69 -18.28
C LYS B 247 0.68 -31.46 -18.09
N ILE B 248 1.30 -30.33 -17.79
CA ILE B 248 0.57 -29.07 -17.66
C ILE B 248 0.50 -28.31 -18.98
N GLY B 249 1.37 -28.67 -19.92
CA GLY B 249 1.40 -28.04 -21.24
C GLY B 249 1.45 -29.07 -22.36
N LEU B 250 1.14 -28.62 -23.58
CA LEU B 250 1.07 -29.49 -24.77
C LEU B 250 0.37 -30.82 -24.45
N ARG B 251 -0.84 -30.72 -23.91
CA ARG B 251 -1.55 -31.87 -23.37
C ARG B 251 -2.10 -32.82 -24.44
N MET B 252 -2.40 -32.28 -25.61
CA MET B 252 -2.91 -33.08 -26.73
C MET B 252 -1.80 -33.89 -27.38
N VAL B 253 -0.57 -33.37 -27.34
CA VAL B 253 0.60 -34.07 -27.86
C VAL B 253 0.85 -35.33 -27.06
N GLN B 254 0.73 -36.48 -27.72
CA GLN B 254 0.90 -37.77 -27.04
C GLN B 254 2.37 -38.10 -26.87
N ASN B 255 2.94 -37.66 -25.75
CA ASN B 255 4.32 -37.95 -25.40
C ASN B 255 4.40 -39.27 -24.62
N GLY B 256 5.42 -40.06 -24.90
CA GLY B 256 5.52 -41.40 -24.34
C GLY B 256 6.89 -41.91 -23.97
N ASP B 257 6.91 -42.90 -23.07
CA ASP B 257 8.12 -43.63 -22.71
C ASP B 257 8.23 -44.85 -23.62
N ILE B 258 9.36 -44.98 -24.32
CA ILE B 258 9.56 -46.08 -25.24
C ILE B 258 10.48 -47.14 -24.63
N LEU B 259 10.04 -48.39 -24.65
CA LEU B 259 10.87 -49.53 -24.26
C LEU B 259 11.29 -50.34 -25.47
N LEU B 260 12.55 -50.79 -25.46
CA LEU B 260 13.11 -51.52 -26.58
C LEU B 260 13.88 -52.76 -26.11
N GLN B 261 13.31 -53.94 -26.38
CA GLN B 261 13.93 -55.21 -26.02
C GLN B 261 14.12 -56.06 -27.28
N ASN B 262 15.38 -56.20 -27.70
CA ASN B 262 15.74 -56.95 -28.92
C ASN B 262 14.85 -56.62 -30.13
N VAL B 263 14.61 -55.33 -30.33
CA VAL B 263 13.78 -54.86 -31.44
C VAL B 263 14.59 -54.92 -32.72
N PHE B 264 14.17 -55.80 -33.64
CA PHE B 264 14.88 -56.01 -34.89
C PHE B 264 14.62 -54.86 -35.88
N VAL B 265 15.69 -54.37 -36.48
CA VAL B 265 15.62 -53.40 -37.57
C VAL B 265 16.49 -53.93 -38.72
N PRO B 266 15.87 -54.27 -39.86
CA PRO B 266 16.61 -54.79 -41.01
C PRO B 266 17.58 -53.75 -41.59
N ASP B 267 18.66 -54.23 -42.22
CA ASP B 267 19.71 -53.37 -42.77
C ASP B 267 19.18 -52.28 -43.70
N GLU B 268 18.04 -52.55 -44.34
CA GLU B 268 17.41 -51.60 -45.26
C GLU B 268 16.76 -50.41 -44.55
N ASP B 269 16.44 -50.59 -43.27
CA ASP B 269 15.75 -49.55 -42.49
C ASP B 269 16.67 -48.73 -41.59
N ARG B 270 17.98 -48.92 -41.75
CA ARG B 270 18.95 -48.08 -41.05
C ARG B 270 19.25 -46.86 -41.90
N LEU B 271 19.24 -45.69 -41.28
CA LEU B 271 19.57 -44.44 -41.96
C LEU B 271 21.06 -44.39 -42.27
N PRO B 272 21.43 -44.37 -43.57
CA PRO B 272 22.83 -44.41 -44.00
C PRO B 272 23.57 -43.10 -43.77
N GLY B 273 22.83 -42.02 -43.58
CA GLY B 273 23.40 -40.69 -43.36
C GLY B 273 23.92 -40.46 -41.96
N VAL B 274 23.24 -41.03 -40.97
CA VAL B 274 23.65 -40.90 -39.58
C VAL B 274 24.74 -41.91 -39.23
N ASN B 275 25.99 -41.47 -39.26
CA ASN B 275 27.12 -42.29 -38.85
C ASN B 275 27.67 -41.88 -37.49
N SER B 276 27.70 -40.58 -37.24
CA SER B 276 27.87 -40.06 -35.89
C SER B 276 26.82 -38.99 -35.58
N PHE B 277 26.86 -38.49 -34.35
CA PHE B 277 25.88 -37.48 -33.91
C PHE B 277 26.03 -36.14 -34.62
N GLN B 278 27.22 -35.88 -35.16
CA GLN B 278 27.50 -34.66 -35.93
C GLN B 278 26.63 -34.53 -37.17
N ASP B 279 26.23 -35.68 -37.73
CA ASP B 279 25.35 -35.74 -38.90
C ASP B 279 23.94 -35.26 -38.58
N THR B 280 23.51 -35.50 -37.34
CA THR B 280 22.22 -35.04 -36.85
C THR B 280 22.17 -33.51 -36.79
N SER B 281 23.33 -32.91 -36.49
CA SER B 281 23.44 -31.45 -36.35
C SER B 281 23.38 -30.71 -37.71
N LYS B 282 22.55 -31.23 -38.60
CA LYS B 282 22.21 -30.56 -39.86
C LYS B 282 20.69 -30.54 -39.99
N VAL B 283 20.06 -31.56 -39.40
CA VAL B 283 18.61 -31.65 -39.27
C VAL B 283 18.15 -30.70 -38.17
N LEU B 284 18.87 -30.71 -37.05
CA LEU B 284 18.59 -29.83 -35.91
C LEU B 284 18.67 -28.35 -36.29
N ALA B 285 19.50 -28.04 -37.27
CA ALA B 285 19.66 -26.68 -37.78
C ALA B 285 18.35 -26.09 -38.31
N VAL B 286 17.51 -26.95 -38.87
CA VAL B 286 16.18 -26.56 -39.34
C VAL B 286 15.18 -26.67 -38.19
N SER B 287 15.31 -27.75 -37.42
CA SER B 287 14.42 -28.02 -36.29
C SER B 287 14.45 -26.92 -35.24
N ARG B 288 15.65 -26.39 -34.96
CA ARG B 288 15.82 -25.33 -33.97
C ARG B 288 15.21 -24.01 -34.46
N VAL B 289 15.33 -23.75 -35.77
CA VAL B 289 14.72 -22.58 -36.39
C VAL B 289 13.20 -22.67 -36.32
N MET B 290 12.67 -23.87 -36.55
CA MET B 290 11.22 -24.07 -36.60
C MET B 290 10.58 -23.99 -35.22
N VAL B 291 11.24 -24.59 -34.22
CA VAL B 291 10.78 -24.51 -32.83
C VAL B 291 10.80 -23.06 -32.37
N ALA B 292 11.82 -22.31 -32.80
CA ALA B 292 11.95 -20.89 -32.47
C ALA B 292 10.72 -20.09 -32.91
N TRP B 293 10.02 -20.59 -33.92
CA TRP B 293 8.85 -19.91 -34.46
C TRP B 293 7.54 -20.23 -33.72
N GLN B 294 7.58 -21.24 -32.86
CA GLN B 294 6.41 -21.60 -32.04
C GLN B 294 6.00 -20.49 -31.08
N PRO B 295 6.95 -19.96 -30.27
CA PRO B 295 6.60 -18.85 -29.38
C PRO B 295 6.10 -17.62 -30.15
N ILE B 296 6.74 -17.33 -31.28
CA ILE B 296 6.31 -16.23 -32.15
C ILE B 296 4.81 -16.35 -32.48
N GLY B 297 4.40 -17.56 -32.86
CA GLY B 297 3.01 -17.85 -33.14
C GLY B 297 2.14 -17.73 -31.90
N ILE B 298 2.48 -18.50 -30.87
CA ILE B 298 1.73 -18.54 -29.61
C ILE B 298 1.49 -17.13 -29.07
N SER B 299 2.56 -16.35 -28.96
CA SER B 299 2.49 -15.00 -28.41
C SER B 299 1.54 -14.10 -29.19
N MET B 300 1.53 -14.24 -30.52
CA MET B 300 0.59 -13.49 -31.37
C MET B 300 -0.84 -13.80 -30.97
N GLY B 301 -1.16 -15.09 -30.83
CA GLY B 301 -2.46 -15.54 -30.36
C GLY B 301 -2.80 -14.97 -28.99
N ILE B 302 -1.86 -15.11 -28.06
CA ILE B 302 -2.04 -14.58 -26.70
C ILE B 302 -2.39 -13.09 -26.74
N TYR B 303 -1.75 -12.35 -27.63
CA TYR B 303 -2.07 -10.93 -27.79
C TYR B 303 -3.47 -10.75 -28.37
N ASP B 304 -3.73 -11.37 -29.52
CA ASP B 304 -5.01 -11.25 -30.21
C ASP B 304 -6.18 -11.48 -29.26
N MET B 305 -6.03 -12.45 -28.37
CA MET B 305 -7.04 -12.74 -27.37
C MET B 305 -7.14 -11.63 -26.32
N CYS B 306 -6.00 -11.19 -25.82
CA CYS B 306 -5.96 -10.12 -24.82
C CYS B 306 -6.56 -8.82 -25.33
N HIS B 307 -6.20 -8.45 -26.57
CA HIS B 307 -6.66 -7.22 -27.19
C HIS B 307 -8.18 -7.15 -27.24
N ARG B 308 -8.81 -8.26 -27.62
CA ARG B 308 -10.26 -8.36 -27.64
C ARG B 308 -10.84 -8.36 -26.22
N TYR B 309 -10.29 -9.22 -25.36
CA TYR B 309 -10.79 -9.38 -23.99
C TYR B 309 -10.79 -8.08 -23.20
N LEU B 310 -9.69 -7.32 -23.27
CA LEU B 310 -9.58 -6.05 -22.56
C LEU B 310 -10.55 -5.00 -23.11
N LYS B 311 -11.02 -5.22 -24.33
CA LYS B 311 -11.94 -4.31 -25.00
C LYS B 311 -13.39 -4.74 -24.78
N GLU B 312 -13.61 -6.02 -24.49
CA GLU B 312 -14.94 -6.58 -24.25
C GLU B 312 -15.35 -6.54 -22.78
N ARG B 313 -14.43 -6.96 -21.91
CA ARG B 313 -14.68 -7.02 -20.48
C ARG B 313 -14.70 -5.62 -19.89
N LYS B 314 -15.78 -5.29 -19.21
CA LYS B 314 -15.94 -3.99 -18.60
C LYS B 314 -15.90 -4.09 -17.08
N GLN B 315 -15.18 -3.16 -16.46
CA GLN B 315 -15.07 -3.10 -15.00
C GLN B 315 -14.87 -1.65 -14.58
N PHE B 316 -15.53 -1.27 -13.48
CA PHE B 316 -15.54 0.12 -12.99
C PHE B 316 -16.19 1.07 -14.00
N GLY B 317 -17.06 0.54 -14.84
CA GLY B 317 -17.79 1.33 -15.84
C GLY B 317 -16.95 1.73 -17.04
N ALA B 318 -16.02 0.87 -17.42
CA ALA B 318 -15.15 1.10 -18.58
C ALA B 318 -14.50 -0.20 -19.02
N PRO B 319 -14.19 -0.33 -20.33
CA PRO B 319 -13.43 -1.50 -20.80
C PRO B 319 -12.06 -1.55 -20.12
N LEU B 320 -11.58 -2.75 -19.83
CA LEU B 320 -10.29 -2.93 -19.17
C LEU B 320 -9.16 -2.21 -19.90
N ALA B 321 -9.28 -2.12 -21.22
CA ALA B 321 -8.27 -1.50 -22.07
C ALA B 321 -8.16 0.02 -21.88
N ALA B 322 -8.99 0.58 -21.00
CA ALA B 322 -9.00 2.01 -20.73
C ALA B 322 -8.09 2.40 -19.57
N PHE B 323 -7.68 1.39 -18.79
CA PHE B 323 -6.89 1.64 -17.58
C PHE B 323 -5.40 1.61 -17.86
N GLN B 324 -4.68 2.58 -17.30
CA GLN B 324 -3.26 2.76 -17.54
C GLN B 324 -2.45 1.48 -17.34
N LEU B 325 -2.64 0.82 -16.18
CA LEU B 325 -1.92 -0.41 -15.87
C LEU B 325 -2.12 -1.49 -16.94
N ASN B 326 -3.36 -1.64 -17.41
CA ASN B 326 -3.66 -2.64 -18.43
C ASN B 326 -3.08 -2.30 -19.80
N GLN B 327 -3.01 -1.02 -20.13
CA GLN B 327 -2.45 -0.58 -21.40
C GLN B 327 -0.95 -0.86 -21.47
N GLN B 328 -0.24 -0.50 -20.40
CA GLN B 328 1.20 -0.72 -20.31
C GLN B 328 1.53 -2.21 -20.44
N LYS B 329 0.69 -3.06 -19.85
CA LYS B 329 0.85 -4.50 -19.97
C LYS B 329 0.63 -4.95 -21.40
N LEU B 330 -0.39 -4.39 -22.05
CA LEU B 330 -0.76 -4.78 -23.42
C LEU B 330 0.30 -4.36 -24.43
N VAL B 331 0.83 -3.15 -24.29
CA VAL B 331 1.82 -2.64 -25.24
C VAL B 331 3.20 -3.29 -25.06
N GLN B 332 3.51 -3.72 -23.84
CA GLN B 332 4.72 -4.50 -23.57
C GLN B 332 4.65 -5.83 -24.31
N MET B 333 3.45 -6.39 -24.34
CA MET B 333 3.19 -7.62 -25.10
C MET B 333 3.32 -7.35 -26.59
N LEU B 334 2.67 -6.29 -27.05
CA LEU B 334 2.72 -5.90 -28.46
C LEU B 334 4.15 -5.63 -28.92
N GLY B 335 4.94 -4.98 -28.05
CA GLY B 335 6.34 -4.72 -28.32
C GLY B 335 7.17 -5.97 -28.37
N ASN B 336 6.97 -6.85 -27.38
CA ASN B 336 7.65 -8.14 -27.34
C ASN B 336 7.35 -8.99 -28.57
N VAL B 337 6.12 -8.91 -29.07
CA VAL B 337 5.70 -9.68 -30.25
C VAL B 337 6.39 -9.21 -31.53
N GLN B 338 6.35 -7.90 -31.81
CA GLN B 338 6.95 -7.36 -33.02
C GLN B 338 8.43 -7.74 -33.14
N ALA B 339 9.15 -7.65 -32.02
CA ALA B 339 10.56 -8.02 -31.98
C ALA B 339 10.76 -9.52 -32.19
N MET B 340 9.96 -10.33 -31.50
CA MET B 340 10.02 -11.79 -31.63
C MET B 340 9.86 -12.24 -33.08
N PHE B 341 8.94 -11.61 -33.80
CA PHE B 341 8.71 -11.93 -35.20
C PHE B 341 9.92 -11.59 -36.06
N LEU B 342 10.36 -10.33 -35.99
CA LEU B 342 11.51 -9.86 -36.76
C LEU B 342 12.73 -10.75 -36.49
N MET B 343 12.87 -11.18 -35.25
CA MET B 343 13.96 -12.04 -34.83
C MET B 343 13.92 -13.37 -35.57
N GLY B 344 12.75 -14.02 -35.55
CA GLY B 344 12.55 -15.29 -36.25
C GLY B 344 12.64 -15.14 -37.75
N TRP B 345 12.13 -14.01 -38.26
CA TRP B 345 12.18 -13.73 -39.69
C TRP B 345 13.62 -13.62 -40.18
N ARG B 346 14.43 -12.87 -39.44
CA ARG B 346 15.84 -12.69 -39.75
C ARG B 346 16.57 -14.03 -39.73
N LEU B 347 16.23 -14.85 -38.75
CA LEU B 347 16.81 -16.17 -38.58
C LEU B 347 16.60 -17.03 -39.83
N CYS B 348 15.39 -16.97 -40.38
CA CYS B 348 15.07 -17.68 -41.63
C CYS B 348 15.93 -17.17 -42.78
N LYS B 349 16.02 -15.85 -42.90
CA LYS B 349 16.78 -15.22 -43.97
C LYS B 349 18.28 -15.46 -43.83
N LEU B 350 18.70 -15.93 -42.65
CA LEU B 350 20.07 -16.35 -42.44
C LEU B 350 20.28 -17.77 -42.93
N TYR B 351 19.31 -18.65 -42.67
CA TYR B 351 19.35 -20.03 -43.14
C TYR B 351 19.20 -20.08 -44.66
N GLU B 352 18.38 -19.18 -45.18
CA GLU B 352 18.09 -19.13 -46.62
C GLU B 352 19.33 -18.71 -47.40
N THR B 353 20.06 -17.72 -46.87
CA THR B 353 21.31 -17.26 -47.47
C THR B 353 22.46 -18.23 -47.21
N GLY B 354 22.21 -19.22 -46.36
CA GLY B 354 23.17 -20.30 -46.08
C GLY B 354 24.34 -19.91 -45.19
N GLN B 355 24.20 -18.78 -44.49
CA GLN B 355 25.26 -18.30 -43.60
C GLN B 355 24.90 -18.42 -42.11
N MET B 356 23.87 -19.20 -41.81
CA MET B 356 23.43 -19.41 -40.44
C MET B 356 24.30 -20.44 -39.72
N THR B 357 24.64 -20.13 -38.48
CA THR B 357 25.49 -20.97 -37.65
C THR B 357 24.73 -21.40 -36.38
N PRO B 358 25.00 -22.61 -35.88
CA PRO B 358 24.36 -23.16 -34.67
C PRO B 358 24.12 -22.11 -33.57
N GLY B 359 25.08 -21.21 -33.38
CA GLY B 359 25.00 -20.18 -32.33
C GLY B 359 23.92 -19.15 -32.58
N GLN B 360 23.76 -18.76 -33.84
CA GLN B 360 22.72 -17.82 -34.25
C GLN B 360 21.32 -18.41 -34.04
N ALA B 361 21.16 -19.67 -34.43
CA ALA B 361 19.91 -20.40 -34.26
C ALA B 361 19.61 -20.65 -32.79
N SER B 362 20.66 -20.94 -32.01
CA SER B 362 20.54 -21.16 -30.57
C SER B 362 20.17 -19.88 -29.84
N LEU B 363 20.67 -18.74 -30.32
CA LEU B 363 20.30 -17.44 -29.80
C LEU B 363 18.85 -17.16 -30.11
N GLY B 364 18.44 -17.49 -31.34
CA GLY B 364 17.08 -17.29 -31.80
C GLY B 364 16.06 -17.94 -30.90
N LYS B 365 16.13 -19.27 -30.78
CA LYS B 365 15.20 -20.02 -29.94
C LYS B 365 15.22 -19.51 -28.50
N ALA B 366 16.40 -19.36 -27.93
CA ALA B 366 16.55 -18.95 -26.54
C ALA B 366 15.87 -17.62 -26.26
N TRP B 367 16.27 -16.59 -27.02
CA TRP B 367 15.74 -15.23 -26.82
C TRP B 367 14.23 -15.17 -27.02
N ILE B 368 13.76 -15.71 -28.14
CA ILE B 368 12.34 -15.68 -28.48
C ILE B 368 11.49 -16.40 -27.42
N SER B 369 11.91 -17.61 -27.03
CA SER B 369 11.20 -18.38 -26.01
C SER B 369 11.15 -17.64 -24.67
N SER B 370 12.21 -16.89 -24.37
CA SER B 370 12.29 -16.12 -23.13
C SER B 370 11.28 -14.97 -23.10
N LYS B 371 11.17 -14.25 -24.22
CA LYS B 371 10.25 -13.12 -24.30
C LYS B 371 8.81 -13.59 -24.44
N ALA B 372 8.65 -14.78 -25.03
CA ALA B 372 7.34 -15.42 -25.12
C ALA B 372 6.79 -15.73 -23.74
N ARG B 373 7.67 -16.17 -22.83
CA ARG B 373 7.27 -16.42 -21.44
C ARG B 373 6.77 -15.14 -20.79
N GLU B 374 7.54 -14.06 -20.95
CA GLU B 374 7.18 -12.76 -20.41
C GLU B 374 5.84 -12.30 -20.97
N THR B 375 5.67 -12.42 -22.28
CA THR B 375 4.44 -12.05 -22.96
C THR B 375 3.25 -12.88 -22.47
N ALA B 376 3.49 -14.19 -22.29
CA ALA B 376 2.45 -15.10 -21.82
C ALA B 376 2.07 -14.82 -20.36
N SER B 377 3.07 -14.49 -19.55
CA SER B 377 2.87 -14.18 -18.15
C SER B 377 2.00 -12.93 -17.95
N LEU B 378 2.25 -11.91 -18.78
CA LEU B 378 1.46 -10.68 -18.75
C LEU B 378 0.04 -10.94 -19.24
N GLY B 379 -0.06 -11.64 -20.37
CA GLY B 379 -1.35 -11.99 -20.94
C GLY B 379 -2.24 -12.77 -19.99
N ARG B 380 -1.64 -13.69 -19.24
CA ARG B 380 -2.37 -14.54 -18.31
C ARG B 380 -2.98 -13.73 -17.18
N GLU B 381 -2.24 -12.77 -16.65
CA GLU B 381 -2.74 -11.94 -15.56
C GLU B 381 -3.73 -10.86 -16.02
N LEU B 382 -3.67 -10.52 -17.30
CA LEU B 382 -4.58 -9.52 -17.88
C LEU B 382 -6.04 -9.96 -17.89
N LEU B 383 -6.27 -11.26 -18.07
CA LEU B 383 -7.63 -11.79 -18.10
C LEU B 383 -8.16 -12.11 -16.70
N GLY B 384 -7.30 -11.97 -15.70
CA GLY B 384 -7.68 -12.18 -14.31
C GLY B 384 -8.15 -13.59 -14.03
N GLY B 385 -9.41 -13.72 -13.66
CA GLY B 385 -10.00 -15.03 -13.38
C GLY B 385 -9.95 -15.94 -14.58
N ASN B 386 -10.59 -15.51 -15.67
CA ASN B 386 -10.64 -16.27 -16.92
C ASN B 386 -9.25 -16.45 -17.55
N GLY B 387 -8.24 -15.88 -16.88
CA GLY B 387 -6.84 -16.05 -17.28
C GLY B 387 -6.30 -17.43 -16.93
N ILE B 388 -7.05 -18.19 -16.13
CA ILE B 388 -6.67 -19.56 -15.81
C ILE B 388 -7.54 -20.59 -16.56
N LEU B 389 -8.42 -20.08 -17.43
CA LEU B 389 -9.31 -20.94 -18.21
C LEU B 389 -8.82 -21.19 -19.63
N ALA B 390 -8.76 -22.47 -19.99
CA ALA B 390 -8.37 -22.91 -21.33
C ALA B 390 -9.41 -22.51 -22.36
N ASP B 391 -10.62 -22.20 -21.88
CA ASP B 391 -11.69 -21.67 -22.73
C ASP B 391 -11.26 -20.36 -23.39
N PHE B 392 -10.37 -19.63 -22.72
CA PHE B 392 -9.95 -18.32 -23.18
C PHE B 392 -8.53 -18.29 -23.74
N LEU B 393 -8.06 -19.46 -24.21
CA LEU B 393 -6.78 -19.60 -24.91
C LEU B 393 -5.53 -19.28 -24.09
N VAL B 394 -5.46 -18.06 -23.54
CA VAL B 394 -4.28 -17.55 -22.86
C VAL B 394 -3.72 -18.51 -21.83
N ALA B 395 -4.59 -19.03 -20.97
CA ALA B 395 -4.21 -20.00 -19.95
C ALA B 395 -3.57 -21.25 -20.53
N LYS B 396 -4.24 -21.81 -21.55
CA LYS B 396 -3.75 -22.99 -22.25
C LYS B 396 -2.40 -22.72 -22.89
N ALA B 397 -2.29 -21.58 -23.59
CA ALA B 397 -1.05 -21.19 -24.25
C ALA B 397 0.06 -20.85 -23.26
N PHE B 398 -0.32 -20.30 -22.12
CA PHE B 398 0.61 -20.01 -21.02
C PHE B 398 1.27 -21.31 -20.54
N CYS B 399 0.45 -22.34 -20.36
CA CYS B 399 0.93 -23.66 -20.01
C CYS B 399 1.66 -24.32 -21.17
N ASP B 400 1.07 -24.22 -22.36
CA ASP B 400 1.63 -24.83 -23.59
C ASP B 400 3.04 -24.37 -23.90
N LEU B 401 3.38 -23.17 -23.45
CA LEU B 401 4.67 -22.55 -23.76
C LEU B 401 5.80 -23.10 -22.90
N GLU B 402 5.48 -23.48 -21.67
CA GLU B 402 6.48 -23.94 -20.70
C GLU B 402 7.38 -25.09 -21.16
N PRO B 403 6.81 -26.15 -21.76
CA PRO B 403 7.69 -27.18 -22.32
C PRO B 403 8.55 -26.66 -23.47
N ILE B 404 7.99 -25.77 -24.29
CA ILE B 404 8.68 -25.21 -25.45
C ILE B 404 9.95 -24.43 -25.05
N TYR B 405 9.86 -23.75 -23.92
CA TYR B 405 11.00 -23.08 -23.30
C TYR B 405 12.13 -24.07 -23.01
N THR B 406 11.75 -25.31 -22.71
CA THR B 406 12.69 -26.36 -22.33
C THR B 406 13.10 -27.29 -23.48
N TYR B 407 12.12 -27.83 -24.21
CA TYR B 407 12.42 -28.82 -25.24
C TYR B 407 13.03 -28.21 -26.50
N GLU B 408 13.73 -29.05 -27.26
CA GLU B 408 14.57 -28.61 -28.40
C GLU B 408 15.71 -27.73 -27.91
N GLY B 409 16.33 -28.15 -26.82
CA GLY B 409 17.40 -27.40 -26.19
C GLY B 409 16.86 -26.40 -25.18
N THR B 410 17.11 -26.69 -23.91
CA THR B 410 16.72 -25.80 -22.82
C THR B 410 17.42 -24.44 -22.93
N TYR B 411 16.73 -23.38 -22.48
CA TYR B 411 17.24 -22.02 -22.53
C TYR B 411 18.72 -21.94 -22.14
N ASP B 412 19.06 -22.57 -21.01
CA ASP B 412 20.42 -22.54 -20.49
C ASP B 412 21.42 -23.20 -21.44
N ILE B 413 21.04 -24.33 -22.03
CA ILE B 413 21.89 -25.01 -23.01
C ILE B 413 22.11 -24.16 -24.26
N ASN B 414 21.03 -23.61 -24.81
CA ASN B 414 21.12 -22.74 -25.98
C ASN B 414 21.98 -21.51 -25.77
N THR B 415 21.75 -20.82 -24.64
CA THR B 415 22.54 -19.65 -24.29
C THR B 415 24.01 -19.98 -24.11
N LEU B 416 24.28 -21.24 -23.76
CA LEU B 416 25.65 -21.72 -23.66
C LEU B 416 26.25 -22.12 -25.03
N VAL B 417 25.39 -22.56 -25.95
CA VAL B 417 25.81 -22.85 -27.32
C VAL B 417 26.24 -21.57 -28.03
N THR B 418 25.39 -20.55 -27.93
CA THR B 418 25.70 -19.21 -28.42
C THR B 418 26.90 -18.63 -27.66
N GLY B 419 27.01 -18.99 -26.38
CA GLY B 419 28.14 -18.59 -25.55
C GLY B 419 29.45 -19.14 -26.08
N ARG B 420 29.48 -20.45 -26.31
CA ARG B 420 30.68 -21.13 -26.82
C ARG B 420 31.15 -20.58 -28.16
N GLU B 421 30.20 -20.31 -29.05
CA GLU B 421 30.52 -19.84 -30.40
C GLU B 421 31.13 -18.44 -30.42
N VAL B 422 30.56 -17.54 -29.62
CA VAL B 422 30.99 -16.14 -29.62
C VAL B 422 32.31 -15.94 -28.85
N THR B 423 32.40 -16.51 -27.65
CA THR B 423 33.59 -16.36 -26.80
C THR B 423 34.76 -17.21 -27.31
N GLY B 424 34.45 -18.40 -27.83
CA GLY B 424 35.46 -19.34 -28.28
C GLY B 424 35.81 -20.36 -27.21
N ILE B 425 35.22 -20.19 -26.03
CA ILE B 425 35.47 -21.09 -24.90
C ILE B 425 34.21 -21.86 -24.54
N ALA B 426 34.35 -23.19 -24.43
CA ALA B 426 33.23 -24.07 -24.09
C ALA B 426 33.04 -24.15 -22.57
N SER B 427 31.81 -23.89 -22.13
CA SER B 427 31.49 -23.94 -20.71
C SER B 427 30.22 -24.77 -20.44
N PHE B 428 30.21 -26.00 -20.92
CA PHE B 428 29.10 -26.91 -20.74
C PHE B 428 29.37 -27.87 -19.59
N LYS B 429 30.50 -28.57 -19.66
CA LYS B 429 30.92 -29.55 -18.66
C LYS B 429 31.16 -28.93 -17.28
N PRO B 430 31.03 -29.75 -16.21
CA PRO B 430 31.35 -29.30 -14.85
C PRO B 430 32.85 -29.22 -14.62
N ALA B 431 33.25 -28.89 -13.38
CA ALA B 431 34.65 -28.91 -12.99
C ALA B 431 35.17 -30.33 -12.84
N THR B 432 35.22 -30.83 -11.60
CA THR B 432 35.65 -32.19 -11.23
C THR B 432 37.06 -32.64 -11.69
N ARG B 433 37.41 -32.64 -12.88
N LYS C 17 -41.48 -4.93 35.33
CA LYS C 17 -40.73 -6.11 34.80
C LYS C 17 -41.29 -6.62 33.46
N SER C 18 -40.46 -7.37 32.75
CA SER C 18 -40.81 -7.99 31.46
C SER C 18 -39.83 -9.12 31.14
N SER C 19 -40.22 -10.01 30.21
CA SER C 19 -39.36 -11.08 29.74
C SER C 19 -38.13 -10.55 28.98
N TYR C 20 -38.22 -9.30 28.52
CA TYR C 20 -37.13 -8.66 27.78
C TYR C 20 -36.52 -7.46 28.51
N PHE C 21 -36.97 -7.20 29.73
CA PHE C 21 -36.51 -6.04 30.51
C PHE C 21 -35.05 -6.17 30.98
N ASP C 22 -34.65 -7.39 31.31
CA ASP C 22 -33.31 -7.66 31.84
C ASP C 22 -32.25 -7.83 30.75
N LEU C 23 -32.69 -8.13 29.52
CA LEU C 23 -31.80 -8.38 28.38
C LEU C 23 -30.84 -7.22 28.09
N PRO C 24 -29.56 -7.55 27.77
CA PRO C 24 -28.54 -6.55 27.49
C PRO C 24 -28.88 -5.65 26.30
N PRO C 25 -28.44 -4.37 26.34
CA PRO C 25 -28.67 -3.39 25.27
C PRO C 25 -28.32 -3.92 23.88
N MET C 26 -29.05 -3.44 22.88
CA MET C 26 -28.84 -3.84 21.49
C MET C 26 -27.51 -3.28 20.97
N GLU C 27 -26.76 -4.13 20.29
CA GLU C 27 -25.48 -3.75 19.68
C GLU C 27 -25.69 -2.63 18.66
N MET C 28 -24.77 -1.67 18.62
CA MET C 28 -24.85 -0.52 17.72
C MET C 28 -24.87 -0.90 16.24
N SER C 29 -24.34 -2.08 15.93
CA SER C 29 -24.34 -2.62 14.58
C SER C 29 -25.74 -2.96 14.07
N VAL C 30 -26.61 -3.37 15.00
CA VAL C 30 -27.99 -3.76 14.68
C VAL C 30 -28.97 -2.62 14.98
N ALA C 31 -28.74 -1.92 16.10
CA ALA C 31 -29.63 -0.85 16.57
C ALA C 31 -29.67 0.38 15.67
N PHE C 32 -28.52 0.74 15.11
CA PHE C 32 -28.42 1.88 14.19
C PHE C 32 -27.27 1.67 13.20
N PRO C 33 -27.56 0.97 12.08
CA PRO C 33 -26.54 0.59 11.11
C PRO C 33 -26.04 1.75 10.25
N GLN C 34 -26.90 2.74 10.03
CA GLN C 34 -26.61 3.84 9.10
C GLN C 34 -25.38 4.67 9.44
N ALA C 35 -25.06 4.75 10.74
CA ALA C 35 -23.94 5.58 11.21
C ALA C 35 -22.93 4.81 12.03
N THR C 36 -21.68 5.27 11.98
CA THR C 36 -20.57 4.67 12.72
C THR C 36 -20.38 5.43 14.04
N PRO C 37 -20.38 4.69 15.17
CA PRO C 37 -20.19 5.27 16.50
C PRO C 37 -18.78 5.82 16.73
N ALA C 38 -18.55 6.42 17.90
CA ALA C 38 -17.26 6.99 18.26
C ALA C 38 -16.22 5.93 18.60
N SER C 39 -16.67 4.69 18.82
CA SER C 39 -15.80 3.55 19.08
C SER C 39 -14.67 3.47 18.05
N THR C 40 -15.03 3.56 16.77
CA THR C 40 -14.07 3.76 15.70
C THR C 40 -14.07 5.27 15.41
N PHE C 41 -13.06 5.96 15.93
CA PHE C 41 -13.04 7.43 15.92
C PHE C 41 -12.90 8.04 14.52
N PRO C 42 -13.67 9.11 14.25
CA PRO C 42 -13.68 9.86 12.98
C PRO C 42 -12.31 10.38 12.53
N PRO C 43 -12.12 10.49 11.21
CA PRO C 43 -10.91 11.12 10.64
C PRO C 43 -10.89 12.63 10.87
N CYS C 44 -9.70 13.23 10.79
CA CYS C 44 -9.50 14.65 11.08
C CYS C 44 -9.90 15.56 9.92
N THR C 45 -11.19 15.92 9.89
CA THR C 45 -11.73 16.79 8.84
C THR C 45 -11.99 18.21 9.35
N SER C 46 -11.65 18.44 10.61
CA SER C 46 -11.83 19.75 11.26
C SER C 46 -10.65 20.68 10.97
N ASP C 47 -9.52 20.10 10.59
CA ASP C 47 -8.33 20.86 10.23
C ASP C 47 -8.48 21.39 8.80
N TYR C 48 -9.27 22.46 8.67
CA TYR C 48 -9.64 22.99 7.35
C TYR C 48 -8.68 24.08 6.87
N TYR C 49 -8.04 24.75 7.81
CA TYR C 49 -7.08 25.81 7.49
C TYR C 49 -5.63 25.30 7.55
N HIS C 50 -5.49 23.97 7.44
CA HIS C 50 -4.19 23.29 7.38
C HIS C 50 -3.21 23.78 8.44
N PHE C 51 -3.45 23.37 9.68
CA PHE C 51 -2.75 23.92 10.84
C PHE C 51 -1.32 23.44 11.07
N ASN C 52 -0.92 22.39 10.36
CA ASN C 52 0.45 21.89 10.45
C ASN C 52 1.51 22.91 10.03
N ASP C 53 1.07 23.96 9.33
CA ASP C 53 1.94 25.06 8.93
C ASP C 53 2.33 25.93 10.11
N LEU C 54 1.46 25.98 11.12
CA LEU C 54 1.70 26.78 12.32
C LEU C 54 2.49 26.02 13.37
N LEU C 55 2.71 24.73 13.13
CA LEU C 55 3.42 23.87 14.07
C LEU C 55 4.83 23.51 13.58
N THR C 56 5.73 23.24 14.52
CA THR C 56 7.09 22.82 14.19
C THR C 56 7.10 21.32 13.87
N PRO C 57 8.14 20.84 13.15
CA PRO C 57 8.26 19.41 12.84
C PRO C 57 8.08 18.51 14.07
N GLU C 58 8.67 18.91 15.19
CA GLU C 58 8.58 18.16 16.44
C GLU C 58 7.18 18.24 17.06
N GLU C 59 6.57 19.42 16.99
CA GLU C 59 5.21 19.63 17.48
C GLU C 59 4.21 18.77 16.71
N GLN C 60 4.41 18.69 15.39
CA GLN C 60 3.60 17.86 14.50
C GLN C 60 3.65 16.40 14.91
N ALA C 61 4.85 15.93 15.26
CA ALA C 61 5.08 14.54 15.66
C ALA C 61 4.39 14.20 16.97
N ILE C 62 4.37 15.14 17.92
CA ILE C 62 3.69 14.96 19.20
C ILE C 62 2.19 14.94 18.98
N ARG C 63 1.70 15.85 18.14
CA ARG C 63 0.29 15.91 17.79
C ARG C 63 -0.20 14.56 17.26
N LYS C 64 0.51 14.03 16.26
CA LYS C 64 0.17 12.76 15.64
C LYS C 64 0.23 11.59 16.64
N LYS C 65 1.28 11.56 17.45
CA LYS C 65 1.50 10.49 18.42
C LYS C 65 0.36 10.36 19.42
N VAL C 66 -0.03 11.49 20.01
CA VAL C 66 -1.11 11.53 21.00
C VAL C 66 -2.44 11.13 20.35
N ARG C 67 -2.75 11.74 19.21
CA ARG C 67 -3.99 11.46 18.47
C ARG C 67 -4.18 9.96 18.24
N GLU C 68 -3.13 9.30 17.75
CA GLU C 68 -3.18 7.85 17.50
C GLU C 68 -3.31 7.05 18.78
N CYS C 69 -2.55 7.43 19.81
CA CYS C 69 -2.56 6.72 21.10
C CYS C 69 -3.84 6.98 21.91
N MET C 70 -4.69 7.87 21.38
CA MET C 70 -5.99 8.15 21.98
C MET C 70 -7.12 7.42 21.24
N GLU C 71 -7.04 7.41 19.91
CA GLU C 71 -8.02 6.73 19.07
C GLU C 71 -7.94 5.21 19.19
N LYS C 72 -6.79 4.73 19.67
CA LYS C 72 -6.54 3.30 19.85
C LYS C 72 -6.93 2.81 21.24
N GLU C 73 -6.45 3.50 22.28
CA GLU C 73 -6.52 3.00 23.64
C GLU C 73 -7.66 3.56 24.48
N VAL C 74 -8.11 4.77 24.17
CA VAL C 74 -9.17 5.43 24.94
C VAL C 74 -10.52 5.39 24.22
N ALA C 75 -10.50 5.70 22.92
CA ALA C 75 -11.72 5.79 22.09
C ALA C 75 -12.72 4.63 22.22
N PRO C 76 -12.25 3.37 22.23
CA PRO C 76 -13.22 2.28 22.43
C PRO C 76 -13.85 2.25 23.83
N ILE C 77 -13.02 2.34 24.87
CA ILE C 77 -13.50 2.15 26.25
C ILE C 77 -14.16 3.38 26.89
N MET C 78 -13.91 4.56 26.33
CA MET C 78 -14.39 5.83 26.91
C MET C 78 -15.91 5.90 27.10
N THR C 79 -16.65 5.37 26.13
CA THR C 79 -18.11 5.38 26.17
C THR C 79 -18.65 4.68 27.41
N GLU C 80 -18.09 3.51 27.70
CA GLU C 80 -18.49 2.70 28.85
C GLU C 80 -18.18 3.37 30.20
N TYR C 81 -16.94 3.83 30.35
CA TYR C 81 -16.46 4.41 31.62
C TYR C 81 -17.05 5.77 31.94
N TRP C 82 -17.55 6.47 30.93
CA TRP C 82 -18.18 7.77 31.12
C TRP C 82 -19.55 7.61 31.77
N GLU C 83 -20.32 6.64 31.28
CA GLU C 83 -21.65 6.33 31.81
C GLU C 83 -21.58 5.92 33.28
N LYS C 84 -20.62 5.05 33.60
CA LYS C 84 -20.42 4.54 34.95
C LYS C 84 -19.80 5.57 35.88
N ALA C 85 -19.32 6.67 35.30
CA ALA C 85 -18.59 7.73 36.02
C ALA C 85 -17.35 7.20 36.77
N GLU C 86 -16.79 6.13 36.23
CA GLU C 86 -15.59 5.49 36.79
C GLU C 86 -14.35 5.84 35.99
N PHE C 87 -13.23 5.99 36.69
CA PHE C 87 -11.95 6.26 36.05
C PHE C 87 -11.31 4.99 35.49
N PRO C 88 -10.80 5.05 34.23
CA PRO C 88 -10.15 3.89 33.62
C PRO C 88 -8.68 3.80 34.02
N PHE C 89 -8.43 3.22 35.20
CA PHE C 89 -7.08 3.16 35.78
C PHE C 89 -6.07 2.39 34.92
N HIS C 90 -6.54 1.40 34.19
CA HIS C 90 -5.66 0.57 33.34
C HIS C 90 -5.18 1.31 32.09
N ILE C 91 -5.62 2.56 31.93
CA ILE C 91 -5.18 3.41 30.82
C ILE C 91 -4.02 4.32 31.24
N THR C 92 -3.90 4.55 32.55
CA THR C 92 -2.86 5.42 33.12
C THR C 92 -1.45 5.20 32.51
N PRO C 93 -0.92 3.96 32.56
CA PRO C 93 0.43 3.74 32.02
C PRO C 93 0.54 4.04 30.52
N LYS C 94 -0.55 3.87 29.79
CA LYS C 94 -0.59 4.16 28.35
C LYS C 94 -0.48 5.66 28.09
N LEU C 95 -1.03 6.46 29.00
CA LEU C 95 -0.95 7.93 28.92
C LEU C 95 0.45 8.42 29.27
N GLY C 96 1.06 7.80 30.27
CA GLY C 96 2.44 8.10 30.66
C GLY C 96 3.44 7.62 29.63
N ALA C 97 2.98 6.78 28.70
CA ALA C 97 3.79 6.29 27.59
C ALA C 97 3.82 7.28 26.43
N MET C 98 2.82 8.17 26.38
CA MET C 98 2.76 9.21 25.35
C MET C 98 3.85 10.27 25.56
N GLY C 99 4.24 10.47 26.82
CA GLY C 99 5.26 11.45 27.17
C GLY C 99 4.69 12.85 27.14
N VAL C 100 3.61 13.06 27.87
CA VAL C 100 2.90 14.35 27.91
C VAL C 100 2.88 14.93 29.31
N ALA C 101 2.81 14.06 30.32
CA ALA C 101 2.83 14.47 31.72
C ALA C 101 4.15 15.14 32.07
N GLY C 102 4.07 16.31 32.69
CA GLY C 102 5.23 17.17 32.91
C GLY C 102 5.23 18.30 31.90
N GLY C 103 5.19 17.90 30.62
CA GLY C 103 5.03 18.82 29.50
C GLY C 103 6.01 19.98 29.45
N SER C 104 5.61 21.11 30.05
CA SER C 104 6.40 22.32 30.04
C SER C 104 7.66 22.25 30.91
N ILE C 105 7.63 21.39 31.93
CA ILE C 105 8.75 21.25 32.87
C ILE C 105 10.00 20.72 32.17
N LYS C 106 11.11 21.45 32.34
CA LYS C 106 12.40 21.06 31.78
C LYS C 106 13.24 20.31 32.82
N GLY C 107 13.79 19.16 32.42
CA GLY C 107 14.55 18.31 33.31
C GLY C 107 13.66 17.52 34.27
N TYR C 108 14.28 16.97 35.31
CA TYR C 108 13.58 16.19 36.35
C TYR C 108 12.72 15.05 35.78
N GLY C 109 13.24 14.39 34.75
CA GLY C 109 12.57 13.25 34.12
C GLY C 109 11.30 13.61 33.34
N CYS C 110 11.16 14.89 33.00
CA CYS C 110 10.00 15.37 32.24
C CYS C 110 10.38 15.57 30.77
N PRO C 111 9.38 15.45 29.86
CA PRO C 111 9.60 15.55 28.41
C PRO C 111 10.25 16.86 27.94
N GLY C 112 9.92 17.98 28.62
CA GLY C 112 10.50 19.28 28.29
C GLY C 112 10.01 19.83 26.97
N LEU C 113 8.70 19.94 26.84
CA LEU C 113 8.07 20.39 25.61
C LEU C 113 7.88 21.90 25.61
N SER C 114 7.70 22.47 24.41
CA SER C 114 7.33 23.87 24.26
C SER C 114 5.86 24.07 24.64
N ILE C 115 5.51 25.30 25.04
CA ILE C 115 4.14 25.64 25.41
C ILE C 115 3.13 25.37 24.28
N THR C 116 3.57 25.58 23.03
CA THR C 116 2.75 25.28 21.85
C THR C 116 2.55 23.78 21.73
N ALA C 117 3.62 23.02 21.97
CA ALA C 117 3.58 21.55 21.90
C ALA C 117 2.71 20.95 23.01
N ASN C 118 2.89 21.45 24.24
CA ASN C 118 2.11 20.98 25.38
C ASN C 118 0.63 21.35 25.26
N ALA C 119 0.36 22.41 24.50
CA ALA C 119 -1.01 22.85 24.25
C ALA C 119 -1.69 22.00 23.17
N ILE C 120 -0.98 21.76 22.07
CA ILE C 120 -1.50 20.91 20.99
C ILE C 120 -1.67 19.46 21.45
N ALA C 121 -0.89 19.08 22.48
CA ALA C 121 -1.01 17.77 23.11
C ALA C 121 -2.33 17.65 23.85
N THR C 122 -2.63 18.66 24.67
CA THR C 122 -3.90 18.73 25.41
C THR C 122 -5.09 18.65 24.45
N ALA C 123 -4.99 19.37 23.34
CA ALA C 123 -6.03 19.41 22.32
C ALA C 123 -6.36 18.02 21.79
N GLU C 124 -5.34 17.32 21.33
CA GLU C 124 -5.53 16.00 20.71
C GLU C 124 -5.97 14.92 21.71
N ILE C 125 -5.94 15.25 23.00
CA ILE C 125 -6.52 14.39 24.04
C ILE C 125 -7.99 14.75 24.23
N ALA C 126 -8.24 16.03 24.50
CA ALA C 126 -9.61 16.53 24.71
C ALA C 126 -10.49 16.30 23.48
N ARG C 127 -9.85 16.19 22.32
CA ARG C 127 -10.51 15.85 21.06
C ARG C 127 -11.24 14.51 21.17
N VAL C 128 -10.54 13.50 21.66
CA VAL C 128 -11.09 12.15 21.83
C VAL C 128 -11.88 12.05 23.13
N ASP C 129 -11.29 12.53 24.22
CA ASP C 129 -11.99 12.58 25.50
C ASP C 129 -11.53 13.74 26.37
N ALA C 130 -12.50 14.55 26.80
CA ALA C 130 -12.24 15.69 27.68
C ALA C 130 -11.92 15.24 29.10
N SER C 131 -12.53 14.14 29.53
CA SER C 131 -12.31 13.59 30.87
C SER C 131 -10.84 13.27 31.11
N CYS C 132 -10.26 12.45 30.23
CA CYS C 132 -8.84 12.09 30.32
C CYS C 132 -7.91 13.30 30.11
N SER C 133 -8.43 14.34 29.46
CA SER C 133 -7.68 15.58 29.26
C SER C 133 -7.54 16.39 30.54
N THR C 134 -8.64 16.50 31.29
CA THR C 134 -8.65 17.22 32.57
C THR C 134 -7.81 16.47 33.60
N PHE C 135 -7.91 15.13 33.60
CA PHE C 135 -7.11 14.29 34.49
C PHE C 135 -5.63 14.65 34.41
N ILE C 136 -5.10 14.66 33.18
CA ILE C 136 -3.70 14.98 32.93
C ILE C 136 -3.38 16.44 33.22
N LEU C 137 -4.24 17.35 32.74
CA LEU C 137 -4.03 18.79 32.93
C LEU C 137 -3.91 19.19 34.40
N VAL C 138 -4.82 18.69 35.24
CA VAL C 138 -4.79 18.96 36.67
C VAL C 138 -3.53 18.36 37.30
N HIS C 139 -3.14 17.17 36.84
CA HIS C 139 -1.94 16.50 37.30
C HIS C 139 -0.66 17.21 36.85
N SER C 140 -0.59 17.55 35.56
CA SER C 140 0.64 18.05 34.95
C SER C 140 0.78 19.57 35.00
N SER C 141 -0.21 20.28 34.48
CA SER C 141 -0.13 21.74 34.36
C SER C 141 -0.43 22.47 35.67
N LEU C 142 -1.14 21.81 36.57
CA LEU C 142 -1.44 22.41 37.89
C LEU C 142 -0.64 21.77 39.02
N GLY C 143 -0.66 20.44 39.09
CA GLY C 143 0.08 19.72 40.12
C GLY C 143 1.58 19.82 39.92
N MET C 144 2.10 19.08 38.96
CA MET C 144 3.53 19.02 38.67
C MET C 144 4.20 20.38 38.53
N LEU C 145 3.56 21.29 37.79
CA LEU C 145 4.12 22.60 37.50
C LEU C 145 4.30 23.46 38.75
N THR C 146 3.34 23.38 39.67
CA THR C 146 3.41 24.09 40.95
C THR C 146 4.68 23.70 41.72
N ILE C 147 4.99 22.41 41.72
CA ILE C 147 6.23 21.89 42.31
C ILE C 147 7.46 22.39 41.53
N ALA C 148 7.35 22.40 40.20
CA ALA C 148 8.44 22.79 39.32
C ALA C 148 8.84 24.27 39.42
N LEU C 149 7.88 25.11 39.77
CA LEU C 149 8.13 26.56 39.84
C LEU C 149 8.23 27.09 41.26
N CYS C 150 7.43 26.53 42.17
CA CYS C 150 7.39 27.00 43.56
C CYS C 150 8.06 26.05 44.56
N GLY C 151 8.31 24.82 44.14
CA GLY C 151 8.98 23.86 44.99
C GLY C 151 10.48 24.11 45.10
N SER C 152 11.12 23.42 46.04
CA SER C 152 12.56 23.50 46.22
C SER C 152 13.25 22.48 45.31
N GLU C 153 14.54 22.67 45.06
CA GLU C 153 15.34 21.75 44.25
C GLU C 153 15.29 20.33 44.79
N ALA C 154 15.17 20.20 46.12
CA ALA C 154 15.06 18.91 46.78
C ALA C 154 13.73 18.22 46.49
N GLN C 155 12.67 19.03 46.36
CA GLN C 155 11.33 18.51 46.08
C GLN C 155 11.18 18.12 44.60
N LYS C 156 11.70 18.96 43.72
CA LYS C 156 11.63 18.73 42.27
C LYS C 156 12.30 17.41 41.88
N GLU C 157 13.49 17.18 42.44
CA GLU C 157 14.27 15.97 42.16
C GLU C 157 13.65 14.72 42.82
N LYS C 158 12.79 14.94 43.80
CA LYS C 158 12.19 13.83 44.56
C LYS C 158 10.89 13.32 43.96
N TYR C 159 9.97 14.23 43.63
CA TYR C 159 8.62 13.85 43.19
C TYR C 159 8.45 13.81 41.67
N LEU C 160 8.82 14.89 41.00
CA LEU C 160 8.59 15.06 39.56
C LEU C 160 8.86 13.84 38.66
N PRO C 161 10.05 13.19 38.80
CA PRO C 161 10.36 12.02 37.96
C PRO C 161 9.26 10.96 37.93
N SER C 162 8.71 10.63 39.10
CA SER C 162 7.67 9.62 39.23
C SER C 162 6.31 10.13 38.75
N LEU C 163 6.09 11.43 38.90
CA LEU C 163 4.84 12.06 38.48
C LEU C 163 4.74 12.17 36.95
N ALA C 164 5.88 12.38 36.30
CA ALA C 164 5.94 12.47 34.83
C ALA C 164 5.68 11.12 34.16
N GLN C 165 6.05 10.05 34.84
CA GLN C 165 5.85 8.68 34.34
C GLN C 165 4.48 8.12 34.70
N LEU C 166 3.72 8.89 35.49
CA LEU C 166 2.38 8.51 35.95
C LEU C 166 2.35 7.27 36.85
N ASN C 167 3.45 7.05 37.58
CA ASN C 167 3.48 6.04 38.64
C ASN C 167 2.82 6.62 39.90
N THR C 168 2.91 7.94 40.03
CA THR C 168 2.24 8.67 41.11
C THR C 168 1.39 9.80 40.51
N VAL C 169 0.22 10.02 41.11
CA VAL C 169 -0.74 11.00 40.61
C VAL C 169 -0.90 12.16 41.60
N ALA C 170 -0.82 13.38 41.09
CA ALA C 170 -0.95 14.58 41.92
C ALA C 170 -2.24 15.35 41.62
N CYS C 171 -2.70 16.12 42.61
CA CYS C 171 -3.91 16.93 42.46
C CYS C 171 -3.71 18.33 43.04
N TRP C 172 -4.50 19.27 42.55
CA TRP C 172 -4.38 20.68 42.92
C TRP C 172 -5.60 21.11 43.73
N ALA C 173 -5.35 21.63 44.93
CA ALA C 173 -6.43 21.94 45.86
C ALA C 173 -6.46 23.39 46.33
N LEU C 174 -7.07 24.26 45.52
CA LEU C 174 -7.21 25.68 45.87
C LEU C 174 -8.64 26.03 46.29
N THR C 175 -9.61 25.48 45.57
CA THR C 175 -11.03 25.81 45.75
C THR C 175 -11.62 25.24 47.03
N GLU C 176 -12.54 26.00 47.61
CA GLU C 176 -13.27 25.58 48.80
C GLU C 176 -14.78 25.76 48.56
N PRO C 177 -15.62 25.12 49.40
CA PRO C 177 -17.07 25.34 49.29
C PRO C 177 -17.44 26.80 49.52
N ASP C 178 -16.85 27.42 50.55
CA ASP C 178 -17.10 28.82 50.88
C ASP C 178 -16.45 29.79 49.89
N ASN C 179 -15.26 29.44 49.42
CA ASN C 179 -14.49 30.30 48.51
C ASN C 179 -14.15 29.62 47.19
N GLY C 180 -14.75 30.11 46.12
CA GLY C 180 -14.52 29.56 44.77
C GLY C 180 -13.86 30.54 43.84
N SER C 181 -14.64 31.46 43.30
CA SER C 181 -14.15 32.52 42.41
C SER C 181 -13.33 33.53 43.20
N ASP C 182 -13.74 33.79 44.44
CA ASP C 182 -12.96 34.58 45.38
C ASP C 182 -11.95 33.65 46.06
N ALA C 183 -11.01 33.15 45.27
CA ALA C 183 -10.04 32.14 45.72
C ALA C 183 -9.02 32.69 46.70
N SER C 184 -8.68 33.96 46.52
CA SER C 184 -7.67 34.62 47.35
C SER C 184 -8.09 34.84 48.81
N GLY C 185 -9.37 34.66 49.08
CA GLY C 185 -9.91 34.79 50.44
C GLY C 185 -10.30 33.47 51.08
N LEU C 186 -9.55 32.41 50.77
CA LEU C 186 -9.83 31.06 51.27
C LEU C 186 -9.67 30.94 52.79
N GLY C 187 -10.27 29.90 53.37
CA GLY C 187 -10.35 29.75 54.82
C GLY C 187 -9.70 28.51 55.44
N THR C 188 -8.93 27.77 54.65
CA THR C 188 -8.19 26.62 55.17
C THR C 188 -6.93 27.12 55.88
N THR C 189 -6.83 26.83 57.17
CA THR C 189 -5.74 27.36 58.00
C THR C 189 -4.52 26.44 58.03
N ALA C 190 -3.34 27.06 58.10
CA ALA C 190 -2.07 26.35 58.18
C ALA C 190 -1.31 26.79 59.43
N THR C 191 -1.71 26.24 60.57
CA THR C 191 -1.10 26.59 61.86
C THR C 191 0.28 25.97 62.03
N LYS C 192 1.26 26.80 62.38
CA LYS C 192 2.64 26.36 62.54
C LYS C 192 2.82 25.59 63.86
N VAL C 193 3.37 24.39 63.73
CA VAL C 193 3.70 23.56 64.88
C VAL C 193 5.20 23.22 64.82
N GLU C 194 5.72 22.55 65.86
CA GLU C 194 7.13 22.15 65.89
C GLU C 194 7.43 21.10 64.82
N GLY C 195 8.33 21.45 63.90
CA GLY C 195 8.77 20.54 62.86
C GLY C 195 7.95 20.56 61.58
N GLY C 196 6.82 21.28 61.60
CA GLY C 196 5.94 21.36 60.45
C GLY C 196 4.69 22.19 60.63
N TRP C 197 3.60 21.73 60.02
CA TRP C 197 2.33 22.46 60.00
C TRP C 197 1.15 21.56 60.32
N LYS C 198 0.05 22.16 60.78
CA LYS C 198 -1.20 21.46 60.98
C LYS C 198 -2.27 22.11 60.10
N ILE C 199 -2.61 21.42 59.01
CA ILE C 199 -3.60 21.95 58.05
C ILE C 199 -5.02 21.62 58.49
N ASN C 200 -5.83 22.66 58.64
CA ASN C 200 -7.24 22.52 59.04
C ASN C 200 -8.14 23.26 58.08
N GLY C 201 -9.15 22.57 57.54
CA GLY C 201 -10.11 23.18 56.63
C GLY C 201 -10.79 22.19 55.70
N GLN C 202 -11.52 22.73 54.72
CA GLN C 202 -12.26 21.90 53.76
C GLN C 202 -12.00 22.35 52.32
N LYS C 203 -12.03 21.38 51.41
CA LYS C 203 -11.83 21.63 49.98
C LYS C 203 -12.94 20.96 49.17
N ARG C 204 -13.24 21.53 48.01
CA ARG C 204 -14.27 20.99 47.12
C ARG C 204 -13.88 21.09 45.65
N TRP C 205 -14.18 20.03 44.90
CA TRP C 205 -14.03 19.97 43.43
C TRP C 205 -12.70 19.44 42.91
N ILE C 206 -11.81 19.03 43.82
CA ILE C 206 -10.46 18.64 43.44
C ILE C 206 -10.43 17.33 42.65
N GLY C 207 -9.98 17.43 41.41
CA GLY C 207 -9.86 16.26 40.53
C GLY C 207 -8.69 15.38 40.91
N ASN C 208 -8.92 14.07 40.85
CA ASN C 208 -7.93 13.04 41.20
C ASN C 208 -7.74 12.83 42.70
N SER C 209 -8.23 13.78 43.51
CA SER C 209 -8.05 13.78 44.97
C SER C 209 -8.34 12.45 45.66
N THR C 210 -9.35 11.73 45.18
CA THR C 210 -9.78 10.47 45.80
C THR C 210 -8.76 9.33 45.64
N PHE C 211 -7.82 9.48 44.71
CA PHE C 211 -6.79 8.46 44.48
C PHE C 211 -5.37 9.04 44.31
N ALA C 212 -5.24 10.35 44.45
CA ALA C 212 -3.96 11.04 44.25
C ALA C 212 -2.97 10.73 45.36
N ASP C 213 -1.71 10.52 44.98
CA ASP C 213 -0.63 10.27 45.93
C ASP C 213 -0.16 11.57 46.57
N LEU C 214 -0.10 12.62 45.75
CA LEU C 214 0.29 13.95 46.20
C LEU C 214 -0.88 14.90 46.11
N LEU C 215 -1.13 15.62 47.20
CA LEU C 215 -2.22 16.59 47.26
C LEU C 215 -1.66 17.97 47.54
N ILE C 216 -1.46 18.76 46.48
CA ILE C 216 -0.97 20.13 46.64
C ILE C 216 -2.11 21.01 47.16
N ILE C 217 -2.19 21.10 48.49
CA ILE C 217 -3.25 21.82 49.17
C ILE C 217 -2.77 23.22 49.53
N PHE C 218 -3.57 24.22 49.14
CA PHE C 218 -3.31 25.61 49.48
C PHE C 218 -4.04 25.97 50.76
N ALA C 219 -3.29 26.54 51.70
CA ALA C 219 -3.83 26.91 53.00
C ALA C 219 -3.31 28.27 53.45
N ARG C 220 -3.96 28.84 54.47
CA ARG C 220 -3.60 30.16 54.98
C ARG C 220 -2.62 30.05 56.14
N ASN C 221 -1.38 30.49 55.89
CA ASN C 221 -0.34 30.59 56.91
C ASN C 221 -0.79 31.52 58.01
N THR C 222 -1.23 30.96 59.14
CA THR C 222 -1.82 31.73 60.24
C THR C 222 -0.90 32.78 60.86
N THR C 223 0.41 32.60 60.67
CA THR C 223 1.40 33.55 61.18
C THR C 223 1.51 34.80 60.31
N THR C 224 1.55 34.60 58.98
CA THR C 224 1.70 35.71 58.04
C THR C 224 0.36 36.20 57.47
N ASN C 225 -0.70 35.41 57.71
CA ASN C 225 -2.04 35.64 57.15
C ASN C 225 -2.06 35.61 55.62
N GLN C 226 -1.12 34.85 55.05
CA GLN C 226 -0.98 34.71 53.60
C GLN C 226 -1.19 33.27 53.16
N ILE C 227 -1.25 33.07 51.85
CA ILE C 227 -1.54 31.76 51.28
C ILE C 227 -0.22 31.02 50.98
N ASN C 228 -0.10 29.80 51.50
CA ASN C 228 1.08 28.96 51.27
C ASN C 228 0.74 27.62 50.63
N GLY C 229 1.72 27.03 49.94
CA GLY C 229 1.54 25.74 49.28
C GLY C 229 2.10 24.59 50.08
N PHE C 230 1.33 23.50 50.15
CA PHE C 230 1.71 22.33 50.93
C PHE C 230 1.52 21.04 50.15
N ILE C 231 2.53 20.18 50.19
CA ILE C 231 2.43 18.86 49.56
C ILE C 231 1.93 17.86 50.61
N VAL C 232 0.66 17.50 50.50
CA VAL C 232 0.04 16.55 51.41
C VAL C 232 0.03 15.15 50.79
N LYS C 233 0.59 14.19 51.52
CA LYS C 233 0.68 12.81 51.04
C LYS C 233 -0.66 12.09 51.15
N LYS C 234 -0.81 11.01 50.37
CA LYS C 234 -2.01 10.18 50.37
C LYS C 234 -2.19 9.49 51.72
N ASP C 235 -3.45 9.21 52.08
CA ASP C 235 -3.81 8.47 53.29
C ASP C 235 -3.40 9.13 54.62
N ALA C 236 -2.75 10.29 54.54
CA ALA C 236 -2.27 11.01 55.71
C ALA C 236 -3.36 11.14 56.79
N PRO C 237 -3.02 10.81 58.05
CA PRO C 237 -3.99 10.84 59.15
C PRO C 237 -4.70 12.19 59.27
N GLY C 238 -6.04 12.15 59.28
CA GLY C 238 -6.85 13.36 59.35
C GLY C 238 -7.40 13.79 57.99
N LEU C 239 -6.90 13.17 56.92
CA LEU C 239 -7.32 13.49 55.57
C LEU C 239 -8.40 12.53 55.08
N LYS C 240 -9.46 13.08 54.50
CA LYS C 240 -10.57 12.31 53.98
C LYS C 240 -11.15 12.96 52.71
N ALA C 241 -10.88 12.32 51.57
CA ALA C 241 -11.39 12.81 50.28
C ALA C 241 -12.46 11.89 49.71
N THR C 242 -13.69 12.41 49.65
CA THR C 242 -14.84 11.64 49.19
C THR C 242 -15.30 12.09 47.81
N LYS C 243 -15.70 11.14 46.98
CA LYS C 243 -16.11 11.39 45.59
C LYS C 243 -17.36 12.29 45.48
N ILE C 244 -17.30 13.26 44.58
CA ILE C 244 -18.46 14.08 44.24
C ILE C 244 -19.23 13.39 43.11
N PRO C 245 -20.50 13.03 43.38
CA PRO C 245 -21.33 12.31 42.42
C PRO C 245 -22.24 13.21 41.59
N ASN C 246 -22.92 12.61 40.61
CA ASN C 246 -24.01 13.24 39.85
C ASN C 246 -23.59 14.38 38.91
N LYS C 247 -22.35 14.33 38.43
CA LYS C 247 -21.86 15.28 37.44
C LYS C 247 -22.41 14.94 36.05
N ILE C 248 -22.76 15.97 35.28
CA ILE C 248 -23.23 15.75 33.92
C ILE C 248 -22.08 15.79 32.91
N GLY C 249 -20.95 16.36 33.31
CA GLY C 249 -19.76 16.44 32.46
C GLY C 249 -18.51 15.98 33.18
N LEU C 250 -17.46 15.71 32.40
CA LEU C 250 -16.19 15.17 32.92
C LEU C 250 -16.41 14.10 33.98
N ARG C 251 -17.20 13.08 33.61
CA ARG C 251 -17.67 12.07 34.55
C ARG C 251 -16.59 11.10 35.02
N MET C 252 -15.60 10.86 34.16
CA MET C 252 -14.49 9.97 34.49
C MET C 252 -13.51 10.62 35.47
N VAL C 253 -13.40 11.94 35.40
CA VAL C 253 -12.56 12.72 36.32
C VAL C 253 -13.09 12.58 37.74
N GLN C 254 -12.30 11.97 38.61
CA GLN C 254 -12.71 11.76 39.99
C GLN C 254 -12.54 13.03 40.82
N ASN C 255 -13.58 13.86 40.83
CA ASN C 255 -13.60 15.09 41.64
C ASN C 255 -14.12 14.79 43.03
N GLY C 256 -13.52 15.40 44.04
CA GLY C 256 -13.85 15.08 45.43
C GLY C 256 -13.86 16.22 46.43
N ASP C 257 -14.57 15.99 47.54
CA ASP C 257 -14.57 16.90 48.68
C ASP C 257 -13.48 16.45 49.64
N ILE C 258 -12.56 17.35 49.97
CA ILE C 258 -11.45 17.04 50.87
C ILE C 258 -11.71 17.60 52.28
N LEU C 259 -11.58 16.72 53.28
CA LEU C 259 -11.61 17.15 54.67
C LEU C 259 -10.22 17.10 55.29
N LEU C 260 -9.92 18.10 56.11
CA LEU C 260 -8.60 18.21 56.75
C LEU C 260 -8.71 18.53 58.23
N GLN C 261 -8.39 17.55 59.07
CA GLN C 261 -8.39 17.71 60.53
C GLN C 261 -7.02 17.42 61.10
N ASN C 262 -6.34 18.47 61.55
CA ASN C 262 -4.97 18.39 62.08
C ASN C 262 -4.02 17.54 61.23
N VAL C 263 -4.08 17.75 59.92
CA VAL C 263 -3.23 17.01 58.98
C VAL C 263 -1.81 17.58 59.02
N PHE C 264 -0.89 16.76 59.49
CA PHE C 264 0.51 17.18 59.64
C PHE C 264 1.22 17.21 58.30
N VAL C 265 1.94 18.32 58.06
CA VAL C 265 2.83 18.46 56.91
C VAL C 265 4.18 18.94 57.43
N PRO C 266 5.22 18.09 57.29
CA PRO C 266 6.57 18.45 57.76
C PRO C 266 7.15 19.65 57.00
N ASP C 267 8.03 20.38 57.67
CA ASP C 267 8.64 21.59 57.10
C ASP C 267 9.27 21.38 55.71
N GLU C 268 9.72 20.15 55.45
CA GLU C 268 10.33 19.79 54.18
C GLU C 268 9.33 19.70 53.02
N ASP C 269 8.06 19.50 53.35
CA ASP C 269 7.01 19.33 52.34
C ASP C 269 6.17 20.60 52.09
N ARG C 270 6.61 21.73 52.65
CA ARG C 270 6.00 23.02 52.34
C ARG C 270 6.69 23.62 51.13
N LEU C 271 5.90 24.11 50.18
CA LEU C 271 6.42 24.77 49.00
C LEU C 271 7.00 26.13 49.37
N PRO C 272 8.32 26.31 49.20
CA PRO C 272 9.01 27.53 49.59
C PRO C 272 8.73 28.72 48.68
N GLY C 273 8.23 28.45 47.48
CA GLY C 273 7.93 29.48 46.49
C GLY C 273 6.63 30.22 46.77
N VAL C 274 5.63 29.50 47.28
CA VAL C 274 4.34 30.11 47.60
C VAL C 274 4.36 30.75 48.98
N ASN C 275 4.37 32.09 49.01
CA ASN C 275 4.38 32.83 50.25
C ASN C 275 3.33 33.93 50.29
N SER C 276 2.82 34.28 49.11
CA SER C 276 1.45 34.78 48.99
C SER C 276 0.77 34.24 47.74
N PHE C 277 -0.49 34.60 47.55
CA PHE C 277 -1.27 34.11 46.40
C PHE C 277 -0.75 34.65 45.07
N GLN C 278 -0.04 35.78 45.10
CA GLN C 278 0.55 36.37 43.90
C GLN C 278 1.57 35.45 43.22
N ASP C 279 2.21 34.61 44.03
CA ASP C 279 3.19 33.62 43.55
C ASP C 279 2.53 32.52 42.71
N THR C 280 1.29 32.18 43.07
CA THR C 280 0.48 31.23 42.31
C THR C 280 0.18 31.74 40.90
N SER C 281 0.00 33.06 40.79
CA SER C 281 -0.33 33.71 39.52
C SER C 281 0.85 33.74 38.53
N LYS C 282 1.64 32.67 38.53
CA LYS C 282 2.69 32.44 37.54
C LYS C 282 2.51 31.03 37.00
N VAL C 283 1.98 30.16 37.86
CA VAL C 283 1.59 28.79 37.50
C VAL C 283 0.29 28.85 36.72
N LEU C 284 -0.65 29.66 37.20
CA LEU C 284 -1.94 29.86 36.55
C LEU C 284 -1.80 30.41 35.13
N ALA C 285 -0.74 31.18 34.91
CA ALA C 285 -0.43 31.74 33.59
C ALA C 285 -0.28 30.67 32.51
N VAL C 286 0.24 29.51 32.91
CA VAL C 286 0.38 28.37 32.01
C VAL C 286 -0.91 27.55 32.04
N SER C 287 -1.45 27.38 33.24
CA SER C 287 -2.67 26.60 33.45
C SER C 287 -3.87 27.15 32.68
N ARG C 288 -3.99 28.48 32.62
CA ARG C 288 -5.07 29.15 31.92
C ARG C 288 -4.93 29.00 30.40
N VAL C 289 -3.70 29.05 29.92
CA VAL C 289 -3.40 28.81 28.50
C VAL C 289 -3.75 27.37 28.11
N MET C 290 -3.43 26.42 28.99
CA MET C 290 -3.62 25.01 28.69
C MET C 290 -5.09 24.62 28.72
N VAL C 291 -5.84 25.14 29.69
CA VAL C 291 -7.28 24.92 29.77
C VAL C 291 -7.97 25.52 28.54
N ALA C 292 -7.48 26.67 28.10
CA ALA C 292 -7.99 27.34 26.90
C ALA C 292 -7.92 26.45 25.66
N TRP C 293 -6.99 25.49 25.68
CA TRP C 293 -6.82 24.57 24.56
C TRP C 293 -7.75 23.36 24.58
N GLN C 294 -8.41 23.12 25.70
CA GLN C 294 -9.36 22.02 25.82
C GLN C 294 -10.55 22.15 24.88
N PRO C 295 -11.24 23.31 24.88
CA PRO C 295 -12.34 23.50 23.94
C PRO C 295 -11.89 23.39 22.49
N ILE C 296 -10.71 23.93 22.18
CA ILE C 296 -10.12 23.83 20.83
C ILE C 296 -10.06 22.36 20.40
N GLY C 297 -9.61 21.50 21.29
CA GLY C 297 -9.55 20.07 21.04
C GLY C 297 -10.94 19.47 20.92
N ILE C 298 -11.75 19.65 21.96
CA ILE C 298 -13.11 19.11 22.02
C ILE C 298 -13.90 19.44 20.76
N SER C 299 -13.93 20.72 20.40
CA SER C 299 -14.68 21.21 19.26
C SER C 299 -14.25 20.57 17.94
N MET C 300 -12.96 20.33 17.79
CA MET C 300 -12.43 19.63 16.62
C MET C 300 -13.05 18.24 16.52
N GLY C 301 -13.03 17.50 17.64
CA GLY C 301 -13.67 16.19 17.73
C GLY C 301 -15.15 16.24 17.39
N ILE C 302 -15.85 17.17 18.03
CA ILE C 302 -17.28 17.38 17.77
C ILE C 302 -17.55 17.59 16.28
N TYR C 303 -16.68 18.35 15.61
CA TYR C 303 -16.81 18.53 14.16
C TYR C 303 -16.55 17.24 13.42
N ASP C 304 -15.38 16.63 13.66
CA ASP C 304 -14.99 15.39 12.99
C ASP C 304 -16.10 14.35 13.01
N MET C 305 -16.78 14.25 14.15
CA MET C 305 -17.91 13.34 14.30
C MET C 305 -19.11 13.77 13.46
N CYS C 306 -19.45 15.05 13.54
CA CYS C 306 -20.57 15.60 12.79
C CYS C 306 -20.39 15.45 11.28
N HIS C 307 -19.19 15.75 10.80
CA HIS C 307 -18.87 15.68 9.38
C HIS C 307 -19.14 14.29 8.80
N ARG C 308 -18.71 13.27 9.55
CA ARG C 308 -18.97 11.89 9.15
C ARG C 308 -20.45 11.52 9.28
N TYR C 309 -21.04 11.84 10.43
CA TYR C 309 -22.42 11.49 10.71
C TYR C 309 -23.40 12.05 9.68
N LEU C 310 -23.24 13.33 9.35
CA LEU C 310 -24.11 13.99 8.36
C LEU C 310 -23.93 13.41 6.95
N LYS C 311 -22.80 12.73 6.74
CA LYS C 311 -22.49 12.11 5.46
C LYS C 311 -22.91 10.64 5.43
N GLU C 312 -23.02 10.03 6.60
CA GLU C 312 -23.42 8.63 6.73
C GLU C 312 -24.93 8.44 6.88
N ARG C 313 -25.52 9.25 7.77
CA ARG C 313 -26.95 9.18 8.04
C ARG C 313 -27.75 9.74 6.87
N LYS C 314 -28.67 8.93 6.36
CA LYS C 314 -29.51 9.33 5.23
C LYS C 314 -30.95 9.52 5.67
N GLN C 315 -31.56 10.59 5.19
CA GLN C 315 -32.96 10.90 5.49
C GLN C 315 -33.57 11.66 4.30
N PHE C 316 -34.82 11.32 3.98
CA PHE C 316 -35.51 11.88 2.80
C PHE C 316 -34.80 11.48 1.50
N GLY C 317 -34.06 10.38 1.54
CA GLY C 317 -33.36 9.87 0.36
C GLY C 317 -32.10 10.64 -0.01
N ALA C 318 -31.42 11.16 1.00
CA ALA C 318 -30.17 11.89 0.82
C ALA C 318 -29.40 11.98 2.14
N PRO C 319 -28.06 12.05 2.07
CA PRO C 319 -27.29 12.28 3.30
C PRO C 319 -27.67 13.60 3.93
N LEU C 320 -27.65 13.65 5.26
CA LEU C 320 -28.02 14.86 5.99
C LEU C 320 -27.21 16.08 5.54
N ALA C 321 -25.96 15.84 5.13
CA ALA C 321 -25.05 16.88 4.69
C ALA C 321 -25.45 17.55 3.38
N ALA C 322 -26.56 17.09 2.79
CA ALA C 322 -27.04 17.64 1.51
C ALA C 322 -28.05 18.76 1.71
N PHE C 323 -28.57 18.87 2.93
CA PHE C 323 -29.62 19.85 3.24
C PHE C 323 -29.06 21.19 3.69
N GLN C 324 -29.62 22.26 3.14
CA GLN C 324 -29.14 23.62 3.40
C GLN C 324 -28.98 23.93 4.88
N LEU C 325 -30.03 23.67 5.67
CA LEU C 325 -29.99 23.93 7.11
C LEU C 325 -28.82 23.22 7.80
N ASN C 326 -28.59 21.97 7.43
CA ASN C 326 -27.50 21.20 8.02
C ASN C 326 -26.11 21.69 7.62
N GLN C 327 -25.99 22.17 6.40
CA GLN C 327 -24.72 22.68 5.90
C GLN C 327 -24.31 23.95 6.63
N GLN C 328 -25.26 24.88 6.76
CA GLN C 328 -25.04 26.14 7.45
C GLN C 328 -24.63 25.92 8.90
N LYS C 329 -25.21 24.90 9.53
CA LYS C 329 -24.85 24.50 10.89
C LYS C 329 -23.42 23.96 10.93
N LEU C 330 -23.09 23.13 9.94
CA LEU C 330 -21.78 22.49 9.89
C LEU C 330 -20.66 23.50 9.62
N VAL C 331 -20.88 24.44 8.71
CA VAL C 331 -19.85 25.42 8.36
C VAL C 331 -19.64 26.48 9.44
N GLN C 332 -20.70 26.75 10.21
CA GLN C 332 -20.61 27.63 11.37
C GLN C 332 -19.71 27.00 12.42
N MET C 333 -19.81 25.68 12.56
CA MET C 333 -18.93 24.92 13.43
C MET C 333 -17.50 24.95 12.90
N LEU C 334 -17.35 24.67 11.61
CA LEU C 334 -16.04 24.67 10.96
C LEU C 334 -15.36 26.04 11.08
N GLY C 335 -16.14 27.10 10.91
CA GLY C 335 -15.66 28.47 11.07
C GLY C 335 -15.25 28.77 12.50
N ASN C 336 -16.10 28.40 13.45
CA ASN C 336 -15.81 28.57 14.87
C ASN C 336 -14.53 27.85 15.29
N VAL C 337 -14.32 26.67 14.71
CA VAL C 337 -13.14 25.85 15.03
C VAL C 337 -11.83 26.50 14.54
N GLN C 338 -11.79 26.90 13.27
CA GLN C 338 -10.58 27.49 12.69
C GLN C 338 -10.11 28.71 13.50
N ALA C 339 -11.07 29.55 13.89
CA ALA C 339 -10.78 30.73 14.70
C ALA C 339 -10.29 30.35 16.10
N MET C 340 -10.99 29.41 16.74
CA MET C 340 -10.61 28.93 18.06
C MET C 340 -9.17 28.44 18.12
N PHE C 341 -8.76 27.71 17.08
CA PHE C 341 -7.40 27.21 17.00
C PHE C 341 -6.39 28.34 16.89
N LEU C 342 -6.58 29.21 15.89
CA LEU C 342 -5.68 30.35 15.67
C LEU C 342 -5.55 31.19 16.94
N MET C 343 -6.66 31.31 17.66
CA MET C 343 -6.71 32.07 18.90
C MET C 343 -5.79 31.47 19.95
N GLY C 344 -5.93 30.16 20.17
CA GLY C 344 -5.10 29.43 21.12
C GLY C 344 -3.65 29.36 20.69
N TRP C 345 -3.43 29.23 19.38
CA TRP C 345 -2.09 29.20 18.81
C TRP C 345 -1.35 30.51 19.08
N ARG C 346 -2.03 31.62 18.81
CA ARG C 346 -1.48 32.95 19.04
C ARG C 346 -1.15 33.16 20.51
N LEU C 347 -2.04 32.68 21.38
CA LEU C 347 -1.87 32.76 22.82
C LEU C 347 -0.57 32.10 23.28
N CYS C 348 -0.28 30.94 22.71
CA CYS C 348 0.97 30.23 22.98
C CYS C 348 2.17 31.06 22.55
N LYS C 349 2.09 31.59 21.33
CA LYS C 349 3.19 32.39 20.76
C LYS C 349 3.38 33.71 21.50
N LEU C 350 2.40 34.08 22.32
CA LEU C 350 2.52 35.23 23.22
C LEU C 350 3.26 34.85 24.49
N TYR C 351 2.95 33.67 25.03
CA TYR C 351 3.64 33.15 26.21
C TYR C 351 5.08 32.82 25.88
N GLU C 352 5.30 32.31 24.68
CA GLU C 352 6.61 31.87 24.22
C GLU C 352 7.56 33.07 24.07
N THR C 353 7.02 34.16 23.51
CA THR C 353 7.78 35.40 23.36
C THR C 353 7.90 36.16 24.69
N GLY C 354 7.19 35.68 25.71
CA GLY C 354 7.27 36.22 27.08
C GLY C 354 6.57 37.54 27.30
N GLN C 355 5.69 37.92 26.37
CA GLN C 355 4.96 39.18 26.45
C GLN C 355 3.47 38.99 26.77
N MET C 356 3.10 37.79 27.20
CA MET C 356 1.71 37.49 27.55
C MET C 356 1.35 38.01 28.93
N THR C 357 0.17 38.60 29.03
CA THR C 357 -0.34 39.18 30.28
C THR C 357 -1.64 38.50 30.69
N PRO C 358 -1.90 38.37 32.01
CA PRO C 358 -3.10 37.75 32.56
C PRO C 358 -4.37 38.03 31.76
N GLY C 359 -4.52 39.27 31.28
CA GLY C 359 -5.70 39.69 30.53
C GLY C 359 -5.84 39.02 29.18
N GLN C 360 -4.71 38.85 28.48
CA GLN C 360 -4.67 38.17 27.19
C GLN C 360 -5.05 36.70 27.33
N ALA C 361 -4.50 36.05 28.35
CA ALA C 361 -4.80 34.66 28.65
C ALA C 361 -6.25 34.49 29.10
N SER C 362 -6.74 35.45 29.88
CA SER C 362 -8.13 35.44 30.35
C SER C 362 -9.11 35.66 29.21
N LEU C 363 -8.71 36.47 28.23
CA LEU C 363 -9.51 36.64 27.02
C LEU C 363 -9.52 35.36 26.21
N GLY C 364 -8.35 34.72 26.11
CA GLY C 364 -8.21 33.46 25.39
C GLY C 364 -9.19 32.41 25.86
N LYS C 365 -9.08 32.02 27.12
CA LYS C 365 -9.95 31.00 27.70
C LYS C 365 -11.42 31.37 27.55
N ALA C 366 -11.77 32.60 27.92
CA ALA C 366 -13.16 33.06 27.90
C ALA C 366 -13.76 32.93 26.50
N TRP C 367 -13.13 33.56 25.53
CA TRP C 367 -13.63 33.59 24.16
C TRP C 367 -13.74 32.19 23.56
N ILE C 368 -12.66 31.42 23.65
CA ILE C 368 -12.61 30.07 23.10
C ILE C 368 -13.68 29.17 23.70
N SER C 369 -13.78 29.17 25.04
CA SER C 369 -14.79 28.36 25.74
C SER C 369 -16.21 28.75 25.32
N SER C 370 -16.41 30.05 25.05
CA SER C 370 -17.71 30.55 24.63
C SER C 370 -18.11 30.02 23.25
N LYS C 371 -17.16 30.04 22.32
CA LYS C 371 -17.45 29.59 20.96
C LYS C 371 -17.52 28.07 20.89
N ALA C 372 -16.81 27.42 21.81
CA ALA C 372 -16.87 25.97 21.95
C ALA C 372 -18.26 25.52 22.35
N ARG C 373 -18.90 26.29 23.24
CA ARG C 373 -20.28 26.01 23.64
C ARG C 373 -21.21 26.10 22.44
N GLU C 374 -21.08 27.17 21.66
CA GLU C 374 -21.88 27.37 20.46
C GLU C 374 -21.67 26.22 19.48
N THR C 375 -20.41 25.85 19.28
CA THR C 375 -20.04 24.77 18.37
C THR C 375 -20.61 23.43 18.86
N ALA C 376 -20.53 23.18 20.17
CA ALA C 376 -21.06 21.97 20.77
C ALA C 376 -22.59 21.90 20.70
N SER C 377 -23.24 23.04 20.91
CA SER C 377 -24.70 23.14 20.85
C SER C 377 -25.23 22.80 19.46
N LEU C 378 -24.55 23.30 18.42
CA LEU C 378 -24.93 23.02 17.04
C LEU C 378 -24.68 21.56 16.72
N GLY C 379 -23.50 21.06 17.09
CA GLY C 379 -23.13 19.68 16.86
C GLY C 379 -24.11 18.69 17.49
N ARG C 380 -24.57 19.02 18.70
CA ARG C 380 -25.47 18.16 19.45
C ARG C 380 -26.83 18.01 18.75
N GLU C 381 -27.34 19.12 18.21
CA GLU C 381 -28.62 19.09 17.52
C GLU C 381 -28.54 18.51 16.10
N LEU C 382 -27.34 18.51 15.53
CA LEU C 382 -27.11 17.96 14.19
C LEU C 382 -27.31 16.46 14.11
N LEU C 383 -26.99 15.76 15.20
CA LEU C 383 -27.14 14.30 15.25
C LEU C 383 -28.54 13.86 15.66
N GLY C 384 -29.37 14.84 16.03
CA GLY C 384 -30.76 14.60 16.41
C GLY C 384 -30.89 13.68 17.61
N GLY C 385 -31.46 12.52 17.39
CA GLY C 385 -31.65 11.53 18.46
C GLY C 385 -30.33 11.10 19.06
N ASN C 386 -29.47 10.53 18.22
CA ASN C 386 -28.15 10.06 18.64
C ASN C 386 -27.24 11.21 19.12
N GLY C 387 -27.79 12.42 19.07
CA GLY C 387 -27.11 13.59 19.61
C GLY C 387 -27.11 13.65 21.12
N ILE C 388 -27.90 12.78 21.75
CA ILE C 388 -27.93 12.68 23.21
C ILE C 388 -27.23 11.42 23.71
N LEU C 389 -26.63 10.67 22.77
CA LEU C 389 -25.90 9.44 23.10
C LEU C 389 -24.38 9.63 23.19
N ALA C 390 -23.83 9.19 24.30
CA ALA C 390 -22.39 9.24 24.54
C ALA C 390 -21.65 8.28 23.60
N ASP C 391 -22.39 7.33 23.03
CA ASP C 391 -21.88 6.43 22.01
C ASP C 391 -21.37 7.21 20.81
N PHE C 392 -21.96 8.37 20.57
CA PHE C 392 -21.63 9.18 19.40
C PHE C 392 -20.82 10.42 19.70
N LEU C 393 -20.10 10.39 20.83
CA LEU C 393 -19.15 11.44 21.23
C LEU C 393 -19.75 12.81 21.52
N VAL C 394 -20.46 13.37 20.53
CA VAL C 394 -20.96 14.74 20.59
C VAL C 394 -21.70 15.04 21.89
N ALA C 395 -22.62 14.15 22.27
CA ALA C 395 -23.39 14.30 23.51
C ALA C 395 -22.50 14.36 24.75
N LYS C 396 -21.55 13.42 24.82
CA LYS C 396 -20.59 13.36 25.91
C LYS C 396 -19.75 14.63 25.97
N ALA C 397 -19.23 15.05 24.81
CA ALA C 397 -18.41 16.25 24.70
C ALA C 397 -19.21 17.52 24.97
N PHE C 398 -20.49 17.50 24.60
CA PHE C 398 -21.41 18.60 24.86
C PHE C 398 -21.54 18.81 26.37
N CYS C 399 -21.72 17.71 27.09
CA CYS C 399 -21.76 17.73 28.54
C CYS C 399 -20.38 18.03 29.14
N ASP C 400 -19.35 17.38 28.60
CA ASP C 400 -17.97 17.51 29.07
C ASP C 400 -17.46 18.94 29.05
N LEU C 401 -18.01 19.75 28.14
CA LEU C 401 -17.55 21.11 27.93
C LEU C 401 -18.09 22.07 28.99
N GLU C 402 -19.27 21.79 29.51
CA GLU C 402 -19.95 22.67 30.46
C GLU C 402 -19.14 23.05 31.71
N PRO C 403 -18.50 22.06 32.38
CA PRO C 403 -17.64 22.44 33.49
C PRO C 403 -16.44 23.29 33.03
N ILE C 404 -15.90 22.97 31.85
CA ILE C 404 -14.72 23.67 31.31
C ILE C 404 -14.99 25.16 31.09
N TYR C 405 -16.21 25.47 30.69
CA TYR C 405 -16.70 26.84 30.58
C TYR C 405 -16.60 27.56 31.92
N THR C 406 -16.76 26.81 33.01
CA THR C 406 -16.80 27.36 34.37
C THR C 406 -15.46 27.26 35.11
N TYR C 407 -14.85 26.07 35.12
CA TYR C 407 -13.63 25.85 35.91
C TYR C 407 -12.39 26.49 35.27
N GLU C 408 -11.39 26.75 36.11
CA GLU C 408 -10.19 27.52 35.74
C GLU C 408 -10.58 28.96 35.40
N GLY C 409 -11.46 29.51 36.23
CA GLY C 409 -11.98 30.85 36.02
C GLY C 409 -13.23 30.83 35.15
N THR C 410 -14.36 31.11 35.76
CA THR C 410 -15.64 31.21 35.05
C THR C 410 -15.60 32.34 34.01
N TYR C 411 -16.33 32.13 32.91
CA TYR C 411 -16.41 33.09 31.81
C TYR C 411 -16.51 34.54 32.29
N ASP C 412 -17.45 34.78 33.22
CA ASP C 412 -17.68 36.10 33.77
C ASP C 412 -16.47 36.68 34.49
N ILE C 413 -15.79 35.85 35.28
CA ILE C 413 -14.57 36.26 35.98
C ILE C 413 -13.46 36.61 34.99
N ASN C 414 -13.22 35.75 34.01
CA ASN C 414 -12.20 35.98 32.99
C ASN C 414 -12.44 37.24 32.18
N THR C 415 -13.67 37.42 31.72
CA THR C 415 -14.06 38.62 30.97
C THR C 415 -13.89 39.88 31.80
N LEU C 416 -13.98 39.73 33.12
CA LEU C 416 -13.73 40.84 34.04
C LEU C 416 -12.24 41.07 34.30
N VAL C 417 -11.44 40.01 34.22
CA VAL C 417 -9.97 40.12 34.33
C VAL C 417 -9.42 40.87 33.13
N THR C 418 -9.85 40.47 31.94
CA THR C 418 -9.53 41.17 30.71
C THR C 418 -10.12 42.58 30.73
N GLY C 419 -11.27 42.73 31.37
CA GLY C 419 -11.91 44.02 31.55
C GLY C 419 -11.06 44.97 32.37
N ARG C 420 -10.63 44.50 33.54
CA ARG C 420 -9.80 45.29 34.45
C ARG C 420 -8.50 45.76 33.80
N GLU C 421 -7.86 44.87 33.05
CA GLU C 421 -6.56 45.16 32.44
C GLU C 421 -6.65 46.21 31.34
N VAL C 422 -7.67 46.12 30.50
CA VAL C 422 -7.82 47.02 29.36
C VAL C 422 -8.34 48.42 29.76
N THR C 423 -9.39 48.44 30.57
CA THR C 423 -10.00 49.70 31.01
C THR C 423 -9.16 50.41 32.06
N GLY C 424 -8.53 49.64 32.94
CA GLY C 424 -7.74 50.18 34.04
C GLY C 424 -8.55 50.26 35.33
N ILE C 425 -9.84 49.94 35.23
CA ILE C 425 -10.74 50.00 36.38
C ILE C 425 -11.21 48.59 36.77
N ALA C 426 -11.07 48.27 38.05
CA ALA C 426 -11.48 46.96 38.57
C ALA C 426 -12.97 46.94 38.91
N SER C 427 -13.68 45.95 38.36
CA SER C 427 -15.11 45.81 38.61
C SER C 427 -15.49 44.38 39.01
N PHE C 428 -14.81 43.88 40.04
CA PHE C 428 -15.07 42.53 40.56
C PHE C 428 -15.98 42.59 41.79
N LYS C 429 -15.58 43.39 42.78
CA LYS C 429 -16.30 43.55 44.03
C LYS C 429 -17.71 44.16 43.84
N PRO C 430 -18.63 43.88 44.78
CA PRO C 430 -19.96 44.50 44.77
C PRO C 430 -19.91 45.95 45.23
N ALA C 431 -21.08 46.59 45.34
CA ALA C 431 -21.19 47.93 45.89
C ALA C 431 -21.01 47.93 47.40
N THR C 432 -22.12 47.95 48.14
CA THR C 432 -22.18 47.92 49.62
C THR C 432 -21.37 49.00 50.39
N ARG C 433 -20.16 49.18 50.23
N LYS D 17 45.48 16.27 3.28
CA LYS D 17 46.67 16.42 2.39
C LYS D 17 47.68 15.28 2.55
N SER D 18 48.53 15.13 1.55
CA SER D 18 49.61 14.13 1.53
C SER D 18 50.66 14.50 0.49
N SER D 19 51.84 13.89 0.61
CA SER D 19 52.93 14.09 -0.37
C SER D 19 52.57 13.53 -1.75
N TYR D 20 51.59 12.63 -1.78
CA TYR D 20 51.14 12.00 -3.02
C TYR D 20 49.69 12.36 -3.40
N PHE D 21 49.07 13.25 -2.63
CA PHE D 21 47.67 13.62 -2.84
C PHE D 21 47.48 14.47 -4.11
N ASP D 22 48.45 15.32 -4.41
CA ASP D 22 48.38 16.22 -5.57
C ASP D 22 48.80 15.58 -6.88
N LEU D 23 49.56 14.49 -6.80
CA LEU D 23 50.10 13.79 -7.98
C LEU D 23 49.02 13.34 -8.97
N PRO D 24 49.30 13.49 -10.28
CA PRO D 24 48.35 13.13 -11.35
C PRO D 24 47.98 11.64 -11.33
N PRO D 25 46.73 11.32 -11.74
CA PRO D 25 46.22 9.95 -11.81
C PRO D 25 47.15 8.98 -12.54
N MET D 26 47.13 7.72 -12.09
CA MET D 26 47.97 6.68 -12.69
C MET D 26 47.49 6.35 -14.10
N GLU D 27 48.45 6.25 -15.02
CA GLU D 27 48.17 5.88 -16.41
C GLU D 27 47.52 4.50 -16.47
N MET D 28 46.55 4.35 -17.36
CA MET D 28 45.81 3.09 -17.52
C MET D 28 46.69 1.90 -17.91
N SER D 29 47.84 2.19 -18.51
CA SER D 29 48.82 1.19 -18.90
C SER D 29 49.46 0.51 -17.68
N VAL D 30 49.60 1.27 -16.60
CA VAL D 30 50.23 0.79 -15.36
C VAL D 30 49.17 0.38 -14.32
N ALA D 31 48.10 1.18 -14.25
CA ALA D 31 47.03 0.99 -13.25
C ALA D 31 46.23 -0.29 -13.44
N PHE D 32 45.97 -0.65 -14.70
CA PHE D 32 45.22 -1.86 -15.03
C PHE D 32 45.64 -2.37 -16.42
N PRO D 33 46.72 -3.18 -16.45
CA PRO D 33 47.31 -3.66 -17.71
C PRO D 33 46.49 -4.73 -18.41
N GLN D 34 45.73 -5.51 -17.63
CA GLN D 34 45.01 -6.68 -18.16
C GLN D 34 43.98 -6.35 -19.25
N ALA D 35 43.41 -5.15 -19.19
CA ALA D 35 42.36 -4.76 -20.14
C ALA D 35 42.69 -3.49 -20.90
N THR D 36 42.14 -3.39 -22.11
CA THR D 36 42.28 -2.23 -22.98
C THR D 36 41.10 -1.27 -22.79
N PRO D 37 41.38 0.00 -22.48
CA PRO D 37 40.35 1.04 -22.30
C PRO D 37 39.61 1.39 -23.58
N ALA D 38 38.62 2.27 -23.48
CA ALA D 38 37.81 2.71 -24.61
C ALA D 38 38.58 3.65 -25.54
N SER D 39 39.69 4.19 -25.04
CA SER D 39 40.57 5.07 -25.82
C SER D 39 40.89 4.47 -27.20
N THR D 40 41.30 3.21 -27.21
CA THR D 40 41.38 2.42 -28.43
C THR D 40 40.09 1.60 -28.48
N PHE D 41 39.15 2.05 -29.30
CA PHE D 41 37.79 1.52 -29.32
C PHE D 41 37.69 0.08 -29.83
N PRO D 42 36.89 -0.76 -29.15
CA PRO D 42 36.65 -2.17 -29.48
C PRO D 42 36.17 -2.41 -30.92
N PRO D 43 36.51 -3.59 -31.48
CA PRO D 43 36.00 -4.02 -32.78
C PRO D 43 34.51 -4.38 -32.74
N CYS D 44 33.86 -4.37 -33.90
CA CYS D 44 32.41 -4.58 -34.00
C CYS D 44 32.02 -6.07 -33.92
N THR D 45 31.84 -6.55 -32.70
CA THR D 45 31.46 -7.94 -32.45
C THR D 45 29.99 -8.08 -32.06
N SER D 46 29.28 -6.94 -32.03
CA SER D 46 27.86 -6.89 -31.68
C SER D 46 26.96 -7.21 -32.87
N ASP D 47 27.52 -7.04 -34.07
CA ASP D 47 26.82 -7.36 -35.31
C ASP D 47 26.83 -8.86 -35.55
N TYR D 48 25.97 -9.58 -34.83
CA TYR D 48 25.98 -11.04 -34.82
C TYR D 48 25.05 -11.63 -35.86
N TYR D 49 24.02 -10.87 -36.22
CA TYR D 49 23.05 -11.32 -37.23
C TYR D 49 23.34 -10.72 -38.60
N HIS D 50 24.59 -10.29 -38.79
CA HIS D 50 25.11 -9.76 -40.06
C HIS D 50 24.17 -8.74 -40.71
N PHE D 51 24.14 -7.53 -40.14
CA PHE D 51 23.13 -6.53 -40.49
C PHE D 51 23.35 -5.80 -41.81
N ASN D 52 24.54 -5.94 -42.39
CA ASN D 52 24.82 -5.32 -43.68
C ASN D 52 23.91 -5.81 -44.81
N ASP D 53 23.24 -6.94 -44.58
CA ASP D 53 22.26 -7.48 -45.52
C ASP D 53 20.99 -6.64 -45.56
N LEU D 54 20.68 -5.98 -44.45
CA LEU D 54 19.49 -5.15 -44.34
C LEU D 54 19.73 -3.72 -44.82
N LEU D 55 20.99 -3.41 -45.11
CA LEU D 55 21.38 -2.07 -45.53
C LEU D 55 21.72 -2.03 -47.03
N THR D 56 21.56 -0.86 -47.64
CA THR D 56 21.93 -0.65 -49.04
C THR D 56 23.43 -0.37 -49.15
N PRO D 57 24.01 -0.57 -50.35
CA PRO D 57 25.45 -0.29 -50.55
C PRO D 57 25.86 1.09 -50.06
N GLU D 58 25.02 2.09 -50.31
CA GLU D 58 25.29 3.47 -49.88
C GLU D 58 25.16 3.64 -48.37
N GLU D 59 24.15 2.99 -47.79
CA GLU D 59 23.93 2.99 -46.35
C GLU D 59 25.11 2.38 -45.61
N GLN D 60 25.62 1.27 -46.17
CA GLN D 60 26.79 0.58 -45.62
C GLN D 60 28.01 1.51 -45.59
N ALA D 61 28.19 2.29 -46.65
CA ALA D 61 29.31 3.22 -46.76
C ALA D 61 29.23 4.35 -45.73
N ILE D 62 28.02 4.83 -45.46
CA ILE D 62 27.81 5.88 -44.45
C ILE D 62 28.08 5.31 -43.06
N ARG D 63 27.59 4.10 -42.82
CA ARG D 63 27.81 3.40 -41.57
C ARG D 63 29.29 3.31 -41.25
N LYS D 64 30.07 2.80 -42.21
CA LYS D 64 31.51 2.64 -42.06
C LYS D 64 32.23 3.97 -41.85
N LYS D 65 31.86 4.97 -42.64
CA LYS D 65 32.51 6.29 -42.59
C LYS D 65 32.37 6.93 -41.21
N VAL D 66 31.16 6.95 -40.67
CA VAL D 66 30.88 7.55 -39.37
C VAL D 66 31.63 6.78 -38.27
N ARG D 67 31.51 5.46 -38.28
CA ARG D 67 32.16 4.59 -37.30
C ARG D 67 33.66 4.88 -37.19
N GLU D 68 34.34 4.97 -38.33
CA GLU D 68 35.77 5.26 -38.36
C GLU D 68 36.08 6.68 -37.89
N CYS D 69 35.28 7.66 -38.34
CA CYS D 69 35.49 9.06 -37.98
C CYS D 69 35.10 9.35 -36.52
N MET D 70 34.55 8.35 -35.85
CA MET D 70 34.21 8.45 -34.43
C MET D 70 35.27 7.77 -33.55
N GLU D 71 35.74 6.62 -34.00
CA GLU D 71 36.78 5.85 -33.30
C GLU D 71 38.14 6.55 -33.35
N LYS D 72 38.29 7.45 -34.32
CA LYS D 72 39.53 8.20 -34.53
C LYS D 72 39.54 9.53 -33.77
N GLU D 73 38.48 10.32 -33.94
CA GLU D 73 38.46 11.71 -33.50
C GLU D 73 37.77 11.96 -32.17
N VAL D 74 36.80 11.12 -31.82
CA VAL D 74 36.03 11.29 -30.58
C VAL D 74 36.46 10.31 -29.49
N ALA D 75 36.63 9.04 -29.86
CA ALA D 75 36.97 7.97 -28.91
C ALA D 75 38.12 8.26 -27.92
N PRO D 76 39.24 8.87 -28.38
CA PRO D 76 40.29 9.20 -27.41
C PRO D 76 39.90 10.31 -26.42
N ILE D 77 39.35 11.41 -26.92
CA ILE D 77 39.08 12.60 -26.09
C ILE D 77 37.78 12.54 -25.26
N MET D 78 36.86 11.66 -25.64
CA MET D 78 35.53 11.59 -25.02
C MET D 78 35.57 11.36 -23.50
N THR D 79 36.48 10.50 -23.06
CA THR D 79 36.61 10.15 -21.65
C THR D 79 36.87 11.39 -20.79
N GLU D 80 37.79 12.24 -21.26
CA GLU D 80 38.19 13.46 -20.57
C GLU D 80 37.05 14.49 -20.50
N TYR D 81 36.44 14.78 -21.64
CA TYR D 81 35.41 15.81 -21.75
C TYR D 81 34.08 15.44 -21.08
N TRP D 82 33.86 14.15 -20.87
CA TRP D 82 32.65 13.69 -20.20
C TRP D 82 32.72 13.98 -18.71
N GLU D 83 33.87 13.70 -18.11
CA GLU D 83 34.11 13.96 -16.69
C GLU D 83 33.97 15.44 -16.36
N LYS D 84 34.56 16.29 -17.20
CA LYS D 84 34.54 17.74 -17.02
C LYS D 84 33.17 18.35 -17.36
N ALA D 85 32.31 17.55 -17.97
CA ALA D 85 30.99 17.98 -18.47
C ALA D 85 31.08 19.15 -19.45
N GLU D 86 32.21 19.22 -20.16
CA GLU D 86 32.47 20.26 -21.15
C GLU D 86 32.29 19.72 -22.57
N PHE D 87 31.80 20.57 -23.46
CA PHE D 87 31.62 20.21 -24.86
C PHE D 87 32.94 20.35 -25.63
N PRO D 88 33.27 19.33 -26.46
CA PRO D 88 34.49 19.38 -27.27
C PRO D 88 34.27 20.15 -28.57
N PHE D 89 34.37 21.47 -28.49
CA PHE D 89 34.07 22.35 -29.63
C PHE D 89 34.97 22.12 -30.84
N HIS D 90 36.22 21.72 -30.60
CA HIS D 90 37.19 21.49 -31.68
C HIS D 90 36.90 20.21 -32.48
N ILE D 91 35.85 19.50 -32.10
CA ILE D 91 35.39 18.30 -32.82
C ILE D 91 34.27 18.64 -33.81
N THR D 92 33.58 19.75 -33.57
CA THR D 92 32.47 20.20 -34.41
C THR D 92 32.73 20.11 -35.92
N PRO D 93 33.80 20.74 -36.44
CA PRO D 93 34.05 20.68 -37.88
C PRO D 93 34.29 19.25 -38.41
N LYS D 94 34.83 18.39 -37.55
CA LYS D 94 35.08 16.98 -37.90
C LYS D 94 33.76 16.21 -38.07
N LEU D 95 32.75 16.59 -37.28
CA LEU D 95 31.42 16.00 -37.37
C LEU D 95 30.68 16.48 -38.62
N GLY D 96 30.85 17.76 -38.94
CA GLY D 96 30.27 18.35 -40.16
C GLY D 96 30.98 17.86 -41.41
N ALA D 97 32.13 17.22 -41.23
CA ALA D 97 32.89 16.62 -42.32
C ALA D 97 32.38 15.22 -42.66
N MET D 98 31.67 14.60 -41.72
CA MET D 98 31.09 13.27 -41.92
C MET D 98 29.92 13.34 -42.90
N GLY D 99 29.25 14.49 -42.94
CA GLY D 99 28.09 14.69 -43.80
C GLY D 99 26.86 14.00 -43.25
N VAL D 100 26.52 14.32 -42.00
CA VAL D 100 25.40 13.69 -41.31
C VAL D 100 24.36 14.75 -40.90
N ALA D 101 24.84 15.95 -40.57
CA ALA D 101 23.95 17.06 -40.19
C ALA D 101 23.05 17.44 -41.36
N GLY D 102 21.74 17.52 -41.09
CA GLY D 102 20.75 17.70 -42.14
C GLY D 102 20.07 16.37 -42.41
N GLY D 103 20.89 15.37 -42.74
CA GLY D 103 20.44 13.99 -42.88
C GLY D 103 19.28 13.76 -43.82
N SER D 104 18.07 13.79 -43.27
CA SER D 104 16.85 13.53 -44.03
C SER D 104 16.48 14.65 -45.00
N ILE D 105 16.90 15.88 -44.70
CA ILE D 105 16.59 17.04 -45.52
C ILE D 105 17.19 16.94 -46.91
N LYS D 106 16.33 17.09 -47.92
CA LYS D 106 16.76 17.07 -49.32
C LYS D 106 17.00 18.49 -49.84
N GLY D 107 18.14 18.68 -50.49
CA GLY D 107 18.54 20.00 -50.99
C GLY D 107 19.03 20.91 -49.88
N TYR D 108 19.11 22.21 -50.18
CA TYR D 108 19.54 23.24 -49.24
C TYR D 108 20.89 22.95 -48.58
N GLY D 109 21.81 22.40 -49.37
CA GLY D 109 23.17 22.09 -48.90
C GLY D 109 23.25 20.94 -47.90
N CYS D 110 22.20 20.12 -47.84
CA CYS D 110 22.14 18.98 -46.94
C CYS D 110 22.44 17.68 -47.70
N PRO D 111 22.97 16.66 -46.99
CA PRO D 111 23.37 15.38 -47.61
C PRO D 111 22.24 14.64 -48.34
N GLY D 112 21.01 14.76 -47.84
CA GLY D 112 19.85 14.13 -48.47
C GLY D 112 19.86 12.63 -48.36
N LEU D 113 19.95 12.13 -47.12
CA LEU D 113 20.03 10.70 -46.85
C LEU D 113 18.64 10.10 -46.66
N SER D 114 18.57 8.77 -46.80
CA SER D 114 17.36 8.03 -46.49
C SER D 114 17.20 7.91 -44.97
N ILE D 115 15.95 7.72 -44.53
CA ILE D 115 15.65 7.59 -43.11
C ILE D 115 16.42 6.43 -42.45
N THR D 116 16.61 5.35 -43.21
CA THR D 116 17.39 4.21 -42.75
C THR D 116 18.86 4.59 -42.59
N ALA D 117 19.37 5.36 -43.55
CA ALA D 117 20.75 5.84 -43.54
C ALA D 117 21.01 6.84 -42.42
N ASN D 118 20.09 7.78 -42.25
CA ASN D 118 20.21 8.78 -41.20
C ASN D 118 20.07 8.17 -39.80
N ALA D 119 19.38 7.03 -39.73
CA ALA D 119 19.22 6.29 -38.48
C ALA D 119 20.46 5.48 -38.13
N ILE D 120 21.00 4.76 -39.12
CA ILE D 120 22.22 3.97 -38.93
C ILE D 120 23.41 4.89 -38.66
N ALA D 121 23.32 6.14 -39.12
CA ALA D 121 24.34 7.15 -38.84
C ALA D 121 24.32 7.53 -37.36
N THR D 122 23.12 7.81 -36.84
CA THR D 122 22.94 8.12 -35.43
C THR D 122 23.49 7.01 -34.55
N ALA D 123 23.18 5.77 -34.94
CA ALA D 123 23.63 4.58 -34.21
C ALA D 123 25.15 4.54 -34.05
N GLU D 124 25.87 4.64 -35.16
CA GLU D 124 27.32 4.53 -35.15
C GLU D 124 28.02 5.71 -34.48
N ILE D 125 27.25 6.75 -34.16
CA ILE D 125 27.74 7.85 -33.32
C ILE D 125 27.51 7.50 -31.84
N ALA D 126 26.24 7.22 -31.51
CA ALA D 126 25.85 6.86 -30.15
C ALA D 126 26.59 5.64 -29.63
N ARG D 127 27.05 4.80 -30.57
CA ARG D 127 27.87 3.64 -30.28
C ARG D 127 29.16 4.05 -29.56
N VAL D 128 29.85 5.05 -30.11
CA VAL D 128 31.09 5.55 -29.54
C VAL D 128 30.81 6.56 -28.42
N ASP D 129 29.91 7.50 -28.67
CA ASP D 129 29.49 8.45 -27.65
C ASP D 129 28.05 8.92 -27.85
N ALA D 130 27.25 8.76 -26.79
CA ALA D 130 25.86 9.18 -26.81
C ALA D 130 25.73 10.69 -26.72
N SER D 131 26.68 11.33 -26.02
CA SER D 131 26.68 12.79 -25.87
C SER D 131 26.73 13.49 -27.23
N CYS D 132 27.75 13.16 -28.03
CA CYS D 132 27.89 13.74 -29.37
C CYS D 132 26.75 13.33 -30.31
N SER D 133 26.07 12.24 -29.98
CA SER D 133 24.91 11.78 -30.75
C SER D 133 23.70 12.67 -30.53
N THR D 134 23.45 13.02 -29.26
CA THR D 134 22.34 13.89 -28.89
C THR D 134 22.56 15.30 -29.43
N PHE D 135 23.81 15.78 -29.33
CA PHE D 135 24.20 17.08 -29.88
C PHE D 135 23.74 17.24 -31.32
N ILE D 136 24.11 16.28 -32.17
CA ILE D 136 23.75 16.29 -33.58
C ILE D 136 22.24 16.08 -33.79
N LEU D 137 21.67 15.10 -33.09
CA LEU D 137 20.24 14.79 -33.22
C LEU D 137 19.34 16.00 -32.94
N VAL D 138 19.61 16.70 -31.84
CA VAL D 138 18.84 17.89 -31.48
C VAL D 138 19.04 18.98 -32.53
N HIS D 139 20.26 19.10 -33.03
CA HIS D 139 20.60 20.08 -34.07
C HIS D 139 19.96 19.73 -35.41
N SER D 140 20.09 18.47 -35.82
CA SER D 140 19.71 18.03 -37.17
C SER D 140 18.26 17.56 -37.28
N SER D 141 17.88 16.59 -36.47
CA SER D 141 16.57 15.96 -36.56
C SER D 141 15.45 16.79 -35.91
N LEU D 142 15.81 17.67 -34.99
CA LEU D 142 14.84 18.54 -34.34
C LEU D 142 14.95 19.99 -34.81
N GLY D 143 16.16 20.54 -34.78
CA GLY D 143 16.40 21.92 -35.21
C GLY D 143 16.20 22.08 -36.71
N MET D 144 17.17 21.61 -37.47
CA MET D 144 17.18 21.75 -38.93
C MET D 144 15.89 21.27 -39.61
N LEU D 145 15.38 20.12 -39.18
CA LEU D 145 14.19 19.52 -39.79
C LEU D 145 12.94 20.36 -39.61
N THR D 146 12.79 20.98 -38.44
CA THR D 146 11.67 21.88 -38.15
C THR D 146 11.63 23.04 -39.16
N ILE D 147 12.80 23.60 -39.47
CA ILE D 147 12.92 24.62 -40.50
C ILE D 147 12.60 24.04 -41.88
N ALA D 148 13.07 22.82 -42.14
CA ALA D 148 12.91 22.17 -43.44
C ALA D 148 11.46 21.81 -43.78
N LEU D 149 10.65 21.57 -42.76
CA LEU D 149 9.26 21.16 -42.96
C LEU D 149 8.25 22.27 -42.67
N CYS D 150 8.54 23.08 -41.66
CA CYS D 150 7.62 24.13 -41.23
C CYS D 150 8.06 25.55 -41.61
N GLY D 151 9.33 25.69 -41.98
CA GLY D 151 9.85 26.99 -42.41
C GLY D 151 9.40 27.37 -43.81
N SER D 152 9.65 28.62 -44.18
CA SER D 152 9.36 29.11 -45.51
C SER D 152 10.55 28.85 -46.43
N GLU D 153 10.31 28.89 -47.74
CA GLU D 153 11.37 28.70 -48.73
C GLU D 153 12.51 29.70 -48.56
N ALA D 154 12.18 30.90 -48.07
CA ALA D 154 13.16 31.94 -47.80
C ALA D 154 14.04 31.60 -46.60
N GLN D 155 13.46 30.92 -45.61
CA GLN D 155 14.18 30.52 -44.41
C GLN D 155 15.08 29.31 -44.65
N LYS D 156 14.55 28.33 -45.38
CA LYS D 156 15.29 27.11 -45.72
C LYS D 156 16.58 27.43 -46.49
N GLU D 157 16.47 28.31 -47.49
CA GLU D 157 17.62 28.71 -48.32
C GLU D 157 18.61 29.60 -47.56
N LYS D 158 18.16 30.18 -46.45
CA LYS D 158 18.97 31.11 -45.69
C LYS D 158 19.80 30.44 -44.60
N TYR D 159 19.17 29.58 -43.80
CA TYR D 159 19.82 28.98 -42.62
C TYR D 159 20.42 27.60 -42.87
N LEU D 160 19.61 26.69 -43.41
CA LEU D 160 19.99 25.28 -43.57
C LEU D 160 21.42 25.00 -44.09
N PRO D 161 21.84 25.66 -45.20
CA PRO D 161 23.18 25.41 -45.73
C PRO D 161 24.30 25.52 -44.69
N SER D 162 24.24 26.56 -43.85
CA SER D 162 25.25 26.78 -42.82
C SER D 162 25.11 25.82 -41.65
N LEU D 163 23.87 25.41 -41.38
CA LEU D 163 23.56 24.48 -40.30
C LEU D 163 24.02 23.05 -40.62
N ALA D 164 23.94 22.68 -41.89
CA ALA D 164 24.36 21.36 -42.35
C ALA D 164 25.88 21.19 -42.30
N GLN D 165 26.59 22.29 -42.47
CA GLN D 165 28.05 22.29 -42.43
C GLN D 165 28.59 22.48 -41.01
N LEU D 166 27.69 22.71 -40.07
CA LEU D 166 28.02 22.92 -38.64
C LEU D 166 28.85 24.18 -38.38
N ASN D 167 28.69 25.18 -39.23
CA ASN D 167 29.25 26.51 -38.98
C ASN D 167 28.34 27.26 -38.00
N THR D 168 27.06 26.91 -38.03
CA THR D 168 26.06 27.43 -37.10
C THR D 168 25.33 26.27 -36.43
N VAL D 169 25.02 26.43 -35.15
CA VAL D 169 24.40 25.37 -34.36
C VAL D 169 22.99 25.79 -33.92
N ALA D 170 22.02 24.90 -34.11
CA ALA D 170 20.63 25.16 -33.75
C ALA D 170 20.16 24.29 -32.59
N CYS D 171 19.15 24.77 -31.87
CA CYS D 171 18.58 24.03 -30.76
C CYS D 171 17.06 24.09 -30.77
N TRP D 172 16.43 23.10 -30.13
CA TRP D 172 14.98 22.94 -30.14
C TRP D 172 14.43 23.20 -28.74
N ALA D 173 13.49 24.13 -28.65
CA ALA D 173 12.99 24.59 -27.34
C ALA D 173 11.48 24.46 -27.18
N LEU D 174 11.03 23.26 -26.81
CA LEU D 174 9.60 23.01 -26.57
C LEU D 174 9.28 22.90 -25.08
N THR D 175 10.14 22.21 -24.35
CA THR D 175 9.92 21.89 -22.94
C THR D 175 10.07 23.11 -22.02
N GLU D 176 9.27 23.10 -20.95
CA GLU D 176 9.30 24.14 -19.94
C GLU D 176 9.39 23.48 -18.55
N PRO D 177 9.80 24.25 -17.52
CA PRO D 177 9.77 23.70 -16.17
C PRO D 177 8.38 23.27 -15.74
N ASP D 178 7.38 24.12 -16.01
CA ASP D 178 5.99 23.83 -15.67
C ASP D 178 5.36 22.75 -16.56
N ASN D 179 5.72 22.76 -17.84
CA ASN D 179 5.17 21.83 -18.82
C ASN D 179 6.23 20.99 -19.51
N GLY D 180 6.23 19.69 -19.23
CA GLY D 180 7.19 18.75 -19.81
C GLY D 180 6.53 17.72 -20.69
N SER D 181 5.95 16.70 -20.08
CA SER D 181 5.22 15.65 -20.80
C SER D 181 3.92 16.19 -21.36
N ASP D 182 3.28 17.09 -20.62
CA ASP D 182 2.13 17.84 -21.11
C ASP D 182 2.64 19.05 -21.90
N ALA D 183 3.29 18.75 -23.03
CA ALA D 183 3.96 19.77 -23.84
C ALA D 183 2.99 20.70 -24.54
N SER D 184 1.83 20.16 -24.93
CA SER D 184 0.81 20.91 -25.67
C SER D 184 0.13 22.03 -24.86
N GLY D 185 0.36 22.02 -23.54
CA GLY D 185 -0.19 23.05 -22.65
C GLY D 185 0.85 24.01 -22.11
N LEU D 186 1.87 24.30 -22.93
CA LEU D 186 2.98 25.19 -22.54
C LEU D 186 2.53 26.63 -22.27
N GLY D 187 3.36 27.38 -21.53
CA GLY D 187 2.98 28.72 -21.08
C GLY D 187 3.84 29.89 -21.53
N THR D 188 4.74 29.66 -22.49
CA THR D 188 5.53 30.74 -23.08
C THR D 188 4.67 31.49 -24.09
N THR D 189 4.48 32.79 -23.84
CA THR D 189 3.59 33.61 -24.65
C THR D 189 4.30 34.28 -25.83
N ALA D 190 3.57 34.40 -26.94
CA ALA D 190 4.06 35.08 -28.14
C ALA D 190 3.13 36.22 -28.53
N THR D 191 3.28 37.34 -27.84
CA THR D 191 2.44 38.52 -28.07
C THR D 191 2.80 39.25 -29.35
N LYS D 192 1.79 39.50 -30.19
CA LYS D 192 1.99 40.15 -31.47
C LYS D 192 2.24 41.65 -31.29
N VAL D 193 3.33 42.13 -31.86
CA VAL D 193 3.67 43.55 -31.87
C VAL D 193 3.84 44.00 -33.34
N GLU D 194 4.03 45.31 -33.55
CA GLU D 194 4.24 45.84 -34.89
C GLU D 194 5.57 45.35 -35.49
N GLY D 195 5.47 44.62 -36.61
CA GLY D 195 6.64 44.13 -37.32
C GLY D 195 7.15 42.78 -36.88
N GLY D 196 6.60 42.25 -35.79
CA GLY D 196 7.04 40.96 -35.26
C GLY D 196 6.32 40.49 -34.00
N TRP D 197 7.09 39.85 -33.12
CA TRP D 197 6.54 39.24 -31.90
C TRP D 197 7.41 39.56 -30.68
N LYS D 198 6.80 39.48 -29.51
CA LYS D 198 7.52 39.60 -28.25
C LYS D 198 7.35 38.30 -27.45
N ILE D 199 8.40 37.49 -27.42
CA ILE D 199 8.36 36.20 -26.75
C ILE D 199 8.67 36.36 -25.26
N ASN D 200 7.74 35.90 -24.43
CA ASN D 200 7.89 35.95 -22.98
C ASN D 200 7.63 34.59 -22.36
N GLY D 201 8.57 34.12 -21.54
CA GLY D 201 8.43 32.83 -20.86
C GLY D 201 9.74 32.19 -20.47
N GLN D 202 9.67 30.93 -20.02
CA GLN D 202 10.85 30.20 -19.59
C GLN D 202 10.93 28.80 -20.22
N LYS D 203 12.15 28.34 -20.46
CA LYS D 203 12.40 27.03 -21.04
C LYS D 203 13.43 26.27 -20.20
N ARG D 204 13.35 24.94 -20.22
CA ARG D 204 14.27 24.09 -19.47
C ARG D 204 14.66 22.84 -20.24
N TRP D 205 15.95 22.48 -20.18
CA TRP D 205 16.50 21.23 -20.73
C TRP D 205 17.04 21.29 -22.16
N ILE D 206 17.01 22.48 -22.76
CA ILE D 206 17.35 22.64 -24.17
C ILE D 206 18.85 22.42 -24.42
N GLY D 207 19.15 21.39 -25.19
CA GLY D 207 20.53 21.05 -25.56
C GLY D 207 21.09 22.01 -26.58
N ASN D 208 22.35 22.39 -26.38
CA ASN D 208 23.08 23.33 -27.25
C ASN D 208 22.72 24.80 -27.03
N SER D 209 21.61 25.05 -26.32
CA SER D 209 21.07 26.40 -26.10
C SER D 209 22.09 27.43 -25.64
N THR D 210 23.03 27.02 -24.81
CA THR D 210 24.03 27.93 -24.24
C THR D 210 25.04 28.46 -25.26
N PHE D 211 25.12 27.80 -26.42
CA PHE D 211 26.03 28.25 -27.48
C PHE D 211 25.41 28.23 -28.89
N ALA D 212 24.12 27.91 -28.96
CA ALA D 212 23.42 27.80 -30.24
C ALA D 212 23.19 29.17 -30.90
N ASP D 213 23.40 29.21 -32.22
CA ASP D 213 23.19 30.43 -33.00
C ASP D 213 21.70 30.62 -33.28
N LEU D 214 21.01 29.53 -33.55
CA LEU D 214 19.58 29.53 -33.79
C LEU D 214 18.84 28.80 -32.67
N LEU D 215 17.81 29.45 -32.13
CA LEU D 215 17.01 28.87 -31.06
C LEU D 215 15.56 28.74 -31.50
N ILE D 216 15.19 27.55 -31.97
CA ILE D 216 13.81 27.31 -32.39
C ILE D 216 12.92 27.17 -31.16
N ILE D 217 12.40 28.30 -30.71
CA ILE D 217 11.59 28.37 -29.51
C ILE D 217 10.11 28.29 -29.85
N PHE D 218 9.41 27.37 -29.19
CA PHE D 218 7.97 27.23 -29.33
C PHE D 218 7.25 28.06 -28.28
N ALA D 219 6.30 28.88 -28.74
CA ALA D 219 5.55 29.78 -27.86
C ALA D 219 4.08 29.81 -28.22
N ARG D 220 3.27 30.35 -27.32
CA ARG D 220 1.82 30.41 -27.51
C ARG D 220 1.39 31.73 -28.14
N ASN D 221 0.94 31.66 -29.38
CA ASN D 221 0.39 32.79 -30.12
C ASN D 221 -0.83 33.32 -29.36
N THR D 222 -0.65 34.42 -28.65
CA THR D 222 -1.69 34.98 -27.77
C THR D 222 -2.98 35.38 -28.49
N THR D 223 -2.90 35.60 -29.80
CA THR D 223 -4.06 35.97 -30.60
C THR D 223 -4.92 34.74 -30.93
N THR D 224 -4.28 33.64 -31.34
CA THR D 224 -5.00 32.43 -31.73
C THR D 224 -5.10 31.41 -30.59
N ASN D 225 -4.34 31.65 -29.52
CA ASN D 225 -4.21 30.73 -28.38
C ASN D 225 -3.63 29.37 -28.79
N GLN D 226 -2.83 29.37 -29.86
CA GLN D 226 -2.21 28.15 -30.38
C GLN D 226 -0.69 28.24 -30.31
N ILE D 227 -0.03 27.13 -30.60
CA ILE D 227 1.43 27.04 -30.50
C ILE D 227 2.08 27.38 -31.85
N ASN D 228 3.01 28.32 -31.83
CA ASN D 228 3.75 28.72 -33.03
C ASN D 228 5.27 28.55 -32.89
N GLY D 229 5.94 28.39 -34.02
CA GLY D 229 7.40 28.23 -34.04
C GLY D 229 8.12 29.52 -34.37
N PHE D 230 9.18 29.80 -33.62
CA PHE D 230 9.95 31.03 -33.78
C PHE D 230 11.45 30.75 -33.82
N ILE D 231 12.13 31.36 -34.79
CA ILE D 231 13.59 31.26 -34.87
C ILE D 231 14.21 32.44 -34.13
N VAL D 232 14.71 32.16 -32.93
CA VAL D 232 15.34 33.17 -32.09
C VAL D 232 16.85 33.14 -32.26
N LYS D 233 17.42 34.28 -32.62
CA LYS D 233 18.86 34.39 -32.85
C LYS D 233 19.64 34.40 -31.53
N LYS D 234 20.94 34.08 -31.61
CA LYS D 234 21.83 34.09 -30.45
C LYS D 234 22.01 35.51 -29.91
N ASP D 235 22.28 35.61 -28.61
CA ASP D 235 22.59 36.87 -27.93
C ASP D 235 21.46 37.91 -27.95
N ALA D 236 20.33 37.57 -28.59
CA ALA D 236 19.20 38.48 -28.72
C ALA D 236 18.82 39.12 -27.39
N PRO D 237 18.65 40.46 -27.37
CA PRO D 237 18.34 41.19 -26.14
C PRO D 237 17.12 40.61 -25.42
N GLY D 238 17.29 40.31 -24.14
CA GLY D 238 16.24 39.72 -23.32
C GLY D 238 16.38 38.21 -23.16
N LEU D 239 17.28 37.61 -23.94
CA LEU D 239 17.52 36.17 -23.90
C LEU D 239 18.69 35.82 -23.01
N LYS D 240 18.49 34.83 -22.15
CA LYS D 240 19.52 34.37 -21.22
C LYS D 240 19.43 32.85 -21.01
N ALA D 241 20.39 32.13 -21.57
CA ALA D 241 20.44 30.67 -21.44
C ALA D 241 21.62 30.23 -20.57
N THR D 242 21.30 29.67 -19.40
CA THR D 242 22.29 29.26 -18.43
C THR D 242 22.41 27.74 -18.37
N LYS D 243 23.63 27.25 -18.21
CA LYS D 243 23.94 25.81 -18.20
C LYS D 243 23.29 25.07 -17.02
N ILE D 244 22.68 23.92 -17.32
CA ILE D 244 22.17 23.02 -16.29
C ILE D 244 23.28 22.06 -15.86
N PRO D 245 23.67 22.12 -14.57
CA PRO D 245 24.77 21.32 -14.05
C PRO D 245 24.32 20.01 -13.38
N ASN D 246 25.30 19.19 -13.01
CA ASN D 246 25.10 18.00 -12.16
C ASN D 246 24.33 16.84 -12.82
N LYS D 247 24.41 16.75 -14.14
CA LYS D 247 23.83 15.62 -14.88
C LYS D 247 24.69 14.38 -14.73
N ILE D 248 24.06 13.22 -14.60
CA ILE D 248 24.80 11.96 -14.53
C ILE D 248 25.00 11.33 -15.91
N GLY D 249 24.19 11.76 -16.88
CA GLY D 249 24.29 11.27 -18.25
C GLY D 249 24.33 12.40 -19.27
N LEU D 250 24.75 12.07 -20.49
CA LEU D 250 24.92 13.06 -21.58
C LEU D 250 25.57 14.35 -21.08
N ARG D 251 26.73 14.20 -20.43
CA ARG D 251 27.37 15.29 -19.73
C ARG D 251 28.00 16.34 -20.63
N MET D 252 28.42 15.92 -21.83
CA MET D 252 29.00 16.83 -22.81
C MET D 252 27.95 17.70 -23.49
N VAL D 253 26.73 17.18 -23.60
CA VAL D 253 25.60 17.92 -24.15
C VAL D 253 25.29 19.11 -23.24
N GLN D 254 25.45 20.31 -23.78
CA GLN D 254 25.20 21.52 -23.00
C GLN D 254 23.71 21.84 -22.94
N ASN D 255 23.05 21.29 -21.92
CA ASN D 255 21.64 21.55 -21.67
C ASN D 255 21.48 22.77 -20.79
N GLY D 256 20.47 23.59 -21.08
CA GLY D 256 20.32 24.86 -20.38
C GLY D 256 18.90 25.34 -20.10
N ASP D 257 18.80 26.22 -19.11
CA ASP D 257 17.55 26.93 -18.80
C ASP D 257 17.51 28.22 -19.59
N ILE D 258 16.45 28.41 -20.37
CA ILE D 258 16.31 29.61 -21.19
C ILE D 258 15.34 30.60 -20.55
N LEU D 259 15.77 31.84 -20.42
CA LEU D 259 14.88 32.93 -20.00
C LEU D 259 14.57 33.86 -21.16
N LEU D 260 13.32 34.30 -21.22
CA LEU D 260 12.84 35.15 -22.30
C LEU D 260 12.02 36.33 -21.78
N GLN D 261 12.60 37.53 -21.88
CA GLN D 261 11.94 38.76 -21.47
C GLN D 261 11.86 39.73 -22.65
N ASN D 262 10.64 39.92 -23.17
CA ASN D 262 10.38 40.77 -24.34
C ASN D 262 11.37 40.56 -25.50
N VAL D 263 11.65 39.30 -25.80
CA VAL D 263 12.58 38.95 -26.87
C VAL D 263 11.88 39.13 -28.22
N PHE D 264 12.38 40.09 -29.00
CA PHE D 264 11.78 40.41 -30.28
C PHE D 264 12.15 39.38 -31.35
N VAL D 265 11.13 38.95 -32.08
CA VAL D 265 11.29 38.09 -33.26
C VAL D 265 10.54 38.73 -34.41
N PRO D 266 11.25 39.18 -35.46
CA PRO D 266 10.61 39.80 -36.61
C PRO D 266 9.70 38.82 -37.37
N ASP D 267 8.68 39.36 -38.04
CA ASP D 267 7.70 38.55 -38.78
C ASP D 267 8.33 37.56 -39.75
N GLU D 268 9.51 37.88 -40.26
CA GLU D 268 10.23 37.04 -41.21
C GLU D 268 10.83 35.78 -40.56
N ASP D 269 11.03 35.83 -39.24
CA ASP D 269 11.66 34.73 -38.52
C ASP D 269 10.67 33.83 -37.77
N ARG D 270 9.38 34.03 -38.03
CA ARG D 270 8.36 33.12 -37.51
C ARG D 270 8.14 31.98 -38.51
N LEU D 271 8.11 30.75 -37.99
CA LEU D 271 7.86 29.58 -38.83
C LEU D 271 6.40 29.55 -39.27
N PRO D 272 6.16 29.68 -40.60
CA PRO D 272 4.80 29.75 -41.13
C PRO D 272 4.05 28.42 -41.11
N GLY D 273 4.79 27.33 -40.95
CA GLY D 273 4.21 25.99 -40.93
C GLY D 273 3.56 25.62 -39.60
N VAL D 274 4.14 26.11 -38.51
CA VAL D 274 3.61 25.83 -37.18
C VAL D 274 2.54 26.85 -36.81
N ASN D 275 1.28 26.41 -36.84
CA ASN D 275 0.16 27.26 -36.45
C ASN D 275 -0.71 26.61 -35.38
N SER D 276 -0.59 25.30 -35.24
CA SER D 276 -0.89 24.63 -33.98
C SER D 276 0.12 23.53 -33.68
N PHE D 277 -0.01 22.91 -32.52
CA PHE D 277 0.93 21.86 -32.08
C PHE D 277 0.85 20.59 -32.94
N GLN D 278 -0.28 20.40 -33.61
CA GLN D 278 -0.47 19.26 -34.50
C GLN D 278 0.52 19.25 -35.68
N ASP D 279 0.94 20.44 -36.09
CA ASP D 279 1.91 20.62 -37.16
C ASP D 279 3.30 20.12 -36.76
N THR D 280 3.62 20.24 -35.47
CA THR D 280 4.87 19.72 -34.90
C THR D 280 4.92 18.19 -34.99
N SER D 281 3.75 17.56 -34.85
CA SER D 281 3.65 16.10 -34.87
C SER D 281 3.83 15.51 -36.27
N LYS D 282 4.75 16.10 -37.04
CA LYS D 282 5.19 15.57 -38.32
C LYS D 282 6.72 15.56 -38.31
N VAL D 283 7.28 16.52 -37.59
CA VAL D 283 8.72 16.60 -37.31
C VAL D 283 9.08 15.54 -36.27
N LEU D 284 8.26 15.44 -35.23
CA LEU D 284 8.45 14.45 -34.16
C LEU D 284 8.43 13.03 -34.69
N ALA D 285 7.67 12.81 -35.77
CA ALA D 285 7.58 11.50 -36.42
C ALA D 285 8.94 10.98 -36.86
N VAL D 286 9.83 11.89 -37.26
CA VAL D 286 11.18 11.54 -37.65
C VAL D 286 12.08 11.54 -36.42
N SER D 287 11.86 12.55 -35.56
CA SER D 287 12.64 12.71 -34.34
C SER D 287 12.52 11.51 -33.40
N ARG D 288 11.32 10.94 -33.30
CA ARG D 288 11.08 9.80 -32.44
C ARG D 288 11.74 8.53 -32.99
N VAL D 289 11.73 8.40 -34.32
CA VAL D 289 12.42 7.29 -34.98
C VAL D 289 13.93 7.38 -34.75
N MET D 290 14.47 8.59 -34.84
CA MET D 290 15.90 8.80 -34.75
C MET D 290 16.43 8.60 -33.32
N VAL D 291 15.67 9.09 -32.33
CA VAL D 291 16.01 8.88 -30.93
C VAL D 291 15.97 7.39 -30.61
N ALA D 292 15.00 6.69 -31.20
CA ALA D 292 14.86 5.24 -31.02
C ALA D 292 16.12 4.48 -31.43
N TRP D 293 16.90 5.07 -32.32
CA TRP D 293 18.13 4.45 -32.80
C TRP D 293 19.36 4.70 -31.92
N GLN D 294 19.24 5.62 -30.96
CA GLN D 294 20.33 5.90 -30.03
C GLN D 294 20.66 4.71 -29.14
N PRO D 295 19.65 4.11 -28.47
CA PRO D 295 19.93 2.91 -27.67
C PRO D 295 20.51 1.77 -28.50
N ILE D 296 19.99 1.59 -29.73
CA ILE D 296 20.50 0.58 -30.66
C ILE D 296 22.01 0.74 -30.84
N GLY D 297 22.44 1.98 -31.05
CA GLY D 297 23.86 2.30 -31.16
C GLY D 297 24.60 2.06 -29.87
N ILE D 298 24.16 2.73 -28.81
CA ILE D 298 24.79 2.64 -27.49
C ILE D 298 25.01 1.20 -27.06
N SER D 299 23.95 0.39 -27.14
CA SER D 299 23.98 -1.00 -26.72
C SER D 299 24.99 -1.84 -27.50
N MET D 300 25.13 -1.56 -28.80
CA MET D 300 26.14 -2.21 -29.62
C MET D 300 27.54 -1.95 -29.06
N GLY D 301 27.82 -0.68 -28.78
CA GLY D 301 29.08 -0.27 -28.16
C GLY D 301 29.30 -0.96 -26.83
N ILE D 302 28.28 -0.93 -25.98
CA ILE D 302 28.33 -1.58 -24.66
C ILE D 302 28.70 -3.06 -24.81
N TYR D 303 28.15 -3.72 -25.82
CA TYR D 303 28.49 -5.11 -26.09
C TYR D 303 29.94 -5.24 -26.56
N ASP D 304 30.29 -4.50 -27.62
CA ASP D 304 31.64 -4.54 -28.19
C ASP D 304 32.72 -4.42 -27.13
N MET D 305 32.48 -3.53 -26.16
CA MET D 305 33.40 -3.33 -25.04
C MET D 305 33.43 -4.55 -24.11
N CYS D 306 32.24 -5.04 -23.74
CA CYS D 306 32.12 -6.20 -22.86
C CYS D 306 32.77 -7.45 -23.46
N HIS D 307 32.53 -7.68 -24.74
CA HIS D 307 33.07 -8.85 -25.45
C HIS D 307 34.59 -8.92 -25.36
N ARG D 308 35.23 -7.77 -25.57
CA ARG D 308 36.68 -7.67 -25.45
C ARG D 308 37.12 -7.80 -23.98
N TYR D 309 36.48 -7.03 -23.10
CA TYR D 309 36.86 -7.00 -21.69
C TYR D 309 36.81 -8.38 -21.03
N LEU D 310 35.73 -9.12 -21.27
CA LEU D 310 35.56 -10.46 -20.71
C LEU D 310 36.57 -11.45 -21.27
N LYS D 311 37.16 -11.10 -22.42
CA LYS D 311 38.15 -11.95 -23.07
C LYS D 311 39.58 -11.54 -22.69
N GLU D 312 39.75 -10.29 -22.25
CA GLU D 312 41.06 -9.76 -21.84
C GLU D 312 41.32 -9.95 -20.35
N ARG D 313 40.33 -9.61 -19.53
CA ARG D 313 40.45 -9.68 -18.08
C ARG D 313 40.43 -11.14 -17.64
N LYS D 314 41.45 -11.52 -16.90
CA LYS D 314 41.58 -12.89 -16.40
C LYS D 314 41.39 -12.94 -14.89
N GLN D 315 40.62 -13.92 -14.42
CA GLN D 315 40.39 -14.12 -13.00
C GLN D 315 40.17 -15.61 -12.74
N PHE D 316 40.72 -16.09 -11.62
CA PHE D 316 40.71 -17.52 -11.29
C PHE D 316 41.46 -18.38 -12.31
N GLY D 317 42.41 -17.75 -13.01
CA GLY D 317 43.23 -18.44 -14.01
C GLY D 317 42.51 -18.73 -15.32
N ALA D 318 41.60 -17.83 -15.70
CA ALA D 318 40.84 -17.96 -16.94
C ALA D 318 40.21 -16.62 -17.32
N PRO D 319 40.01 -16.36 -18.64
CA PRO D 319 39.28 -15.17 -19.05
C PRO D 319 37.86 -15.18 -18.49
N LEU D 320 37.35 -14.00 -18.14
CA LEU D 320 36.00 -13.89 -17.58
C LEU D 320 34.95 -14.53 -18.47
N ALA D 321 35.19 -14.51 -19.78
CA ALA D 321 34.27 -15.05 -20.78
C ALA D 321 34.16 -16.58 -20.75
N ALA D 322 34.90 -17.21 -19.85
CA ALA D 322 34.90 -18.68 -19.73
C ALA D 322 33.89 -19.17 -18.70
N PHE D 323 33.42 -18.25 -17.86
CA PHE D 323 32.53 -18.61 -16.75
C PHE D 323 31.07 -18.54 -17.17
N GLN D 324 30.33 -19.58 -16.79
CA GLN D 324 28.92 -19.73 -17.14
C GLN D 324 28.09 -18.47 -16.91
N LEU D 325 28.16 -17.94 -15.68
CA LEU D 325 27.40 -16.74 -15.31
C LEU D 325 27.68 -15.57 -16.23
N ASN D 326 28.96 -15.37 -16.59
CA ASN D 326 29.35 -14.28 -17.48
C ASN D 326 28.90 -14.46 -18.92
N GLN D 327 28.87 -15.72 -19.38
CA GLN D 327 28.42 -16.02 -20.73
C GLN D 327 26.93 -15.74 -20.90
N GLN D 328 26.13 -16.22 -19.95
CA GLN D 328 24.68 -16.00 -19.97
C GLN D 328 24.34 -14.51 -19.98
N LYS D 329 25.13 -13.73 -19.24
CA LYS D 329 24.96 -12.27 -19.22
C LYS D 329 25.31 -11.68 -20.57
N LEU D 330 26.39 -12.17 -21.18
CA LEU D 330 26.87 -11.66 -22.46
C LEU D 330 25.91 -11.97 -23.61
N VAL D 331 25.38 -13.20 -23.64
CA VAL D 331 24.48 -13.62 -24.72
C VAL D 331 23.08 -12.99 -24.61
N GLN D 332 22.67 -12.68 -23.38
CA GLN D 332 21.43 -11.94 -23.14
C GLN D 332 21.55 -10.54 -23.72
N MET D 333 22.75 -9.96 -23.60
CA MET D 333 23.06 -8.67 -24.20
C MET D 333 23.06 -8.79 -25.73
N LEU D 334 23.77 -9.80 -26.23
CA LEU D 334 23.84 -10.05 -27.67
C LEU D 334 22.47 -10.27 -28.28
N GLY D 335 21.63 -11.02 -27.56
CA GLY D 335 20.24 -11.25 -27.98
C GLY D 335 19.41 -9.99 -27.98
N ASN D 336 19.50 -9.22 -26.89
CA ASN D 336 18.82 -7.94 -26.78
C ASN D 336 19.20 -6.98 -27.90
N VAL D 337 20.48 -7.01 -28.29
CA VAL D 337 20.99 -6.13 -29.34
C VAL D 337 20.43 -6.47 -30.71
N GLN D 338 20.50 -7.73 -31.11
CA GLN D 338 20.01 -8.17 -32.42
C GLN D 338 18.55 -7.78 -32.64
N ALA D 339 17.74 -7.98 -31.61
CA ALA D 339 16.33 -7.62 -31.65
C ALA D 339 16.13 -6.11 -31.74
N MET D 340 16.86 -5.36 -30.91
CA MET D 340 16.80 -3.90 -30.90
C MET D 340 17.08 -3.31 -32.28
N PHE D 341 18.06 -3.87 -32.97
CA PHE D 341 18.42 -3.40 -34.30
C PHE D 341 17.29 -3.67 -35.29
N LEU D 342 16.86 -4.92 -35.39
CA LEU D 342 15.79 -5.32 -36.30
C LEU D 342 14.54 -4.47 -36.06
N MET D 343 14.28 -4.16 -34.79
CA MET D 343 13.14 -3.34 -34.40
C MET D 343 13.24 -1.94 -35.00
N GLY D 344 14.39 -1.31 -34.82
CA GLY D 344 14.64 0.02 -35.36
C GLY D 344 14.70 0.02 -36.87
N TRP D 345 15.26 -1.03 -37.44
CA TRP D 345 15.34 -1.19 -38.89
C TRP D 345 13.97 -1.25 -39.52
N ARG D 346 13.10 -2.07 -38.92
CA ARG D 346 11.71 -2.22 -39.39
C ARG D 346 10.97 -0.89 -39.30
N LEU D 347 11.21 -0.17 -38.21
CA LEU D 347 10.60 1.13 -37.97
C LEU D 347 10.90 2.11 -39.10
N CYS D 348 12.16 2.11 -39.56
CA CYS D 348 12.59 2.94 -40.68
C CYS D 348 11.85 2.54 -41.95
N LYS D 349 11.78 1.24 -42.21
CA LYS D 349 11.12 0.70 -43.40
C LYS D 349 9.61 0.92 -43.38
N LEU D 350 9.09 1.28 -42.20
CA LEU D 350 7.70 1.67 -42.07
C LEU D 350 7.53 3.14 -42.45
N TYR D 351 8.46 3.99 -41.99
CA TYR D 351 8.44 5.40 -42.34
C TYR D 351 8.71 5.61 -43.83
N GLU D 352 9.60 4.77 -44.37
CA GLU D 352 10.01 4.84 -45.77
C GLU D 352 8.86 4.51 -46.70
N THR D 353 8.09 3.48 -46.34
CA THR D 353 6.90 3.07 -47.09
C THR D 353 5.71 4.01 -46.83
N GLY D 354 5.89 4.91 -45.87
CA GLY D 354 4.90 5.96 -45.58
C GLY D 354 3.67 5.49 -44.84
N GLN D 355 3.75 4.29 -44.24
CA GLN D 355 2.62 3.72 -43.51
C GLN D 355 2.83 3.70 -41.98
N MET D 356 3.83 4.44 -41.51
CA MET D 356 4.15 4.52 -40.09
C MET D 356 3.20 5.46 -39.36
N THR D 357 2.75 5.04 -38.19
CA THR D 357 1.82 5.81 -37.36
C THR D 357 2.47 6.10 -36.00
N PRO D 358 2.13 7.26 -35.40
CA PRO D 358 2.64 7.68 -34.10
C PRO D 358 2.80 6.54 -33.09
N GLY D 359 1.84 5.62 -33.06
CA GLY D 359 1.85 4.50 -32.12
C GLY D 359 2.96 3.50 -32.37
N GLN D 360 3.23 3.23 -33.65
CA GLN D 360 4.33 2.34 -34.04
C GLN D 360 5.69 2.91 -33.64
N ALA D 361 5.87 4.20 -33.90
CA ALA D 361 7.09 4.91 -33.55
C ALA D 361 7.25 5.00 -32.04
N SER D 362 6.13 5.21 -31.35
CA SER D 362 6.12 5.30 -29.88
C SER D 362 6.43 3.95 -29.25
N LEU D 363 5.99 2.88 -29.89
CA LEU D 363 6.33 1.53 -29.45
C LEU D 363 7.82 1.27 -29.68
N GLY D 364 8.31 1.72 -30.82
CA GLY D 364 9.72 1.58 -31.18
C GLY D 364 10.65 2.13 -30.12
N LYS D 365 10.56 3.44 -29.88
CA LYS D 365 11.39 4.11 -28.89
C LYS D 365 11.26 3.46 -27.51
N ALA D 366 10.02 3.26 -27.07
CA ALA D 366 9.76 2.72 -25.74
C ALA D 366 10.43 1.37 -25.54
N TRP D 367 10.11 0.42 -26.41
CA TRP D 367 10.63 -0.95 -26.30
C TRP D 367 12.16 -0.98 -26.36
N ILE D 368 12.72 -0.34 -27.38
CA ILE D 368 14.16 -0.33 -27.60
C ILE D 368 14.91 0.29 -26.41
N SER D 369 14.44 1.45 -25.95
CA SER D 369 15.05 2.11 -24.79
C SER D 369 14.99 1.24 -23.54
N SER D 370 13.90 0.48 -23.40
CA SER D 370 13.72 -0.42 -22.26
C SER D 370 14.74 -1.56 -22.25
N LYS D 371 14.96 -2.17 -23.41
CA LYS D 371 15.89 -3.30 -23.53
C LYS D 371 17.33 -2.80 -23.49
N ALA D 372 17.54 -1.57 -23.94
CA ALA D 372 18.83 -0.93 -23.86
C ALA D 372 19.27 -0.73 -22.40
N ARG D 373 18.31 -0.38 -21.54
CA ARG D 373 18.57 -0.29 -20.10
C ARG D 373 19.01 -1.62 -19.52
N GLU D 374 18.27 -2.68 -19.86
CA GLU D 374 18.60 -4.02 -19.43
C GLU D 374 20.00 -4.42 -19.90
N THR D 375 20.27 -4.17 -21.17
CA THR D 375 21.57 -4.47 -21.78
C THR D 375 22.70 -3.68 -21.11
N ALA D 376 22.45 -2.40 -20.84
CA ALA D 376 23.43 -1.54 -20.17
C ALA D 376 23.67 -1.97 -18.73
N SER D 377 22.60 -2.39 -18.04
CA SER D 377 22.69 -2.82 -16.66
C SER D 377 23.55 -4.08 -16.51
N LEU D 378 23.38 -5.01 -17.44
CA LEU D 378 24.18 -6.24 -17.46
C LEU D 378 25.63 -5.93 -17.80
N GLY D 379 25.83 -5.12 -18.82
CA GLY D 379 27.16 -4.71 -19.25
C GLY D 379 27.96 -4.04 -18.15
N ARG D 380 27.28 -3.18 -17.38
CA ARG D 380 27.91 -2.43 -16.31
C ARG D 380 28.44 -3.34 -15.21
N GLU D 381 27.66 -4.36 -14.86
CA GLU D 381 28.07 -5.30 -13.80
C GLU D 381 29.10 -6.33 -14.28
N LEU D 382 29.18 -6.54 -15.59
CA LEU D 382 30.13 -7.47 -16.19
C LEU D 382 31.58 -7.03 -16.01
N LEU D 383 31.82 -5.72 -16.04
CA LEU D 383 33.17 -5.19 -15.89
C LEU D 383 33.58 -5.02 -14.43
N GLY D 384 32.64 -5.26 -13.52
CA GLY D 384 32.88 -5.18 -12.09
C GLY D 384 33.30 -3.79 -11.63
N GLY D 385 34.54 -3.69 -11.15
CA GLY D 385 35.09 -2.42 -10.68
C GLY D 385 35.14 -1.38 -11.79
N ASN D 386 35.86 -1.71 -12.86
CA ASN D 386 36.01 -0.83 -14.03
C ASN D 386 34.68 -0.59 -14.75
N GLY D 387 33.62 -1.23 -14.25
CA GLY D 387 32.27 -1.02 -14.74
C GLY D 387 31.68 0.32 -14.32
N ILE D 388 32.36 0.98 -13.39
CA ILE D 388 31.95 2.32 -12.96
C ILE D 388 32.88 3.41 -13.52
N LEU D 389 33.82 3.00 -14.36
CA LEU D 389 34.77 3.93 -14.97
C LEU D 389 34.40 4.32 -16.38
N ALA D 390 34.36 5.63 -16.62
CA ALA D 390 34.08 6.19 -17.95
C ALA D 390 35.21 5.91 -18.92
N ASP D 391 36.37 5.55 -18.38
CA ASP D 391 37.52 5.09 -19.16
C ASP D 391 37.17 3.86 -19.98
N PHE D 392 36.23 3.07 -19.48
CA PHE D 392 35.86 1.81 -20.09
C PHE D 392 34.50 1.83 -20.78
N LEU D 393 34.06 3.03 -21.17
CA LEU D 393 32.84 3.24 -21.97
C LEU D 393 31.53 2.84 -21.28
N VAL D 394 31.43 1.57 -20.88
CA VAL D 394 30.20 1.00 -20.36
C VAL D 394 29.54 1.87 -19.30
N ALA D 395 30.34 2.30 -18.31
CA ALA D 395 29.85 3.15 -17.23
C ALA D 395 29.26 4.46 -17.75
N LYS D 396 29.99 5.11 -18.65
CA LYS D 396 29.57 6.35 -19.28
C LYS D 396 28.27 6.14 -20.06
N ALA D 397 28.23 5.07 -20.86
CA ALA D 397 27.07 4.74 -21.67
C ALA D 397 25.87 4.31 -20.83
N PHE D 398 26.16 3.66 -19.70
CA PHE D 398 25.13 3.26 -18.73
C PHE D 398 24.42 4.50 -18.20
N CYS D 399 25.21 5.52 -17.84
CA CYS D 399 24.69 6.80 -17.39
C CYS D 399 24.06 7.57 -18.55
N ASP D 400 24.74 7.60 -19.70
CA ASP D 400 24.29 8.31 -20.90
C ASP D 400 22.92 7.89 -21.39
N LEU D 401 22.56 6.63 -21.10
CA LEU D 401 21.31 6.06 -21.58
C LEU D 401 20.09 6.52 -20.78
N GLU D 402 20.31 6.78 -19.49
CA GLU D 402 19.23 7.13 -18.57
C GLU D 402 18.36 8.31 -19.01
N PRO D 403 18.97 9.44 -19.44
CA PRO D 403 18.12 10.50 -19.96
C PRO D 403 17.37 10.09 -21.23
N ILE D 404 18.02 9.29 -22.08
CA ILE D 404 17.43 8.84 -23.35
C ILE D 404 16.16 8.02 -23.14
N TYR D 405 16.14 7.24 -22.07
CA TYR D 405 14.96 6.52 -21.63
C TYR D 405 13.81 7.47 -21.36
N THR D 406 14.14 8.68 -20.89
CA THR D 406 13.16 9.69 -20.50
C THR D 406 12.84 10.72 -21.58
N TYR D 407 13.88 11.32 -22.18
CA TYR D 407 13.66 12.42 -23.13
C TYR D 407 13.17 11.92 -24.50
N GLU D 408 12.52 12.83 -25.23
CA GLU D 408 11.80 12.51 -26.48
C GLU D 408 10.62 11.59 -26.18
N GLY D 409 9.89 11.90 -25.11
CA GLY D 409 8.79 11.08 -24.66
C GLY D 409 9.25 10.00 -23.70
N THR D 410 8.89 10.16 -22.43
CA THR D 410 9.20 9.16 -21.41
C THR D 410 8.52 7.84 -21.71
N TYR D 411 9.18 6.75 -21.32
CA TYR D 411 8.69 5.38 -21.53
C TYR D 411 7.18 5.28 -21.28
N ASP D 412 6.74 5.78 -20.14
CA ASP D 412 5.34 5.70 -19.74
C ASP D 412 4.41 6.44 -20.71
N ILE D 413 4.83 7.63 -21.15
CA ILE D 413 4.07 8.41 -22.13
C ILE D 413 3.96 7.67 -23.47
N ASN D 414 5.10 7.17 -23.98
CA ASN D 414 5.13 6.43 -25.23
C ASN D 414 4.26 5.18 -25.21
N THR D 415 4.40 4.39 -24.15
CA THR D 415 3.59 3.18 -23.97
C THR D 415 2.11 3.50 -23.91
N LEU D 416 1.78 4.72 -23.46
CA LEU D 416 0.40 5.20 -23.44
C LEU D 416 -0.06 5.71 -24.80
N VAL D 417 0.87 6.24 -25.60
CA VAL D 417 0.57 6.67 -26.97
C VAL D 417 0.23 5.45 -27.83
N THR D 418 1.08 4.43 -27.74
CA THR D 418 0.82 3.14 -28.40
C THR D 418 -0.43 2.50 -27.81
N GLY D 419 -0.67 2.73 -26.52
CA GLY D 419 -1.87 2.26 -25.85
C GLY D 419 -3.13 2.84 -26.44
N ARG D 420 -3.16 4.18 -26.53
CA ARG D 420 -4.30 4.90 -27.07
C ARG D 420 -4.65 4.48 -28.50
N GLU D 421 -3.63 4.29 -29.33
CA GLU D 421 -3.82 3.97 -30.74
C GLU D 421 -4.41 2.57 -30.95
N VAL D 422 -3.91 1.60 -30.19
CA VAL D 422 -4.32 0.20 -30.36
C VAL D 422 -5.70 -0.06 -29.74
N THR D 423 -5.89 0.37 -28.50
CA THR D 423 -7.15 0.15 -27.78
C THR D 423 -8.28 1.03 -28.30
N GLY D 424 -7.94 2.26 -28.67
CA GLY D 424 -8.92 3.24 -29.13
C GLY D 424 -9.37 4.15 -28.00
N ILE D 425 -8.89 3.88 -26.79
CA ILE D 425 -9.25 4.65 -25.60
C ILE D 425 -8.04 5.40 -25.06
N ALA D 426 -8.21 6.69 -24.83
CA ALA D 426 -7.13 7.53 -24.32
C ALA D 426 -7.08 7.47 -22.79
N SER D 427 -5.89 7.17 -22.26
CA SER D 427 -5.68 7.09 -20.82
C SER D 427 -4.46 7.88 -20.36
N PHE D 428 -4.43 9.17 -20.72
CA PHE D 428 -3.34 10.07 -20.34
C PHE D 428 -3.73 10.89 -19.13
N LYS D 429 -4.85 11.59 -19.25
CA LYS D 429 -5.37 12.47 -18.20
C LYS D 429 -5.70 11.72 -16.91
N PRO D 430 -5.69 12.43 -15.76
CA PRO D 430 -6.12 11.86 -14.48
C PRO D 430 -7.65 11.75 -14.38
N ALA D 431 -8.14 11.31 -13.22
CA ALA D 431 -9.58 11.28 -12.97
C ALA D 431 -10.13 12.67 -12.73
N THR D 432 -10.29 13.05 -11.46
CA THR D 432 -10.78 14.37 -10.99
C THR D 432 -12.13 14.86 -11.55
N ARG D 433 -12.37 14.96 -12.76
N LYS E 17 -4.48 -45.72 -32.94
CA LYS E 17 -4.40 -46.93 -32.06
C LYS E 17 -3.06 -47.69 -32.20
N SER E 18 -2.76 -48.50 -31.20
CA SER E 18 -1.57 -49.34 -31.17
C SER E 18 -1.73 -50.47 -30.13
N SER E 19 -0.90 -51.50 -30.25
CA SER E 19 -0.89 -52.60 -29.27
C SER E 19 -0.43 -52.13 -27.88
N TYR E 20 0.25 -50.99 -27.84
CA TYR E 20 0.76 -50.42 -26.60
C TYR E 20 0.12 -49.09 -26.21
N PHE E 21 -0.88 -48.65 -26.99
CA PHE E 21 -1.53 -47.36 -26.78
C PHE E 21 -2.40 -47.33 -25.53
N ASP E 22 -3.05 -48.46 -25.24
CA ASP E 22 -3.97 -48.57 -24.10
C ASP E 22 -3.27 -48.86 -22.77
N LEU E 23 -2.05 -49.39 -22.84
CA LEU E 23 -1.26 -49.78 -21.66
C LEU E 23 -1.05 -48.64 -20.66
N PRO E 24 -1.16 -48.94 -19.34
CA PRO E 24 -1.01 -47.94 -18.28
C PRO E 24 0.36 -47.28 -18.28
N PRO E 25 0.43 -45.99 -17.85
CA PRO E 25 1.67 -45.21 -17.78
C PRO E 25 2.79 -45.93 -17.05
N MET E 26 4.02 -45.67 -17.46
CA MET E 26 5.20 -46.28 -16.85
C MET E 26 5.42 -45.75 -15.44
N GLU E 27 5.70 -46.67 -14.51
CA GLU E 27 5.98 -46.34 -13.12
C GLU E 27 7.20 -45.41 -13.04
N MET E 28 7.13 -44.42 -12.15
CA MET E 28 8.21 -43.45 -11.97
C MET E 28 9.55 -44.07 -11.56
N SER E 29 9.49 -45.27 -10.96
CA SER E 29 10.68 -46.02 -10.56
C SER E 29 11.48 -46.51 -11.77
N VAL E 30 10.77 -46.81 -12.86
CA VAL E 30 11.39 -47.31 -14.08
C VAL E 30 11.58 -46.19 -15.11
N ALA E 31 10.60 -45.30 -15.22
CA ALA E 31 10.58 -44.22 -16.21
C ALA E 31 11.67 -43.17 -16.00
N PHE E 32 11.96 -42.85 -14.74
CA PHE E 32 12.98 -41.87 -14.38
C PHE E 32 13.55 -42.18 -13.00
N PRO E 33 14.56 -43.08 -12.95
CA PRO E 33 15.12 -43.57 -11.69
C PRO E 33 16.01 -42.54 -10.97
N GLN E 34 16.62 -41.64 -11.73
CA GLN E 34 17.61 -40.70 -11.20
C GLN E 34 17.07 -39.76 -10.12
N ALA E 35 15.78 -39.43 -10.18
CA ALA E 35 15.17 -38.50 -9.25
C ALA E 35 13.98 -39.07 -8.50
N THR E 36 13.76 -38.55 -7.30
CA THR E 36 12.65 -38.94 -6.44
C THR E 36 11.48 -37.97 -6.65
N PRO E 37 10.28 -38.50 -6.98
CA PRO E 37 9.07 -37.69 -7.17
C PRO E 37 8.55 -37.04 -5.88
N ALA E 38 7.50 -36.25 -6.01
CA ALA E 38 6.90 -35.56 -4.87
C ALA E 38 6.10 -36.50 -3.96
N SER E 39 5.81 -37.70 -4.45
CA SER E 39 5.11 -38.75 -3.69
C SER E 39 5.74 -38.93 -2.31
N THR E 40 7.06 -39.08 -2.29
CA THR E 40 7.83 -39.00 -1.06
C THR E 40 8.37 -37.57 -0.99
N PHE E 41 7.73 -36.74 -0.17
CA PHE E 41 7.98 -35.30 -0.16
C PHE E 41 9.37 -34.92 0.38
N PRO E 42 10.04 -33.95 -0.29
CA PRO E 42 11.36 -33.44 0.06
C PRO E 42 11.49 -32.93 1.49
N PRO E 43 12.71 -33.03 2.08
CA PRO E 43 13.01 -32.44 3.39
C PRO E 43 13.06 -30.91 3.34
N CYS E 44 12.90 -30.27 4.51
CA CYS E 44 12.82 -28.81 4.61
C CYS E 44 14.19 -28.13 4.55
N THR E 45 14.65 -27.85 3.33
CA THR E 45 15.93 -27.19 3.11
C THR E 45 15.78 -25.72 2.70
N SER E 46 14.52 -25.26 2.66
CA SER E 46 14.20 -23.88 2.31
C SER E 46 14.31 -22.95 3.51
N ASP E 47 14.25 -23.53 4.70
CA ASP E 47 14.39 -22.79 5.95
C ASP E 47 15.87 -22.50 6.21
N TYR E 48 16.41 -21.52 5.48
CA TYR E 48 17.83 -21.23 5.51
C TYR E 48 18.22 -20.20 6.56
N TYR E 49 17.26 -19.33 6.91
CA TYR E 49 17.49 -18.30 7.92
C TYR E 49 16.94 -18.71 9.29
N HIS E 50 16.77 -20.03 9.47
CA HIS E 50 16.34 -20.65 10.72
C HIS E 50 15.14 -19.93 11.37
N PHE E 51 13.96 -20.14 10.78
CA PHE E 51 12.77 -19.36 11.11
C PHE E 51 12.08 -19.72 12.42
N ASN E 52 12.45 -20.86 13.01
CA ASN E 52 11.88 -21.27 14.30
C ASN E 52 12.16 -20.28 15.43
N ASP E 53 13.13 -19.39 15.21
CA ASP E 53 13.45 -18.32 16.15
C ASP E 53 12.38 -17.24 16.19
N LEU E 54 11.69 -17.07 15.06
CA LEU E 54 10.64 -16.06 14.94
C LEU E 54 9.27 -16.59 15.40
N LEU E 55 9.22 -17.90 15.68
CA LEU E 55 7.98 -18.55 16.10
C LEU E 55 7.99 -18.90 17.59
N THR E 56 6.80 -18.96 18.18
CA THR E 56 6.65 -19.37 19.59
C THR E 56 6.69 -20.90 19.69
N PRO E 57 7.00 -21.44 20.89
CA PRO E 57 7.00 -22.89 21.10
C PRO E 57 5.73 -23.58 20.57
N GLU E 58 4.57 -22.96 20.82
CA GLU E 58 3.28 -23.50 20.38
C GLU E 58 3.11 -23.39 18.86
N GLU E 59 3.55 -22.28 18.30
CA GLU E 59 3.51 -22.06 16.84
C GLU E 59 4.38 -23.08 16.12
N GLN E 60 5.55 -23.38 16.68
CA GLN E 60 6.47 -24.38 16.15
C GLN E 60 5.82 -25.76 16.10
N ALA E 61 5.07 -26.09 17.14
CA ALA E 61 4.37 -27.38 17.26
C ALA E 61 3.26 -27.53 16.20
N ILE E 62 2.53 -26.44 15.94
CA ILE E 62 1.49 -26.45 14.91
C ILE E 62 2.12 -26.59 13.53
N ARG E 63 3.21 -25.85 13.30
CA ARG E 63 3.96 -25.92 12.06
C ARG E 63 4.36 -27.37 11.74
N LYS E 64 5.01 -28.02 12.70
CA LYS E 64 5.46 -29.41 12.56
C LYS E 64 4.31 -30.38 12.34
N LYS E 65 3.23 -30.22 13.11
CA LYS E 65 2.06 -31.11 13.05
C LYS E 65 1.42 -31.12 11.67
N VAL E 66 1.18 -29.92 11.13
CA VAL E 66 0.55 -29.78 9.81
C VAL E 66 1.46 -30.35 8.72
N ARG E 67 2.74 -29.96 8.75
CA ARG E 67 3.73 -30.42 7.78
C ARG E 67 3.75 -31.94 7.66
N GLU E 68 3.79 -32.63 8.80
CA GLU E 68 3.79 -34.09 8.83
C GLU E 68 2.47 -34.68 8.34
N CYS E 69 1.35 -34.09 8.76
CA CYS E 69 0.03 -34.58 8.40
C CYS E 69 -0.33 -34.26 6.95
N MET E 70 0.55 -33.51 6.28
CA MET E 70 0.40 -33.20 4.85
C MET E 70 1.29 -34.09 3.99
N GLU E 71 2.52 -34.33 4.45
CA GLU E 71 3.48 -35.19 3.76
C GLU E 71 3.07 -36.67 3.82
N LYS E 72 2.20 -36.99 4.77
CA LYS E 72 1.72 -38.36 4.96
C LYS E 72 0.43 -38.63 4.20
N GLU E 73 -0.56 -37.75 4.36
CA GLU E 73 -1.93 -38.03 3.89
C GLU E 73 -2.29 -37.39 2.55
N VAL E 74 -1.65 -36.27 2.21
CA VAL E 74 -1.96 -35.56 0.97
C VAL E 74 -0.91 -35.79 -0.12
N ALA E 75 0.36 -35.70 0.27
CA ALA E 75 1.50 -35.81 -0.65
C ALA E 75 1.46 -36.98 -1.66
N PRO E 76 1.09 -38.20 -1.20
CA PRO E 76 0.98 -39.29 -2.18
C PRO E 76 -0.16 -39.13 -3.17
N ILE E 77 -1.36 -38.81 -2.69
CA ILE E 77 -2.55 -38.79 -3.54
C ILE E 77 -2.76 -37.51 -4.36
N MET E 78 -2.10 -36.42 -3.96
CA MET E 78 -2.28 -35.10 -4.60
C MET E 78 -2.02 -35.09 -6.10
N THR E 79 -0.98 -35.81 -6.54
CA THR E 79 -0.60 -35.87 -7.94
C THR E 79 -1.75 -36.38 -8.82
N GLU E 80 -2.40 -37.45 -8.36
CA GLU E 80 -3.51 -38.08 -9.08
C GLU E 80 -4.75 -37.17 -9.15
N TYR E 81 -5.16 -36.63 -8.01
CA TYR E 81 -6.39 -35.83 -7.92
C TYR E 81 -6.29 -34.45 -8.59
N TRP E 82 -5.07 -33.97 -8.77
CA TRP E 82 -4.84 -32.69 -9.44
C TRP E 82 -5.10 -32.81 -10.93
N GLU E 83 -4.58 -33.88 -11.53
CA GLU E 83 -4.77 -34.17 -12.95
C GLU E 83 -6.25 -34.33 -13.31
N LYS E 84 -6.97 -35.08 -12.47
CA LYS E 84 -8.39 -35.35 -12.69
C LYS E 84 -9.27 -34.14 -12.35
N ALA E 85 -8.65 -33.13 -11.72
CA ALA E 85 -9.35 -31.93 -11.23
C ALA E 85 -10.50 -32.26 -10.27
N GLU E 86 -10.35 -33.37 -9.56
CA GLU E 86 -11.34 -33.83 -8.59
C GLU E 86 -10.86 -33.56 -7.16
N PHE E 87 -11.82 -33.26 -6.28
CA PHE E 87 -11.52 -33.01 -4.88
C PHE E 87 -11.39 -34.34 -4.10
N PRO E 88 -10.34 -34.46 -3.26
CA PRO E 88 -10.15 -35.66 -2.45
C PRO E 88 -10.97 -35.60 -1.16
N PHE E 89 -12.24 -35.97 -1.26
CA PHE E 89 -13.18 -35.86 -0.13
C PHE E 89 -12.79 -36.69 1.08
N HIS E 90 -12.13 -37.83 0.84
CA HIS E 90 -11.73 -38.73 1.92
C HIS E 90 -10.55 -38.20 2.75
N ILE E 91 -10.07 -37.02 2.38
CA ILE E 91 -8.99 -36.34 3.11
C ILE E 91 -9.55 -35.32 4.10
N THR E 92 -10.78 -34.86 3.84
CA THR E 92 -11.46 -33.85 4.67
C THR E 92 -11.33 -34.10 6.19
N PRO E 93 -11.74 -35.29 6.69
CA PRO E 93 -11.64 -35.52 8.14
C PRO E 93 -10.21 -35.46 8.68
N LYS E 94 -9.23 -35.81 7.83
CA LYS E 94 -7.83 -35.77 8.22
C LYS E 94 -7.34 -34.33 8.39
N LEU E 95 -7.91 -33.42 7.60
CA LEU E 95 -7.60 -31.98 7.71
C LEU E 95 -8.24 -31.36 8.94
N GLY E 96 -9.46 -31.78 9.25
CA GLY E 96 -10.16 -31.34 10.46
C GLY E 96 -9.57 -31.94 11.72
N ALA E 97 -8.70 -32.94 11.54
CA ALA E 97 -7.98 -33.57 12.64
C ALA E 97 -6.71 -32.79 13.00
N MET E 98 -6.23 -31.98 12.06
CA MET E 98 -5.05 -31.13 12.27
C MET E 98 -5.35 -29.99 13.26
N GLY E 99 -6.62 -29.56 13.27
CA GLY E 99 -7.06 -28.48 14.15
C GLY E 99 -6.62 -27.13 13.60
N VAL E 100 -7.00 -26.87 12.35
CA VAL E 100 -6.59 -25.64 11.67
C VAL E 100 -7.82 -24.82 11.24
N ALA E 101 -8.90 -25.52 10.89
CA ALA E 101 -10.16 -24.89 10.50
C ALA E 101 -10.75 -24.09 11.66
N GLY E 102 -11.09 -22.84 11.39
CA GLY E 102 -11.48 -21.89 12.43
C GLY E 102 -10.32 -20.96 12.73
N GLY E 103 -9.18 -21.57 13.07
CA GLY E 103 -7.91 -20.85 13.23
C GLY E 103 -7.95 -19.67 14.18
N SER E 104 -8.19 -18.48 13.62
CA SER E 104 -8.19 -17.24 14.38
C SER E 104 -9.38 -17.09 15.34
N ILE E 105 -10.48 -17.77 15.02
CA ILE E 105 -11.71 -17.70 15.82
C ILE E 105 -11.51 -18.26 17.22
N LYS E 106 -11.84 -17.46 18.22
CA LYS E 106 -11.75 -17.88 19.63
C LYS E 106 -13.10 -18.39 20.14
N GLY E 107 -13.08 -19.55 20.78
CA GLY E 107 -14.29 -20.21 21.26
C GLY E 107 -15.08 -20.87 20.14
N TYR E 108 -16.33 -21.20 20.42
CA TYR E 108 -17.24 -21.83 19.46
C TYR E 108 -16.68 -23.10 18.81
N GLY E 109 -15.96 -23.90 19.60
CA GLY E 109 -15.36 -25.16 19.14
C GLY E 109 -14.22 -25.00 18.16
N CYS E 110 -13.64 -23.80 18.10
CA CYS E 110 -12.51 -23.52 17.22
C CYS E 110 -11.19 -23.56 18.00
N PRO E 111 -10.07 -23.88 17.30
CA PRO E 111 -8.74 -24.01 17.93
C PRO E 111 -8.26 -22.75 18.67
N GLY E 112 -8.61 -21.57 18.17
CA GLY E 112 -8.25 -20.31 18.81
C GLY E 112 -6.76 -20.01 18.73
N LEU E 113 -6.24 -20.00 17.50
CA LEU E 113 -4.82 -19.79 17.25
C LEU E 113 -4.50 -18.31 17.07
N SER E 114 -3.22 -17.97 17.22
CA SER E 114 -2.74 -16.62 16.92
C SER E 114 -2.65 -16.44 15.41
N ILE E 115 -2.69 -15.20 14.96
CA ILE E 115 -2.60 -14.86 13.53
C ILE E 115 -1.31 -15.38 12.89
N THR E 116 -0.22 -15.36 13.66
CA THR E 116 1.07 -15.90 13.22
C THR E 116 0.99 -17.41 13.08
N ALA E 117 0.32 -18.06 14.03
CA ALA E 117 0.14 -19.52 14.00
C ALA E 117 -0.77 -19.96 12.87
N ASN E 118 -1.88 -19.26 12.68
CA ASN E 118 -2.82 -19.58 11.61
C ASN E 118 -2.23 -19.32 10.23
N ALA E 119 -1.26 -18.40 10.17
CA ALA E 119 -0.55 -18.09 8.93
C ALA E 119 0.49 -19.14 8.60
N ILE E 120 1.29 -19.53 9.58
CA ILE E 120 2.31 -20.57 9.41
C ILE E 120 1.67 -21.92 9.12
N ALA E 121 0.42 -22.08 9.57
CA ALA E 121 -0.37 -23.28 9.28
C ALA E 121 -0.72 -23.33 7.80
N THR E 122 -1.23 -22.22 7.27
CA THR E 122 -1.56 -22.10 5.85
C THR E 122 -0.34 -22.41 4.99
N ALA E 123 0.81 -21.86 5.39
CA ALA E 123 2.07 -22.06 4.68
C ALA E 123 2.42 -23.53 4.53
N GLU E 124 2.44 -24.25 5.65
CA GLU E 124 2.85 -25.66 5.64
C GLU E 124 1.84 -26.58 4.94
N ILE E 125 0.67 -26.04 4.60
CA ILE E 125 -0.28 -26.74 3.75
C ILE E 125 0.03 -26.43 2.28
N ALA E 126 0.05 -25.15 1.95
CA ALA E 126 0.33 -24.68 0.59
C ALA E 126 1.70 -25.17 0.10
N ARG E 127 2.59 -25.45 1.04
CA ARG E 127 3.90 -26.02 0.77
C ARG E 127 3.77 -27.36 0.05
N VAL E 128 2.92 -28.23 0.58
CA VAL E 128 2.69 -29.56 0.00
C VAL E 128 1.67 -29.47 -1.13
N ASP E 129 0.56 -28.80 -0.88
CA ASP E 129 -0.45 -28.57 -1.91
C ASP E 129 -1.20 -27.25 -1.72
N ALA E 130 -1.18 -26.43 -2.77
CA ALA E 130 -1.88 -25.15 -2.77
C ALA E 130 -3.40 -25.34 -2.87
N SER E 131 -3.82 -26.38 -3.58
CA SER E 131 -5.24 -26.68 -3.75
C SER E 131 -5.93 -26.87 -2.41
N CYS E 132 -5.41 -27.80 -1.61
CA CYS E 132 -5.96 -28.07 -0.28
C CYS E 132 -5.81 -26.87 0.67
N SER E 133 -4.88 -25.98 0.35
CA SER E 133 -4.68 -24.75 1.13
C SER E 133 -5.78 -23.74 0.89
N THR E 134 -6.15 -23.56 -0.38
CA THR E 134 -7.24 -22.65 -0.75
C THR E 134 -8.58 -23.16 -0.23
N PHE E 135 -8.79 -24.48 -0.34
CA PHE E 135 -10.00 -25.12 0.18
C PHE E 135 -10.27 -24.70 1.63
N ILE E 136 -9.27 -24.86 2.48
CA ILE E 136 -9.37 -24.52 3.89
C ILE E 136 -9.47 -23.01 4.12
N LEU E 137 -8.63 -22.24 3.43
CA LEU E 137 -8.60 -20.79 3.57
C LEU E 137 -9.96 -20.14 3.27
N VAL E 138 -10.57 -20.54 2.15
CA VAL E 138 -11.90 -20.03 1.76
C VAL E 138 -12.95 -20.45 2.80
N HIS E 139 -12.82 -21.68 3.29
CA HIS E 139 -13.71 -22.20 4.32
C HIS E 139 -13.52 -21.52 5.68
N SER E 140 -12.26 -21.39 6.10
CA SER E 140 -11.94 -20.93 7.46
C SER E 140 -11.77 -19.41 7.58
N SER E 141 -10.87 -18.84 6.77
CA SER E 141 -10.52 -17.43 6.88
C SER E 141 -11.55 -16.51 6.22
N LEU E 142 -12.34 -17.04 5.29
CA LEU E 142 -13.37 -16.25 4.62
C LEU E 142 -14.78 -16.65 5.06
N GLY E 143 -15.07 -17.95 5.04
CA GLY E 143 -16.38 -18.46 5.45
C GLY E 143 -16.60 -18.30 6.94
N MET E 144 -15.95 -19.16 7.71
CA MET E 144 -16.10 -19.20 9.16
C MET E 144 -15.91 -17.84 9.85
N LEU E 145 -14.88 -17.11 9.43
CA LEU E 145 -14.54 -15.83 10.06
C LEU E 145 -15.62 -14.77 9.87
N THR E 146 -16.24 -14.75 8.69
CA THR E 146 -17.34 -13.83 8.38
C THR E 146 -18.49 -14.03 9.38
N ILE E 147 -18.80 -15.27 9.67
CA ILE E 147 -19.80 -15.62 10.70
C ILE E 147 -19.32 -15.19 12.09
N ALA E 148 -18.03 -15.41 12.36
CA ALA E 148 -17.44 -15.12 13.67
C ALA E 148 -17.38 -13.63 14.02
N LEU E 149 -17.31 -12.78 13.00
CA LEU E 149 -17.17 -11.34 13.20
C LEU E 149 -18.46 -10.57 12.90
N CYS E 150 -19.19 -11.01 11.88
CA CYS E 150 -20.40 -10.32 11.44
C CYS E 150 -21.70 -11.05 11.79
N GLY E 151 -21.59 -12.31 12.16
CA GLY E 151 -22.76 -13.09 12.57
C GLY E 151 -23.23 -12.74 13.97
N SER E 152 -24.43 -13.23 14.31
CA SER E 152 -24.98 -13.05 15.65
C SER E 152 -24.51 -14.17 16.57
N GLU E 153 -24.61 -13.94 17.87
CA GLU E 153 -24.22 -14.94 18.87
C GLU E 153 -24.98 -16.26 18.68
N ALA E 154 -26.21 -16.16 18.18
CA ALA E 154 -27.03 -17.34 17.88
C ALA E 154 -26.51 -18.12 16.69
N GLN E 155 -25.94 -17.42 15.72
CA GLN E 155 -25.38 -18.04 14.52
C GLN E 155 -24.01 -18.66 14.79
N LYS E 156 -23.17 -17.96 15.54
CA LYS E 156 -21.84 -18.44 15.89
C LYS E 156 -21.90 -19.77 16.65
N GLU E 157 -22.79 -19.85 17.63
CA GLU E 157 -22.97 -21.04 18.46
C GLU E 157 -23.63 -22.20 17.70
N LYS E 158 -24.27 -21.88 16.57
CA LYS E 158 -25.02 -22.86 15.79
C LYS E 158 -24.17 -23.54 14.71
N TYR E 159 -23.44 -22.75 13.92
CA TYR E 159 -22.71 -23.26 12.76
C TYR E 159 -21.24 -23.56 13.02
N LEU E 160 -20.52 -22.59 13.58
CA LEU E 160 -19.06 -22.68 13.76
C LEU E 160 -18.51 -24.02 14.29
N PRO E 161 -19.09 -24.57 15.39
CA PRO E 161 -18.59 -25.84 15.92
C PRO E 161 -18.46 -26.95 14.88
N SER E 162 -19.47 -27.10 14.03
CA SER E 162 -19.46 -28.14 13.00
C SER E 162 -18.54 -27.79 11.84
N LEU E 163 -18.38 -26.49 11.58
CA LEU E 163 -17.52 -26.00 10.50
C LEU E 163 -16.04 -26.16 10.84
N ALA E 164 -15.69 -26.02 12.12
CA ALA E 164 -14.31 -26.16 12.60
C ALA E 164 -13.84 -27.61 12.55
N GLN E 165 -14.78 -28.54 12.71
CA GLN E 165 -14.49 -29.98 12.67
C GLN E 165 -14.54 -30.54 11.24
N LEU E 166 -14.93 -29.69 10.30
CA LEU E 166 -15.07 -30.06 8.88
C LEU E 166 -16.13 -31.12 8.59
N ASN E 167 -17.16 -31.17 9.43
CA ASN E 167 -18.35 -31.98 9.17
C ASN E 167 -19.25 -31.24 8.18
N THR E 168 -19.16 -29.91 8.21
CA THR E 168 -19.86 -29.04 7.27
C THR E 168 -18.86 -28.08 6.62
N VAL E 169 -19.06 -27.81 5.32
CA VAL E 169 -18.14 -26.99 4.55
C VAL E 169 -18.83 -25.69 4.11
N ALA E 170 -18.15 -24.57 4.31
CA ALA E 170 -18.68 -23.25 3.94
C ALA E 170 -17.90 -22.62 2.80
N CYS E 171 -18.57 -21.73 2.07
CA CYS E 171 -17.96 -21.01 0.97
C CYS E 171 -18.31 -19.53 0.98
N TRP E 172 -17.46 -18.72 0.35
CA TRP E 172 -17.60 -17.27 0.37
C TRP E 172 -17.94 -16.79 -1.04
N ALA E 173 -19.05 -16.05 -1.16
CA ALA E 173 -19.58 -15.66 -2.46
C ALA E 173 -19.75 -14.15 -2.62
N LEU E 174 -18.67 -13.46 -2.98
CA LEU E 174 -18.71 -12.01 -3.21
C LEU E 174 -18.65 -11.67 -4.70
N THR E 175 -17.78 -12.38 -5.42
CA THR E 175 -17.50 -12.10 -6.83
C THR E 175 -18.64 -12.48 -7.77
N GLU E 176 -18.78 -11.70 -8.83
CA GLU E 176 -19.78 -11.94 -9.86
C GLU E 176 -19.10 -11.89 -11.24
N PRO E 177 -19.76 -12.43 -12.28
CA PRO E 177 -19.22 -12.29 -13.63
C PRO E 177 -19.07 -10.83 -14.06
N ASP E 178 -20.10 -10.02 -13.79
CA ASP E 178 -20.09 -8.61 -14.13
C ASP E 178 -19.18 -7.78 -13.23
N ASN E 179 -19.12 -8.15 -11.95
CA ASN E 179 -18.34 -7.41 -10.95
C ASN E 179 -17.31 -8.28 -10.24
N GLY E 180 -16.04 -8.01 -10.51
CA GLY E 180 -14.92 -8.76 -9.91
C GLY E 180 -14.05 -7.92 -9.02
N SER E 181 -13.16 -7.14 -9.62
CA SER E 181 -12.29 -6.22 -8.88
C SER E 181 -13.09 -5.06 -8.32
N ASP E 182 -14.10 -4.62 -9.08
CA ASP E 182 -15.06 -3.64 -8.60
C ASP E 182 -16.15 -4.38 -7.82
N ALA E 183 -15.75 -4.96 -6.69
CA ALA E 183 -16.63 -5.83 -5.91
C ALA E 183 -17.75 -5.06 -5.22
N SER E 184 -17.46 -3.82 -4.82
CA SER E 184 -18.41 -2.98 -4.09
C SER E 184 -19.62 -2.54 -4.91
N GLY E 185 -19.55 -2.75 -6.23
CA GLY E 185 -20.66 -2.41 -7.13
C GLY E 185 -21.38 -3.63 -7.68
N LEU E 186 -21.47 -4.69 -6.87
CA LEU E 186 -22.11 -5.95 -7.28
C LEU E 186 -23.62 -5.80 -7.57
N GLY E 187 -24.17 -6.76 -8.30
CA GLY E 187 -25.54 -6.66 -8.78
C GLY E 187 -26.53 -7.73 -8.34
N THR E 188 -26.14 -8.56 -7.38
CA THR E 188 -27.03 -9.57 -6.81
C THR E 188 -27.96 -8.88 -5.81
N THR E 189 -29.27 -8.95 -6.08
CA THR E 189 -30.27 -8.24 -5.28
C THR E 189 -30.80 -9.07 -4.12
N ALA E 190 -31.08 -8.39 -3.01
CA ALA E 190 -31.65 -9.02 -1.82
C ALA E 190 -32.96 -8.34 -1.45
N THR E 191 -34.02 -8.70 -2.15
CA THR E 191 -35.35 -8.11 -1.94
C THR E 191 -36.00 -8.62 -0.67
N LYS E 192 -36.46 -7.69 0.17
CA LYS E 192 -37.09 -8.02 1.44
C LYS E 192 -38.51 -8.55 1.25
N VAL E 193 -38.76 -9.72 1.81
CA VAL E 193 -40.08 -10.34 1.80
C VAL E 193 -40.51 -10.60 3.25
N GLU E 194 -41.74 -11.05 3.46
CA GLU E 194 -42.24 -11.36 4.80
C GLU E 194 -41.51 -12.56 5.40
N GLY E 195 -40.84 -12.32 6.52
CA GLY E 195 -40.12 -13.37 7.25
C GLY E 195 -38.68 -13.60 6.83
N GLY E 196 -38.27 -12.95 5.73
CA GLY E 196 -36.91 -13.11 5.23
C GLY E 196 -36.59 -12.33 3.97
N TRP E 197 -35.79 -12.94 3.10
CA TRP E 197 -35.28 -12.28 1.89
C TRP E 197 -35.41 -13.19 0.67
N LYS E 198 -35.44 -12.57 -0.50
CA LYS E 198 -35.40 -13.30 -1.77
C LYS E 198 -34.14 -12.87 -2.55
N ILE E 199 -33.14 -13.75 -2.56
CA ILE E 199 -31.87 -13.45 -3.22
C ILE E 199 -31.94 -13.78 -4.72
N ASN E 200 -31.67 -12.77 -5.54
CA ASN E 200 -31.67 -12.92 -7.00
C ASN E 200 -30.37 -12.40 -7.60
N GLY E 201 -29.72 -13.22 -8.41
CA GLY E 201 -28.48 -12.82 -9.07
C GLY E 201 -27.57 -13.98 -9.45
N GLN E 202 -26.35 -13.66 -9.86
CA GLN E 202 -25.39 -14.67 -10.29
C GLN E 202 -24.03 -14.46 -9.63
N LYS E 203 -23.33 -15.57 -9.40
CA LYS E 203 -21.99 -15.55 -8.81
C LYS E 203 -21.03 -16.40 -9.63
N ARG E 204 -19.74 -16.05 -9.58
CA ARG E 204 -18.72 -16.79 -10.33
C ARG E 204 -17.43 -16.92 -9.53
N TRP E 205 -16.82 -18.10 -9.60
CA TRP E 205 -15.49 -18.39 -9.03
C TRP E 205 -15.47 -18.92 -7.60
N ILE E 206 -16.63 -19.14 -7.02
CA ILE E 206 -16.74 -19.52 -5.61
C ILE E 206 -16.24 -20.94 -5.35
N GLY E 207 -15.18 -21.02 -4.55
CA GLY E 207 -14.57 -22.31 -4.20
C GLY E 207 -15.41 -23.05 -3.18
N ASN E 208 -15.53 -24.37 -3.39
CA ASN E 208 -16.31 -25.27 -2.53
C ASN E 208 -17.82 -25.21 -2.78
N SER E 209 -18.28 -24.18 -3.48
CA SER E 209 -19.70 -23.92 -3.73
C SER E 209 -20.51 -25.13 -4.19
N THR E 210 -19.90 -25.97 -5.03
CA THR E 210 -20.58 -27.13 -5.60
C THR E 210 -20.92 -28.22 -4.58
N PHE E 211 -20.28 -28.17 -3.42
CA PHE E 211 -20.54 -29.16 -2.36
C PHE E 211 -20.67 -28.56 -0.96
N ALA E 212 -20.60 -27.23 -0.87
CA ALA E 212 -20.67 -26.52 0.41
C ALA E 212 -22.05 -26.58 1.04
N ASP E 213 -22.08 -26.78 2.36
CA ASP E 213 -23.32 -26.82 3.12
C ASP E 213 -23.82 -25.41 3.40
N LEU E 214 -22.88 -24.51 3.68
CA LEU E 214 -23.20 -23.10 3.92
C LEU E 214 -22.61 -22.24 2.81
N LEU E 215 -23.44 -21.36 2.27
CA LEU E 215 -23.02 -20.46 1.20
C LEU E 215 -23.19 -19.01 1.65
N ILE E 216 -22.11 -18.40 2.13
CA ILE E 216 -22.15 -17.01 2.56
C ILE E 216 -22.18 -16.11 1.33
N ILE E 217 -23.39 -15.81 0.87
CA ILE E 217 -23.60 -15.04 -0.34
C ILE E 217 -23.83 -13.57 -0.01
N PHE E 218 -23.06 -12.71 -0.66
CA PHE E 218 -23.21 -11.27 -0.50
C PHE E 218 -24.17 -10.74 -1.56
N ALA E 219 -25.16 -9.97 -1.12
CA ALA E 219 -26.16 -9.42 -2.01
C ALA E 219 -26.50 -7.98 -1.65
N ARG E 220 -27.17 -7.28 -2.56
CA ARG E 220 -27.52 -5.87 -2.37
C ARG E 220 -28.92 -5.73 -1.77
N ASN E 221 -28.95 -5.29 -0.51
CA ASN E 221 -30.18 -4.96 0.19
C ASN E 221 -30.94 -3.87 -0.56
N THR E 222 -31.98 -4.27 -1.30
CA THR E 222 -32.72 -3.36 -2.18
C THR E 222 -33.37 -2.17 -1.47
N THR E 223 -33.59 -2.31 -0.17
CA THR E 223 -34.19 -1.24 0.63
C THR E 223 -33.17 -0.16 0.97
N THR E 224 -31.97 -0.57 1.39
CA THR E 224 -30.92 0.37 1.80
C THR E 224 -29.93 0.68 0.68
N ASN E 225 -30.00 -0.11 -0.40
CA ASN E 225 -29.05 -0.04 -1.53
C ASN E 225 -27.61 -0.33 -1.09
N GLN E 226 -27.48 -1.11 -0.03
CA GLN E 226 -26.18 -1.48 0.52
C GLN E 226 -25.94 -2.99 0.43
N ILE E 227 -24.72 -3.42 0.76
CA ILE E 227 -24.33 -4.82 0.67
C ILE E 227 -24.55 -5.52 2.00
N ASN E 228 -25.29 -6.63 1.98
CA ASN E 228 -25.55 -7.43 3.17
C ASN E 228 -25.10 -8.88 3.03
N GLY E 229 -24.82 -9.51 4.17
CA GLY E 229 -24.36 -10.91 4.19
C GLY E 229 -25.48 -11.88 4.51
N PHE E 230 -25.53 -12.98 3.75
CA PHE E 230 -26.58 -13.98 3.89
C PHE E 230 -26.01 -15.39 3.94
N ILE E 231 -26.47 -16.18 4.89
CA ILE E 231 -26.09 -17.59 4.98
C ILE E 231 -27.11 -18.43 4.22
N VAL E 232 -26.72 -18.87 3.02
CA VAL E 232 -27.58 -19.68 2.18
C VAL E 232 -27.23 -21.16 2.35
N LYS E 233 -28.24 -21.95 2.68
CA LYS E 233 -28.07 -23.38 2.92
C LYS E 233 -27.91 -24.16 1.60
N LYS E 234 -27.34 -25.35 1.69
CA LYS E 234 -27.15 -26.23 0.53
C LYS E 234 -28.50 -26.70 -0.02
N ASP E 235 -28.53 -26.97 -1.33
CA ASP E 235 -29.70 -27.53 -2.03
C ASP E 235 -30.94 -26.64 -2.01
N ALA E 236 -30.84 -25.46 -1.39
CA ALA E 236 -31.95 -24.53 -1.26
C ALA E 236 -32.64 -24.28 -2.60
N PRO E 237 -33.99 -24.38 -2.64
CA PRO E 237 -34.75 -24.22 -3.89
C PRO E 237 -34.41 -22.91 -4.60
N GLY E 238 -34.07 -23.02 -5.89
CA GLY E 238 -33.68 -21.87 -6.70
C GLY E 238 -32.18 -21.69 -6.83
N LEU E 239 -31.42 -22.46 -6.05
CA LEU E 239 -29.96 -22.39 -6.06
C LEU E 239 -29.36 -23.48 -6.95
N LYS E 240 -28.42 -23.09 -7.80
CA LYS E 240 -27.75 -24.00 -8.71
C LYS E 240 -26.30 -23.61 -8.89
N ALA E 241 -25.39 -24.41 -8.33
CA ALA E 241 -23.95 -24.16 -8.44
C ALA E 241 -23.27 -25.22 -9.31
N THR E 242 -22.77 -24.78 -10.46
CA THR E 242 -22.15 -25.68 -11.43
C THR E 242 -20.64 -25.49 -11.47
N LYS E 243 -19.91 -26.59 -11.62
CA LYS E 243 -18.44 -26.58 -11.61
C LYS E 243 -17.83 -25.80 -12.77
N ILE E 244 -16.82 -24.98 -12.46
CA ILE E 244 -16.03 -24.30 -13.48
C ILE E 244 -14.87 -25.20 -13.90
N PRO E 245 -14.83 -25.59 -15.19
CA PRO E 245 -13.81 -26.50 -15.70
C PRO E 245 -12.62 -25.80 -16.35
N ASN E 246 -11.61 -26.59 -16.71
CA ASN E 246 -10.48 -26.14 -17.54
C ASN E 246 -9.51 -25.17 -16.87
N LYS E 247 -9.41 -25.24 -15.55
CA LYS E 247 -8.44 -24.44 -14.79
C LYS E 247 -7.04 -25.04 -14.93
N ILE E 248 -6.04 -24.18 -15.03
CA ILE E 248 -4.65 -24.63 -15.10
C ILE E 248 -4.01 -24.70 -13.71
N GLY E 249 -4.62 -24.02 -12.75
CA GLY E 249 -4.14 -24.01 -11.36
C GLY E 249 -5.25 -24.29 -10.37
N LEU E 250 -4.86 -24.64 -9.14
CA LEU E 250 -5.80 -24.99 -8.07
C LEU E 250 -6.93 -25.89 -8.58
N ARG E 251 -6.55 -27.00 -9.22
CA ARG E 251 -7.48 -27.85 -9.95
C ARG E 251 -8.39 -28.68 -9.04
N MET E 252 -7.91 -29.00 -7.85
CA MET E 252 -8.69 -29.77 -6.87
C MET E 252 -9.77 -28.91 -6.22
N VAL E 253 -9.50 -27.61 -6.10
CA VAL E 253 -10.47 -26.65 -5.55
C VAL E 253 -11.68 -26.57 -6.46
N GLN E 254 -12.83 -26.99 -5.95
CA GLN E 254 -14.06 -26.99 -6.74
C GLN E 254 -14.66 -25.58 -6.83
N ASN E 255 -14.24 -24.82 -7.83
CA ASN E 255 -14.78 -23.50 -8.09
C ASN E 255 -15.99 -23.58 -8.99
N GLY E 256 -17.01 -22.77 -8.70
CA GLY E 256 -18.28 -22.87 -9.41
C GLY E 256 -19.03 -21.58 -9.71
N ASP E 257 -19.90 -21.65 -10.71
CA ASP E 257 -20.82 -20.57 -11.04
C ASP E 257 -22.12 -20.80 -10.27
N ILE E 258 -22.52 -19.80 -9.49
CA ILE E 258 -23.74 -19.90 -8.68
C ILE E 258 -24.90 -19.14 -9.33
N LEU E 259 -26.03 -19.82 -9.49
CA LEU E 259 -27.27 -19.18 -9.92
C LEU E 259 -28.25 -19.05 -8.76
N LEU E 260 -28.94 -17.91 -8.72
CA LEU E 260 -29.88 -17.62 -7.63
C LEU E 260 -31.20 -17.06 -8.17
N GLN E 261 -32.26 -17.87 -8.10
CA GLN E 261 -33.60 -17.47 -8.52
C GLN E 261 -34.57 -17.58 -7.36
N ASN E 262 -34.99 -16.42 -6.84
CA ASN E 262 -35.91 -16.34 -5.69
C ASN E 262 -35.53 -17.28 -4.54
N VAL E 263 -34.24 -17.29 -4.21
CA VAL E 263 -33.71 -18.13 -3.14
C VAL E 263 -34.05 -17.49 -1.80
N PHE E 264 -34.90 -18.17 -1.02
CA PHE E 264 -35.35 -17.66 0.26
C PHE E 264 -34.29 -17.80 1.33
N VAL E 265 -34.08 -16.73 2.09
CA VAL E 265 -33.22 -16.72 3.26
C VAL E 265 -34.00 -16.09 4.41
N PRO E 266 -34.31 -16.89 5.45
CA PRO E 266 -35.08 -16.39 6.59
C PRO E 266 -34.32 -15.32 7.37
N ASP E 267 -35.05 -14.43 8.03
CA ASP E 267 -34.48 -13.30 8.78
C ASP E 267 -33.39 -13.71 9.77
N GLU E 268 -33.48 -14.94 10.27
CA GLU E 268 -32.51 -15.47 11.23
C GLU E 268 -31.15 -15.81 10.60
N ASP E 269 -31.15 -16.02 9.29
CA ASP E 269 -29.93 -16.42 8.58
C ASP E 269 -29.23 -15.26 7.85
N ARG E 270 -29.69 -14.03 8.09
CA ARG E 270 -29.00 -12.84 7.59
C ARG E 270 -27.94 -12.41 8.61
N LEU E 271 -26.74 -12.13 8.11
CA LEU E 271 -25.65 -11.65 8.96
C LEU E 271 -25.93 -10.22 9.40
N PRO E 272 -26.11 -10.01 10.71
CA PRO E 272 -26.46 -8.70 11.26
C PRO E 272 -25.30 -7.69 11.26
N GLY E 273 -24.08 -8.20 11.11
CA GLY E 273 -22.89 -7.36 11.10
C GLY E 273 -22.65 -6.65 9.78
N VAL E 274 -22.98 -7.31 8.68
CA VAL E 274 -22.79 -6.74 7.35
C VAL E 274 -23.94 -5.80 7.00
N ASN E 275 -23.69 -4.50 7.14
CA ASN E 275 -24.69 -3.49 6.86
C ASN E 275 -24.32 -2.63 5.66
N SER E 276 -23.03 -2.40 5.48
CA SER E 276 -22.48 -2.05 4.17
C SER E 276 -21.22 -2.86 3.87
N PHE E 277 -20.62 -2.59 2.72
CA PHE E 277 -19.40 -3.29 2.30
C PHE E 277 -18.18 -2.96 3.17
N GLN E 278 -18.22 -1.81 3.84
CA GLN E 278 -17.15 -1.40 4.76
C GLN E 278 -16.96 -2.36 5.93
N ASP E 279 -18.05 -3.02 6.33
CA ASP E 279 -18.04 -4.02 7.40
C ASP E 279 -17.27 -5.29 7.02
N THR E 280 -17.31 -5.62 5.73
CA THR E 280 -16.54 -6.73 5.16
C THR E 280 -15.04 -6.48 5.27
N SER E 281 -14.65 -5.21 5.14
CA SER E 281 -13.24 -4.80 5.18
C SER E 281 -12.63 -4.87 6.59
N LYS E 282 -13.04 -5.88 7.35
CA LYS E 282 -12.45 -6.22 8.65
C LYS E 282 -12.14 -7.71 8.64
N VAL E 283 -12.95 -8.46 7.89
CA VAL E 283 -12.74 -9.87 7.62
C VAL E 283 -11.62 -10.02 6.60
N LEU E 284 -11.67 -9.20 5.55
CA LEU E 284 -10.66 -9.18 4.50
C LEU E 284 -9.26 -8.86 5.03
N ALA E 285 -9.21 -8.09 6.12
CA ALA E 285 -7.96 -7.73 6.78
C ALA E 285 -7.18 -8.96 7.25
N VAL E 286 -7.91 -10.01 7.64
CA VAL E 286 -7.30 -11.28 8.03
C VAL E 286 -7.10 -12.15 6.78
N SER E 287 -8.11 -12.15 5.92
CA SER E 287 -8.10 -12.94 4.69
C SER E 287 -6.94 -12.59 3.78
N ARG E 288 -6.63 -11.29 3.67
CA ARG E 288 -5.53 -10.82 2.83
C ARG E 288 -4.17 -11.20 3.39
N VAL E 289 -4.06 -11.19 4.72
CA VAL E 289 -2.84 -11.63 5.42
C VAL E 289 -2.62 -13.13 5.20
N MET E 290 -3.70 -13.90 5.27
CA MET E 290 -3.62 -15.35 5.15
C MET E 290 -3.30 -15.83 3.74
N VAL E 291 -3.92 -15.19 2.75
CA VAL E 291 -3.63 -15.46 1.34
C VAL E 291 -2.17 -15.11 1.03
N ALA E 292 -1.69 -14.02 1.62
CA ALA E 292 -0.29 -13.59 1.47
C ALA E 292 0.70 -14.67 1.90
N TRP E 293 0.25 -15.57 2.77
CA TRP E 293 1.10 -16.65 3.27
C TRP E 293 1.12 -17.90 2.39
N GLN E 294 0.20 -17.97 1.43
CA GLN E 294 0.17 -19.09 0.49
C GLN E 294 1.42 -19.17 -0.38
N PRO E 295 1.81 -18.06 -1.05
CA PRO E 295 3.04 -18.09 -1.82
C PRO E 295 4.27 -18.41 -0.97
N ILE E 296 4.33 -17.87 0.24
CA ILE E 296 5.41 -18.17 1.19
C ILE E 296 5.56 -19.68 1.36
N GLY E 297 4.43 -20.36 1.56
CA GLY E 297 4.40 -21.81 1.68
C GLY E 297 4.79 -22.50 0.39
N ILE E 298 4.06 -22.20 -0.68
CA ILE E 298 4.29 -22.80 -2.00
C ILE E 298 5.76 -22.73 -2.41
N SER E 299 6.34 -21.52 -2.32
CA SER E 299 7.72 -21.26 -2.73
C SER E 299 8.73 -22.09 -1.94
N MET E 300 8.47 -22.29 -0.64
CA MET E 300 9.30 -23.14 0.20
C MET E 300 9.33 -24.56 -0.37
N GLY E 301 8.14 -25.09 -0.67
CA GLY E 301 7.99 -26.40 -1.31
C GLY E 301 8.74 -26.48 -2.62
N ILE E 302 8.51 -25.49 -3.48
CA ILE E 302 9.19 -25.41 -4.78
C ILE E 302 10.70 -25.47 -4.61
N TYR E 303 11.23 -24.80 -3.59
CA TYR E 303 12.65 -24.86 -3.31
C TYR E 303 13.06 -26.25 -2.83
N ASP E 304 12.39 -26.74 -1.79
CA ASP E 304 12.70 -28.05 -1.20
C ASP E 304 12.81 -29.13 -2.28
N MET E 305 11.91 -29.08 -3.26
CA MET E 305 11.91 -30.01 -4.37
C MET E 305 13.12 -29.80 -5.29
N CYS E 306 13.37 -28.53 -5.64
CA CYS E 306 14.50 -28.18 -6.50
C CYS E 306 15.84 -28.57 -5.89
N HIS E 307 16.00 -28.29 -4.60
CA HIS E 307 17.25 -28.57 -3.89
C HIS E 307 17.62 -30.06 -3.98
N ARG E 308 16.63 -30.92 -3.78
CA ARG E 308 16.82 -32.36 -3.91
C ARG E 308 17.05 -32.77 -5.36
N TYR E 309 16.18 -32.30 -6.26
CA TYR E 309 16.25 -32.66 -7.67
C TYR E 309 17.60 -32.34 -8.31
N LEU E 310 18.11 -31.13 -8.06
CA LEU E 310 19.40 -30.69 -8.61
C LEU E 310 20.57 -31.50 -8.03
N LYS E 311 20.33 -32.14 -6.89
CA LYS E 311 21.34 -32.94 -6.21
C LYS E 311 21.23 -34.42 -6.60
N GLU E 312 20.05 -34.82 -7.06
CA GLU E 312 19.79 -36.22 -7.47
C GLU E 312 20.04 -36.44 -8.96
N ARG E 313 19.51 -35.54 -9.78
CA ARG E 313 19.64 -35.64 -11.23
C ARG E 313 21.07 -35.32 -11.66
N LYS E 314 21.67 -36.25 -12.39
CA LYS E 314 23.04 -36.09 -12.87
C LYS E 314 23.07 -35.91 -14.39
N GLN E 315 23.89 -34.96 -14.83
CA GLN E 315 24.06 -34.68 -16.25
C GLN E 315 25.47 -34.17 -16.50
N PHE E 316 26.07 -34.61 -17.60
CA PHE E 316 27.47 -34.30 -17.94
C PHE E 316 28.44 -34.87 -16.89
N GLY E 317 28.02 -35.92 -16.19
CA GLY E 317 28.83 -36.57 -15.17
C GLY E 317 28.96 -35.82 -13.87
N ALA E 318 27.90 -35.10 -13.50
CA ALA E 318 27.85 -34.33 -12.25
C ALA E 318 26.40 -34.00 -11.89
N PRO E 319 26.09 -33.86 -10.59
CA PRO E 319 24.77 -33.40 -10.19
C PRO E 319 24.50 -32.00 -10.74
N LEU E 320 23.25 -31.72 -11.10
CA LEU E 320 22.88 -30.43 -11.68
C LEU E 320 23.29 -29.27 -10.78
N ALA E 321 23.28 -29.51 -9.47
CA ALA E 321 23.61 -28.50 -8.46
C ALA E 321 25.10 -28.08 -8.48
N ALA E 322 25.88 -28.69 -9.37
CA ALA E 322 27.30 -28.39 -9.47
C ALA E 322 27.61 -27.31 -10.50
N PHE E 323 26.63 -27.03 -11.35
CA PHE E 323 26.82 -26.07 -12.44
C PHE E 323 26.46 -24.65 -12.05
N GLN E 324 27.32 -23.71 -12.43
CA GLN E 324 27.18 -22.31 -12.05
C GLN E 324 25.79 -21.74 -12.31
N LEU E 325 25.29 -21.92 -13.53
CA LEU E 325 23.96 -21.43 -13.91
C LEU E 325 22.86 -21.94 -12.99
N ASN E 326 22.91 -23.22 -12.65
CA ASN E 326 21.91 -23.83 -11.79
C ASN E 326 21.99 -23.34 -10.35
N GLN E 327 23.19 -23.07 -9.87
CA GLN E 327 23.40 -22.58 -8.51
C GLN E 327 22.83 -21.18 -8.34
N GLN E 328 23.13 -20.30 -9.29
CA GLN E 328 22.64 -18.92 -9.28
C GLN E 328 21.11 -18.88 -9.29
N LYS E 329 20.50 -19.81 -10.04
CA LYS E 329 19.04 -19.95 -10.07
C LYS E 329 18.52 -20.41 -8.71
N LEU E 330 19.21 -21.37 -8.12
CA LEU E 330 18.79 -21.94 -6.83
C LEU E 330 18.90 -20.94 -5.68
N VAL E 331 19.98 -20.17 -5.65
CA VAL E 331 20.20 -19.21 -4.57
C VAL E 331 19.30 -17.97 -4.69
N GLN E 332 18.92 -17.63 -5.91
CA GLN E 332 17.95 -16.57 -6.16
C GLN E 332 16.59 -16.96 -5.59
N MET E 333 16.27 -18.25 -5.72
CA MET E 333 15.06 -18.81 -5.13
C MET E 333 15.16 -18.80 -3.62
N LEU E 334 16.28 -19.29 -3.09
CA LEU E 334 16.53 -19.31 -1.65
C LEU E 334 16.46 -17.92 -1.05
N GLY E 335 17.03 -16.94 -1.76
CA GLY E 335 16.99 -15.54 -1.35
C GLY E 335 15.58 -14.98 -1.36
N ASN E 336 14.86 -15.23 -2.46
CA ASN E 336 13.47 -14.81 -2.58
C ASN E 336 12.59 -15.39 -1.47
N VAL E 337 12.85 -16.64 -1.09
CA VAL E 337 12.09 -17.31 -0.04
C VAL E 337 12.30 -16.68 1.34
N GLN E 338 13.55 -16.51 1.75
CA GLN E 338 13.86 -15.95 3.07
C GLN E 338 13.18 -14.60 3.29
N ALA E 339 13.23 -13.76 2.25
CA ALA E 339 12.59 -12.45 2.29
C ALA E 339 11.06 -12.55 2.35
N MET E 340 10.49 -13.41 1.51
CA MET E 340 9.05 -13.64 1.49
C MET E 340 8.50 -14.05 2.85
N PHE E 341 9.24 -14.90 3.56
CA PHE E 341 8.85 -15.35 4.89
C PHE E 341 8.87 -14.19 5.88
N LEU E 342 10.02 -13.52 5.99
CA LEU E 342 10.16 -12.39 6.90
C LEU E 342 9.09 -11.34 6.66
N MET E 343 8.74 -11.16 5.38
CA MET E 343 7.71 -10.21 4.98
C MET E 343 6.36 -10.59 5.54
N GLY E 344 5.96 -11.84 5.36
CA GLY E 344 4.71 -12.36 5.88
C GLY E 344 4.69 -12.41 7.41
N TRP E 345 5.84 -12.75 8.00
CA TRP E 345 5.99 -12.80 9.45
C TRP E 345 5.76 -11.43 10.07
N ARG E 346 6.40 -10.42 9.49
CA ARG E 346 6.27 -9.03 9.95
C ARG E 346 4.82 -8.57 9.84
N LEU E 347 4.17 -8.95 8.75
CA LEU E 347 2.78 -8.62 8.48
C LEU E 347 1.87 -9.12 9.60
N CYS E 348 2.12 -10.35 10.06
CA CYS E 348 1.38 -10.93 11.18
C CYS E 348 1.60 -10.13 12.45
N LYS E 349 2.86 -9.80 12.73
CA LYS E 349 3.23 -9.05 13.92
C LYS E 349 2.72 -7.62 13.90
N LEU E 350 2.28 -7.17 12.72
CA LEU E 350 1.61 -5.89 12.57
C LEU E 350 0.13 -6.01 12.92
N TYR E 351 -0.50 -7.10 12.47
CA TYR E 351 -1.90 -7.37 12.79
C TYR E 351 -2.07 -7.68 14.27
N GLU E 352 -1.07 -8.38 14.83
CA GLU E 352 -1.08 -8.81 16.23
C GLU E 352 -0.99 -7.60 17.17
N THR E 353 -0.13 -6.65 16.83
CA THR E 353 0.01 -5.40 17.57
C THR E 353 -1.14 -4.43 17.30
N GLY E 354 -1.99 -4.77 16.33
CA GLY E 354 -3.20 -4.02 16.02
C GLY E 354 -2.98 -2.72 15.28
N GLN E 355 -1.79 -2.55 14.70
CA GLN E 355 -1.43 -1.33 13.98
C GLN E 355 -1.34 -1.53 12.46
N MET E 356 -1.87 -2.67 11.98
CA MET E 356 -1.86 -2.98 10.55
C MET E 356 -2.98 -2.24 9.81
N THR E 357 -2.64 -1.72 8.64
CA THR E 357 -3.55 -0.97 7.80
C THR E 357 -3.70 -1.65 6.45
N PRO E 358 -4.90 -1.55 5.82
CA PRO E 358 -5.18 -2.14 4.51
C PRO E 358 -4.03 -2.06 3.52
N GLY E 359 -3.32 -0.93 3.51
CA GLY E 359 -2.21 -0.72 2.59
C GLY E 359 -1.00 -1.60 2.85
N GLN E 360 -0.70 -1.82 4.12
CA GLN E 360 0.39 -2.70 4.54
C GLN E 360 0.10 -4.15 4.14
N ALA E 361 -1.13 -4.58 4.38
CA ALA E 361 -1.57 -5.92 4.01
C ALA E 361 -1.62 -6.10 2.50
N SER E 362 -2.05 -5.04 1.80
CA SER E 362 -2.10 -5.05 0.34
C SER E 362 -0.70 -5.07 -0.29
N LEU E 363 0.26 -4.42 0.37
CA LEU E 363 1.65 -4.49 -0.04
C LEU E 363 2.19 -5.89 0.19
N GLY E 364 1.84 -6.48 1.33
CA GLY E 364 2.25 -7.83 1.69
C GLY E 364 1.92 -8.84 0.62
N LYS E 365 0.62 -9.01 0.36
CA LYS E 365 0.14 -9.96 -0.65
C LYS E 365 0.76 -9.70 -2.01
N ALA E 366 0.71 -8.45 -2.46
CA ALA E 366 1.22 -8.08 -3.78
C ALA E 366 2.69 -8.46 -3.96
N TRP E 367 3.54 -7.96 -3.07
CA TRP E 367 4.98 -8.20 -3.16
C TRP E 367 5.33 -9.67 -3.09
N ILE E 368 4.80 -10.36 -2.07
CA ILE E 368 5.07 -11.78 -1.86
C ILE E 368 4.64 -12.64 -3.06
N SER E 369 3.42 -12.41 -3.54
CA SER E 369 2.90 -13.14 -4.71
C SER E 369 3.76 -12.90 -5.96
N SER E 370 4.28 -11.69 -6.08
CA SER E 370 5.14 -11.32 -7.20
C SER E 370 6.46 -12.10 -7.19
N LYS E 371 7.09 -12.19 -6.02
CA LYS E 371 8.38 -12.88 -5.89
C LYS E 371 8.19 -14.39 -5.93
N ALA E 372 7.00 -14.83 -5.51
CA ALA E 372 6.63 -16.24 -5.60
C ALA E 372 6.56 -16.70 -7.05
N ARG E 373 6.03 -15.82 -7.92
CA ARG E 373 6.00 -16.10 -9.36
C ARG E 373 7.41 -16.26 -9.92
N GLU E 374 8.29 -15.32 -9.58
CA GLU E 374 9.69 -15.37 -9.98
C GLU E 374 10.36 -16.65 -9.51
N THR E 375 10.14 -16.98 -8.23
CA THR E 375 10.69 -18.19 -7.62
C THR E 375 10.15 -19.46 -8.30
N ALA E 376 8.85 -19.47 -8.60
CA ALA E 376 8.21 -20.60 -9.28
C ALA E 376 8.71 -20.76 -10.71
N SER E 377 8.90 -19.63 -11.39
CA SER E 377 9.37 -19.61 -12.77
C SER E 377 10.78 -20.21 -12.90
N LEU E 378 11.65 -19.86 -11.96
CA LEU E 378 13.01 -20.39 -11.92
C LEU E 378 12.99 -21.87 -11.59
N GLY E 379 12.22 -22.23 -10.56
CA GLY E 379 12.09 -23.63 -10.14
C GLY E 379 11.60 -24.53 -11.25
N ARG E 380 10.65 -24.04 -12.03
CA ARG E 380 10.05 -24.81 -13.11
C ARG E 380 11.06 -25.14 -14.19
N GLU E 381 11.91 -24.17 -14.53
CA GLU E 381 12.92 -24.38 -15.58
C GLU E 381 14.12 -25.19 -15.09
N LEU E 382 14.33 -25.21 -13.77
CA LEU E 382 15.44 -25.96 -13.18
C LEU E 382 15.30 -27.47 -13.34
N LEU E 383 14.06 -27.96 -13.34
CA LEU E 383 13.80 -29.39 -13.49
C LEU E 383 13.73 -29.82 -14.95
N GLY E 384 13.79 -28.85 -15.85
CA GLY E 384 13.78 -29.11 -17.29
C GLY E 384 12.51 -29.80 -17.75
N GLY E 385 12.68 -31.02 -18.25
CA GLY E 385 11.55 -31.82 -18.74
C GLY E 385 10.53 -32.09 -17.64
N ASN E 386 10.98 -32.74 -16.57
CA ASN E 386 10.13 -33.06 -15.41
C ASN E 386 9.62 -31.80 -14.70
N GLY E 387 10.04 -30.64 -15.19
CA GLY E 387 9.56 -29.35 -14.70
C GLY E 387 8.14 -29.05 -15.14
N ILE E 388 7.62 -29.84 -16.08
CA ILE E 388 6.23 -29.69 -16.52
C ILE E 388 5.35 -30.82 -15.99
N LEU E 389 5.92 -31.67 -15.14
CA LEU E 389 5.20 -32.79 -14.54
C LEU E 389 4.73 -32.51 -13.12
N ALA E 390 3.44 -32.75 -12.90
CA ALA E 390 2.82 -32.58 -11.59
C ALA E 390 3.32 -33.64 -10.61
N ASP E 391 3.90 -34.70 -11.16
CA ASP E 391 4.56 -35.74 -10.36
C ASP E 391 5.69 -35.15 -9.53
N PHE E 392 6.28 -34.07 -10.02
CA PHE E 392 7.44 -33.45 -9.38
C PHE E 392 7.14 -32.13 -8.69
N LEU E 393 5.87 -31.93 -8.33
CA LEU E 393 5.40 -30.78 -7.54
C LEU E 393 5.54 -29.42 -8.21
N VAL E 394 6.76 -29.07 -8.60
CA VAL E 394 7.09 -27.73 -9.11
C VAL E 394 6.12 -27.26 -10.19
N ALA E 395 5.87 -28.12 -11.17
CA ALA E 395 4.95 -27.82 -12.27
C ALA E 395 3.55 -27.50 -11.77
N LYS E 396 3.04 -28.36 -10.88
CA LYS E 396 1.73 -28.19 -10.27
C LYS E 396 1.67 -26.88 -9.49
N ALA E 397 2.68 -26.63 -8.68
CA ALA E 397 2.77 -25.43 -7.85
C ALA E 397 2.96 -24.17 -8.69
N PHE E 398 3.67 -24.31 -9.81
CA PHE E 398 3.87 -23.24 -10.77
C PHE E 398 2.52 -22.78 -11.33
N CYS E 399 1.69 -23.76 -11.69
CA CYS E 399 0.34 -23.50 -12.15
C CYS E 399 -0.57 -23.04 -11.01
N ASP E 400 -0.46 -23.72 -9.87
CA ASP E 400 -1.27 -23.44 -8.68
C ASP E 400 -1.14 -22.00 -8.18
N LEU E 401 0.02 -21.39 -8.46
CA LEU E 401 0.33 -20.05 -7.97
C LEU E 401 -0.35 -18.95 -8.77
N GLU E 402 -0.57 -19.21 -10.06
CA GLU E 402 -1.11 -18.21 -11.00
C GLU E 402 -2.45 -17.60 -10.58
N PRO E 403 -3.43 -18.43 -10.16
CA PRO E 403 -4.65 -17.82 -9.64
C PRO E 403 -4.42 -17.01 -8.36
N ILE E 404 -3.52 -17.48 -7.50
CA ILE E 404 -3.21 -16.81 -6.23
C ILE E 404 -2.66 -15.41 -6.42
N TYR E 405 -1.87 -15.24 -7.48
CA TYR E 405 -1.40 -13.92 -7.92
C TYR E 405 -2.56 -12.98 -8.21
N THR E 406 -3.68 -13.56 -8.67
CA THR E 406 -4.86 -12.79 -9.10
C THR E 406 -5.96 -12.71 -8.04
N TYR E 407 -6.34 -13.83 -7.45
CA TYR E 407 -7.48 -13.84 -6.52
C TYR E 407 -7.11 -13.27 -5.15
N GLU E 408 -8.14 -12.81 -4.42
CA GLU E 408 -7.99 -12.04 -3.17
C GLU E 408 -7.30 -10.70 -3.45
N GLY E 409 -7.75 -10.05 -4.53
CA GLY E 409 -7.17 -8.81 -4.97
C GLY E 409 -6.00 -9.05 -5.90
N THR E 410 -6.20 -8.73 -7.18
CA THR E 410 -5.16 -8.82 -8.20
C THR E 410 -3.98 -7.89 -7.86
N TYR E 411 -2.77 -8.31 -8.24
CA TYR E 411 -1.55 -7.56 -8.01
C TYR E 411 -1.72 -6.06 -8.25
N ASP E 412 -2.31 -5.72 -9.41
CA ASP E 412 -2.52 -4.33 -9.81
C ASP E 412 -3.44 -3.58 -8.85
N ILE E 413 -4.52 -4.23 -8.43
CA ILE E 413 -5.45 -3.65 -7.45
C ILE E 413 -4.77 -3.40 -6.10
N ASN E 414 -4.07 -4.40 -5.60
CA ASN E 414 -3.35 -4.29 -4.32
C ASN E 414 -2.29 -3.19 -4.34
N THR E 415 -1.48 -3.16 -5.39
CA THR E 415 -0.44 -2.14 -5.55
C THR E 415 -1.06 -0.75 -5.62
N LEU E 416 -2.31 -0.68 -6.08
CA LEU E 416 -3.06 0.59 -6.10
C LEU E 416 -3.68 0.94 -4.76
N VAL E 417 -4.02 -0.08 -3.96
CA VAL E 417 -4.52 0.13 -2.59
C VAL E 417 -3.41 0.72 -1.73
N THR E 418 -2.23 0.09 -1.79
CA THR E 418 -1.03 0.59 -1.13
C THR E 418 -0.64 1.95 -1.70
N GLY E 419 -0.89 2.14 -2.99
CA GLY E 419 -0.65 3.42 -3.65
C GLY E 419 -1.50 4.52 -3.08
N ARG E 420 -2.81 4.28 -2.99
CA ARG E 420 -3.77 5.25 -2.46
C ARG E 420 -3.44 5.68 -1.04
N GLU E 421 -3.06 4.70 -0.20
CA GLU E 421 -2.80 4.95 1.21
C GLU E 421 -1.56 5.81 1.44
N VAL E 422 -0.49 5.53 0.69
CA VAL E 422 0.79 6.21 0.88
C VAL E 422 0.80 7.62 0.26
N THR E 423 0.33 7.73 -0.98
CA THR E 423 0.31 9.01 -1.70
C THR E 423 -0.80 9.93 -1.19
N GLY E 424 -1.93 9.34 -0.84
CA GLY E 424 -3.09 10.11 -0.40
C GLY E 424 -4.07 10.36 -1.53
N ILE E 425 -3.67 9.96 -2.74
CA ILE E 425 -4.49 10.15 -3.94
C ILE E 425 -4.97 8.82 -4.49
N ALA E 426 -6.27 8.71 -4.73
CA ALA E 426 -6.88 7.49 -5.27
C ALA E 426 -6.79 7.45 -6.79
N SER E 427 -6.26 6.34 -7.31
CA SER E 427 -6.11 6.17 -8.76
C SER E 427 -6.63 4.82 -9.23
N PHE E 428 -7.88 4.52 -8.88
CA PHE E 428 -8.53 3.28 -9.27
C PHE E 428 -9.41 3.49 -10.49
N LYS E 429 -10.32 4.46 -10.39
CA LYS E 429 -11.27 4.79 -11.45
C LYS E 429 -10.59 5.27 -12.73
N PRO E 430 -11.27 5.12 -13.89
CA PRO E 430 -10.79 5.66 -15.17
C PRO E 430 -10.98 7.18 -15.26
N ALA E 431 -10.63 7.75 -16.41
CA ALA E 431 -10.87 9.17 -16.66
C ALA E 431 -12.35 9.43 -16.92
N THR E 432 -12.74 9.51 -18.21
CA THR E 432 -14.12 9.72 -18.68
C THR E 432 -14.88 10.95 -18.13
N ARG E 433 -15.05 11.16 -16.93
N LYS F 17 32.03 29.99 -27.46
CA LYS F 17 31.86 31.11 -26.47
C LYS F 17 30.55 31.87 -26.67
N SER F 18 30.14 32.59 -25.61
CA SER F 18 28.94 33.43 -25.64
C SER F 18 28.99 34.42 -24.47
N SER F 19 28.16 35.47 -24.56
CA SER F 19 28.05 36.47 -23.49
C SER F 19 27.46 35.87 -22.21
N TYR F 20 26.78 34.74 -22.35
CA TYR F 20 26.16 34.05 -21.22
C TYR F 20 26.76 32.67 -20.92
N PHE F 21 27.83 32.31 -21.64
CA PHE F 21 28.47 31.00 -21.50
C PHE F 21 29.22 30.84 -20.17
N ASP F 22 29.82 31.94 -19.70
CA ASP F 22 30.62 31.93 -18.47
C ASP F 22 29.79 32.09 -17.19
N LEU F 23 28.57 32.62 -17.34
CA LEU F 23 27.68 32.89 -16.20
C LEU F 23 27.37 31.66 -15.35
N PRO F 24 27.35 31.82 -14.01
CA PRO F 24 27.09 30.74 -13.07
C PRO F 24 25.73 30.07 -13.28
N PRO F 25 25.64 28.75 -12.99
CA PRO F 25 24.40 27.98 -13.12
C PRO F 25 23.20 28.63 -12.43
N MET F 26 22.02 28.42 -12.99
CA MET F 26 20.79 28.96 -12.44
C MET F 26 20.44 28.29 -11.12
N GLU F 27 20.05 29.11 -10.14
CA GLU F 27 19.63 28.64 -8.82
C GLU F 27 18.42 27.71 -8.95
N MET F 28 18.41 26.64 -8.16
CA MET F 28 17.32 25.67 -8.19
C MET F 28 15.94 26.25 -7.87
N SER F 29 15.93 27.36 -7.14
CA SER F 29 14.71 28.08 -6.80
C SER F 29 14.03 28.70 -8.02
N VAL F 30 14.83 29.10 -9.01
CA VAL F 30 14.34 29.73 -10.23
C VAL F 30 14.26 28.73 -11.38
N ALA F 31 15.25 27.84 -11.47
CA ALA F 31 15.37 26.87 -12.56
C ALA F 31 14.28 25.81 -12.57
N PHE F 32 13.88 25.36 -11.37
CA PHE F 32 12.83 24.35 -11.23
C PHE F 32 12.11 24.53 -9.88
N PRO F 33 11.10 25.41 -9.84
CA PRO F 33 10.41 25.77 -8.60
C PRO F 33 9.47 24.69 -8.09
N GLN F 34 8.93 23.88 -9.00
CA GLN F 34 7.90 22.89 -8.66
C GLN F 34 8.33 21.85 -7.62
N ALA F 35 9.62 21.52 -7.59
CA ALA F 35 10.14 20.49 -6.71
C ALA F 35 11.25 20.97 -5.78
N THR F 36 11.35 20.33 -4.62
CA THR F 36 12.38 20.63 -3.62
C THR F 36 13.56 19.68 -3.81
N PRO F 37 14.78 20.25 -3.96
CA PRO F 37 16.02 19.46 -4.11
C PRO F 37 16.40 18.68 -2.85
N ALA F 38 17.48 17.90 -2.95
CA ALA F 38 17.97 17.10 -1.83
C ALA F 38 18.66 17.93 -0.76
N SER F 39 18.99 19.18 -1.11
CA SER F 39 19.60 20.14 -0.17
C SER F 39 18.84 20.18 1.15
N THR F 40 17.52 20.34 1.05
CA THR F 40 16.62 20.14 2.18
C THR F 40 16.08 18.71 2.06
N PHE F 41 16.65 17.80 2.86
CA PHE F 41 16.41 16.37 2.70
C PHE F 41 14.98 15.95 3.04
N PRO F 42 14.38 15.04 2.22
CA PRO F 42 13.04 14.51 2.39
C PRO F 42 12.77 13.85 3.74
N PRO F 43 11.49 13.89 4.20
CA PRO F 43 11.07 13.18 5.40
C PRO F 43 11.03 11.66 5.20
N CYS F 44 11.08 10.91 6.30
CA CYS F 44 11.16 9.45 6.26
C CYS F 44 9.80 8.79 6.01
N THR F 45 9.47 8.64 4.73
CA THR F 45 8.21 8.00 4.31
C THR F 45 8.42 6.58 3.78
N SER F 46 9.68 6.13 3.81
CA SER F 46 10.04 4.78 3.36
C SER F 46 9.82 3.74 4.45
N ASP F 47 9.76 4.20 5.70
CA ASP F 47 9.50 3.33 6.84
C ASP F 47 8.01 3.03 6.92
N TYR F 48 7.54 2.12 6.05
CA TYR F 48 6.12 1.84 5.89
C TYR F 48 5.65 0.70 6.79
N TYR F 49 6.57 -0.20 7.14
CA TYR F 49 6.24 -1.33 8.02
C TYR F 49 6.64 -1.05 9.47
N HIS F 50 6.79 0.24 9.80
CA HIS F 50 7.09 0.72 11.16
C HIS F 50 8.22 -0.06 11.84
N PHE F 51 9.45 0.20 11.40
CA PHE F 51 10.61 -0.62 11.77
C PHE F 51 11.17 -0.39 13.16
N ASN F 52 10.74 0.68 13.82
CA ASN F 52 11.17 0.96 15.20
C ASN F 52 10.77 -0.14 16.19
N ASP F 53 9.84 -0.99 15.79
CA ASP F 53 9.42 -2.15 16.59
C ASP F 53 10.51 -3.23 16.62
N LEU F 54 11.31 -3.29 15.56
CA LEU F 54 12.37 -4.28 15.44
C LEU F 54 13.68 -3.81 16.08
N LEU F 55 13.70 -2.55 16.51
CA LEU F 55 14.89 -1.94 17.11
C LEU F 55 14.72 -1.73 18.62
N THR F 56 15.84 -1.74 19.33
CA THR F 56 15.84 -1.48 20.77
C THR F 56 15.80 0.04 21.02
N PRO F 57 15.37 0.45 22.24
CA PRO F 57 15.33 1.87 22.59
C PRO F 57 16.64 2.60 22.27
N GLU F 58 17.77 1.96 22.56
CA GLU F 58 19.09 2.53 22.31
C GLU F 58 19.41 2.59 20.81
N GLU F 59 19.03 1.52 20.09
CA GLU F 59 19.22 1.46 18.64
C GLU F 59 18.43 2.56 17.94
N GLN F 60 17.21 2.80 18.42
CA GLN F 60 16.34 3.85 17.91
C GLN F 60 17.00 5.23 18.05
N ALA F 61 17.63 5.44 19.20
CA ALA F 61 18.30 6.71 19.50
C ALA F 61 19.51 6.97 18.60
N ILE F 62 20.26 5.91 18.29
CA ILE F 62 21.40 6.00 17.37
C ILE F 62 20.92 6.29 15.96
N ARG F 63 19.85 5.59 15.55
CA ARG F 63 19.23 5.79 14.25
C ARG F 63 18.86 7.27 14.04
N LYS F 64 18.12 7.81 14.99
CA LYS F 64 17.67 9.21 14.95
C LYS F 64 18.84 10.19 14.94
N LYS F 65 19.83 9.95 15.79
CA LYS F 65 20.99 10.84 15.94
C LYS F 65 21.77 10.98 14.64
N VAL F 66 22.08 9.85 14.01
CA VAL F 66 22.83 9.83 12.76
C VAL F 66 22.03 10.52 11.64
N ARG F 67 20.76 10.14 11.51
CA ARG F 67 19.87 10.70 10.49
C ARG F 67 19.86 12.22 10.52
N GLU F 68 19.69 12.79 11.72
CA GLU F 68 19.67 14.24 11.90
C GLU F 68 21.03 14.87 11.60
N CYS F 69 22.10 14.25 12.08
CA CYS F 69 23.47 14.75 11.89
C CYS F 69 23.97 14.58 10.46
N MET F 70 23.17 13.91 9.63
CA MET F 70 23.45 13.74 8.21
C MET F 70 22.65 14.72 7.34
N GLU F 71 21.38 14.92 7.70
CA GLU F 71 20.49 15.84 7.01
C GLU F 71 20.89 17.30 7.25
N LYS F 72 21.66 17.53 8.32
CA LYS F 72 22.10 18.87 8.70
C LYS F 72 23.47 19.21 8.10
N GLU F 73 24.44 18.31 8.26
CA GLU F 73 25.83 18.62 7.97
C GLU F 73 26.34 18.13 6.61
N VAL F 74 25.75 17.06 6.10
CA VAL F 74 26.19 16.46 4.84
C VAL F 74 25.24 16.80 3.68
N ALA F 75 23.94 16.68 3.93
CA ALA F 75 22.90 16.90 2.91
C ALA F 75 23.04 18.16 2.04
N PRO F 76 23.34 19.33 2.65
CA PRO F 76 23.55 20.51 1.80
C PRO F 76 24.79 20.45 0.91
N ILE F 77 25.93 20.08 1.47
CA ILE F 77 27.21 20.13 0.75
C ILE F 77 27.50 18.95 -0.17
N MET F 78 26.80 17.83 0.05
CA MET F 78 27.07 16.58 -0.69
C MET F 78 26.96 16.70 -2.21
N THR F 79 25.97 17.48 -2.67
CA THR F 79 25.73 17.68 -4.09
C THR F 79 26.96 18.28 -4.80
N GLU F 80 27.55 19.29 -4.18
CA GLU F 80 28.72 19.98 -4.71
C GLU F 80 29.96 19.09 -4.75
N TYR F 81 30.28 18.43 -3.63
CA TYR F 81 31.48 17.62 -3.50
C TYR F 81 31.47 16.32 -4.31
N TRP F 82 30.27 15.86 -4.66
CA TRP F 82 30.12 14.65 -5.47
C TRP F 82 30.52 14.92 -6.92
N GLU F 83 30.06 16.06 -7.45
CA GLU F 83 30.38 16.48 -8.80
C GLU F 83 31.89 16.67 -8.99
N LYS F 84 32.52 17.33 -8.02
CA LYS F 84 33.96 17.61 -8.06
C LYS F 84 34.80 16.37 -7.77
N ALA F 85 34.14 15.31 -7.30
CA ALA F 85 34.80 14.05 -6.87
C ALA F 85 35.83 14.29 -5.76
N GLU F 86 35.59 15.33 -4.96
CA GLU F 86 36.48 15.69 -3.84
C GLU F 86 35.87 15.28 -2.51
N PHE F 87 36.73 14.88 -1.58
CA PHE F 87 36.29 14.49 -0.24
C PHE F 87 36.07 15.73 0.64
N PRO F 88 34.94 15.77 1.38
CA PRO F 88 34.67 16.89 2.28
C PRO F 88 35.35 16.70 3.64
N PHE F 89 36.63 17.05 3.71
CA PHE F 89 37.44 16.83 4.90
C PHE F 89 36.94 17.54 6.15
N HIS F 90 36.31 18.70 5.97
CA HIS F 90 35.79 19.49 7.08
C HIS F 90 34.53 18.89 7.72
N ILE F 91 34.09 17.75 7.19
CA ILE F 91 32.96 17.00 7.74
C ILE F 91 33.42 15.88 8.68
N THR F 92 34.67 15.45 8.50
CA THR F 92 35.28 14.36 9.28
C THR F 92 34.98 14.45 10.79
N PRO F 93 35.34 15.58 11.45
CA PRO F 93 35.09 15.67 12.90
C PRO F 93 33.61 15.57 13.28
N LYS F 94 32.73 16.00 12.38
CA LYS F 94 31.29 15.93 12.62
C LYS F 94 30.80 14.48 12.59
N LEU F 95 31.44 13.64 11.78
CA LEU F 95 31.14 12.22 11.71
C LEU F 95 31.65 11.47 12.93
N GLY F 96 32.84 11.84 13.40
CA GLY F 96 33.41 11.29 14.62
C GLY F 96 32.68 11.75 15.87
N ALA F 97 31.85 12.77 15.71
CA ALA F 97 31.00 13.28 16.79
C ALA F 97 29.72 12.48 16.94
N MET F 98 29.33 11.77 15.88
CA MET F 98 28.15 10.90 15.89
C MET F 98 28.37 9.68 16.78
N GLY F 99 29.62 9.25 16.88
CA GLY F 99 29.98 8.08 17.68
C GLY F 99 29.62 6.80 16.96
N VAL F 100 30.11 6.65 15.73
CA VAL F 100 29.78 5.50 14.89
C VAL F 100 31.05 4.73 14.50
N ALA F 101 32.16 5.45 14.34
CA ALA F 101 33.46 4.86 14.02
C ALA F 101 33.92 3.94 15.16
N GLY F 102 34.30 2.72 14.80
CA GLY F 102 34.59 1.68 15.77
C GLY F 102 33.42 0.72 15.84
N GLY F 103 32.24 1.29 16.13
CA GLY F 103 30.96 0.57 16.09
C GLY F 103 30.90 -0.70 16.92
N SER F 104 31.22 -1.82 16.27
CA SER F 104 31.15 -3.14 16.89
C SER F 104 32.24 -3.39 17.95
N ILE F 105 33.36 -2.68 17.81
CA ILE F 105 34.50 -2.84 18.72
C ILE F 105 34.16 -2.41 20.14
N LYS F 106 34.39 -3.31 21.09
CA LYS F 106 34.16 -3.04 22.51
C LYS F 106 35.44 -2.58 23.19
N GLY F 107 35.35 -1.49 23.95
CA GLY F 107 36.50 -0.90 24.62
C GLY F 107 37.40 -0.13 23.65
N TYR F 108 38.61 0.17 24.09
CA TYR F 108 39.62 0.89 23.30
C TYR F 108 39.11 2.22 22.73
N GLY F 109 38.31 2.94 23.52
CA GLY F 109 37.76 4.23 23.11
C GLY F 109 36.72 4.19 22.01
N CYS F 110 36.15 3.01 21.79
CA CYS F 110 35.12 2.82 20.76
C CYS F 110 33.72 2.78 21.41
N PRO F 111 32.69 3.18 20.64
CA PRO F 111 31.30 3.24 21.15
C PRO F 111 30.75 1.92 21.71
N GLY F 112 31.16 0.80 21.12
CA GLY F 112 30.73 -0.52 21.59
C GLY F 112 29.27 -0.81 21.33
N LEU F 113 28.88 -0.69 20.06
CA LEU F 113 27.50 -0.87 19.64
C LEU F 113 27.20 -2.33 19.29
N SER F 114 25.91 -2.68 19.28
CA SER F 114 25.47 -3.97 18.80
C SER F 114 25.53 -4.00 17.28
N ILE F 115 25.64 -5.20 16.71
CA ILE F 115 25.69 -5.38 15.26
C ILE F 115 24.45 -4.80 14.55
N THR F 116 23.30 -4.91 15.19
CA THR F 116 22.05 -4.32 14.69
C THR F 116 22.14 -2.79 14.70
N ALA F 117 22.72 -2.25 15.76
CA ALA F 117 22.88 -0.80 15.92
C ALA F 117 23.90 -0.24 14.92
N ASN F 118 25.03 -0.92 14.78
CA ASN F 118 26.07 -0.51 13.85
C ASN F 118 25.63 -0.62 12.39
N ALA F 119 24.67 -1.52 12.14
CA ALA F 119 24.09 -1.71 10.80
C ALA F 119 23.07 -0.63 10.48
N ILE F 120 22.18 -0.33 11.42
CA ILE F 120 21.17 0.71 11.25
C ILE F 120 21.84 2.09 11.17
N ALA F 121 23.04 2.21 11.75
CA ALA F 121 23.85 3.42 11.67
C ALA F 121 24.35 3.63 10.25
N THR F 122 24.90 2.57 9.66
CA THR F 122 25.38 2.58 8.28
C THR F 122 24.25 2.98 7.33
N ALA F 123 23.07 2.40 7.55
CA ALA F 123 21.88 2.67 6.75
C ALA F 123 21.54 4.16 6.72
N GLU F 124 21.40 4.77 7.89
CA GLU F 124 20.99 6.17 7.97
C GLU F 124 22.07 7.16 7.49
N ILE F 125 23.27 6.65 7.21
CA ILE F 125 24.30 7.43 6.53
C ILE F 125 24.14 7.28 5.02
N ALA F 126 24.16 6.03 4.56
CA ALA F 126 24.00 5.70 3.14
C ALA F 126 22.70 6.24 2.55
N ARG F 127 21.71 6.40 3.43
CA ARG F 127 20.44 7.02 3.08
C ARG F 127 20.63 8.43 2.52
N VAL F 128 21.41 9.24 3.23
CA VAL F 128 21.68 10.61 2.81
C VAL F 128 22.81 10.64 1.78
N ASP F 129 23.90 9.93 2.07
CA ASP F 129 25.01 9.81 1.12
C ASP F 129 25.75 8.48 1.25
N ALA F 130 25.84 7.77 0.13
CA ALA F 130 26.54 6.50 0.07
C ALA F 130 28.06 6.68 0.14
N SER F 131 28.55 7.80 -0.42
CA SER F 131 29.97 8.11 -0.41
C SER F 131 30.53 8.16 1.01
N CYS F 132 29.93 9.00 1.85
CA CYS F 132 30.34 9.12 3.25
C CYS F 132 30.10 7.84 4.06
N SER F 133 29.21 6.99 3.55
CA SER F 133 28.94 5.69 4.18
C SER F 133 30.07 4.70 3.95
N THR F 134 30.57 4.65 2.71
CA THR F 134 31.69 3.77 2.36
C THR F 134 32.97 4.24 3.06
N PHE F 135 33.19 5.55 3.12
CA PHE F 135 34.34 6.13 3.82
C PHE F 135 34.47 5.56 5.23
N ILE F 136 33.37 5.66 5.98
CA ILE F 136 33.33 5.17 7.37
C ILE F 136 33.42 3.64 7.44
N LEU F 137 32.64 2.96 6.60
CA LEU F 137 32.62 1.48 6.58
C LEU F 137 34.01 0.87 6.36
N VAL F 138 34.73 1.38 5.36
CA VAL F 138 36.08 0.92 5.06
C VAL F 138 37.03 1.22 6.22
N HIS F 139 36.84 2.38 6.84
CA HIS F 139 37.62 2.80 7.99
C HIS F 139 37.30 1.98 9.25
N SER F 140 36.01 1.81 9.54
CA SER F 140 35.55 1.22 10.79
C SER F 140 35.37 -0.30 10.74
N SER F 141 34.56 -0.77 9.79
CA SER F 141 34.23 -2.19 9.72
C SER F 141 35.32 -3.05 9.08
N LEU F 142 36.19 -2.43 8.28
CA LEU F 142 37.29 -3.15 7.65
C LEU F 142 38.64 -2.80 8.28
N GLY F 143 38.94 -1.52 8.40
CA GLY F 143 40.19 -1.06 8.99
C GLY F 143 40.26 -1.37 10.48
N MET F 144 39.54 -0.57 11.27
CA MET F 144 39.53 -0.69 12.73
C MET F 144 39.29 -2.10 13.25
N LEU F 145 38.30 -2.79 12.66
CA LEU F 145 37.91 -4.12 13.11
C LEU F 145 39.00 -5.17 12.93
N THR F 146 39.74 -5.06 11.81
CA THR F 146 40.87 -5.95 11.54
C THR F 146 41.92 -5.87 12.65
N ILE F 147 42.20 -4.65 13.11
CA ILE F 147 43.08 -4.43 14.25
C ILE F 147 42.46 -4.99 15.54
N ALA F 148 41.15 -4.79 15.70
CA ALA F 148 40.43 -5.21 16.90
C ALA F 148 40.36 -6.73 17.10
N LEU F 149 40.37 -7.46 15.99
CA LEU F 149 40.24 -8.92 16.04
C LEU F 149 41.56 -9.66 15.80
N CYS F 150 42.38 -9.12 14.90
CA CYS F 150 43.64 -9.77 14.51
C CYS F 150 44.88 -9.10 15.06
N GLY F 151 44.73 -7.87 15.55
CA GLY F 151 45.85 -7.14 16.15
C GLY F 151 46.18 -7.63 17.54
N SER F 152 47.33 -7.19 18.05
CA SER F 152 47.75 -7.51 19.41
C SER F 152 47.18 -6.48 20.38
N GLU F 153 47.14 -6.84 21.67
CA GLU F 153 46.66 -5.93 22.72
C GLU F 153 47.42 -4.61 22.75
N ALA F 154 48.70 -4.66 22.37
CA ALA F 154 49.54 -3.46 22.28
C ALA F 154 49.13 -2.56 21.12
N GLN F 155 48.66 -3.16 20.02
CA GLN F 155 48.22 -2.42 18.85
C GLN F 155 46.84 -1.81 19.03
N LYS F 156 45.93 -2.59 19.62
CA LYS F 156 44.56 -2.14 19.88
C LYS F 156 44.53 -0.89 20.77
N GLU F 157 45.33 -0.93 21.85
CA GLU F 157 45.42 0.19 22.80
C GLU F 157 46.14 1.41 22.22
N LYS F 158 46.90 1.19 21.14
CA LYS F 158 47.71 2.24 20.55
C LYS F 158 46.97 3.04 19.46
N TYR F 159 46.33 2.33 18.53
CA TYR F 159 45.73 2.96 17.35
C TYR F 159 44.23 3.24 17.50
N LEU F 160 43.46 2.22 17.87
CA LEU F 160 41.99 2.30 17.92
C LEU F 160 41.38 3.58 18.52
N PRO F 161 41.85 4.02 19.72
CA PRO F 161 41.29 5.23 20.33
C PRO F 161 41.25 6.44 19.40
N SER F 162 42.33 6.67 18.67
CA SER F 162 42.44 7.81 17.76
C SER F 162 41.63 7.58 16.48
N LEU F 163 41.51 6.31 16.07
CA LEU F 163 40.76 5.95 14.87
C LEU F 163 39.25 6.07 15.07
N ALA F 164 38.79 5.80 16.29
CA ALA F 164 37.37 5.90 16.63
C ALA F 164 36.89 7.35 16.68
N GLN F 165 37.81 8.25 17.03
CA GLN F 165 37.52 9.69 17.11
C GLN F 165 37.71 10.39 15.77
N LEU F 166 38.20 9.64 14.77
CA LEU F 166 38.46 10.15 13.42
C LEU F 166 39.54 11.24 13.35
N ASN F 167 40.48 11.20 14.30
CA ASN F 167 41.68 12.02 14.23
C ASN F 167 42.69 11.38 13.26
N THR F 168 42.60 10.06 13.15
CA THR F 168 43.40 9.28 12.21
C THR F 168 42.48 8.39 11.37
N VAL F 169 42.81 8.27 10.09
CA VAL F 169 41.98 7.51 9.13
C VAL F 169 42.72 6.27 8.64
N ALA F 170 42.03 5.14 8.67
CA ALA F 170 42.61 3.87 8.23
C ALA F 170 41.94 3.35 6.95
N CYS F 171 42.69 2.53 6.21
CA CYS F 171 42.19 1.94 4.97
C CYS F 171 42.56 0.46 4.87
N TRP F 172 41.77 -0.28 4.09
CA TRP F 172 41.92 -1.72 3.96
C TRP F 172 42.40 -2.07 2.56
N ALA F 173 43.51 -2.80 2.49
CA ALA F 173 44.17 -3.07 1.21
C ALA F 173 44.38 -4.55 0.92
N LEU F 174 43.35 -5.19 0.38
CA LEU F 174 43.41 -6.61 0.01
C LEU F 174 43.50 -6.80 -1.50
N THR F 175 42.70 -6.02 -2.23
CA THR F 175 42.56 -6.16 -3.68
C THR F 175 43.79 -5.69 -4.44
N GLU F 176 44.05 -6.37 -5.57
CA GLU F 176 45.15 -6.02 -6.46
C GLU F 176 44.61 -5.93 -7.90
N PRO F 177 45.36 -5.29 -8.82
CA PRO F 177 44.95 -5.28 -10.23
C PRO F 177 44.87 -6.69 -10.81
N ASP F 178 45.86 -7.52 -10.52
CA ASP F 178 45.90 -8.90 -11.00
C ASP F 178 44.90 -9.81 -10.28
N ASN F 179 44.73 -9.58 -8.98
CA ASN F 179 43.85 -10.40 -8.16
C ASN F 179 42.74 -9.60 -7.46
N GLY F 180 41.50 -9.83 -7.88
CA GLY F 180 40.34 -9.14 -7.32
C GLY F 180 39.40 -10.07 -6.60
N SER F 181 38.56 -10.78 -7.37
CA SER F 181 37.63 -11.77 -6.83
C SER F 181 38.37 -12.99 -6.32
N ASP F 182 39.45 -13.36 -7.01
CA ASP F 182 40.38 -14.38 -6.54
C ASP F 182 41.38 -13.72 -5.58
N ALA F 183 40.87 -13.25 -4.44
CA ALA F 183 41.65 -12.48 -3.49
C ALA F 183 42.69 -13.31 -2.76
N SER F 184 42.37 -14.59 -2.53
CA SER F 184 43.25 -15.51 -1.80
C SER F 184 44.54 -15.86 -2.55
N GLY F 185 44.61 -15.52 -3.83
CA GLY F 185 45.80 -15.76 -4.64
C GLY F 185 46.57 -14.50 -4.99
N LEU F 186 46.58 -13.54 -4.07
CA LEU F 186 47.24 -12.25 -4.28
C LEU F 186 48.77 -12.37 -4.43
N GLY F 187 49.39 -11.34 -5.00
CA GLY F 187 50.81 -11.39 -5.36
C GLY F 187 51.74 -10.37 -4.73
N THR F 188 51.24 -9.65 -3.72
CA THR F 188 52.07 -8.71 -2.95
C THR F 188 52.90 -9.50 -1.95
N THR F 189 54.22 -9.40 -2.07
CA THR F 189 55.14 -10.19 -1.25
C THR F 189 55.55 -9.49 0.04
N ALA F 190 55.72 -10.27 1.09
CA ALA F 190 56.17 -9.79 2.39
C ALA F 190 57.44 -10.51 2.83
N THR F 191 58.57 -10.07 2.27
CA THR F 191 59.87 -10.68 2.55
C THR F 191 60.39 -10.31 3.94
N LYS F 192 60.78 -11.32 4.71
CA LYS F 192 61.26 -11.13 6.07
C LYS F 192 62.68 -10.59 6.07
N VAL F 193 62.87 -9.47 6.77
CA VAL F 193 64.19 -8.86 6.97
C VAL F 193 64.46 -8.76 8.47
N GLU F 194 65.67 -8.33 8.84
CA GLU F 194 66.03 -8.15 10.24
C GLU F 194 65.23 -7.02 10.89
N GLY F 195 64.44 -7.36 11.90
CA GLY F 195 63.66 -6.39 12.67
C GLY F 195 62.27 -6.11 12.12
N GLY F 196 61.97 -6.64 10.94
CA GLY F 196 60.67 -6.43 10.31
C GLY F 196 60.48 -7.09 8.96
N TRP F 197 59.78 -6.38 8.07
CA TRP F 197 59.39 -6.91 6.77
C TRP F 197 59.64 -5.89 5.65
N LYS F 198 59.78 -6.38 4.43
CA LYS F 198 59.86 -5.53 3.24
C LYS F 198 58.70 -5.87 2.31
N ILE F 199 57.69 -5.00 2.29
CA ILE F 199 56.50 -5.22 1.47
C ILE F 199 56.72 -4.75 0.04
N ASN F 200 56.54 -5.67 -0.91
CA ASN F 200 56.68 -5.37 -2.34
C ASN F 200 55.46 -5.83 -3.12
N GLY F 201 54.89 -4.93 -3.90
CA GLY F 201 53.72 -5.25 -4.73
C GLY F 201 52.85 -4.05 -5.07
N GLN F 202 51.68 -4.33 -5.64
CA GLN F 202 50.76 -3.28 -6.06
C GLN F 202 49.33 -3.54 -5.57
N LYS F 203 48.61 -2.47 -5.29
CA LYS F 203 47.22 -2.54 -4.83
C LYS F 203 46.35 -1.61 -5.67
N ARG F 204 45.06 -1.95 -5.79
CA ARG F 204 44.11 -1.14 -6.55
C ARG F 204 42.74 -1.08 -5.88
N TRP F 205 42.14 0.11 -5.89
CA TRP F 205 40.76 0.35 -5.43
C TRP F 205 40.59 0.74 -3.96
N ILE F 206 41.69 0.88 -3.24
CA ILE F 206 41.65 1.11 -1.81
C ILE F 206 41.12 2.50 -1.46
N GLY F 207 39.97 2.52 -0.77
CA GLY F 207 39.33 3.75 -0.34
C GLY F 207 40.06 4.39 0.81
N ASN F 208 40.18 5.72 0.76
CA ASN F 208 40.87 6.53 1.78
C ASN F 208 42.41 6.50 1.69
N SER F 209 42.94 5.54 0.92
CA SER F 209 44.38 5.29 0.81
C SER F 209 45.23 6.54 0.54
N THR F 210 44.69 7.46 -0.26
CA THR F 210 45.43 8.68 -0.65
C THR F 210 45.64 9.66 0.50
N PHE F 211 44.89 9.50 1.59
CA PHE F 211 45.04 10.36 2.77
C PHE F 211 45.03 9.62 4.10
N ALA F 212 44.97 8.28 4.04
CA ALA F 212 44.91 7.46 5.25
C ALA F 212 46.23 7.45 6.02
N ASP F 213 46.11 7.52 7.35
CA ASP F 213 47.27 7.47 8.24
C ASP F 213 47.76 6.04 8.41
N LEU F 214 46.80 5.12 8.51
CA LEU F 214 47.09 3.70 8.64
C LEU F 214 46.62 2.95 7.40
N LEU F 215 47.51 2.13 6.85
CA LEU F 215 47.20 1.34 5.66
C LEU F 215 47.34 -0.15 5.97
N ILE F 216 46.22 -0.79 6.29
CA ILE F 216 46.23 -2.23 6.56
C ILE F 216 46.38 -3.01 5.26
N ILE F 217 47.62 -3.24 4.90
CA ILE F 217 47.97 -3.90 3.64
C ILE F 217 48.17 -5.40 3.85
N PHE F 218 47.48 -6.19 3.04
CA PHE F 218 47.62 -7.64 3.06
C PHE F 218 48.68 -8.07 2.06
N ALA F 219 49.62 -8.88 2.52
CA ALA F 219 50.73 -9.34 1.68
C ALA F 219 51.03 -10.82 1.93
N ARG F 220 51.80 -11.42 1.03
CA ARG F 220 52.14 -12.83 1.11
C ARG F 220 53.46 -13.04 1.83
N ASN F 221 53.37 -13.61 3.03
CA ASN F 221 54.52 -14.01 3.82
C ASN F 221 55.36 -15.03 3.04
N THR F 222 56.46 -14.56 2.46
CA THR F 222 57.29 -15.38 1.57
C THR F 222 57.89 -16.64 2.22
N THR F 223 57.97 -16.64 3.54
CA THR F 223 58.50 -17.78 4.28
C THR F 223 57.45 -18.90 4.41
N THR F 224 56.22 -18.52 4.76
CA THR F 224 55.14 -19.49 4.96
C THR F 224 54.27 -19.68 3.72
N ASN F 225 54.44 -18.79 2.74
CA ASN F 225 53.61 -18.73 1.52
C ASN F 225 52.13 -18.48 1.83
N GLN F 226 51.88 -17.80 2.95
CA GLN F 226 50.52 -17.49 3.39
C GLN F 226 50.29 -15.98 3.44
N ILE F 227 49.05 -15.58 3.68
CA ILE F 227 48.66 -14.18 3.69
C ILE F 227 48.74 -13.61 5.11
N ASN F 228 49.47 -12.51 5.27
CA ASN F 228 49.61 -11.83 6.56
C ASN F 228 49.15 -10.38 6.52
N GLY F 229 48.75 -9.85 7.68
CA GLY F 229 48.29 -8.48 7.80
C GLY F 229 49.38 -7.54 8.32
N PHE F 230 49.48 -6.37 7.69
CA PHE F 230 50.51 -5.40 8.02
C PHE F 230 49.94 -3.99 8.16
N ILE F 231 50.30 -3.30 9.24
CA ILE F 231 49.90 -1.91 9.42
C ILE F 231 50.99 -1.00 8.85
N VAL F 232 50.72 -0.44 7.68
CA VAL F 232 51.65 0.45 7.00
C VAL F 232 51.28 1.90 7.29
N LYS F 233 52.25 2.66 7.81
CA LYS F 233 52.04 4.06 8.17
C LYS F 233 52.02 4.95 6.91
N LYS F 234 51.42 6.13 7.07
CA LYS F 234 51.34 7.12 5.99
C LYS F 234 52.74 7.64 5.62
N ASP F 235 52.89 8.05 4.36
CA ASP F 235 54.12 8.66 3.85
C ASP F 235 55.37 7.77 3.89
N ALA F 236 55.22 6.54 4.39
CA ALA F 236 56.32 5.60 4.53
C ALA F 236 57.14 5.49 3.25
N PRO F 237 58.48 5.59 3.36
CA PRO F 237 59.36 5.55 2.18
C PRO F 237 59.12 4.32 1.31
N GLY F 238 58.90 4.55 0.02
CA GLY F 238 58.60 3.48 -0.94
C GLY F 238 57.12 3.33 -1.24
N LEU F 239 56.28 4.02 -0.47
CA LEU F 239 54.83 3.96 -0.62
C LEU F 239 54.32 5.13 -1.46
N LYS F 240 53.48 4.83 -2.44
CA LYS F 240 52.89 5.83 -3.33
C LYS F 240 51.46 5.47 -3.70
N ALA F 241 50.50 6.20 -3.14
CA ALA F 241 49.08 5.98 -3.41
C ALA F 241 48.48 7.12 -4.24
N THR F 242 48.11 6.81 -5.48
CA THR F 242 47.58 7.80 -6.42
C THR F 242 46.08 7.62 -6.63
N LYS F 243 45.37 8.74 -6.73
CA LYS F 243 43.91 8.75 -6.87
C LYS F 243 43.42 8.08 -8.16
N ILE F 244 42.40 7.24 -8.04
CA ILE F 244 41.72 6.66 -9.19
C ILE F 244 40.59 7.61 -9.64
N PRO F 245 40.67 8.13 -10.87
CA PRO F 245 39.71 9.09 -11.39
C PRO F 245 38.59 8.46 -12.21
N ASN F 246 37.62 9.29 -12.60
CA ASN F 246 36.58 8.93 -13.58
C ASN F 246 35.54 7.90 -13.12
N LYS F 247 35.32 7.84 -11.80
CA LYS F 247 34.29 6.96 -11.24
C LYS F 247 32.92 7.58 -11.45
N ILE F 248 31.93 6.74 -11.75
CA ILE F 248 30.55 7.21 -11.90
C ILE F 248 29.78 7.14 -10.58
N GLY F 249 30.28 6.35 -9.64
CA GLY F 249 29.67 6.20 -8.32
C GLY F 249 30.67 6.37 -7.19
N LEU F 250 30.16 6.60 -5.98
CA LEU F 250 30.98 6.85 -4.79
C LEU F 250 32.15 7.79 -5.09
N ARG F 251 31.82 8.95 -5.66
CA ARG F 251 32.81 9.88 -6.19
C ARG F 251 33.63 10.61 -5.12
N MET F 252 33.02 10.81 -3.95
CA MET F 252 33.70 11.47 -2.83
C MET F 252 34.72 10.55 -2.16
N VAL F 253 34.45 9.23 -2.21
CA VAL F 253 35.35 8.23 -1.67
C VAL F 253 36.65 8.24 -2.45
N GLN F 254 37.75 8.59 -1.80
CA GLN F 254 39.05 8.67 -2.46
C GLN F 254 39.67 7.28 -2.61
N ASN F 255 39.35 6.63 -3.73
CA ASN F 255 39.92 5.32 -4.06
C ASN F 255 41.22 5.50 -4.82
N GLY F 256 42.21 4.65 -4.52
CA GLY F 256 43.54 4.82 -5.09
C GLY F 256 44.31 3.56 -5.44
N ASP F 257 45.29 3.74 -6.33
CA ASP F 257 46.26 2.70 -6.66
C ASP F 257 47.46 2.83 -5.74
N ILE F 258 47.80 1.76 -5.03
CA ILE F 258 48.92 1.77 -4.10
C ILE F 258 50.14 1.07 -4.69
N LEU F 259 51.28 1.76 -4.67
CA LEU F 259 52.56 1.16 -5.04
C LEU F 259 53.43 0.91 -3.81
N LEU F 260 54.11 -0.23 -3.81
CA LEU F 260 54.94 -0.63 -2.67
C LEU F 260 56.30 -1.14 -3.14
N GLN F 261 57.34 -0.35 -2.87
CA GLN F 261 58.73 -0.71 -3.20
C GLN F 261 59.58 -0.72 -1.94
N ASN F 262 59.96 -1.92 -1.50
CA ASN F 262 60.75 -2.12 -0.28
C ASN F 262 60.24 -1.30 0.92
N VAL F 263 58.93 -1.31 1.11
CA VAL F 263 58.30 -0.59 2.22
C VAL F 263 58.51 -1.37 3.52
N PHE F 264 59.27 -0.77 4.42
CA PHE F 264 59.59 -1.41 5.69
C PHE F 264 58.42 -1.37 6.67
N VAL F 265 58.14 -2.52 7.27
CA VAL F 265 57.16 -2.63 8.35
C VAL F 265 57.85 -3.37 9.51
N PRO F 266 58.04 -2.68 10.65
CA PRO F 266 58.69 -3.30 11.81
C PRO F 266 57.86 -4.44 12.39
N ASP F 267 58.54 -5.40 13.03
CA ASP F 267 57.88 -6.59 13.60
C ASP F 267 56.69 -6.28 14.52
N GLU F 268 56.74 -5.11 15.14
CA GLU F 268 55.68 -4.66 16.05
C GLU F 268 54.38 -4.27 15.33
N ASP F 269 54.50 -3.92 14.04
CA ASP F 269 53.36 -3.46 13.25
C ASP F 269 52.75 -4.53 12.34
N ARG F 270 53.19 -5.78 12.51
CA ARG F 270 52.55 -6.90 11.83
C ARG F 270 51.41 -7.43 12.68
N LEU F 271 50.26 -7.66 12.04
CA LEU F 271 49.10 -8.22 12.72
C LEU F 271 49.33 -9.69 13.04
N PRO F 272 49.39 -10.04 14.34
CA PRO F 272 49.70 -11.40 14.79
C PRO F 272 48.55 -12.39 14.56
N GLY F 273 47.35 -11.87 14.34
CA GLY F 273 46.16 -12.70 14.14
C GLY F 273 46.06 -13.27 12.73
N VAL F 274 46.50 -12.49 11.75
CA VAL F 274 46.47 -12.93 10.36
C VAL F 274 47.71 -13.77 10.02
N ASN F 275 47.58 -15.09 10.17
CA ASN F 275 48.57 -16.02 9.64
C ASN F 275 48.23 -16.46 8.22
N SER F 276 47.00 -16.92 8.03
CA SER F 276 46.50 -17.25 6.70
C SER F 276 45.25 -16.44 6.36
N PHE F 277 44.77 -16.59 5.13
CA PHE F 277 43.60 -15.84 4.67
C PHE F 277 42.30 -16.26 5.37
N GLN F 278 42.28 -17.46 5.93
CA GLN F 278 41.13 -17.97 6.68
C GLN F 278 40.83 -17.12 7.92
N ASP F 279 41.86 -16.50 8.48
CA ASP F 279 41.74 -15.61 9.65
C ASP F 279 41.00 -14.32 9.30
N THR F 280 41.16 -13.86 8.07
CA THR F 280 40.45 -12.69 7.54
C THR F 280 38.94 -12.96 7.47
N SER F 281 38.57 -14.20 7.17
CA SER F 281 37.17 -14.60 7.04
C SER F 281 36.43 -14.68 8.38
N LYS F 282 36.76 -13.76 9.28
CA LYS F 282 36.03 -13.54 10.54
C LYS F 282 35.72 -12.05 10.64
N VAL F 283 36.59 -11.23 10.06
CA VAL F 283 36.40 -9.80 9.92
C VAL F 283 35.38 -9.55 8.80
N LEU F 284 35.55 -10.27 7.70
CA LEU F 284 34.64 -10.17 6.55
C LEU F 284 33.20 -10.53 6.91
N ALA F 285 33.05 -11.41 7.90
CA ALA F 285 31.74 -11.83 8.40
C ALA F 285 30.91 -10.64 8.91
N VAL F 286 31.59 -9.64 9.47
CA VAL F 286 30.94 -8.41 9.93
C VAL F 286 30.86 -7.44 8.76
N SER F 287 31.95 -7.36 8.00
CA SER F 287 32.06 -6.45 6.86
C SER F 287 31.00 -6.70 5.79
N ARG F 288 30.71 -7.96 5.54
CA ARG F 288 29.71 -8.34 4.54
C ARG F 288 28.30 -8.02 5.01
N VAL F 289 28.05 -8.16 6.31
CA VAL F 289 26.77 -7.79 6.91
C VAL F 289 26.56 -6.28 6.83
N MET F 290 27.63 -5.53 7.07
CA MET F 290 27.54 -4.07 7.12
C MET F 290 27.36 -3.46 5.72
N VAL F 291 28.09 -4.00 4.74
CA VAL F 291 27.93 -3.57 3.35
C VAL F 291 26.51 -3.89 2.86
N ALA F 292 25.98 -5.02 3.28
CA ALA F 292 24.62 -5.43 2.96
C ALA F 292 23.58 -4.39 3.39
N TRP F 293 23.93 -3.59 4.39
CA TRP F 293 23.03 -2.57 4.91
C TRP F 293 23.09 -1.23 4.16
N GLN F 294 24.10 -1.07 3.30
CA GLN F 294 24.23 0.14 2.48
C GLN F 294 23.06 0.32 1.50
N PRO F 295 22.75 -0.72 0.70
CA PRO F 295 21.59 -0.61 -0.20
C PRO F 295 20.28 -0.36 0.55
N ILE F 296 20.10 -1.03 1.69
CA ILE F 296 18.93 -0.81 2.56
C ILE F 296 18.77 0.67 2.87
N GLY F 297 19.86 1.31 3.26
CA GLY F 297 19.88 2.75 3.51
C GLY F 297 19.60 3.56 2.27
N ILE F 298 20.44 3.36 1.24
CA ILE F 298 20.34 4.09 -0.02
C ILE F 298 18.92 4.06 -0.58
N SER F 299 18.35 2.86 -0.66
CA SER F 299 17.02 2.66 -1.23
C SER F 299 15.92 3.40 -0.47
N MET F 300 16.06 3.47 0.86
CA MET F 300 15.14 4.24 1.69
C MET F 300 15.16 5.71 1.28
N GLY F 301 16.37 6.26 1.15
CA GLY F 301 16.56 7.63 0.66
C GLY F 301 15.96 7.84 -0.71
N ILE F 302 16.29 6.95 -1.64
CA ILE F 302 15.74 6.99 -2.99
C ILE F 302 14.21 7.05 -2.97
N TYR F 303 13.59 6.27 -2.08
CA TYR F 303 12.14 6.31 -1.94
C TYR F 303 11.68 7.65 -1.37
N ASP F 304 12.23 8.04 -0.22
CA ASP F 304 11.86 9.27 0.46
C ASP F 304 11.86 10.47 -0.51
N MET F 305 12.85 10.50 -1.39
CA MET F 305 12.95 11.55 -2.40
C MET F 305 11.85 11.43 -3.45
N CYS F 306 11.64 10.21 -3.95
CA CYS F 306 10.61 9.94 -4.95
C CYS F 306 9.21 10.27 -4.45
N HIS F 307 8.91 9.86 -3.22
CA HIS F 307 7.60 10.08 -2.61
C HIS F 307 7.24 11.57 -2.58
N ARG F 308 8.21 12.40 -2.20
CA ARG F 308 8.02 13.86 -2.20
C ARG F 308 7.92 14.41 -3.62
N TYR F 309 8.88 14.02 -4.47
CA TYR F 309 8.96 14.53 -5.84
C TYR F 309 7.68 14.28 -6.63
N LEU F 310 7.15 13.05 -6.55
CA LEU F 310 5.93 12.67 -7.27
C LEU F 310 4.70 13.42 -6.74
N LYS F 311 4.82 13.94 -5.52
CA LYS F 311 3.75 14.69 -4.89
C LYS F 311 3.88 16.19 -5.10
N GLU F 312 5.11 16.64 -5.39
CA GLU F 312 5.39 18.07 -5.64
C GLU F 312 5.28 18.43 -7.12
N ARG F 313 5.89 17.61 -7.97
CA ARG F 313 5.91 17.85 -9.40
C ARG F 313 4.54 17.59 -10.00
N LYS F 314 4.00 18.58 -10.70
CA LYS F 314 2.69 18.48 -11.32
C LYS F 314 2.82 18.46 -12.84
N GLN F 315 2.05 17.57 -13.47
CA GLN F 315 2.04 17.43 -14.91
C GLN F 315 0.66 16.95 -15.34
N PHE F 316 0.17 17.50 -16.46
CA PHE F 316 -1.19 17.23 -16.96
C PHE F 316 -2.27 17.70 -15.96
N GLY F 317 -1.92 18.68 -15.14
CA GLY F 317 -2.84 19.24 -14.14
C GLY F 317 -3.09 18.33 -12.94
N ALA F 318 -2.06 17.59 -12.54
CA ALA F 318 -2.13 16.70 -11.38
C ALA F 318 -0.73 16.32 -10.91
N PRO F 319 -0.56 16.06 -9.60
CA PRO F 319 0.73 15.55 -9.12
C PRO F 319 1.06 14.21 -9.78
N LEU F 320 2.34 13.98 -10.05
CA LEU F 320 2.79 12.74 -10.69
C LEU F 320 2.29 11.49 -9.96
N ALA F 321 2.17 11.60 -8.63
CA ALA F 321 1.73 10.50 -7.78
C ALA F 321 0.26 10.10 -7.98
N ALA F 322 -0.44 10.79 -8.88
CA ALA F 322 -1.84 10.51 -9.15
C ALA F 322 -2.03 9.53 -10.30
N PHE F 323 -0.97 9.32 -11.08
CA PHE F 323 -1.04 8.50 -12.28
C PHE F 323 -0.73 7.04 -11.97
N GLN F 324 -1.53 6.14 -12.54
CA GLN F 324 -1.42 4.70 -12.30
C GLN F 324 0.00 4.17 -12.47
N LEU F 325 0.60 4.46 -13.63
CA LEU F 325 1.97 4.01 -13.92
C LEU F 325 2.98 4.42 -12.86
N ASN F 326 2.88 5.67 -12.39
CA ASN F 326 3.79 6.18 -11.37
C ASN F 326 3.57 5.56 -10.00
N GLN F 327 2.32 5.24 -9.68
CA GLN F 327 1.99 4.62 -8.40
C GLN F 327 2.54 3.19 -8.31
N GLN F 328 2.33 2.41 -9.38
CA GLN F 328 2.85 1.04 -9.45
C GLN F 328 4.36 1.01 -9.31
N LYS F 329 5.04 1.99 -9.90
CA LYS F 329 6.48 2.13 -9.78
C LYS F 329 6.87 2.45 -8.34
N LEU F 330 6.12 3.35 -7.71
CA LEU F 330 6.40 3.79 -6.35
C LEU F 330 6.20 2.68 -5.32
N VAL F 331 5.11 1.91 -5.47
CA VAL F 331 4.80 0.85 -4.51
C VAL F 331 5.71 -0.37 -4.66
N GLN F 332 6.21 -0.60 -5.87
CA GLN F 332 7.20 -1.64 -6.13
C GLN F 332 8.48 -1.30 -5.39
N MET F 333 8.81 0.00 -5.36
CA MET F 333 9.96 0.50 -4.60
C MET F 333 9.71 0.33 -3.11
N LEU F 334 8.53 0.76 -2.66
CA LEU F 334 8.15 0.64 -1.25
C LEU F 334 8.16 -0.80 -0.78
N GLY F 335 7.68 -1.70 -1.65
CA GLY F 335 7.69 -3.14 -1.36
C GLY F 335 9.09 -3.71 -1.30
N ASN F 336 9.91 -3.36 -2.29
CA ASN F 336 11.32 -3.77 -2.31
C ASN F 336 12.08 -3.30 -1.07
N VAL F 337 11.75 -2.10 -0.58
CA VAL F 337 12.42 -1.53 0.59
C VAL F 337 12.08 -2.29 1.87
N GLN F 338 10.79 -2.50 2.13
CA GLN F 338 10.36 -3.18 3.36
C GLN F 338 11.02 -4.55 3.50
N ALA F 339 11.08 -5.28 2.39
CA ALA F 339 11.72 -6.60 2.36
C ALA F 339 13.23 -6.50 2.59
N MET F 340 13.88 -5.56 1.89
CA MET F 340 15.32 -5.34 2.04
C MET F 340 15.72 -5.09 3.48
N PHE F 341 14.91 -4.30 4.20
CA PHE F 341 15.18 -3.99 5.59
C PHE F 341 15.06 -5.23 6.46
N LEU F 342 13.91 -5.91 6.39
CA LEU F 342 13.67 -7.13 7.16
C LEU F 342 14.78 -8.16 6.92
N MET F 343 15.24 -8.22 5.68
CA MET F 343 16.31 -9.12 5.27
C MET F 343 17.61 -8.81 6.01
N GLY F 344 18.01 -7.55 5.99
CA GLY F 344 19.21 -7.10 6.69
C GLY F 344 19.06 -7.18 8.21
N TRP F 345 17.86 -6.91 8.70
CA TRP F 345 17.56 -7.00 10.13
C TRP F 345 17.73 -8.42 10.64
N ARG F 346 17.17 -9.37 9.90
CA ARG F 346 17.26 -10.80 10.23
C ARG F 346 18.72 -11.25 10.23
N LEU F 347 19.46 -10.76 9.24
CA LEU F 347 20.89 -11.08 9.09
C LEU F 347 21.68 -10.70 10.34
N CYS F 348 21.38 -9.52 10.89
CA CYS F 348 22.00 -9.05 12.13
C CYS F 348 21.66 -9.98 13.29
N LYS F 349 20.38 -10.32 13.40
CA LYS F 349 19.89 -11.18 14.48
C LYS F 349 20.42 -12.61 14.35
N LEU F 350 20.97 -12.94 13.19
CA LEU F 350 21.66 -14.21 12.99
C LEU F 350 23.10 -14.13 13.49
N TYR F 351 23.76 -13.01 13.22
CA TYR F 351 25.11 -12.77 13.69
C TYR F 351 25.13 -12.62 15.21
N GLU F 352 24.08 -11.97 15.73
CA GLU F 352 23.96 -11.69 17.16
C GLU F 352 23.77 -12.97 17.96
N THR F 353 22.96 -13.88 17.43
CA THR F 353 22.74 -15.20 18.04
C THR F 353 23.92 -16.14 17.80
N GLY F 354 24.85 -15.70 16.94
CA GLY F 354 26.10 -16.43 16.68
C GLY F 354 25.95 -17.66 15.80
N GLN F 355 24.84 -17.76 15.09
CA GLN F 355 24.57 -18.90 14.21
C GLN F 355 24.64 -18.54 12.73
N MET F 356 25.20 -17.37 12.43
CA MET F 356 25.33 -16.91 11.04
C MET F 356 26.52 -17.57 10.34
N THR F 357 26.30 -17.98 9.10
CA THR F 357 27.30 -18.64 8.29
C THR F 357 27.58 -17.83 7.03
N PRO F 358 28.83 -17.87 6.52
CA PRO F 358 29.24 -17.15 5.31
C PRO F 358 28.19 -17.12 4.19
N GLY F 359 27.50 -18.24 3.99
CA GLY F 359 26.48 -18.36 2.95
C GLY F 359 25.25 -17.50 3.18
N GLN F 360 24.82 -17.41 4.44
CA GLN F 360 23.69 -16.57 4.82
C GLN F 360 24.00 -15.09 4.60
N ALA F 361 25.20 -14.69 5.00
CA ALA F 361 25.67 -13.32 4.82
C ALA F 361 25.88 -13.00 3.34
N SER F 362 26.37 -13.98 2.59
CA SER F 362 26.58 -13.82 1.15
C SER F 362 25.25 -13.73 0.41
N LEU F 363 24.24 -14.45 0.89
CA LEU F 363 22.89 -14.33 0.34
C LEU F 363 22.33 -12.95 0.66
N GLY F 364 22.55 -12.49 1.89
CA GLY F 364 22.09 -11.18 2.33
C GLY F 364 22.53 -10.06 1.41
N LYS F 365 23.84 -9.87 1.30
CA LYS F 365 24.42 -8.83 0.45
C LYS F 365 23.94 -8.95 -1.00
N ALA F 366 24.04 -10.15 -1.56
CA ALA F 366 23.67 -10.38 -2.96
C ALA F 366 22.23 -9.98 -3.24
N TRP F 367 21.29 -10.57 -2.50
CA TRP F 367 19.86 -10.31 -2.71
C TRP F 367 19.51 -8.84 -2.53
N ILE F 368 19.93 -8.27 -1.40
CA ILE F 368 19.63 -6.88 -1.07
C ILE F 368 20.17 -5.91 -2.12
N SER F 369 21.44 -6.09 -2.50
CA SER F 369 22.06 -5.25 -3.53
C SER F 369 21.34 -5.35 -4.87
N SER F 370 20.82 -6.54 -5.17
CA SER F 370 20.09 -6.78 -6.41
C SER F 370 18.77 -6.02 -6.46
N LYS F 371 18.02 -6.05 -5.35
CA LYS F 371 16.73 -5.37 -5.28
C LYS F 371 16.92 -3.86 -5.15
N ALA F 372 18.04 -3.46 -4.56
CA ALA F 372 18.41 -2.06 -4.47
C ALA F 372 18.63 -1.46 -5.86
N ARG F 373 19.24 -2.25 -6.75
CA ARG F 373 19.41 -1.83 -8.15
C ARG F 373 18.07 -1.59 -8.82
N GLU F 374 17.16 -2.56 -8.66
CA GLU F 374 15.82 -2.46 -9.21
C GLU F 374 15.11 -1.23 -8.68
N THR F 375 15.18 -1.03 -7.36
CA THR F 375 14.56 0.11 -6.69
C THR F 375 15.15 1.44 -7.19
N ALA F 376 16.48 1.47 -7.34
CA ALA F 376 17.18 2.66 -7.83
C ALA F 376 16.83 2.96 -9.28
N SER F 377 16.72 1.91 -10.09
CA SER F 377 16.39 2.04 -11.52
C SER F 377 15.00 2.64 -11.71
N LEU F 378 14.03 2.20 -10.91
CA LEU F 378 12.67 2.74 -10.94
C LEU F 378 12.64 4.18 -10.46
N GLY F 379 13.30 4.44 -9.34
CA GLY F 379 13.38 5.77 -8.77
C GLY F 379 13.98 6.79 -9.72
N ARG F 380 15.02 6.36 -10.46
CA ARG F 380 15.72 7.24 -11.39
C ARG F 380 14.81 7.69 -12.54
N GLU F 381 14.02 6.76 -13.06
CA GLU F 381 13.12 7.07 -14.17
C GLU F 381 11.85 7.82 -13.72
N LEU F 382 11.52 7.72 -12.45
CA LEU F 382 10.35 8.42 -11.87
C LEU F 382 10.50 9.94 -11.89
N LEU F 383 11.72 10.43 -11.70
CA LEU F 383 11.99 11.87 -11.68
C LEU F 383 12.20 12.44 -13.07
N GLY F 384 12.23 11.56 -14.07
CA GLY F 384 12.38 11.96 -15.47
C GLY F 384 13.68 12.69 -15.74
N GLY F 385 13.57 13.95 -16.12
CA GLY F 385 14.73 14.79 -16.39
C GLY F 385 15.64 14.94 -15.18
N ASN F 386 15.07 15.47 -14.11
CA ASN F 386 15.81 15.67 -12.85
C ASN F 386 16.25 14.36 -12.21
N GLY F 387 15.89 13.25 -12.86
CA GLY F 387 16.34 11.92 -12.46
C GLY F 387 17.79 11.66 -12.78
N ILE F 388 18.39 12.53 -13.59
CA ILE F 388 19.82 12.43 -13.91
C ILE F 388 20.64 13.49 -13.16
N LEU F 389 19.97 14.26 -12.30
CA LEU F 389 20.63 15.31 -11.52
C LEU F 389 20.96 14.87 -10.10
N ALA F 390 22.23 15.07 -9.72
CA ALA F 390 22.72 14.79 -8.37
C ALA F 390 22.11 15.75 -7.35
N ASP F 391 21.58 16.86 -7.84
CA ASP F 391 20.83 17.81 -7.02
C ASP F 391 19.63 17.15 -6.36
N PHE F 392 19.09 16.13 -7.02
CA PHE F 392 17.89 15.45 -6.57
C PHE F 392 18.13 14.06 -5.98
N LEU F 393 19.35 13.83 -5.51
CA LEU F 393 19.74 12.60 -4.79
C LEU F 393 19.69 11.31 -5.61
N VAL F 394 18.51 11.01 -6.16
CA VAL F 394 18.24 9.73 -6.82
C VAL F 394 19.32 9.37 -7.84
N ALA F 395 19.66 10.32 -8.72
CA ALA F 395 20.68 10.13 -9.74
C ALA F 395 22.03 9.76 -9.13
N LYS F 396 22.44 10.51 -8.12
CA LYS F 396 23.69 10.28 -7.40
C LYS F 396 23.68 8.91 -6.75
N ALA F 397 22.58 8.59 -6.07
CA ALA F 397 22.42 7.29 -5.38
C ALA F 397 22.32 6.13 -6.37
N PHE F 398 21.72 6.39 -7.53
CA PHE F 398 21.64 5.41 -8.61
C PHE F 398 23.04 5.01 -9.07
N CYS F 399 23.89 6.02 -9.27
CA CYS F 399 25.29 5.81 -9.60
C CYS F 399 26.07 5.23 -8.43
N ASP F 400 25.86 5.79 -7.23
CA ASP F 400 26.54 5.38 -6.00
C ASP F 400 26.37 3.90 -5.68
N LEU F 401 25.25 3.34 -6.13
CA LEU F 401 24.88 1.96 -5.81
C LEU F 401 25.66 0.94 -6.64
N GLU F 402 25.99 1.33 -7.88
CA GLU F 402 26.63 0.42 -8.83
C GLU F 402 27.94 -0.23 -8.35
N PRO F 403 28.87 0.54 -7.76
CA PRO F 403 30.04 -0.12 -7.19
C PRO F 403 29.68 -1.05 -6.03
N ILE F 404 28.69 -0.67 -5.22
CA ILE F 404 28.27 -1.45 -4.05
C ILE F 404 27.75 -2.84 -4.45
N TYR F 405 27.08 -2.91 -5.59
CA TYR F 405 26.65 -4.15 -6.20
C TYR F 405 27.85 -5.07 -6.46
N THR F 406 29.00 -4.46 -6.76
CA THR F 406 30.22 -5.18 -7.13
C THR F 406 31.21 -5.39 -5.97
N TYR F 407 31.53 -4.32 -5.25
CA TYR F 407 32.56 -4.41 -4.20
C TYR F 407 32.06 -5.11 -2.94
N GLU F 408 33.01 -5.64 -2.16
CA GLU F 408 32.75 -6.52 -1.02
C GLU F 408 32.10 -7.83 -1.50
N GLY F 409 32.65 -8.37 -2.59
CA GLY F 409 32.12 -9.56 -3.21
C GLY F 409 31.05 -9.23 -4.23
N THR F 410 31.39 -9.43 -5.51
CA THR F 410 30.45 -9.23 -6.61
C THR F 410 29.26 -10.18 -6.50
N TYR F 411 28.10 -9.72 -6.96
CA TYR F 411 26.85 -10.49 -6.92
C TYR F 411 27.06 -11.95 -7.30
N ASP F 412 27.75 -12.17 -8.41
CA ASP F 412 28.01 -13.52 -8.92
C ASP F 412 28.83 -14.37 -7.95
N ILE F 413 29.86 -13.77 -7.36
CA ILE F 413 30.70 -14.46 -6.36
C ILE F 413 29.88 -14.84 -5.13
N ASN F 414 29.12 -13.87 -4.59
CA ASN F 414 28.28 -14.11 -3.42
C ASN F 414 27.23 -15.20 -3.64
N THR F 415 26.55 -15.13 -4.77
CA THR F 415 25.54 -16.12 -5.14
C THR F 415 26.17 -17.51 -5.28
N LEU F 416 27.46 -17.54 -5.61
CA LEU F 416 28.21 -18.79 -5.70
C LEU F 416 28.69 -19.28 -4.32
N VAL F 417 28.95 -18.35 -3.41
CA VAL F 417 29.31 -18.70 -2.03
C VAL F 417 28.11 -19.35 -1.33
N THR F 418 26.95 -18.71 -1.45
CA THR F 418 25.69 -19.28 -0.96
C THR F 418 25.37 -20.57 -1.72
N GLY F 419 25.74 -20.62 -2.99
CA GLY F 419 25.59 -21.83 -3.81
C GLY F 419 26.37 -23.00 -3.25
N ARG F 420 27.66 -22.77 -3.02
CA ARG F 420 28.57 -23.80 -2.49
C ARG F 420 28.11 -24.36 -1.15
N GLU F 421 27.64 -23.48 -0.27
CA GLU F 421 27.25 -23.87 1.09
C GLU F 421 25.98 -24.73 1.10
N VAL F 422 24.99 -24.38 0.28
CA VAL F 422 23.71 -25.07 0.27
C VAL F 422 23.79 -26.41 -0.48
N THR F 423 24.36 -26.39 -1.68
CA THR F 423 24.46 -27.59 -2.51
C THR F 423 25.51 -28.57 -1.99
N GLY F 424 26.60 -28.03 -1.47
CA GLY F 424 27.73 -28.84 -1.00
C GLY F 424 28.81 -28.98 -2.05
N ILE F 425 28.55 -28.45 -3.25
CA ILE F 425 29.48 -28.53 -4.37
C ILE F 425 30.00 -27.14 -4.74
N ALA F 426 31.32 -27.03 -4.83
CA ALA F 426 31.97 -25.77 -5.18
C ALA F 426 32.03 -25.56 -6.69
N SER F 427 31.54 -24.42 -7.15
CA SER F 427 31.55 -24.10 -8.58
C SER F 427 32.10 -22.70 -8.85
N PHE F 428 33.31 -22.44 -8.35
CA PHE F 428 33.99 -21.17 -8.55
C PHE F 428 34.99 -21.26 -9.69
N LYS F 429 35.89 -22.25 -9.59
CA LYS F 429 36.94 -22.47 -10.59
C LYS F 429 36.39 -22.81 -11.97
N PRO F 430 37.18 -22.54 -13.03
CA PRO F 430 36.82 -22.95 -14.39
C PRO F 430 37.04 -24.45 -14.61
N ALA F 431 36.82 -24.90 -15.86
CA ALA F 431 37.10 -26.28 -16.22
C ALA F 431 38.59 -26.53 -16.36
N THR F 432 39.11 -26.48 -17.59
CA THR F 432 40.54 -26.65 -17.95
C THR F 432 41.24 -27.93 -17.46
N ARG F 433 41.29 -28.27 -16.27
PA FAD G . -32.73 12.52 12.12
O1A FAD G . -34.18 12.37 11.70
O2A FAD G . -31.81 11.77 11.18
O5B FAD G . -32.35 14.08 12.15
C5B FAD G . -31.03 14.48 12.42
C4B FAD G . -30.83 15.93 12.05
O4B FAD G . -31.05 16.12 10.66
C3B FAD G . -31.77 16.85 12.80
O3B FAD G . -31.03 17.87 13.42
C2B FAD G . -32.67 17.43 11.72
O2B FAD G . -32.90 18.81 11.93
C1B FAD G . -31.90 17.24 10.44
N9A FAD G . -32.83 16.98 9.33
C8A FAD G . -33.54 15.83 9.08
N7A FAD G . -34.26 16.02 7.96
C5A FAD G . -34.03 17.26 7.48
C6A FAD G . -34.51 17.94 6.38
N6A FAD G . -35.43 17.41 5.59
N1A FAD G . -34.08 19.24 6.15
C2A FAD G . -33.18 19.83 7.01
N3A FAD G . -32.71 19.14 8.11
C4A FAD G . -33.12 17.88 8.34
N1 FAD G . -40.06 8.37 18.93
C2 FAD G . -41.26 7.70 19.07
O2 FAD G . -41.89 7.36 18.07
N3 FAD G . -41.75 7.43 20.33
C4 FAD G . -41.05 7.81 21.45
O4 FAD G . -41.48 7.56 22.58
C4X FAD G . -39.83 8.49 21.31
N5 FAD G . -39.13 8.87 22.43
C5X FAD G . -37.92 9.54 22.30
C6 FAD G . -37.23 9.92 23.45
C7 FAD G . -36.01 10.58 23.35
C7M FAD G . -35.11 10.53 24.55
C8 FAD G . -35.50 10.88 22.08
C8M FAD G . -34.18 11.58 21.91
C9 FAD G . -36.19 10.49 20.94
C9A FAD G . -37.41 9.82 21.03
N10 FAD G . -38.12 9.44 19.90
C10 FAD G . -39.33 8.77 20.03
C1' FAD G . -37.47 9.51 18.54
C2' FAD G . -37.69 10.87 17.87
O2' FAD G . -39.02 10.96 17.40
C3' FAD G . -36.68 11.05 16.73
O3' FAD G . -35.39 11.15 17.27
C4' FAD G . -36.91 12.28 15.83
O4' FAD G . -38.28 12.46 15.55
C5' FAD G . -36.16 12.11 14.52
O5' FAD G . -34.78 12.33 14.72
P FAD G . -33.68 11.21 14.40
O1P FAD G . -33.13 10.61 15.67
O2P FAD G . -34.24 10.14 13.50
O3P FAD G . -32.52 12.02 13.63
PA FAD H . 17.88 -31.91 -17.97
O1A FAD H . 18.65 -32.22 -19.23
O2A FAD H . 18.37 -32.74 -16.81
O5B FAD H . 18.02 -30.34 -17.64
C5B FAD H . 17.45 -29.82 -16.46
C4B FAD H . 18.03 -28.44 -16.18
O4B FAD H . 19.43 -28.52 -16.01
C3B FAD H . 17.75 -27.48 -17.33
O3B FAD H . 17.15 -26.32 -16.80
C2B FAD H . 19.12 -27.14 -17.88
O2B FAD H . 19.24 -25.78 -18.18
C1B FAD H . 20.07 -27.52 -16.77
N9A FAD H . 21.34 -28.01 -17.33
C8A FAD H . 21.57 -29.22 -17.92
N7A FAD H . 22.87 -29.28 -18.30
C5A FAD H . 23.47 -28.12 -17.95
C6A FAD H . 24.78 -27.66 -18.10
N6A FAD H . 25.68 -28.40 -18.73
N1A FAD H . 25.11 -26.41 -17.63
C2A FAD H . 24.15 -25.62 -17.03
N3A FAD H . 22.87 -26.08 -16.89
C4A FAD H . 22.52 -27.32 -17.34
N1 FAD H . 12.80 -35.29 -26.93
C2 FAD H . 12.89 -36.00 -28.11
O2 FAD H . 13.94 -36.55 -28.43
N3 FAD H . 11.79 -36.09 -28.95
C4 FAD H . 10.60 -35.47 -28.60
O4 FAD H . 9.63 -35.57 -29.35
C4X FAD H . 10.51 -34.76 -27.41
N5 FAD H . 9.32 -34.15 -27.06
C5X FAD H . 9.22 -33.44 -25.88
C6 FAD H . 8.02 -32.82 -25.56
C7 FAD H . 7.88 -32.11 -24.37
C7M FAD H . 6.48 -31.92 -23.84
C8 FAD H . 8.99 -32.00 -23.52
C8M FAD H . 8.90 -31.26 -22.22
C9 FAD H . 10.19 -32.62 -23.84
C9A FAD H . 10.32 -33.34 -25.03
N10 FAD H . 11.53 -33.95 -25.37
C10 FAD H . 11.62 -34.67 -26.56
C1' FAD H . 12.64 -34.08 -24.36
C2' FAD H . 13.57 -32.86 -24.39
O2' FAD H . 14.39 -32.95 -25.53
C3' FAD H . 14.39 -32.82 -23.10
O3' FAD H . 13.53 -32.54 -22.02
C4' FAD H . 15.52 -31.79 -23.06
O4' FAD H . 16.22 -31.74 -24.29
C5' FAD H . 16.52 -32.12 -21.95
O5' FAD H . 15.98 -31.78 -20.70
P FAD H . 15.76 -32.86 -19.53
O1P FAD H . 14.30 -33.20 -19.36
O2P FAD H . 16.56 -34.11 -19.79
O3P FAD H . 16.31 -32.13 -18.20
PA FAD I . -19.11 30.60 42.12
O1A FAD I . -17.68 31.05 42.33
O2A FAD I . -19.97 30.91 43.32
O5B FAD I . -19.69 31.33 40.80
C5B FAD I . -21.04 31.14 40.43
C4B FAD I . -21.45 32.19 39.42
O4B FAD I . -21.32 33.49 39.97
C3B FAD I . -20.59 32.14 38.17
O3B FAD I . -21.42 32.04 37.04
C2B FAD I . -19.84 33.46 38.15
O2B FAD I . -19.78 34.01 36.86
C1B FAD I . -20.65 34.34 39.07
N9A FAD I . -19.76 35.28 39.79
C8A FAD I . -18.93 34.98 40.84
N7A FAD I . -18.29 36.11 41.21
C5A FAD I . -18.72 37.13 40.42
C6A FAD I . -18.40 38.47 40.38
N6A FAD I . -17.46 38.98 41.17
N1A FAD I . -19.01 39.29 39.44
C2A FAD I . -19.93 38.76 38.55
N3A FAD I . -20.24 37.41 38.61
C4A FAD I . -19.65 36.61 39.52
N1 FAD I . -10.89 23.57 41.42
C2 FAD I . -9.60 23.25 41.81
O2 FAD I . -8.98 23.99 42.57
N3 FAD I . -9.01 22.10 41.34
C4 FAD I . -9.69 21.26 40.48
O4 FAD I . -9.15 20.23 40.06
C4X FAD I . -10.99 21.57 40.09
N5 FAD I . -11.68 20.73 39.23
C5X FAD I . -12.97 21.03 38.85
C6 FAD I . -13.64 20.18 37.98
C7 FAD I . -14.95 20.46 37.57
C7M FAD I . -15.76 19.30 37.07
C8 FAD I . -15.57 21.62 38.04
C8M FAD I . -16.97 21.99 37.63
C9 FAD I . -14.89 22.48 38.91
C9A FAD I . -13.59 22.20 39.32
N10 FAD I . -12.90 23.06 40.18
C10 FAD I . -11.60 22.74 40.57
C1' FAD I . -13.62 24.17 40.89
C2' FAD I . -13.63 25.46 40.07
O2' FAD I . -12.35 26.05 40.11
C3' FAD I . -14.72 26.40 40.60
O3' FAD I . -15.98 25.84 40.34
C4' FAD I . -14.72 27.82 40.00
O4' FAD I . -13.41 28.32 39.87
C5' FAD I . -15.52 28.75 40.90
O5' FAD I . -16.90 28.53 40.72
P FAD I . -17.86 28.09 41.93
O1P FAD I . -18.25 26.64 41.83
O2P FAD I . -17.21 28.37 43.27
O3P FAD I . -19.15 29.03 41.77
PA FAD J . 7.76 14.73 -16.11
O1A FAD J . 7.08 15.14 -17.40
O2A FAD J . 7.16 15.45 -14.94
O5B FAD J . 7.61 13.14 -15.92
C5B FAD J . 8.10 12.52 -14.76
C4B FAD J . 7.53 11.11 -14.64
O4B FAD J . 6.12 11.16 -14.58
C3B FAD J . 7.92 10.24 -15.82
O3B FAD J . 8.51 9.06 -15.34
C2B FAD J . 6.62 9.94 -16.52
O2B FAD J . 6.56 8.60 -16.94
C1B FAD J . 5.56 10.22 -15.47
N9A FAD J . 4.34 10.73 -16.10
C8A FAD J . 4.13 11.99 -16.61
N7A FAD J . 2.87 12.06 -17.09
C5A FAD J . 2.26 10.87 -16.90
C6A FAD J . 1.00 10.40 -17.20
N6A FAD J . 0.14 11.16 -17.86
N1A FAD J . 0.65 9.10 -16.87
C2A FAD J . 1.57 8.27 -16.24
N3A FAD J . 2.83 8.75 -15.95
C4A FAD J . 3.17 10.02 -16.27
N1 FAD J . 13.51 18.93 -24.27
C2 FAD J . 13.50 19.72 -25.40
O2 FAD J . 12.46 20.29 -25.76
N3 FAD J . 14.67 19.91 -26.13
C4 FAD J . 15.83 19.28 -25.74
O4 FAD J . 16.87 19.45 -26.40
C4X FAD J . 15.84 18.46 -24.60
N5 FAD J . 17.01 17.84 -24.21
C5X FAD J . 17.02 17.04 -23.08
C6 FAD J . 18.20 16.42 -22.71
C7 FAD J . 18.25 15.61 -21.57
C7M FAD J . 19.61 15.39 -20.94
C8 FAD J . 17.09 15.42 -20.83
C8M FAD J . 17.07 14.57 -19.59
C9 FAD J . 15.90 16.04 -21.20
C9A FAD J . 15.85 16.85 -22.34
N10 FAD J . 14.67 17.48 -22.73
C10 FAD J . 14.67 18.29 -23.86
C1' FAD J . 13.47 17.50 -21.81
C2' FAD J . 12.57 16.29 -22.03
O2' FAD J . 11.85 16.45 -23.22
C3' FAD J . 11.65 16.11 -20.82
O3' FAD J . 12.41 15.75 -19.70
C4' FAD J . 10.54 15.05 -20.98
O4' FAD J . 9.95 15.10 -22.25
C5' FAD J . 9.45 15.28 -19.94
O5' FAD J . 9.89 14.84 -18.66
P FAD J . 9.99 15.84 -17.40
O1P FAD J . 11.42 16.18 -17.08
O2P FAD J . 9.18 17.09 -17.63
O3P FAD J . 9.34 14.99 -16.19
PA FAD K . -10.95 -8.44 -13.57
O1A FAD K . -11.51 -7.88 -12.29
O2A FAD K . -11.79 -8.02 -14.76
O5B FAD K . -9.42 -7.95 -13.75
C5B FAD K . -8.72 -8.28 -14.92
C4B FAD K . -7.46 -7.41 -15.02
O4B FAD K . -7.83 -6.04 -15.07
C3B FAD K . -6.54 -7.61 -13.82
O3B FAD K . -5.25 -7.92 -14.28
C2B FAD K . -6.55 -6.26 -13.11
O2B FAD K . -5.26 -5.91 -12.69
C1B FAD K . -7.04 -5.30 -14.17
N9A FAD K . -7.83 -4.22 -13.54
C8A FAD K . -9.10 -4.31 -13.05
N7A FAD K . -9.46 -3.10 -12.57
C5A FAD K . -8.44 -2.24 -12.75
C6A FAD K . -8.27 -0.89 -12.45
N6A FAD K . -9.22 -0.23 -11.80
N1A FAD K . -7.08 -0.26 -12.76
C2A FAD K . -6.07 -0.97 -13.37
N3A FAD K . -6.24 -2.31 -13.67
C4A FAD K . -7.40 -2.94 -13.37
N1 FAD K . -13.83 -15.04 -5.48
C2 FAD K . -14.61 -15.22 -4.36
O2 FAD K . -15.40 -14.35 -4.00
N3 FAD K . -14.53 -16.40 -3.64
C4 FAD K . -13.66 -17.40 -4.03
O4 FAD K . -13.58 -18.43 -3.37
C4X FAD K . -12.86 -17.21 -5.16
N5 FAD K . -11.99 -18.21 -5.55
C5X FAD K . -11.19 -18.04 -6.67
C6 FAD K . -10.32 -19.05 -7.05
C7 FAD K . -9.52 -18.91 -8.16
C7M FAD K . -8.98 -20.17 -8.78
C8 FAD K . -9.58 -17.73 -8.91
C8M FAD K . -8.74 -17.51 -10.14
C9 FAD K . -10.46 -16.72 -8.54
C9A FAD K . -11.27 -16.86 -7.41
N10 FAD K . -12.15 -15.85 -7.02
C10 FAD K . -12.94 -16.03 -5.89
C1' FAD K . -12.43 -14.68 -7.93
C2' FAD K . -11.43 -13.53 -7.70
O2' FAD K . -11.77 -12.87 -6.50
C3' FAD K . -11.47 -12.58 -8.90
O3' FAD K . -10.94 -13.24 -10.03
C4' FAD K . -10.69 -11.27 -8.74
O4' FAD K . -10.88 -10.72 -7.45
C5' FAD K . -11.16 -10.25 -9.78
O5' FAD K . -10.62 -10.57 -11.04
P FAD K . -11.55 -10.88 -12.31
O1P FAD K . -11.56 -12.35 -12.63
O2P FAD K . -12.96 -10.38 -12.09
O3P FAD K . -10.86 -10.05 -13.50
PA FAD L . 36.69 -9.08 -11.48
O1A FAD L . 37.07 -9.78 -10.21
O2A FAD L . 37.62 -9.43 -12.62
O5B FAD L . 35.18 -9.48 -11.87
C5B FAD L . 34.61 -9.02 -13.07
C4B FAD L . 33.35 -9.82 -13.40
O4B FAD L . 33.68 -11.19 -13.57
C3B FAD L . 32.31 -9.71 -12.29
O3B FAD L . 31.10 -9.30 -12.85
C2B FAD L . 32.20 -11.12 -11.74
O2B FAD L . 30.87 -11.47 -11.50
C1B FAD L . 32.78 -12.00 -12.84
N9A FAD L . 33.47 -13.16 -12.26
C8A FAD L . 34.68 -13.17 -11.63
N7A FAD L . 34.95 -14.43 -11.23
C5A FAD L . 33.93 -15.23 -11.62
C6A FAD L . 33.70 -16.60 -11.48
N6A FAD L . 34.55 -17.36 -10.80
N1A FAD L . 32.54 -17.14 -11.98
C2A FAD L . 31.60 -16.33 -12.61
N3A FAD L . 31.84 -14.98 -12.74
C4A FAD L . 32.99 -14.44 -12.26
N1 FAD L . 38.82 -3.48 -2.47
C2 FAD L . 39.48 -3.44 -1.25
O2 FAD L . 40.19 -4.39 -0.91
N3 FAD L . 39.35 -2.35 -0.42
C4 FAD L . 38.56 -1.29 -0.79
O4 FAD L . 38.45 -0.30 -0.05
C4X FAD L . 37.89 -1.31 -2.01
N5 FAD L . 37.09 -0.25 -2.40
C5X FAD L . 36.43 -0.28 -3.60
C6 FAD L . 35.63 0.81 -3.96
C7 FAD L . 34.95 0.81 -5.17
C7M FAD L . 34.51 2.15 -5.70
C8 FAD L . 35.07 -0.28 -6.03
C8M FAD L . 34.35 -0.34 -7.35
C9 FAD L . 35.86 -1.37 -5.67
C9A FAD L . 36.55 -1.37 -4.46
N10 FAD L . 37.35 -2.46 -4.08
C10 FAD L . 38.02 -2.42 -2.86
C1' FAD L . 37.70 -3.54 -5.07
C2' FAD L . 36.68 -4.66 -5.07
O2' FAD L . 36.86 -5.45 -3.92
C3' FAD L . 36.82 -5.48 -6.36
O3' FAD L . 36.44 -4.68 -7.46
C4' FAD L . 35.99 -6.77 -6.42
O4' FAD L . 36.01 -7.47 -5.20
C5' FAD L . 36.51 -7.69 -7.51
O5' FAD L . 36.12 -7.23 -8.79
P FAD L . 37.20 -6.82 -9.91
O1P FAD L . 37.28 -5.32 -10.07
O2P FAD L . 38.56 -7.39 -9.60
O3P FAD L . 36.63 -7.49 -11.26
#